data_6TV2
#
_entry.id   6TV2
#
_cell.length_a   101.129
_cell.length_b   147.830
_cell.length_c   108.716
_cell.angle_alpha   90.000
_cell.angle_beta   98.210
_cell.angle_gamma   90.000
#
_symmetry.space_group_name_H-M   'P 1 21 1'
#
loop_
_entity.id
_entity.type
_entity.pdbx_description
1 polymer 'Protein NirF'
2 non-polymer 'SULFATE ION'
3 non-polymer GLYCEROL
4 non-polymer '3[N-MORPHOLINO]PROPANE SULFONIC ACID'
5 water water
#
_entity_poly.entity_id   1
_entity_poly.type   'polypeptide(L)'
_entity_poly.pdbx_seq_one_letter_code
;HMMSQQPPLRGSGDLGVLIERADGSVQILDGTAKTSLARVEGLGDLSHASLVFSRDQRYAYVFGRDGGLTKLDLLAQRID
KRLIQGGNSIGGAISQDGRLVAVSNYEPGGVKVFDSRTLELVAEIPATRLPGQDRNSRVVGLVDAPGQRFVFSLFDSGEI
WIADFSQGDTPHLTRFRDIGKQPYDALISPDGRYYMAGLFGEDGMAQLDLWHPERGVRRVLGDYGRGQRKLPVYKMPHLE
GWTIASDQAFVPAVGHHQVLVLDARDWKQTDAIDVAGQPVFVMTRPDDRQIWVNFAYPDNDKVQVIDSETHEVIETLRPG
PGVLHMEFSGRGDQVWISVRDADQLQVWDPYRLKRIGSLPARSPSGIFFSHRAQHIGL
;
_entity_poly.pdbx_strand_id   A,B,C,D,E,F,G,H
#
# COMPACT_ATOMS: atom_id res chain seq x y z
N PRO A 7 -13.53 38.53 6.33
CA PRO A 7 -13.29 39.63 7.28
C PRO A 7 -13.70 40.98 6.70
N PRO A 8 -13.69 42.03 7.51
CA PRO A 8 -14.16 43.34 7.04
C PRO A 8 -13.14 44.00 6.11
N LEU A 9 -13.56 45.13 5.53
CA LEU A 9 -12.67 45.85 4.63
C LEU A 9 -11.47 46.36 5.40
N ARG A 10 -10.30 46.25 4.78
CA ARG A 10 -9.10 46.82 5.36
C ARG A 10 -8.07 46.99 4.27
N GLY A 11 -7.15 47.91 4.50
CA GLY A 11 -6.04 48.09 3.59
C GLY A 11 -5.05 46.96 3.66
N SER A 12 -4.24 46.85 2.60
CA SER A 12 -3.22 45.84 2.46
C SER A 12 -1.82 46.37 2.72
N GLY A 13 -1.66 47.70 2.81
CA GLY A 13 -0.36 48.31 2.75
C GLY A 13 0.47 48.11 3.99
N ASP A 14 -0.16 47.76 5.10
CA ASP A 14 0.55 47.59 6.37
C ASP A 14 0.48 46.15 6.84
N LEU A 15 0.15 45.22 5.96
CA LEU A 15 0.00 43.82 6.34
C LEU A 15 1.31 43.06 6.19
N GLY A 16 1.58 42.22 7.20
CA GLY A 16 2.80 41.45 7.23
C GLY A 16 2.53 39.98 7.48
N VAL A 17 3.54 39.18 7.19
CA VAL A 17 3.49 37.73 7.37
C VAL A 17 4.65 37.31 8.25
N LEU A 18 4.35 36.53 9.29
CA LEU A 18 5.34 35.96 10.18
C LEU A 18 5.37 34.45 10.01
N ILE A 19 6.56 33.92 9.75
CA ILE A 19 6.75 32.48 9.63
C ILE A 19 6.90 31.88 11.02
N GLU A 20 6.10 30.85 11.31
CA GLU A 20 6.28 30.03 12.50
C GLU A 20 6.94 28.73 12.02
N ARG A 21 8.25 28.62 12.25
CA ARG A 21 9.09 27.74 11.45
C ARG A 21 8.96 26.27 11.82
N ALA A 22 8.47 25.93 13.01
CA ALA A 22 8.39 24.54 13.42
C ALA A 22 6.99 23.94 13.24
N ASP A 23 5.98 24.77 12.97
CA ASP A 23 4.60 24.33 12.96
C ASP A 23 3.93 24.47 11.60
N GLY A 24 4.66 24.86 10.56
CA GLY A 24 4.06 24.97 9.24
C GLY A 24 2.92 25.96 9.21
N SER A 25 3.05 27.05 9.95
CA SER A 25 1.98 28.04 10.01
C SER A 25 2.58 29.43 9.89
N VAL A 26 1.69 30.41 9.70
CA VAL A 26 2.07 31.82 9.66
C VAL A 26 1.04 32.61 10.46
N GLN A 27 1.45 33.79 10.87
CA GLN A 27 0.53 34.81 11.36
C GLN A 27 0.48 35.95 10.37
N ILE A 28 -0.73 36.46 10.15
CA ILE A 28 -0.95 37.66 9.37
C ILE A 28 -1.05 38.83 10.33
N LEU A 29 -0.25 39.88 10.10
CA LEU A 29 -0.07 40.96 11.05
C LEU A 29 -0.64 42.27 10.50
N ASP A 30 -1.27 43.04 11.40
CA ASP A 30 -1.67 44.43 11.15
C ASP A 30 -0.55 45.32 11.66
N GLY A 31 0.21 45.92 10.73
CA GLY A 31 1.40 46.66 11.10
C GLY A 31 1.10 47.97 11.82
N THR A 32 -0.04 48.59 11.53
CA THR A 32 -0.37 49.86 12.16
C THR A 32 -0.83 49.63 13.60
N ALA A 33 -1.76 48.69 13.80
CA ALA A 33 -2.23 48.36 15.14
C ALA A 33 -1.21 47.55 15.93
N LYS A 34 -0.24 46.93 15.25
CA LYS A 34 0.75 46.06 15.89
C LYS A 34 0.04 44.87 16.56
N THR A 35 -0.81 44.20 15.79
CA THR A 35 -1.60 43.09 16.29
C THR A 35 -1.52 41.93 15.30
N SER A 36 -1.92 40.75 15.76
CA SER A 36 -2.03 39.58 14.90
C SER A 36 -3.49 39.45 14.48
N LEU A 37 -3.71 39.41 13.16
CA LEU A 37 -5.05 39.26 12.63
C LEU A 37 -5.49 37.80 12.57
N ALA A 38 -4.55 36.88 12.38
CA ALA A 38 -4.93 35.50 12.15
C ALA A 38 -3.70 34.63 12.15
N ARG A 39 -3.87 33.37 12.53
CA ARG A 39 -2.89 32.31 12.28
C ARG A 39 -3.47 31.39 11.22
N VAL A 40 -2.66 31.06 10.22
CA VAL A 40 -3.07 30.18 9.13
C VAL A 40 -2.14 28.96 9.12
N GLU A 41 -2.72 27.76 9.26
CA GLU A 41 -1.97 26.52 9.29
C GLU A 41 -1.99 25.86 7.92
N GLY A 42 -1.26 24.75 7.80
CA GLY A 42 -1.28 23.93 6.60
C GLY A 42 -0.24 24.23 5.56
N LEU A 43 0.88 24.89 5.92
CA LEU A 43 1.92 25.24 4.96
C LEU A 43 3.12 24.29 4.98
N GLY A 44 2.95 23.08 5.54
CA GLY A 44 3.97 22.05 5.40
C GLY A 44 5.24 22.39 6.16
N ASP A 45 6.39 22.28 5.49
CA ASP A 45 7.69 22.48 6.11
C ASP A 45 8.18 23.90 5.82
N LEU A 46 8.05 24.78 6.82
CA LEU A 46 8.58 26.12 6.74
C LEU A 46 9.83 26.28 7.61
N SER A 47 10.52 25.16 7.92
CA SER A 47 11.75 25.26 8.70
C SER A 47 12.78 26.13 7.99
N HIS A 48 12.79 26.09 6.65
CA HIS A 48 13.30 27.16 5.80
C HIS A 48 12.15 27.70 4.97
N ALA A 49 12.16 29.00 4.69
CA ALA A 49 11.04 29.59 3.97
C ALA A 49 11.40 30.99 3.51
N SER A 50 10.86 31.39 2.36
CA SER A 50 10.95 32.76 1.89
C SER A 50 9.59 33.15 1.32
N LEU A 51 9.42 34.41 0.95
CA LEU A 51 8.15 34.79 0.33
C LEU A 51 8.27 36.13 -0.37
N VAL A 52 7.37 36.33 -1.33
CA VAL A 52 7.17 37.58 -2.05
C VAL A 52 5.67 37.86 -2.03
N PHE A 53 5.29 39.07 -2.46
CA PHE A 53 3.90 39.51 -2.46
C PHE A 53 3.42 39.83 -3.87
N SER A 54 2.12 39.62 -4.10
CA SER A 54 1.45 40.08 -5.31
C SER A 54 1.46 41.61 -5.38
N ARG A 55 1.29 42.14 -6.60
CA ARG A 55 1.46 43.57 -6.81
C ARG A 55 0.34 44.42 -6.20
N ASP A 56 -0.80 43.82 -5.86
CA ASP A 56 -1.85 44.51 -5.12
C ASP A 56 -1.74 44.31 -3.62
N GLN A 57 -0.68 43.64 -3.18
CA GLN A 57 -0.35 43.41 -1.76
C GLN A 57 -1.40 42.55 -1.05
N ARG A 58 -2.27 41.87 -1.81
CA ARG A 58 -3.29 41.04 -1.20
C ARG A 58 -2.77 39.63 -0.87
N TYR A 59 -1.92 39.08 -1.72
CA TYR A 59 -1.43 37.72 -1.55
C TYR A 59 0.06 37.68 -1.27
N ALA A 60 0.44 36.72 -0.44
CA ALA A 60 1.85 36.33 -0.31
C ALA A 60 2.03 34.97 -0.96
N TYR A 61 3.14 34.80 -1.67
CA TYR A 61 3.59 33.52 -2.20
C TYR A 61 4.69 33.02 -1.27
N VAL A 62 4.41 31.94 -0.54
CA VAL A 62 5.36 31.38 0.43
C VAL A 62 6.07 30.19 -0.21
N PHE A 63 7.39 30.21 -0.19
CA PHE A 63 8.21 29.15 -0.75
C PHE A 63 8.76 28.34 0.41
N GLY A 64 8.32 27.10 0.51
CA GLY A 64 8.68 26.24 1.61
C GLY A 64 9.79 25.27 1.29
N ARG A 65 10.43 24.79 2.37
CA ARG A 65 11.53 23.84 2.24
C ARG A 65 11.10 22.53 1.60
N ASP A 66 9.82 22.19 1.72
CA ASP A 66 9.25 20.99 1.11
C ASP A 66 8.94 21.16 -0.37
N GLY A 67 9.33 22.29 -0.96
CA GLY A 67 8.92 22.62 -2.31
C GLY A 67 7.50 23.11 -2.40
N GLY A 68 6.88 23.40 -1.26
CA GLY A 68 5.54 23.94 -1.28
C GLY A 68 5.53 25.39 -1.74
N LEU A 69 4.54 25.70 -2.56
CA LEU A 69 4.26 27.05 -3.04
C LEU A 69 2.84 27.36 -2.59
N THR A 70 2.72 28.24 -1.60
CA THR A 70 1.41 28.57 -1.02
C THR A 70 1.05 30.01 -1.39
N LYS A 71 -0.10 30.18 -2.04
CA LYS A 71 -0.66 31.50 -2.32
C LYS A 71 -1.59 31.83 -1.16
N LEU A 72 -1.13 32.72 -0.30
CA LEU A 72 -1.80 33.05 0.96
C LEU A 72 -2.59 34.34 0.77
N ASP A 73 -3.90 34.28 1.03
CA ASP A 73 -4.79 35.43 0.98
C ASP A 73 -4.73 36.16 2.32
N LEU A 74 -4.05 37.31 2.33
CA LEU A 74 -3.89 38.10 3.55
C LEU A 74 -5.21 38.75 4.00
N LEU A 75 -6.15 38.97 3.08
CA LEU A 75 -7.40 39.66 3.41
C LEU A 75 -8.49 38.69 3.83
N ALA A 76 -8.62 37.57 3.11
CA ALA A 76 -9.51 36.49 3.51
C ALA A 76 -8.90 35.59 4.58
N GLN A 77 -7.62 35.78 4.88
CA GLN A 77 -6.90 35.08 5.95
C GLN A 77 -6.97 33.56 5.78
N ARG A 78 -6.55 33.10 4.59
CA ARG A 78 -6.64 31.69 4.27
C ARG A 78 -5.69 31.36 3.14
N ILE A 79 -5.39 30.06 2.99
CA ILE A 79 -4.68 29.59 1.82
C ILE A 79 -5.63 29.65 0.63
N ASP A 80 -5.22 30.35 -0.43
CA ASP A 80 -6.02 30.46 -1.64
C ASP A 80 -5.72 29.35 -2.63
N LYS A 81 -4.44 29.00 -2.77
CA LYS A 81 -3.99 27.88 -3.58
C LYS A 81 -2.68 27.38 -3.00
N ARG A 82 -2.42 26.09 -3.14
CA ARG A 82 -1.17 25.51 -2.68
C ARG A 82 -0.81 24.32 -3.56
N LEU A 83 0.46 24.23 -3.93
CA LEU A 83 0.99 23.06 -4.59
C LEU A 83 2.30 22.66 -3.94
N ILE A 84 2.73 21.43 -4.20
CA ILE A 84 4.02 20.94 -3.75
C ILE A 84 4.74 20.45 -5.00
N GLN A 85 5.87 21.09 -5.31
CA GLN A 85 6.66 20.79 -6.49
C GLN A 85 7.93 20.11 -6.01
N GLY A 86 8.05 18.82 -6.29
CA GLY A 86 9.22 18.08 -5.86
C GLY A 86 10.48 18.75 -6.36
N GLY A 87 11.45 18.94 -5.46
CA GLY A 87 12.73 19.49 -5.85
C GLY A 87 12.83 21.01 -5.84
N ASN A 88 11.73 21.72 -5.66
CA ASN A 88 11.79 23.18 -5.60
C ASN A 88 12.51 23.64 -4.33
N SER A 89 13.28 24.72 -4.46
CA SER A 89 14.00 25.35 -3.36
CA SER A 89 13.97 25.32 -3.33
C SER A 89 13.17 26.50 -2.80
N ILE A 90 13.69 27.13 -1.74
CA ILE A 90 13.01 28.32 -1.23
C ILE A 90 13.36 29.57 -2.02
N GLY A 91 14.20 29.47 -3.05
CA GLY A 91 14.45 30.64 -3.84
C GLY A 91 13.32 30.97 -4.81
N GLY A 92 12.50 31.98 -4.50
CA GLY A 92 11.37 32.34 -5.34
C GLY A 92 11.32 33.83 -5.59
N ALA A 93 10.74 34.21 -6.74
CA ALA A 93 10.70 35.61 -7.14
C ALA A 93 9.46 35.88 -7.99
N ILE A 94 9.03 37.15 -8.02
CA ILE A 94 7.86 37.53 -8.80
C ILE A 94 8.25 38.57 -9.83
N SER A 95 7.63 38.49 -11.00
CA SER A 95 8.01 39.24 -12.18
C SER A 95 7.59 40.71 -12.06
N GLN A 96 8.14 41.52 -12.96
CA GLN A 96 7.94 42.97 -12.91
C GLN A 96 6.48 43.36 -13.11
N ASP A 97 5.70 42.57 -13.85
CA ASP A 97 4.29 42.86 -14.05
C ASP A 97 3.39 42.07 -13.11
N GLY A 98 3.98 41.32 -12.18
CA GLY A 98 3.23 40.55 -11.21
C GLY A 98 2.58 39.27 -11.69
N ARG A 99 2.71 38.94 -12.98
CA ARG A 99 1.99 37.81 -13.57
C ARG A 99 2.67 36.46 -13.33
N LEU A 100 3.97 36.44 -13.06
CA LEU A 100 4.73 35.21 -13.05
C LEU A 100 5.49 35.08 -11.75
N VAL A 101 5.48 33.87 -11.19
CA VAL A 101 6.26 33.54 -10.01
C VAL A 101 7.21 32.42 -10.39
N ALA A 102 8.51 32.68 -10.27
CA ALA A 102 9.55 31.74 -10.65
C ALA A 102 10.17 31.13 -9.39
N VAL A 103 10.51 29.84 -9.47
CA VAL A 103 11.08 29.14 -8.32
C VAL A 103 12.26 28.29 -8.78
N SER A 104 13.38 28.37 -8.04
CA SER A 104 14.55 27.57 -8.34
C SER A 104 14.34 26.12 -7.94
N ASN A 105 15.04 25.23 -8.62
CA ASN A 105 14.80 23.80 -8.50
C ASN A 105 16.14 23.06 -8.56
N TYR A 106 16.36 22.15 -7.61
CA TYR A 106 17.58 21.35 -7.60
C TYR A 106 17.38 19.94 -8.15
N GLU A 107 16.14 19.49 -8.30
CA GLU A 107 15.85 18.20 -8.92
C GLU A 107 14.69 18.42 -9.89
N PRO A 108 14.92 18.32 -11.22
CA PRO A 108 16.16 17.92 -11.89
C PRO A 108 17.23 19.01 -11.98
N GLY A 109 16.86 20.25 -11.66
CA GLY A 109 17.79 21.36 -11.74
C GLY A 109 17.37 22.33 -12.83
N GLY A 110 16.97 23.53 -12.42
CA GLY A 110 16.42 24.51 -13.34
C GLY A 110 15.54 25.51 -12.61
N VAL A 111 14.62 26.11 -13.35
CA VAL A 111 13.69 27.12 -12.85
C VAL A 111 12.29 26.78 -13.34
N LYS A 112 11.32 26.81 -12.44
CA LYS A 112 9.91 26.61 -12.78
C LYS A 112 9.19 27.94 -12.65
N VAL A 113 8.28 28.23 -13.57
CA VAL A 113 7.59 29.52 -13.59
C VAL A 113 6.09 29.26 -13.61
N PHE A 114 5.38 29.94 -12.71
CA PHE A 114 3.97 29.70 -12.43
C PHE A 114 3.15 30.97 -12.66
N ASP A 115 1.93 30.79 -13.15
CA ASP A 115 0.92 31.85 -13.18
C ASP A 115 0.64 32.32 -11.76
N SER A 116 0.82 33.61 -11.50
CA SER A 116 0.66 34.09 -10.14
C SER A 116 -0.79 34.04 -9.65
N ARG A 117 -1.77 33.93 -10.56
CA ARG A 117 -3.17 33.85 -10.15
C ARG A 117 -3.60 32.40 -9.87
N THR A 118 -3.29 31.48 -10.78
CA THR A 118 -3.76 30.10 -10.68
C THR A 118 -2.72 29.11 -10.18
N LEU A 119 -1.45 29.50 -10.18
CA LEU A 119 -0.31 28.63 -9.92
C LEU A 119 -0.14 27.55 -10.98
N GLU A 120 -0.75 27.72 -12.16
CA GLU A 120 -0.45 26.85 -13.28
C GLU A 120 1.01 26.96 -13.67
N LEU A 121 1.66 25.81 -13.91
CA LEU A 121 3.03 25.81 -14.39
C LEU A 121 3.04 26.23 -15.85
N VAL A 122 3.66 27.36 -16.15
CA VAL A 122 3.62 27.91 -17.51
C VAL A 122 4.94 27.83 -18.24
N ALA A 123 6.06 27.63 -17.55
CA ALA A 123 7.34 27.45 -18.22
C ALA A 123 8.27 26.65 -17.32
N GLU A 124 9.06 25.79 -17.94
CA GLU A 124 10.09 25.03 -17.25
C GLU A 124 11.41 25.29 -17.97
N ILE A 125 12.40 25.79 -17.24
CA ILE A 125 13.70 26.08 -17.82
C ILE A 125 14.73 25.12 -17.22
N PRO A 126 15.13 24.07 -17.93
CA PRO A 126 16.15 23.17 -17.37
C PRO A 126 17.53 23.82 -17.42
N ALA A 127 18.29 23.60 -16.36
CA ALA A 127 19.67 24.03 -16.37
C ALA A 127 20.52 23.10 -17.24
N THR A 128 21.77 23.48 -17.45
CA THR A 128 22.71 22.66 -18.19
C THR A 128 22.79 21.25 -17.60
N ARG A 129 22.80 20.25 -18.48
CA ARG A 129 22.92 18.88 -18.04
C ARG A 129 24.27 18.61 -17.36
N LEU A 130 24.26 17.68 -16.42
CA LEU A 130 25.47 17.17 -15.78
C LEU A 130 25.87 15.82 -16.39
N PRO A 131 27.15 15.59 -16.63
CA PRO A 131 27.56 14.33 -17.28
C PRO A 131 27.37 13.14 -16.36
N GLY A 132 26.92 12.03 -16.92
CA GLY A 132 26.83 10.78 -16.21
C GLY A 132 25.73 10.67 -15.18
N GLN A 133 24.94 11.71 -14.97
CA GLN A 133 23.78 11.63 -14.11
C GLN A 133 22.53 12.06 -14.88
N ASP A 134 21.38 11.56 -14.43
CA ASP A 134 20.09 12.00 -14.93
C ASP A 134 19.65 13.26 -14.19
N ARG A 135 20.43 14.33 -14.37
CA ARG A 135 20.29 15.56 -13.58
C ARG A 135 20.93 16.74 -14.31
N ASN A 136 20.41 17.94 -14.03
CA ASN A 136 21.02 19.20 -14.45
C ASN A 136 21.71 19.90 -13.28
N SER A 137 22.39 21.00 -13.57
CA SER A 137 22.98 21.80 -12.51
C SER A 137 21.88 22.32 -11.58
N ARG A 138 22.17 22.38 -10.29
CA ARG A 138 21.21 23.04 -9.43
C ARG A 138 21.32 24.54 -9.62
N VAL A 139 20.21 25.23 -9.40
CA VAL A 139 20.08 26.65 -9.68
C VAL A 139 19.98 27.39 -8.35
N VAL A 140 20.68 28.52 -8.27
CA VAL A 140 20.74 29.34 -7.06
C VAL A 140 20.66 30.81 -7.46
N GLY A 141 20.46 31.67 -6.47
CA GLY A 141 20.51 33.11 -6.72
C GLY A 141 19.49 33.64 -7.70
N LEU A 142 18.28 33.10 -7.68
CA LEU A 142 17.23 33.54 -8.58
C LEU A 142 16.67 34.88 -8.13
N VAL A 143 16.62 35.84 -9.06
CA VAL A 143 16.03 37.16 -8.81
C VAL A 143 15.13 37.53 -9.98
N ASP A 144 14.14 38.39 -9.71
CA ASP A 144 13.46 39.15 -10.74
C ASP A 144 14.31 40.36 -11.08
N ALA A 145 14.14 40.86 -12.31
CA ALA A 145 14.89 42.02 -12.77
C ALA A 145 14.02 42.86 -13.70
N PRO A 146 14.37 44.14 -13.90
CA PRO A 146 13.61 44.97 -14.83
C PRO A 146 13.62 44.39 -16.24
N GLY A 147 12.59 44.72 -17.01
CA GLY A 147 12.44 44.17 -18.34
C GLY A 147 11.76 42.82 -18.37
N GLN A 148 10.96 42.51 -17.36
CA GLN A 148 10.24 41.24 -17.27
C GLN A 148 11.21 40.07 -17.40
N ARG A 149 12.28 40.14 -16.61
CA ARG A 149 13.35 39.16 -16.63
CA ARG A 149 13.34 39.16 -16.64
C ARG A 149 13.44 38.44 -15.30
N PHE A 150 13.99 37.23 -15.34
CA PHE A 150 14.50 36.53 -14.18
C PHE A 150 15.97 36.23 -14.47
N VAL A 151 16.80 36.31 -13.45
CA VAL A 151 18.23 36.05 -13.58
C VAL A 151 18.61 35.05 -12.50
N PHE A 152 19.47 34.09 -12.85
CA PHE A 152 19.81 33.04 -11.90
C PHE A 152 21.16 32.44 -12.24
N SER A 153 21.75 31.73 -11.27
CA SER A 153 23.06 31.13 -11.44
C SER A 153 22.99 29.61 -11.34
N LEU A 154 23.93 28.95 -12.02
CA LEU A 154 24.03 27.49 -12.03
C LEU A 154 25.25 27.09 -11.22
N PHE A 155 25.01 26.47 -10.06
CA PHE A 155 26.08 26.15 -9.11
C PHE A 155 27.07 25.15 -9.71
N ASP A 156 26.57 24.05 -10.25
CA ASP A 156 27.45 22.97 -10.66
C ASP A 156 28.22 23.28 -11.94
N SER A 157 27.64 24.06 -12.86
CA SER A 157 28.27 24.28 -14.15
C SER A 157 28.89 25.67 -14.30
N GLY A 158 28.70 26.56 -13.31
CA GLY A 158 29.35 27.86 -13.28
C GLY A 158 28.88 28.81 -14.36
N GLU A 159 27.57 29.10 -14.37
CA GLU A 159 26.97 29.96 -15.38
C GLU A 159 26.00 30.93 -14.73
N ILE A 160 25.74 32.04 -15.41
CA ILE A 160 24.64 32.95 -15.09
C ILE A 160 23.76 33.05 -16.33
N TRP A 161 22.45 32.94 -16.12
CA TRP A 161 21.46 32.99 -17.19
C TRP A 161 20.47 34.11 -16.97
N ILE A 162 20.08 34.79 -18.05
CA ILE A 162 18.94 35.69 -18.06
C ILE A 162 17.81 35.02 -18.82
N ALA A 163 16.63 34.98 -18.22
CA ALA A 163 15.41 34.51 -18.87
C ALA A 163 14.50 35.72 -19.06
N ASP A 164 14.28 36.10 -20.30
CA ASP A 164 13.49 37.28 -20.67
C ASP A 164 12.08 36.83 -21.06
N PHE A 165 11.10 37.17 -20.24
CA PHE A 165 9.72 36.79 -20.47
C PHE A 165 8.90 37.92 -21.10
N SER A 166 9.56 38.91 -21.69
CA SER A 166 8.82 40.07 -22.14
CA SER A 166 8.84 40.08 -22.16
C SER A 166 7.89 39.76 -23.31
N GLN A 167 8.13 38.68 -24.04
CA GLN A 167 7.28 38.32 -25.16
C GLN A 167 6.23 37.27 -24.82
N GLY A 168 6.22 36.75 -23.59
CA GLY A 168 5.20 35.79 -23.22
C GLY A 168 5.71 34.67 -22.35
N ASP A 169 5.07 33.50 -22.41
CA ASP A 169 5.44 32.40 -21.53
C ASP A 169 6.69 31.65 -21.99
N THR A 170 7.13 31.82 -23.23
CA THR A 170 8.35 31.17 -23.69
C THR A 170 9.49 32.16 -23.65
N PRO A 171 10.43 32.01 -22.73
CA PRO A 171 11.45 33.04 -22.53
C PRO A 171 12.54 32.99 -23.59
N HIS A 172 13.18 34.14 -23.79
CA HIS A 172 14.44 34.20 -24.52
C HIS A 172 15.59 34.14 -23.52
N LEU A 173 16.50 33.19 -23.71
CA LEU A 173 17.57 32.94 -22.76
C LEU A 173 18.89 33.49 -23.27
N THR A 174 19.62 34.18 -22.40
CA THR A 174 21.01 34.55 -22.63
C THR A 174 21.85 33.85 -21.57
N ARG A 175 22.84 33.09 -22.01
CA ARG A 175 23.65 32.28 -21.11
C ARG A 175 25.10 32.77 -21.10
N PHE A 176 25.62 33.01 -19.90
CA PHE A 176 27.00 33.38 -19.68
C PHE A 176 27.72 32.22 -19.01
N ARG A 177 28.72 31.66 -19.71
CA ARG A 177 29.48 30.51 -19.25
CA ARG A 177 29.47 30.51 -19.24
C ARG A 177 30.78 30.95 -18.60
N ASP A 178 31.38 30.04 -17.85
CA ASP A 178 32.68 30.27 -17.24
C ASP A 178 32.72 31.56 -16.43
N ILE A 179 31.69 31.77 -15.60
CA ILE A 179 31.63 32.98 -14.79
C ILE A 179 32.38 32.85 -13.46
N GLY A 180 32.83 31.67 -13.10
CA GLY A 180 33.43 31.42 -11.80
C GLY A 180 32.94 30.08 -11.28
N LYS A 181 33.75 29.45 -10.42
CA LYS A 181 33.46 28.11 -9.96
C LYS A 181 32.44 28.13 -8.83
N GLN A 182 31.31 27.47 -9.05
CA GLN A 182 30.30 27.21 -8.02
C GLN A 182 29.71 28.49 -7.43
N PRO A 183 29.06 29.32 -8.24
CA PRO A 183 28.24 30.39 -7.67
C PRO A 183 27.17 29.78 -6.79
N TYR A 184 27.09 30.26 -5.53
CA TYR A 184 26.23 29.61 -4.55
C TYR A 184 25.04 30.46 -4.11
N ASP A 185 25.05 31.75 -4.41
CA ASP A 185 23.98 32.69 -4.08
C ASP A 185 24.20 33.90 -4.98
N ALA A 186 23.24 34.80 -4.97
CA ALA A 186 23.35 36.03 -5.76
C ALA A 186 22.41 37.07 -5.19
N LEU A 187 22.62 38.31 -5.63
CA LEU A 187 21.73 39.42 -5.34
C LEU A 187 21.57 40.27 -6.58
N ILE A 188 20.56 41.14 -6.57
CA ILE A 188 20.43 42.20 -7.56
C ILE A 188 20.46 43.52 -6.83
N SER A 189 21.15 44.51 -7.40
CA SER A 189 21.31 45.79 -6.71
C SER A 189 19.96 46.48 -6.57
N PRO A 190 19.81 47.33 -5.56
CA PRO A 190 18.48 47.88 -5.28
C PRO A 190 17.90 48.64 -6.46
N ASP A 191 18.73 49.22 -7.31
CA ASP A 191 18.22 49.91 -8.49
C ASP A 191 17.88 48.95 -9.63
N GLY A 192 18.13 47.65 -9.46
CA GLY A 192 17.85 46.64 -10.47
C GLY A 192 18.82 46.57 -11.62
N ARG A 193 19.98 47.22 -11.52
CA ARG A 193 20.89 47.26 -12.66
C ARG A 193 21.90 46.13 -12.67
N TYR A 194 22.43 45.74 -11.52
CA TYR A 194 23.54 44.81 -11.45
C TYR A 194 23.15 43.53 -10.71
N TYR A 195 23.50 42.40 -11.31
CA TYR A 195 23.39 41.07 -10.73
C TYR A 195 24.79 40.64 -10.28
N MET A 196 24.89 40.17 -9.04
CA MET A 196 26.18 39.76 -8.47
C MET A 196 26.04 38.40 -7.84
N ALA A 197 26.80 37.43 -8.34
CA ALA A 197 26.81 36.07 -7.81
C ALA A 197 28.05 35.88 -6.96
N GLY A 198 27.86 35.34 -5.76
CA GLY A 198 28.99 34.98 -4.91
C GLY A 198 29.53 33.60 -5.28
N LEU A 199 30.85 33.47 -5.26
CA LEU A 199 31.50 32.23 -5.68
C LEU A 199 31.97 31.43 -4.46
N PHE A 200 31.77 30.11 -4.54
CA PHE A 200 32.17 29.18 -3.49
C PHE A 200 33.37 28.34 -3.87
N GLY A 201 33.57 28.04 -5.16
CA GLY A 201 34.72 27.28 -5.59
C GLY A 201 36.01 28.08 -5.70
N GLU A 202 35.91 29.40 -5.62
CA GLU A 202 37.03 30.32 -5.66
C GLU A 202 36.55 31.62 -5.02
N ASP A 203 37.44 32.60 -4.91
CA ASP A 203 37.08 33.85 -4.29
C ASP A 203 36.56 34.85 -5.31
N GLY A 204 35.78 35.82 -4.83
CA GLY A 204 35.31 36.92 -5.63
C GLY A 204 33.85 36.78 -6.01
N MET A 205 33.37 37.80 -6.73
CA MET A 205 31.97 37.88 -7.16
CA MET A 205 31.99 37.84 -7.18
C MET A 205 31.93 38.08 -8.67
N ALA A 206 30.94 37.47 -9.30
CA ALA A 206 30.68 37.62 -10.73
C ALA A 206 29.58 38.66 -10.90
N GLN A 207 29.92 39.76 -11.57
CA GLN A 207 29.02 40.90 -11.70
C GLN A 207 28.59 41.02 -13.16
N LEU A 208 27.28 41.10 -13.37
CA LEU A 208 26.67 41.28 -14.67
C LEU A 208 25.91 42.59 -14.69
N ASP A 209 26.20 43.45 -15.68
CA ASP A 209 25.49 44.71 -15.87
C ASP A 209 24.26 44.41 -16.71
N LEU A 210 23.09 44.35 -16.06
CA LEU A 210 21.88 44.00 -16.81
C LEU A 210 21.50 45.04 -17.86
N TRP A 211 22.02 46.26 -17.77
CA TRP A 211 21.79 47.24 -18.83
C TRP A 211 22.61 46.91 -20.09
N HIS A 212 23.74 46.22 -19.93
CA HIS A 212 24.66 45.95 -21.03
C HIS A 212 25.14 44.51 -20.96
N PRO A 213 24.22 43.56 -21.14
CA PRO A 213 24.62 42.15 -21.13
C PRO A 213 25.67 41.80 -22.18
N GLU A 214 25.76 42.60 -23.25
CA GLU A 214 26.76 42.36 -24.28
C GLU A 214 28.18 42.50 -23.74
N ARG A 215 28.33 43.12 -22.58
CA ARG A 215 29.64 43.28 -21.97
C ARG A 215 30.08 42.08 -21.15
N GLY A 216 29.21 41.08 -21.00
CA GLY A 216 29.58 39.87 -20.27
C GLY A 216 29.68 40.07 -18.76
N VAL A 217 30.32 39.10 -18.12
CA VAL A 217 30.44 39.04 -16.68
C VAL A 217 31.85 39.46 -16.29
N ARG A 218 31.96 40.33 -15.30
CA ARG A 218 33.24 40.82 -14.80
C ARG A 218 33.42 40.34 -13.36
N ARG A 219 34.67 39.97 -13.02
CA ARG A 219 34.98 39.54 -11.66
C ARG A 219 35.26 40.77 -10.81
N VAL A 220 34.59 40.86 -9.66
CA VAL A 220 34.79 41.98 -8.75
C VAL A 220 35.00 41.43 -7.33
N LEU A 221 35.51 42.31 -6.47
CA LEU A 221 35.73 41.99 -5.06
C LEU A 221 36.46 40.65 -4.94
N GLY A 222 37.56 40.55 -5.70
CA GLY A 222 38.17 39.26 -6.01
C GLY A 222 38.66 38.48 -4.81
N ASP A 223 38.91 39.14 -3.69
CA ASP A 223 39.41 38.47 -2.49
C ASP A 223 38.32 38.13 -1.48
N TYR A 224 37.07 38.48 -1.74
CA TYR A 224 35.98 38.18 -0.83
C TYR A 224 35.54 36.73 -1.01
N GLY A 225 35.77 35.91 0.00
CA GLY A 225 35.40 34.51 -0.09
C GLY A 225 36.01 33.74 1.06
N ARG A 226 35.86 32.41 0.98
CA ARG A 226 36.43 31.54 2.01
C ARG A 226 37.92 31.29 1.82
N GLY A 227 38.51 31.72 0.70
CA GLY A 227 39.93 31.49 0.48
C GLY A 227 40.26 30.01 0.50
N GLN A 228 41.33 29.68 1.22
CA GLN A 228 41.75 28.29 1.36
C GLN A 228 41.00 27.55 2.46
N ARG A 229 40.07 28.21 3.15
CA ARG A 229 39.37 27.59 4.27
C ARG A 229 38.33 26.62 3.78
N LYS A 230 38.22 25.48 4.48
CA LYS A 230 37.28 24.43 4.13
C LYS A 230 35.89 24.70 4.72
N LEU A 231 35.38 25.89 4.50
CA LEU A 231 34.05 26.21 4.99
C LEU A 231 33.01 25.59 4.06
N PRO A 232 32.00 24.90 4.60
CA PRO A 232 30.94 24.38 3.73
C PRO A 232 30.06 25.51 3.20
N VAL A 233 29.39 25.22 2.08
CA VAL A 233 28.63 26.25 1.38
C VAL A 233 27.60 26.88 2.30
N TYR A 234 27.00 26.09 3.21
CA TYR A 234 25.94 26.61 4.07
C TYR A 234 26.48 27.56 5.15
N LYS A 235 27.79 27.67 5.31
CA LYS A 235 28.37 28.65 6.23
C LYS A 235 28.87 29.90 5.52
N MET A 236 28.71 29.98 4.19
CA MET A 236 28.99 31.20 3.47
C MET A 236 27.90 32.23 3.74
N PRO A 237 28.21 33.52 3.63
CA PRO A 237 27.18 34.54 3.86
C PRO A 237 26.04 34.44 2.85
N HIS A 238 24.82 34.63 3.34
CA HIS A 238 23.66 34.77 2.47
C HIS A 238 23.67 36.16 1.87
N LEU A 239 23.55 36.26 0.55
CA LEU A 239 23.67 37.56 -0.09
C LEU A 239 22.45 38.44 0.18
N GLU A 240 21.32 37.85 0.60
CA GLU A 240 20.23 38.64 1.14
C GLU A 240 20.67 39.46 2.35
N GLY A 241 21.74 39.07 3.01
CA GLY A 241 22.27 39.77 4.15
C GLY A 241 23.23 40.89 3.81
N TRP A 242 23.44 41.15 2.52
CA TRP A 242 24.17 42.33 2.08
C TRP A 242 23.22 43.53 2.05
N THR A 243 23.76 44.72 2.35
CA THR A 243 23.01 45.93 2.14
C THR A 243 23.86 46.89 1.32
N ILE A 244 23.30 47.36 0.21
CA ILE A 244 24.00 48.20 -0.76
C ILE A 244 23.35 49.57 -0.77
N ALA A 245 24.12 50.59 -0.45
CA ALA A 245 23.72 51.98 -0.54
C ALA A 245 24.27 52.57 -1.83
N SER A 246 24.14 53.89 -1.98
CA SER A 246 24.61 54.57 -3.18
C SER A 246 26.11 54.39 -3.37
N ASP A 247 26.89 54.72 -2.35
CA ASP A 247 28.34 54.66 -2.44
C ASP A 247 28.96 53.49 -1.66
N GLN A 248 28.35 53.08 -0.55
CA GLN A 248 28.88 52.04 0.32
C GLN A 248 27.97 50.81 0.35
N ALA A 249 28.59 49.64 0.48
CA ALA A 249 27.90 48.41 0.87
C ALA A 249 28.38 47.98 2.24
N PHE A 250 27.48 47.43 3.05
CA PHE A 250 27.82 46.82 4.34
C PHE A 250 27.45 45.34 4.26
N VAL A 251 28.43 44.49 4.49
CA VAL A 251 28.26 43.06 4.23
C VAL A 251 28.91 42.25 5.33
N PRO A 252 28.39 41.04 5.55
CA PRO A 252 29.05 40.14 6.49
C PRO A 252 30.37 39.67 5.92
N ALA A 253 31.38 39.66 6.79
CA ALA A 253 32.64 39.03 6.45
C ALA A 253 32.43 37.53 6.32
N VAL A 254 33.33 36.85 5.61
CA VAL A 254 33.24 35.40 5.43
C VAL A 254 33.99 34.75 6.59
N GLY A 255 33.25 34.25 7.58
CA GLY A 255 33.89 33.57 8.69
C GLY A 255 34.74 34.43 9.58
N HIS A 256 34.38 35.70 9.76
CA HIS A 256 35.03 36.58 10.71
C HIS A 256 33.97 37.45 11.38
N HIS A 257 34.27 37.89 12.59
CA HIS A 257 33.33 38.70 13.39
C HIS A 257 33.46 40.17 13.01
N GLN A 258 33.20 40.45 11.73
CA GLN A 258 33.39 41.78 11.18
C GLN A 258 32.27 42.06 10.19
N VAL A 259 31.80 43.30 10.18
CA VAL A 259 30.99 43.84 9.07
C VAL A 259 31.94 44.64 8.19
N LEU A 260 32.00 44.29 6.91
CA LEU A 260 32.87 44.94 5.96
C LEU A 260 32.14 46.10 5.29
N VAL A 261 32.83 47.23 5.18
CA VAL A 261 32.35 48.37 4.40
C VAL A 261 33.04 48.34 3.05
N LEU A 262 32.26 48.30 1.98
CA LEU A 262 32.77 48.24 0.63
C LEU A 262 32.45 49.51 -0.15
N ASP A 263 33.41 49.94 -0.96
CA ASP A 263 33.17 50.95 -1.98
C ASP A 263 32.31 50.32 -3.07
N ALA A 264 31.07 50.77 -3.20
CA ALA A 264 30.14 50.13 -4.12
C ALA A 264 30.46 50.43 -5.57
N ARG A 265 31.27 51.45 -5.85
CA ARG A 265 31.58 51.79 -7.23
C ARG A 265 32.74 50.96 -7.77
N ASP A 266 33.80 50.80 -6.97
CA ASP A 266 34.97 50.04 -7.40
C ASP A 266 34.99 48.61 -6.86
N TRP A 267 34.08 48.29 -5.96
CA TRP A 267 33.97 46.97 -5.31
C TRP A 267 35.30 46.55 -4.70
N LYS A 268 35.64 47.32 -3.67
CA LYS A 268 36.81 47.10 -2.85
C LYS A 268 36.47 47.43 -1.41
N GLN A 269 36.94 46.60 -0.49
CA GLN A 269 36.76 46.86 0.94
C GLN A 269 37.57 48.08 1.37
N THR A 270 36.93 48.97 2.13
CA THR A 270 37.60 50.13 2.69
C THR A 270 37.59 50.16 4.22
N ASP A 271 36.71 49.41 4.88
CA ASP A 271 36.71 49.35 6.32
C ASP A 271 36.17 47.98 6.75
N ALA A 272 36.45 47.66 8.00
CA ALA A 272 35.98 46.42 8.64
C ALA A 272 35.64 46.78 10.08
N ILE A 273 34.41 46.52 10.48
CA ILE A 273 33.87 46.95 11.77
C ILE A 273 33.79 45.72 12.67
N ASP A 274 34.48 45.76 13.80
CA ASP A 274 34.42 44.67 14.75
C ASP A 274 33.04 44.60 15.39
N VAL A 275 32.41 43.43 15.32
CA VAL A 275 31.06 43.25 15.84
C VAL A 275 31.01 42.03 16.75
N ALA A 276 29.88 41.89 17.43
CA ALA A 276 29.75 41.00 18.59
C ALA A 276 29.55 39.54 18.20
N GLY A 277 29.73 39.19 16.93
CA GLY A 277 29.63 37.80 16.53
C GLY A 277 29.84 37.70 15.03
N GLN A 278 29.61 36.50 14.52
CA GLN A 278 29.61 36.31 13.08
C GLN A 278 28.34 36.91 12.51
N PRO A 279 28.40 37.99 11.74
CA PRO A 279 27.17 38.56 11.19
C PRO A 279 26.48 37.62 10.23
N VAL A 280 25.15 37.59 10.33
CA VAL A 280 24.30 36.82 9.43
C VAL A 280 23.58 37.76 8.45
N PHE A 281 22.85 38.74 8.96
CA PHE A 281 22.17 39.72 8.14
CA PHE A 281 22.17 39.72 8.14
C PHE A 281 22.71 41.10 8.48
N VAL A 282 23.00 41.89 7.45
CA VAL A 282 23.35 43.30 7.61
C VAL A 282 22.27 44.08 6.87
N MET A 283 21.55 44.93 7.60
CA MET A 283 20.41 45.65 7.05
C MET A 283 20.60 47.15 7.29
N THR A 284 19.86 47.95 6.54
CA THR A 284 19.88 49.40 6.76
C THR A 284 18.50 49.90 7.15
N ARG A 285 18.46 50.79 8.12
CA ARG A 285 17.25 51.59 8.32
C ARG A 285 16.91 52.27 7.00
N PRO A 286 15.63 52.43 6.67
CA PRO A 286 15.30 52.93 5.31
C PRO A 286 15.91 54.29 4.98
N ASP A 287 16.25 55.11 5.97
CA ASP A 287 16.84 56.43 5.72
C ASP A 287 18.36 56.39 5.62
N ASP A 288 18.96 55.20 5.63
CA ASP A 288 20.38 54.95 5.42
C ASP A 288 21.27 55.40 6.57
N ARG A 289 20.71 55.87 7.69
CA ARG A 289 21.53 56.44 8.75
C ARG A 289 22.18 55.37 9.63
N GLN A 290 21.53 54.21 9.74
CA GLN A 290 21.93 53.15 10.66
C GLN A 290 21.98 51.82 9.93
N ILE A 291 22.91 50.98 10.37
CA ILE A 291 23.11 49.63 9.86
C ILE A 291 22.81 48.67 11.00
N TRP A 292 21.91 47.71 10.78
CA TRP A 292 21.48 46.75 11.80
C TRP A 292 22.01 45.36 11.47
N VAL A 293 22.54 44.68 12.48
CA VAL A 293 23.29 43.45 12.30
C VAL A 293 22.78 42.36 13.25
N ASN A 294 22.47 41.18 12.70
CA ASN A 294 22.20 40.00 13.51
CA ASN A 294 22.18 39.98 13.46
C ASN A 294 23.32 38.99 13.32
N PHE A 295 23.40 38.04 14.27
CA PHE A 295 24.55 37.14 14.38
C PHE A 295 24.19 35.67 14.47
N ALA A 296 25.15 34.83 14.09
CA ALA A 296 25.01 33.39 14.23
C ALA A 296 25.15 32.96 15.68
N TYR A 297 24.54 31.82 16.01
CA TYR A 297 24.80 31.21 17.31
C TYR A 297 26.30 31.13 17.53
N PRO A 298 26.80 31.36 18.76
CA PRO A 298 26.12 31.59 20.03
C PRO A 298 25.80 33.03 20.36
N ASP A 299 26.04 33.93 19.40
CA ASP A 299 25.85 35.36 19.60
C ASP A 299 24.49 35.85 19.09
N ASN A 300 23.55 34.94 18.84
CA ASN A 300 22.27 35.30 18.23
C ASN A 300 21.24 35.80 19.24
N ASP A 301 21.69 36.22 20.42
CA ASP A 301 20.85 36.93 21.39
C ASP A 301 21.06 38.43 21.33
N LYS A 302 21.81 38.91 20.33
CA LYS A 302 22.20 40.32 20.23
C LYS A 302 21.86 40.85 18.85
N VAL A 303 21.56 42.14 18.80
CA VAL A 303 21.48 42.90 17.56
C VAL A 303 22.33 44.14 17.75
N GLN A 304 23.20 44.44 16.79
CA GLN A 304 24.02 45.65 16.88
C GLN A 304 23.57 46.67 15.84
N VAL A 305 23.63 47.93 16.24
CA VAL A 305 23.23 49.06 15.42
C VAL A 305 24.46 49.93 15.19
N ILE A 306 24.75 50.23 13.93
CA ILE A 306 25.96 50.90 13.52
C ILE A 306 25.61 52.21 12.82
N ASP A 307 26.30 53.29 13.19
CA ASP A 307 26.19 54.57 12.49
C ASP A 307 26.83 54.44 11.12
N SER A 308 26.06 54.63 10.06
CA SER A 308 26.59 54.44 8.71
C SER A 308 27.68 55.45 8.35
N GLU A 309 27.73 56.61 9.01
CA GLU A 309 28.74 57.61 8.69
C GLU A 309 30.05 57.34 9.42
N THR A 310 29.96 57.09 10.72
CA THR A 310 31.16 56.94 11.54
C THR A 310 31.67 55.52 11.58
N HIS A 311 30.84 54.54 11.22
CA HIS A 311 31.17 53.12 11.23
C HIS A 311 31.31 52.57 12.64
N GLU A 312 30.82 53.29 13.63
CA GLU A 312 30.91 52.87 15.02
C GLU A 312 29.63 52.18 15.47
N VAL A 313 29.76 51.20 16.35
CA VAL A 313 28.59 50.57 16.94
C VAL A 313 27.94 51.57 17.90
N ILE A 314 26.68 51.89 17.64
CA ILE A 314 25.91 52.82 18.48
C ILE A 314 25.42 52.14 19.74
N GLU A 315 24.87 50.93 19.60
CA GLU A 315 24.33 50.22 20.74
C GLU A 315 24.28 48.73 20.42
N THR A 316 24.31 47.93 21.47
CA THR A 316 24.14 46.48 21.39
C THR A 316 22.80 46.17 22.06
N LEU A 317 21.83 45.75 21.27
CA LEU A 317 20.52 45.39 21.76
C LEU A 317 20.48 43.90 22.09
N ARG A 318 19.63 43.55 23.06
CA ARG A 318 19.46 42.17 23.52
C ARG A 318 17.98 41.85 23.54
N PRO A 319 17.38 41.57 22.37
CA PRO A 319 15.94 41.29 22.35
C PRO A 319 15.56 39.99 23.03
N GLY A 320 16.49 39.05 23.14
CA GLY A 320 16.17 37.73 23.64
C GLY A 320 16.89 36.70 22.81
N PRO A 321 16.69 35.43 23.13
CA PRO A 321 17.44 34.36 22.48
C PRO A 321 16.86 33.94 21.14
N GLY A 322 17.76 33.74 20.18
CA GLY A 322 17.39 33.30 18.85
C GLY A 322 16.84 34.37 17.92
N VAL A 323 17.52 35.51 17.82
CA VAL A 323 17.08 36.59 16.93
C VAL A 323 17.48 36.22 15.49
N LEU A 324 16.51 35.70 14.73
CA LEU A 324 16.79 35.19 13.39
C LEU A 324 16.56 36.24 12.30
N HIS A 325 15.61 37.16 12.47
CA HIS A 325 15.19 38.00 11.38
CA HIS A 325 15.21 38.01 11.38
C HIS A 325 14.66 39.34 11.89
N MET A 326 14.77 40.36 11.02
CA MET A 326 14.32 41.71 11.29
C MET A 326 13.73 42.27 9.99
N GLU A 327 12.81 43.22 10.14
CA GLU A 327 12.11 43.79 8.99
C GLU A 327 11.65 45.19 9.35
N PHE A 328 12.03 46.17 8.52
CA PHE A 328 11.57 47.54 8.70
C PHE A 328 10.24 47.77 7.99
N SER A 329 9.45 48.70 8.51
CA SER A 329 8.31 49.23 7.77
C SER A 329 8.80 50.03 6.57
N GLY A 330 7.85 50.38 5.69
CA GLY A 330 8.22 51.05 4.45
C GLY A 330 8.92 52.38 4.68
N ARG A 331 8.35 53.24 5.51
CA ARG A 331 8.92 54.55 5.75
C ARG A 331 9.94 54.56 6.88
N GLY A 332 10.10 53.43 7.58
CA GLY A 332 11.14 53.29 8.58
C GLY A 332 10.74 53.62 9.99
N ASP A 333 9.45 53.82 10.27
CA ASP A 333 8.98 54.15 11.60
C ASP A 333 9.04 52.96 12.55
N GLN A 334 9.16 51.74 12.03
CA GLN A 334 9.16 50.54 12.84
C GLN A 334 10.25 49.59 12.36
N VAL A 335 10.77 48.78 13.28
CA VAL A 335 11.52 47.58 12.92
C VAL A 335 10.97 46.42 13.75
N TRP A 336 10.76 45.28 13.08
CA TRP A 336 10.16 44.08 13.67
C TRP A 336 11.23 43.01 13.78
N ILE A 337 11.32 42.38 14.96
CA ILE A 337 12.41 41.48 15.30
C ILE A 337 11.83 40.17 15.81
N SER A 338 12.19 39.07 15.16
CA SER A 338 11.73 37.75 15.57
CA SER A 338 11.73 37.75 15.57
C SER A 338 12.71 37.17 16.59
N VAL A 339 12.16 36.76 17.74
CA VAL A 339 12.95 36.21 18.84
C VAL A 339 12.52 34.75 18.99
N ARG A 340 13.15 33.86 18.21
CA ARG A 340 12.65 32.50 18.07
C ARG A 340 12.48 31.80 19.41
N ASP A 341 13.51 31.86 20.25
CA ASP A 341 13.51 31.04 21.45
C ASP A 341 12.81 31.71 22.62
N ALA A 342 12.23 32.88 22.40
CA ALA A 342 11.31 33.50 23.34
C ALA A 342 9.85 33.36 22.90
N ASP A 343 9.61 32.80 21.72
CA ASP A 343 8.26 32.72 21.16
C ASP A 343 7.62 34.11 21.13
N GLN A 344 8.40 35.09 20.69
CA GLN A 344 7.98 36.48 20.66
C GLN A 344 8.34 37.12 19.33
N LEU A 345 7.43 37.92 18.80
CA LEU A 345 7.74 38.87 17.74
C LEU A 345 7.67 40.26 18.35
N GLN A 346 8.79 40.97 18.34
CA GLN A 346 8.88 42.30 18.95
C GLN A 346 8.83 43.38 17.88
N VAL A 347 8.22 44.50 18.22
CA VAL A 347 8.25 45.70 17.39
C VAL A 347 9.02 46.77 18.14
N TRP A 348 9.94 47.41 17.46
CA TRP A 348 10.86 48.37 18.05
C TRP A 348 10.78 49.70 17.30
N ASP A 349 11.10 50.77 18.01
CA ASP A 349 11.25 52.09 17.43
C ASP A 349 12.71 52.25 17.04
N PRO A 350 13.07 52.22 15.75
CA PRO A 350 14.48 52.31 15.38
C PRO A 350 15.08 53.71 15.51
N TYR A 351 14.30 54.72 15.90
CA TYR A 351 14.86 56.02 16.22
C TYR A 351 15.18 56.16 17.69
N ARG A 352 14.40 55.55 18.58
N ARG A 352 14.40 55.55 18.58
CA ARG A 352 14.75 55.52 19.99
CA ARG A 352 14.74 55.52 19.99
C ARG A 352 15.55 54.27 20.37
C ARG A 352 15.50 54.26 20.38
N LEU A 353 15.59 53.28 19.49
CA LEU A 353 16.29 52.02 19.75
C LEU A 353 15.74 51.37 21.02
N LYS A 354 14.41 51.33 21.10
CA LYS A 354 13.67 50.74 22.21
C LYS A 354 12.51 49.91 21.69
N ARG A 355 12.22 48.81 22.40
CA ARG A 355 11.05 48.01 22.09
C ARG A 355 9.78 48.76 22.44
N ILE A 356 8.79 48.70 21.56
CA ILE A 356 7.51 49.35 21.82
C ILE A 356 6.36 48.35 21.98
N GLY A 357 6.55 47.10 21.59
CA GLY A 357 5.50 46.10 21.76
C GLY A 357 5.99 44.72 21.42
N SER A 358 5.19 43.73 21.80
CA SER A 358 5.49 42.32 21.54
C SER A 358 4.21 41.55 21.25
N LEU A 359 4.33 40.51 20.44
CA LEU A 359 3.25 39.58 20.13
C LEU A 359 3.75 38.15 20.30
N PRO A 360 2.92 37.25 20.82
CA PRO A 360 3.35 35.86 20.96
C PRO A 360 3.33 35.13 19.63
N ALA A 361 4.29 34.21 19.46
CA ALA A 361 4.33 33.40 18.26
C ALA A 361 5.09 32.11 18.54
N ARG A 362 4.84 31.11 17.71
CA ARG A 362 5.47 29.80 17.83
C ARG A 362 6.74 29.78 17.00
N SER A 363 7.90 29.80 17.67
CA SER A 363 9.22 29.74 17.05
C SER A 363 9.30 30.67 15.83
N PRO A 364 9.06 31.95 16.01
CA PRO A 364 9.01 32.86 14.86
C PRO A 364 10.34 32.93 14.14
N SER A 365 10.27 33.01 12.80
CA SER A 365 11.48 33.21 12.01
C SER A 365 11.30 34.40 11.07
N GLY A 366 11.07 34.15 9.78
CA GLY A 366 10.97 35.25 8.83
C GLY A 366 9.77 36.16 9.09
N ILE A 367 10.00 37.46 8.89
CA ILE A 367 8.97 38.49 9.02
C ILE A 367 9.05 39.39 7.79
N PHE A 368 7.92 39.53 7.09
CA PHE A 368 7.87 40.14 5.78
C PHE A 368 6.66 41.07 5.72
N PHE A 369 6.86 42.34 5.37
CA PHE A 369 5.72 43.23 5.18
C PHE A 369 5.49 43.52 3.71
N SER A 370 4.23 43.77 3.38
CA SER A 370 3.75 43.75 2.00
C SER A 370 4.28 44.89 1.16
N HIS A 371 4.92 45.91 1.75
CA HIS A 371 5.51 46.94 0.90
C HIS A 371 6.57 46.37 -0.02
N ARG A 372 7.07 45.16 0.26
CA ARG A 372 7.98 44.49 -0.65
C ARG A 372 7.39 44.33 -2.05
N ALA A 373 6.06 44.30 -2.16
CA ALA A 373 5.39 44.12 -3.44
C ALA A 373 5.84 45.14 -4.49
N GLN A 374 6.30 46.30 -4.05
CA GLN A 374 6.56 47.41 -4.98
C GLN A 374 8.00 47.50 -5.42
N HIS A 375 8.88 46.59 -5.00
CA HIS A 375 10.31 46.76 -5.20
C HIS A 375 10.90 45.60 -5.97
N ILE A 376 11.56 45.89 -7.08
CA ILE A 376 12.31 44.88 -7.81
C ILE A 376 13.22 44.15 -6.83
N GLY A 377 13.29 42.83 -6.95
CA GLY A 377 14.16 42.02 -6.13
C GLY A 377 13.61 41.62 -4.76
N LEU A 378 12.41 42.06 -4.42
CA LEU A 378 11.77 41.70 -3.17
C LEU A 378 10.39 41.10 -3.47
N PRO B 7 28.42 -2.91 64.13
CA PRO B 7 27.68 -4.10 63.69
C PRO B 7 28.52 -4.99 62.76
N PRO B 8 28.15 -6.26 62.61
CA PRO B 8 28.90 -7.14 61.71
C PRO B 8 28.60 -6.82 60.26
N LEU B 9 29.44 -7.36 59.36
CA LEU B 9 29.26 -7.13 57.93
C LEU B 9 27.90 -7.64 57.49
N ARG B 10 27.26 -6.88 56.61
CA ARG B 10 25.92 -7.17 56.14
C ARG B 10 25.76 -6.56 54.75
N GLY B 11 25.10 -7.29 53.85
CA GLY B 11 24.72 -6.72 52.58
C GLY B 11 23.57 -5.74 52.73
N SER B 12 23.49 -4.79 51.80
CA SER B 12 22.45 -3.77 51.84
CA SER B 12 22.48 -3.74 51.80
C SER B 12 21.33 -3.99 50.82
N GLY B 13 21.46 -4.99 49.94
CA GLY B 13 20.51 -5.17 48.85
C GLY B 13 19.12 -5.60 49.25
N ASP B 14 18.96 -6.11 50.48
CA ASP B 14 17.66 -6.59 50.95
C ASP B 14 17.17 -5.81 52.16
N LEU B 15 17.73 -4.63 52.39
CA LEU B 15 17.39 -3.86 53.58
C LEU B 15 16.18 -2.99 53.30
N GLY B 16 15.25 -2.96 54.25
CA GLY B 16 14.07 -2.13 54.16
C GLY B 16 13.98 -1.11 55.28
N VAL B 17 13.21 -0.06 55.02
CA VAL B 17 12.89 0.94 56.02
C VAL B 17 11.37 1.00 56.18
N LEU B 18 10.92 0.89 57.41
CA LEU B 18 9.51 0.97 57.77
C LEU B 18 9.24 2.23 58.57
N ILE B 19 8.30 3.05 58.12
CA ILE B 19 7.97 4.28 58.83
C ILE B 19 6.99 3.95 59.96
N GLU B 20 7.29 4.44 61.16
CA GLU B 20 6.35 4.39 62.29
C GLU B 20 5.77 5.80 62.47
N ARG B 21 4.54 5.99 61.96
CA ARG B 21 4.12 7.33 61.59
C ARG B 21 3.77 8.23 62.77
N ALA B 22 3.49 7.66 63.93
CA ALA B 22 3.07 8.41 65.10
C ALA B 22 4.20 8.64 66.11
N ASP B 23 5.37 8.06 65.90
CA ASP B 23 6.43 8.10 66.90
C ASP B 23 7.75 8.65 66.39
N GLY B 24 7.78 9.17 65.17
CA GLY B 24 9.01 9.75 64.67
C GLY B 24 10.15 8.76 64.65
N SER B 25 9.87 7.53 64.25
CA SER B 25 10.85 6.47 64.28
C SER B 25 10.66 5.56 63.09
N VAL B 26 11.70 4.75 62.83
CA VAL B 26 11.70 3.79 61.74
C VAL B 26 12.27 2.48 62.27
N GLN B 27 11.95 1.41 61.56
CA GLN B 27 12.63 0.14 61.73
C GLN B 27 13.42 -0.17 60.45
N ILE B 28 14.59 -0.75 60.64
CA ILE B 28 15.44 -1.24 59.56
C ILE B 28 15.25 -2.74 59.50
N LEU B 29 14.87 -3.26 58.33
CA LEU B 29 14.43 -4.64 58.16
C LEU B 29 15.44 -5.45 57.35
N ASP B 30 15.62 -6.71 57.74
CA ASP B 30 16.32 -7.72 56.95
C ASP B 30 15.28 -8.41 56.08
N GLY B 31 15.26 -8.07 54.78
CA GLY B 31 14.21 -8.57 53.90
C GLY B 31 14.32 -10.05 53.59
N THR B 32 15.53 -10.61 53.61
CA THR B 32 15.66 -12.05 53.38
C THR B 32 15.20 -12.86 54.60
N ALA B 33 15.69 -12.50 55.79
CA ALA B 33 15.32 -13.20 57.03
C ALA B 33 13.92 -12.85 57.50
N LYS B 34 13.36 -11.75 57.00
CA LYS B 34 12.06 -11.22 57.43
C LYS B 34 12.05 -10.91 58.92
N THR B 35 13.09 -10.20 59.36
CA THR B 35 13.25 -9.80 60.75
C THR B 35 13.58 -8.32 60.82
N SER B 36 13.45 -7.75 62.00
CA SER B 36 13.78 -6.35 62.25
C SER B 36 15.16 -6.26 62.89
N LEU B 37 16.05 -5.49 62.27
CA LEU B 37 17.39 -5.34 62.82
C LEU B 37 17.51 -4.23 63.85
N ALA B 38 16.68 -3.21 63.78
CA ALA B 38 16.83 -2.07 64.67
C ALA B 38 15.65 -1.15 64.56
N ARG B 39 15.40 -0.39 65.63
CA ARG B 39 14.53 0.78 65.58
C ARG B 39 15.40 2.00 65.81
N VAL B 40 15.17 3.05 65.01
CA VAL B 40 15.91 4.30 65.14
C VAL B 40 14.91 5.41 65.42
N GLU B 41 15.12 6.15 66.50
CA GLU B 41 14.23 7.23 66.90
C GLU B 41 14.82 8.57 66.48
N GLY B 42 14.02 9.62 66.67
CA GLY B 42 14.52 10.98 66.48
C GLY B 42 14.29 11.61 65.13
N LEU B 43 13.33 11.12 64.35
CA LEU B 43 13.05 11.66 63.03
C LEU B 43 11.86 12.62 63.03
N GLY B 44 11.41 13.06 64.20
CA GLY B 44 10.46 14.15 64.26
C GLY B 44 9.07 13.73 63.81
N ASP B 45 8.49 14.52 62.89
CA ASP B 45 7.11 14.31 62.46
C ASP B 45 7.11 13.51 61.16
N LEU B 46 6.88 12.20 61.28
CA LEU B 46 6.76 11.32 60.13
C LEU B 46 5.31 10.94 59.84
N SER B 47 4.34 11.74 60.31
CA SER B 47 2.94 11.41 60.06
C SER B 47 2.63 11.42 58.57
N HIS B 48 3.32 12.26 57.82
CA HIS B 48 3.56 12.10 56.39
C HIS B 48 5.06 11.93 56.22
N ALA B 49 5.47 11.08 55.29
CA ALA B 49 6.89 10.89 55.02
C ALA B 49 7.09 10.13 53.72
N SER B 50 8.22 10.41 53.07
CA SER B 50 8.70 9.59 51.97
C SER B 50 10.19 9.43 52.10
N LEU B 51 10.79 8.65 51.19
CA LEU B 51 12.23 8.47 51.27
C LEU B 51 12.77 7.90 49.97
N VAL B 52 14.07 8.14 49.76
CA VAL B 52 14.86 7.57 48.68
C VAL B 52 16.15 7.04 49.31
N PHE B 53 16.92 6.32 48.52
CA PHE B 53 18.15 5.68 48.96
C PHE B 53 19.35 6.20 48.19
N SER B 54 20.49 6.24 48.88
CA SER B 54 21.77 6.48 48.21
C SER B 54 22.09 5.35 47.26
N ARG B 55 22.97 5.63 46.31
CA ARG B 55 23.20 4.68 45.22
C ARG B 55 23.94 3.43 45.69
N ASP B 56 24.62 3.48 46.83
CA ASP B 56 25.25 2.29 47.39
C ASP B 56 24.33 1.55 48.37
N GLN B 57 23.09 2.03 48.53
CA GLN B 57 22.04 1.40 49.34
C GLN B 57 22.38 1.42 50.82
N ARG B 58 23.38 2.21 51.23
CA ARG B 58 23.71 2.26 52.65
C ARG B 58 22.85 3.26 53.42
N TYR B 59 22.40 4.31 52.76
CA TYR B 59 21.68 5.38 53.42
C TYR B 59 20.28 5.55 52.84
N ALA B 60 19.36 5.92 53.70
CA ALA B 60 18.05 6.39 53.31
C ALA B 60 17.97 7.88 53.66
N TYR B 61 17.38 8.64 52.76
CA TYR B 61 17.04 10.04 53.01
C TYR B 61 15.54 10.08 53.25
N VAL B 62 15.15 10.38 54.47
CA VAL B 62 13.75 10.44 54.87
C VAL B 62 13.31 11.90 54.87
N PHE B 63 12.23 12.19 54.15
CA PHE B 63 11.64 13.53 54.08
C PHE B 63 10.38 13.52 54.94
N GLY B 64 10.42 14.27 56.05
CA GLY B 64 9.33 14.30 57.00
C GLY B 64 8.41 15.48 56.80
N ARG B 65 7.25 15.40 57.47
CA ARG B 65 6.22 16.41 57.36
C ARG B 65 6.65 17.73 58.00
N ASP B 66 7.56 17.68 58.96
CA ASP B 66 8.15 18.83 59.63
C ASP B 66 9.21 19.52 58.79
N GLY B 67 9.41 19.09 57.54
CA GLY B 67 10.52 19.58 56.76
C GLY B 67 11.84 18.96 57.11
N GLY B 68 11.83 17.92 57.96
CA GLY B 68 13.06 17.24 58.32
C GLY B 68 13.61 16.43 57.16
N LEU B 69 14.91 16.53 56.96
CA LEU B 69 15.65 15.70 56.01
C LEU B 69 16.66 14.89 56.82
N THR B 70 16.43 13.58 56.89
CA THR B 70 17.23 12.70 57.73
C THR B 70 18.02 11.74 56.85
N LYS B 71 19.35 11.76 56.99
CA LYS B 71 20.23 10.81 56.32
C LYS B 71 20.44 9.67 57.31
N LEU B 72 19.76 8.56 57.06
CA LEU B 72 19.73 7.41 57.97
C LEU B 72 20.73 6.37 57.49
N ASP B 73 21.63 5.97 58.38
CA ASP B 73 22.66 4.98 58.07
C ASP B 73 22.07 3.60 58.37
N LEU B 74 21.69 2.88 57.32
CA LEU B 74 21.05 1.58 57.48
C LEU B 74 21.99 0.51 58.04
N LEU B 75 23.31 0.70 57.89
CA LEU B 75 24.30 -0.30 58.32
C LEU B 75 24.80 -0.02 59.73
N ALA B 76 25.05 1.24 60.08
CA ALA B 76 25.38 1.57 61.46
C ALA B 76 24.12 1.76 62.31
N GLN B 77 22.94 1.73 61.68
CA GLN B 77 21.66 1.75 62.39
C GLN B 77 21.53 3.00 63.25
N ARG B 78 21.68 4.15 62.60
CA ARG B 78 21.71 5.43 63.30
C ARG B 78 21.41 6.55 62.33
N ILE B 79 21.03 7.70 62.88
CA ILE B 79 20.95 8.92 62.09
C ILE B 79 22.37 9.40 61.80
N ASP B 80 22.70 9.53 60.51
CA ASP B 80 24.03 10.04 60.15
C ASP B 80 24.05 11.56 60.15
N LYS B 81 23.04 12.20 59.55
CA LYS B 81 22.89 13.65 59.52
C LYS B 81 21.41 13.97 59.49
N ARG B 82 21.04 15.13 60.05
CA ARG B 82 19.65 15.55 60.03
C ARG B 82 19.56 17.07 60.07
N LEU B 83 18.72 17.62 59.20
CA LEU B 83 18.41 19.05 59.23
C LEU B 83 16.90 19.21 59.13
N ILE B 84 16.42 20.35 59.57
CA ILE B 84 15.01 20.71 59.47
C ILE B 84 14.96 22.00 58.66
N GLN B 85 14.43 21.90 57.45
CA GLN B 85 14.29 23.04 56.54
C GLN B 85 12.82 23.45 56.57
N GLY B 86 12.53 24.56 57.25
CA GLY B 86 11.16 25.03 57.30
C GLY B 86 10.61 25.25 55.91
N GLY B 87 9.37 24.83 55.70
CA GLY B 87 8.72 24.95 54.42
C GLY B 87 8.95 23.80 53.45
N ASN B 88 9.81 22.84 53.79
CA ASN B 88 10.06 21.69 52.93
C ASN B 88 8.90 20.72 53.00
N SER B 89 8.51 20.18 51.84
CA SER B 89 7.48 19.17 51.74
CA SER B 89 7.47 19.17 51.79
C SER B 89 8.11 17.78 51.81
N ILE B 90 7.26 16.75 51.74
CA ILE B 90 7.80 15.38 51.67
C ILE B 90 8.18 14.99 50.27
N GLY B 91 7.98 15.86 49.28
CA GLY B 91 8.44 15.51 47.94
C GLY B 91 9.94 15.63 47.78
N GLY B 92 10.66 14.50 47.83
CA GLY B 92 12.11 14.51 47.70
C GLY B 92 12.59 13.45 46.72
N ALA B 93 13.72 13.76 46.07
CA ALA B 93 14.25 12.93 44.98
C ALA B 93 15.78 13.00 44.97
N ILE B 94 16.41 11.95 44.45
CA ILE B 94 17.86 11.87 44.38
C ILE B 94 18.31 11.79 42.91
N SER B 95 19.42 12.45 42.60
CA SER B 95 19.87 12.64 41.24
C SER B 95 20.42 11.35 40.63
N GLN B 96 20.61 11.39 39.30
CA GLN B 96 21.03 10.21 38.55
C GLN B 96 22.40 9.71 38.97
N ASP B 97 23.29 10.60 39.39
CA ASP B 97 24.61 10.20 39.88
C ASP B 97 24.66 10.06 41.40
N GLY B 98 23.53 10.23 42.08
CA GLY B 98 23.48 10.06 43.52
C GLY B 98 24.05 11.19 44.37
N ARG B 99 24.58 12.25 43.75
CA ARG B 99 25.28 13.31 44.46
C ARG B 99 24.34 14.38 45.04
N LEU B 100 23.14 14.52 44.50
CA LEU B 100 22.24 15.61 44.88
C LEU B 100 20.89 15.07 45.32
N VAL B 101 20.34 15.62 46.41
CA VAL B 101 18.99 15.34 46.86
C VAL B 101 18.21 16.64 46.80
N ALA B 102 17.10 16.64 46.07
CA ALA B 102 16.25 17.80 45.92
C ALA B 102 14.96 17.60 46.72
N VAL B 103 14.43 18.71 47.26
CA VAL B 103 13.18 18.69 48.01
C VAL B 103 12.35 19.90 47.60
N SER B 104 11.05 19.66 47.36
CA SER B 104 10.13 20.75 47.05
C SER B 104 9.82 21.54 48.31
N ASN B 105 9.47 22.80 48.12
CA ASN B 105 9.29 23.74 49.22
C ASN B 105 8.08 24.63 48.91
N TYR B 106 7.26 24.87 49.92
CA TYR B 106 6.11 25.76 49.75
C TYR B 106 6.33 27.13 50.38
N GLU B 107 7.36 27.28 51.20
CA GLU B 107 7.71 28.57 51.77
C GLU B 107 9.23 28.70 51.67
N PRO B 108 9.74 29.62 50.84
CA PRO B 108 9.05 30.62 50.02
C PRO B 108 8.30 30.08 48.79
N GLY B 109 8.62 28.85 48.39
CA GLY B 109 8.09 28.28 47.16
C GLY B 109 9.18 28.07 46.13
N GLY B 110 9.54 26.80 45.91
CA GLY B 110 10.66 26.48 45.05
C GLY B 110 11.18 25.08 45.34
N VAL B 111 12.46 24.89 45.01
CA VAL B 111 13.16 23.62 45.16
C VAL B 111 14.51 23.89 45.82
N LYS B 112 14.81 23.13 46.88
CA LYS B 112 16.12 23.17 47.53
C LYS B 112 16.88 21.90 47.17
N VAL B 113 18.17 22.04 46.89
CA VAL B 113 19.04 20.94 46.47
C VAL B 113 20.22 20.84 47.41
N PHE B 114 20.44 19.63 47.96
CA PHE B 114 21.41 19.36 49.01
C PHE B 114 22.45 18.35 48.53
N ASP B 115 23.68 18.54 49.00
CA ASP B 115 24.74 17.54 48.86
C ASP B 115 24.33 16.26 49.57
N SER B 116 24.35 15.14 48.83
CA SER B 116 23.85 13.90 49.42
C SER B 116 24.79 13.33 50.49
N ARG B 117 26.04 13.77 50.55
CA ARG B 117 26.95 13.30 51.59
C ARG B 117 26.85 14.14 52.86
N THR B 118 26.86 15.46 52.71
CA THR B 118 26.93 16.37 53.85
C THR B 118 25.61 17.03 54.19
N LEU B 119 24.61 16.98 53.30
CA LEU B 119 23.36 17.73 53.38
C LEU B 119 23.57 19.23 53.33
N GLU B 120 24.72 19.69 52.84
CA GLU B 120 24.91 21.12 52.58
C GLU B 120 23.92 21.57 51.52
N LEU B 121 23.30 22.71 51.75
CA LEU B 121 22.41 23.31 50.74
C LEU B 121 23.27 23.90 49.63
N VAL B 122 23.21 23.32 48.42
CA VAL B 122 24.07 23.74 47.33
C VAL B 122 23.34 24.46 46.20
N ALA B 123 22.01 24.44 46.19
CA ALA B 123 21.26 25.23 45.22
C ALA B 123 19.84 25.48 45.73
N GLU B 124 19.34 26.67 45.44
CA GLU B 124 17.95 27.05 45.70
C GLU B 124 17.35 27.55 44.40
N ILE B 125 16.23 26.98 44.00
CA ILE B 125 15.52 27.39 42.79
C ILE B 125 14.18 28.00 43.21
N PRO B 126 14.05 29.33 43.24
CA PRO B 126 12.74 29.92 43.53
C PRO B 126 11.77 29.73 42.38
N ALA B 127 10.53 29.39 42.72
CA ALA B 127 9.46 29.34 41.74
C ALA B 127 9.01 30.75 41.37
N THR B 128 8.13 30.83 40.37
CA THR B 128 7.55 32.11 39.95
C THR B 128 6.91 32.82 41.13
N ARG B 129 7.16 34.12 41.25
CA ARG B 129 6.57 34.89 42.33
C ARG B 129 5.05 34.95 42.20
N LEU B 130 4.39 35.05 43.35
CA LEU B 130 2.96 35.33 43.41
C LEU B 130 2.72 36.81 43.69
N PRO B 131 1.79 37.46 42.98
CA PRO B 131 1.54 38.89 43.23
C PRO B 131 0.96 39.14 44.62
N GLY B 132 1.40 40.24 45.25
CA GLY B 132 0.83 40.65 46.51
C GLY B 132 1.18 39.78 47.70
N GLN B 133 2.12 38.85 47.55
CA GLN B 133 2.58 38.02 48.66
C GLN B 133 4.10 38.00 48.72
N ASP B 134 4.62 37.73 49.92
CA ASP B 134 6.02 37.40 50.07
C ASP B 134 6.24 35.90 49.85
N ARG B 135 5.70 35.38 48.74
CA ARG B 135 5.84 33.96 48.43
C ARG B 135 5.83 33.74 46.92
N ASN B 136 6.38 32.58 46.53
CA ASN B 136 6.36 32.09 45.16
C ASN B 136 5.32 30.97 45.04
N SER B 137 5.13 30.47 43.82
CA SER B 137 4.29 29.30 43.65
C SER B 137 4.81 28.14 44.49
N ARG B 138 3.90 27.39 45.09
CA ARG B 138 4.33 26.14 45.68
CA ARG B 138 4.24 26.11 45.68
C ARG B 138 4.63 25.13 44.59
N VAL B 139 5.54 24.22 44.90
CA VAL B 139 6.10 23.27 43.95
C VAL B 139 5.61 21.88 44.33
N VAL B 140 5.18 21.11 43.33
CA VAL B 140 4.71 19.76 43.52
C VAL B 140 5.27 18.87 42.42
N GLY B 141 5.12 17.56 42.59
CA GLY B 141 5.45 16.62 41.54
C GLY B 141 6.92 16.58 41.18
N LEU B 142 7.79 16.80 42.15
CA LEU B 142 9.22 16.77 41.89
C LEU B 142 9.69 15.34 41.64
N VAL B 143 10.40 15.15 40.54
CA VAL B 143 11.01 13.88 40.21
C VAL B 143 12.45 14.12 39.76
N ASP B 144 13.27 13.08 39.92
CA ASP B 144 14.56 12.98 39.23
C ASP B 144 14.34 12.41 37.84
N ALA B 145 15.21 12.77 36.91
CA ALA B 145 15.08 12.30 35.53
C ALA B 145 16.45 12.03 34.93
N PRO B 146 16.51 11.24 33.86
CA PRO B 146 17.80 10.99 33.20
C PRO B 146 18.46 12.27 32.75
N GLY B 147 19.78 12.22 32.64
CA GLY B 147 20.52 13.41 32.27
C GLY B 147 20.74 14.38 33.41
N GLN B 148 20.82 13.86 34.65
CA GLN B 148 21.13 14.68 35.84
C GLN B 148 20.17 15.86 35.96
N ARG B 149 18.88 15.59 35.72
CA ARG B 149 17.84 16.60 35.80
C ARG B 149 16.90 16.34 36.96
N PHE B 150 16.26 17.40 37.43
CA PHE B 150 15.03 17.32 38.21
C PHE B 150 13.93 18.01 37.41
N VAL B 151 12.71 17.52 37.56
CA VAL B 151 11.53 18.07 36.87
C VAL B 151 10.43 18.25 37.91
N PHE B 152 9.73 19.38 37.85
CA PHE B 152 8.74 19.69 38.87
C PHE B 152 7.70 20.63 38.30
N SER B 153 6.57 20.75 39.01
CA SER B 153 5.44 21.56 38.59
C SER B 153 5.14 22.65 39.60
N LEU B 154 4.58 23.76 39.11
CA LEU B 154 4.24 24.93 39.92
C LEU B 154 2.73 24.99 40.02
N PHE B 155 2.19 24.69 41.21
CA PHE B 155 0.75 24.54 41.39
C PHE B 155 0.01 25.86 41.15
N ASP B 156 0.54 26.96 41.67
CA ASP B 156 -0.20 28.23 41.65
C ASP B 156 -0.12 28.93 40.30
N SER B 157 1.01 28.81 39.61
CA SER B 157 1.21 29.57 38.39
C SER B 157 1.08 28.71 37.14
N GLY B 158 0.92 27.39 37.28
CA GLY B 158 0.61 26.52 36.17
C GLY B 158 1.77 26.28 35.22
N GLU B 159 2.89 25.80 35.74
CA GLU B 159 4.08 25.61 34.94
C GLU B 159 4.72 24.26 35.24
N ILE B 160 5.57 23.83 34.32
CA ILE B 160 6.49 22.70 34.51
C ILE B 160 7.88 23.21 34.20
N TRP B 161 8.84 22.91 35.08
CA TRP B 161 10.23 23.31 34.90
C TRP B 161 11.14 22.09 34.88
N ILE B 162 12.15 22.13 34.01
CA ILE B 162 13.30 21.22 34.06
C ILE B 162 14.48 21.97 34.63
N ALA B 163 15.13 21.35 35.64
CA ALA B 163 16.36 21.85 36.24
C ALA B 163 17.47 20.86 35.90
N ASP B 164 18.40 21.28 35.05
CA ASP B 164 19.45 20.43 34.52
C ASP B 164 20.74 20.73 35.29
N PHE B 165 21.16 19.78 36.12
CA PHE B 165 22.37 19.93 36.93
C PHE B 165 23.57 19.24 36.28
N SER B 166 23.52 18.99 34.97
CA SER B 166 24.62 18.31 34.30
C SER B 166 25.94 19.04 34.48
N GLN B 167 25.93 20.37 34.52
CA GLN B 167 27.17 21.13 34.56
C GLN B 167 27.63 21.44 35.97
N GLY B 168 26.90 21.01 36.99
CA GLY B 168 27.31 21.25 38.36
C GLY B 168 26.17 21.72 39.23
N ASP B 169 26.49 22.56 40.22
CA ASP B 169 25.50 22.99 41.20
C ASP B 169 24.63 24.13 40.71
N THR B 170 25.02 24.82 39.63
CA THR B 170 24.19 25.89 39.08
C THR B 170 23.34 25.32 37.95
N PRO B 171 22.05 25.15 38.13
CA PRO B 171 21.26 24.46 37.11
C PRO B 171 20.94 25.33 35.90
N HIS B 172 20.75 24.66 34.78
CA HIS B 172 20.14 25.27 33.59
C HIS B 172 18.64 24.96 33.65
N LEU B 173 17.82 26.00 33.63
CA LEU B 173 16.38 25.87 33.77
C LEU B 173 15.69 26.00 32.42
N THR B 174 14.74 25.10 32.16
CA THR B 174 13.82 25.19 31.04
C THR B 174 12.40 25.29 31.59
N ARG B 175 11.71 26.38 31.28
CA ARG B 175 10.40 26.65 31.87
C ARG B 175 9.31 26.57 30.82
N PHE B 176 8.27 25.81 31.12
CA PHE B 176 7.09 25.66 30.28
C PHE B 176 5.90 26.30 30.99
N ARG B 177 5.32 27.33 30.37
CA ARG B 177 4.20 28.04 30.96
C ARG B 177 2.88 27.54 30.37
N ASP B 178 1.79 27.92 31.03
CA ASP B 178 0.44 27.63 30.58
C ASP B 178 0.24 26.16 30.25
N ILE B 179 0.76 25.29 31.14
CA ILE B 179 0.63 23.85 30.92
C ILE B 179 -0.72 23.31 31.36
N GLY B 180 -1.49 24.06 32.12
CA GLY B 180 -2.73 23.60 32.73
C GLY B 180 -2.91 24.24 34.09
N LYS B 181 -4.18 24.35 34.52
CA LYS B 181 -4.50 25.04 35.77
C LYS B 181 -4.23 24.13 36.96
N GLN B 182 -3.37 24.59 37.86
CA GLN B 182 -3.08 23.96 39.15
C GLN B 182 -2.66 22.50 39.01
N PRO B 183 -1.51 22.24 38.38
CA PRO B 183 -0.91 20.90 38.49
C PRO B 183 -0.63 20.60 39.95
N TYR B 184 -1.15 19.48 40.43
CA TYR B 184 -1.11 19.16 41.85
C TYR B 184 -0.16 18.03 42.21
N ASP B 185 0.34 17.27 41.24
CA ASP B 185 1.19 16.09 41.46
C ASP B 185 1.67 15.68 40.08
N ALA B 186 2.67 14.80 40.06
CA ALA B 186 3.22 14.35 38.80
C ALA B 186 3.93 13.01 38.99
N LEU B 187 4.19 12.37 37.86
CA LEU B 187 4.98 11.16 37.82
C LEU B 187 5.94 11.24 36.63
N ILE B 188 6.93 10.36 36.64
CA ILE B 188 7.79 10.13 35.50
C ILE B 188 7.61 8.68 35.09
N SER B 189 7.52 8.44 33.79
CA SER B 189 7.32 7.08 33.32
C SER B 189 8.51 6.20 33.70
N PRO B 190 8.30 4.89 33.84
CA PRO B 190 9.38 4.04 34.37
C PRO B 190 10.63 4.04 33.50
N ASP B 191 10.52 4.24 32.20
CA ASP B 191 11.72 4.37 31.37
C ASP B 191 12.39 5.73 31.50
N GLY B 192 11.79 6.67 32.24
CA GLY B 192 12.34 7.99 32.41
C GLY B 192 12.12 8.95 31.25
N ARG B 193 11.28 8.60 30.28
CA ARG B 193 11.12 9.46 29.13
C ARG B 193 10.06 10.55 29.31
N TYR B 194 8.92 10.22 29.90
CA TYR B 194 7.78 11.14 29.93
C TYR B 194 7.47 11.61 31.34
N TYR B 195 7.29 12.91 31.49
CA TYR B 195 6.79 13.53 32.72
C TYR B 195 5.32 13.85 32.53
N MET B 196 4.50 13.48 33.51
CA MET B 196 3.05 13.68 33.43
C MET B 196 2.58 14.33 34.72
N ALA B 197 1.99 15.52 34.60
CA ALA B 197 1.44 16.25 35.74
C ALA B 197 -0.09 16.19 35.69
N GLY B 198 -0.69 15.84 36.81
CA GLY B 198 -2.14 15.81 36.91
C GLY B 198 -2.65 17.20 37.29
N LEU B 199 -3.78 17.57 36.71
CA LEU B 199 -4.35 18.90 36.85
C LEU B 199 -5.53 18.88 37.83
N PHE B 200 -5.58 19.90 38.68
CA PHE B 200 -6.65 20.08 39.65
C PHE B 200 -7.63 21.19 39.27
N GLY B 201 -7.18 22.19 38.50
CA GLY B 201 -8.02 23.29 38.08
C GLY B 201 -8.77 23.06 36.80
N GLU B 202 -8.46 21.97 36.11
CA GLU B 202 -9.21 21.47 34.98
C GLU B 202 -8.92 19.98 34.89
N ASP B 203 -9.53 19.33 33.92
CA ASP B 203 -9.30 17.91 33.70
C ASP B 203 -8.13 17.69 32.76
N GLY B 204 -7.58 16.49 32.81
CA GLY B 204 -6.51 16.09 31.92
C GLY B 204 -5.16 16.07 32.61
N MET B 205 -4.17 15.66 31.83
CA MET B 205 -2.79 15.54 32.28
CA MET B 205 -2.80 15.61 32.31
C MET B 205 -1.89 16.31 31.32
N ALA B 206 -0.89 16.98 31.85
CA ALA B 206 0.11 17.66 31.06
C ALA B 206 1.29 16.72 30.87
N GLN B 207 1.59 16.38 29.62
CA GLN B 207 2.66 15.44 29.30
C GLN B 207 3.82 16.18 28.64
N LEU B 208 5.03 15.93 29.14
CA LEU B 208 6.26 16.51 28.63
C LEU B 208 7.18 15.37 28.21
N ASP B 209 7.59 15.36 26.93
CA ASP B 209 8.54 14.37 26.41
C ASP B 209 9.93 14.87 26.72
N LEU B 210 10.56 14.28 27.74
CA LEU B 210 11.87 14.74 28.16
C LEU B 210 12.95 14.48 27.14
N TRP B 211 12.72 13.57 26.17
CA TRP B 211 13.65 13.42 25.07
C TRP B 211 13.57 14.57 24.08
N HIS B 212 12.43 15.27 24.04
CA HIS B 212 12.18 16.32 23.05
C HIS B 212 11.46 17.49 23.73
N PRO B 213 12.11 18.14 24.68
CA PRO B 213 11.48 19.31 25.32
C PRO B 213 11.11 20.40 24.32
N GLU B 214 11.79 20.48 23.18
CA GLU B 214 11.46 21.53 22.21
C GLU B 214 10.03 21.40 21.71
N ARG B 215 9.40 20.24 21.89
CA ARG B 215 8.02 20.05 21.44
C ARG B 215 6.99 20.58 22.42
N GLY B 216 7.43 20.99 23.61
CA GLY B 216 6.52 21.55 24.59
C GLY B 216 5.71 20.50 25.33
N VAL B 217 4.62 20.98 25.93
CA VAL B 217 3.76 20.15 26.76
C VAL B 217 2.49 19.85 25.98
N ARG B 218 2.05 18.60 26.03
CA ARG B 218 0.85 18.15 25.32
C ARG B 218 -0.19 17.66 26.32
N ARG B 219 -1.44 18.09 26.14
CA ARG B 219 -2.53 17.62 26.99
C ARG B 219 -2.93 16.20 26.58
N VAL B 220 -2.94 15.28 27.54
CA VAL B 220 -3.35 13.90 27.31
C VAL B 220 -4.40 13.51 28.35
N LEU B 221 -5.11 12.42 28.05
CA LEU B 221 -6.09 11.84 28.99
C LEU B 221 -7.02 12.94 29.53
N GLY B 222 -7.63 13.68 28.59
CA GLY B 222 -8.18 14.98 28.90
C GLY B 222 -9.38 14.98 29.82
N ASP B 223 -10.09 13.86 29.92
CA ASP B 223 -11.26 13.77 30.78
C ASP B 223 -10.97 13.15 32.14
N TYR B 224 -9.71 12.86 32.45
CA TYR B 224 -9.35 12.32 33.76
C TYR B 224 -9.18 13.48 34.73
N GLY B 225 -10.07 13.54 35.71
CA GLY B 225 -10.00 14.59 36.71
C GLY B 225 -11.26 14.56 37.56
N ARG B 226 -11.44 15.63 38.32
CA ARG B 226 -12.62 15.76 39.14
C ARG B 226 -13.81 16.34 38.37
N GLY B 227 -13.60 16.74 37.12
CA GLY B 227 -14.70 17.31 36.34
C GLY B 227 -15.24 18.55 37.01
N GLN B 228 -16.56 18.59 37.20
CA GLN B 228 -17.22 19.69 37.89
C GLN B 228 -17.42 19.43 39.37
N ARG B 229 -16.99 18.26 39.87
CA ARG B 229 -17.08 17.98 41.28
C ARG B 229 -16.11 18.86 42.06
N LYS B 230 -16.52 19.26 43.26
CA LYS B 230 -15.70 20.12 44.11
C LYS B 230 -14.90 19.30 45.12
N LEU B 231 -14.21 18.27 44.64
CA LEU B 231 -13.29 17.53 45.49
C LEU B 231 -12.14 18.46 45.92
N PRO B 232 -11.71 18.41 47.18
CA PRO B 232 -10.50 19.14 47.55
C PRO B 232 -9.28 18.45 46.98
N VAL B 233 -8.18 19.20 46.88
CA VAL B 233 -7.00 18.68 46.20
C VAL B 233 -6.53 17.38 46.87
N TYR B 234 -6.66 17.29 48.19
CA TYR B 234 -6.18 16.11 48.91
C TYR B 234 -7.06 14.89 48.72
N LYS B 235 -8.19 15.02 48.02
CA LYS B 235 -9.00 13.87 47.64
C LYS B 235 -8.70 13.40 46.21
N MET B 236 -7.78 14.06 45.51
CA MET B 236 -7.36 13.61 44.19
C MET B 236 -6.41 12.42 44.33
N PRO B 237 -6.36 11.57 43.32
CA PRO B 237 -5.39 10.46 43.37
C PRO B 237 -3.96 10.96 43.46
N HIS B 238 -3.15 10.26 44.26
CA HIS B 238 -1.70 10.46 44.25
C HIS B 238 -1.12 9.72 43.04
N LEU B 239 -0.30 10.41 42.25
CA LEU B 239 0.22 9.81 41.04
C LEU B 239 1.26 8.74 41.32
N GLU B 240 1.81 8.69 42.53
CA GLU B 240 2.59 7.53 42.96
C GLU B 240 1.73 6.26 42.98
N GLY B 241 0.42 6.40 43.03
CA GLY B 241 -0.49 5.27 42.98
C GLY B 241 -0.84 4.78 41.59
N TRP B 242 -0.31 5.44 40.55
CA TRP B 242 -0.39 4.93 39.20
C TRP B 242 0.68 3.85 38.98
N THR B 243 0.36 2.87 38.12
CA THR B 243 1.35 1.94 37.60
C THR B 243 1.25 1.90 36.09
N ILE B 244 2.41 2.02 35.44
CA ILE B 244 2.51 2.10 33.99
C ILE B 244 3.29 0.88 33.51
N ALA B 245 2.67 0.08 32.66
CA ALA B 245 3.31 -1.05 32.00
C ALA B 245 3.71 -0.63 30.59
N SER B 246 4.26 -1.58 29.84
CA SER B 246 4.75 -1.27 28.51
C SER B 246 3.67 -0.60 27.67
N ASP B 247 2.51 -1.25 27.54
CA ASP B 247 1.44 -0.74 26.72
C ASP B 247 0.23 -0.24 27.51
N GLN B 248 0.17 -0.47 28.81
CA GLN B 248 -1.02 -0.13 29.58
C GLN B 248 -0.64 0.50 30.92
N ALA B 249 -1.58 1.28 31.45
CA ALA B 249 -1.49 1.83 32.79
C ALA B 249 -2.73 1.42 33.58
N PHE B 250 -2.52 1.09 34.85
CA PHE B 250 -3.56 0.79 35.80
C PHE B 250 -3.54 1.88 36.87
N VAL B 251 -4.64 2.60 37.01
CA VAL B 251 -4.64 3.84 37.80
C VAL B 251 -5.91 3.93 38.60
N PRO B 252 -5.85 4.65 39.72
CA PRO B 252 -7.07 4.91 40.49
C PRO B 252 -7.96 5.90 39.76
N ALA B 253 -9.25 5.62 39.77
CA ALA B 253 -10.25 6.55 39.31
C ALA B 253 -10.29 7.75 40.25
N VAL B 254 -10.79 8.87 39.74
CA VAL B 254 -10.92 10.09 40.53
C VAL B 254 -12.28 10.03 41.21
N GLY B 255 -12.27 9.69 42.50
CA GLY B 255 -13.49 9.65 43.27
C GLY B 255 -14.49 8.61 42.82
N HIS B 256 -14.01 7.44 42.40
CA HIS B 256 -14.88 6.33 42.08
C HIS B 256 -14.19 5.03 42.49
N HIS B 257 -15.01 4.03 42.83
CA HIS B 257 -14.50 2.71 43.22
C HIS B 257 -14.15 1.87 41.98
N GLN B 258 -13.20 2.40 41.22
CA GLN B 258 -12.79 1.81 39.95
C GLN B 258 -11.28 1.89 39.81
N VAL B 259 -10.67 0.83 39.30
CA VAL B 259 -9.30 0.89 38.77
C VAL B 259 -9.43 1.04 37.26
N LEU B 260 -8.90 2.13 36.72
CA LEU B 260 -9.01 2.37 35.28
C LEU B 260 -7.85 1.70 34.57
N VAL B 261 -8.13 1.10 33.42
CA VAL B 261 -7.10 0.53 32.56
C VAL B 261 -6.95 1.47 31.36
N LEU B 262 -5.73 1.97 31.17
CA LEU B 262 -5.43 2.98 30.16
C LEU B 262 -4.52 2.41 29.09
N ASP B 263 -4.82 2.71 27.84
CA ASP B 263 -3.88 2.48 26.75
C ASP B 263 -2.75 3.48 26.91
N ALA B 264 -1.56 2.99 27.25
CA ALA B 264 -0.43 3.86 27.59
C ALA B 264 0.15 4.57 26.37
N ARG B 265 -0.12 4.06 25.16
CA ARG B 265 0.38 4.68 23.94
C ARG B 265 -0.49 5.86 23.51
N ASP B 266 -1.82 5.72 23.62
CA ASP B 266 -2.73 6.78 23.21
C ASP B 266 -3.31 7.57 24.36
N TRP B 267 -3.07 7.14 25.59
CA TRP B 267 -3.64 7.77 26.79
C TRP B 267 -5.14 7.95 26.65
N LYS B 268 -5.80 6.81 26.51
CA LYS B 268 -7.26 6.71 26.56
C LYS B 268 -7.62 5.54 27.44
N GLN B 269 -8.68 5.70 28.22
CA GLN B 269 -9.18 4.61 29.04
C GLN B 269 -9.82 3.56 28.14
N THR B 270 -9.49 2.29 28.38
CA THR B 270 -10.13 1.18 27.67
C THR B 270 -10.96 0.26 28.55
N ASP B 271 -10.73 0.26 29.87
CA ASP B 271 -11.55 -0.57 30.75
C ASP B 271 -11.64 0.11 32.10
N ALA B 272 -12.59 -0.36 32.91
CA ALA B 272 -12.75 0.10 34.29
C ALA B 272 -13.13 -1.11 35.12
N ILE B 273 -12.35 -1.38 36.16
CA ILE B 273 -12.53 -2.57 36.99
C ILE B 273 -13.17 -2.14 38.30
N ASP B 274 -14.36 -2.67 38.58
CA ASP B 274 -15.03 -2.41 39.85
C ASP B 274 -14.26 -3.06 41.00
N VAL B 275 -13.92 -2.26 42.01
CA VAL B 275 -13.11 -2.73 43.12
C VAL B 275 -13.80 -2.41 44.43
N ALA B 276 -13.20 -2.90 45.51
CA ALA B 276 -13.84 -2.92 46.83
C ALA B 276 -13.75 -1.60 47.58
N GLY B 277 -13.39 -0.50 46.92
CA GLY B 277 -13.35 0.80 47.56
C GLY B 277 -12.72 1.82 46.64
N GLN B 278 -12.50 3.01 47.17
CA GLN B 278 -11.72 4.03 46.44
C GLN B 278 -10.26 3.62 46.42
N PRO B 279 -9.70 3.26 45.26
CA PRO B 279 -8.30 2.83 45.24
C PRO B 279 -7.34 3.97 45.57
N VAL B 280 -6.29 3.65 46.32
CA VAL B 280 -5.22 4.60 46.67
C VAL B 280 -3.96 4.29 45.86
N PHE B 281 -3.30 3.17 46.15
CA PHE B 281 -2.17 2.71 45.36
C PHE B 281 -2.63 1.58 44.45
N VAL B 282 -2.28 1.68 43.17
CA VAL B 282 -2.45 0.61 42.20
C VAL B 282 -1.04 0.20 41.81
N MET B 283 -0.62 -1.00 42.20
CA MET B 283 0.74 -1.47 41.99
C MET B 283 0.74 -2.78 41.22
N THR B 284 1.85 -3.04 40.54
CA THR B 284 2.05 -4.30 39.83
C THR B 284 3.08 -5.17 40.50
N ARG B 285 2.80 -6.47 40.55
CA ARG B 285 3.84 -7.45 40.85
C ARG B 285 4.96 -7.28 39.81
N PRO B 286 6.22 -7.50 40.20
CA PRO B 286 7.31 -7.16 39.26
C PRO B 286 7.23 -7.87 37.91
N ASP B 287 6.58 -9.04 37.82
CA ASP B 287 6.44 -9.74 36.56
C ASP B 287 5.21 -9.30 35.76
N ASP B 288 4.50 -8.28 36.22
CA ASP B 288 3.39 -7.62 35.52
C ASP B 288 2.13 -8.48 35.44
N ARG B 289 2.09 -9.66 36.04
CA ARG B 289 0.94 -10.55 35.90
C ARG B 289 -0.23 -10.16 36.78
N GLN B 290 0.02 -9.44 37.88
CA GLN B 290 -0.99 -9.09 38.86
C GLN B 290 -0.89 -7.62 39.21
N ILE B 291 -2.05 -7.02 39.46
CA ILE B 291 -2.18 -5.66 39.95
C ILE B 291 -2.71 -5.74 41.38
N TRP B 292 -2.03 -5.06 42.30
CA TRP B 292 -2.39 -5.04 43.72
C TRP B 292 -2.94 -3.65 44.06
N VAL B 293 -4.03 -3.61 44.83
CA VAL B 293 -4.79 -2.39 45.04
C VAL B 293 -5.16 -2.28 46.52
N ASN B 294 -4.88 -1.13 47.13
CA ASN B 294 -5.37 -0.81 48.47
C ASN B 294 -6.30 0.40 48.38
N PHE B 295 -6.99 0.68 49.49
CA PHE B 295 -8.20 1.49 49.42
C PHE B 295 -8.25 2.54 50.54
N ALA B 296 -9.03 3.57 50.29
CA ALA B 296 -9.27 4.61 51.28
C ALA B 296 -10.27 4.14 52.33
N TYR B 297 -10.16 4.71 53.52
CA TYR B 297 -11.18 4.53 54.53
C TYR B 297 -12.55 4.81 53.90
N PRO B 298 -13.59 4.02 54.20
CA PRO B 298 -13.66 2.96 55.23
C PRO B 298 -13.34 1.56 54.73
N ASP B 299 -12.78 1.46 53.53
CA ASP B 299 -12.46 0.17 52.92
C ASP B 299 -10.98 -0.15 53.00
N ASN B 300 -10.28 0.45 53.97
CA ASN B 300 -8.83 0.38 54.04
C ASN B 300 -8.32 -0.82 54.81
N ASP B 301 -9.16 -1.83 55.01
CA ASP B 301 -8.69 -3.10 55.57
C ASP B 301 -8.52 -4.16 54.49
N LYS B 302 -8.76 -3.83 53.23
CA LYS B 302 -8.72 -4.81 52.16
C LYS B 302 -7.61 -4.52 51.17
N VAL B 303 -7.13 -5.58 50.56
CA VAL B 303 -6.21 -5.52 49.42
C VAL B 303 -6.78 -6.46 48.36
N GLN B 304 -7.00 -5.94 47.16
CA GLN B 304 -7.46 -6.78 46.07
C GLN B 304 -6.31 -7.03 45.10
N VAL B 305 -6.33 -8.21 44.51
CA VAL B 305 -5.35 -8.65 43.55
C VAL B 305 -6.08 -8.93 42.25
N ILE B 306 -5.63 -8.30 41.17
CA ILE B 306 -6.29 -8.31 39.88
C ILE B 306 -5.38 -8.99 38.86
N ASP B 307 -5.97 -9.80 37.99
CA ASP B 307 -5.27 -10.44 36.88
C ASP B 307 -5.08 -9.42 35.77
N SER B 308 -3.82 -9.14 35.43
CA SER B 308 -3.55 -8.04 34.51
C SER B 308 -4.02 -8.33 33.09
N GLU B 309 -4.28 -9.60 32.77
CA GLU B 309 -4.78 -10.02 31.46
C GLU B 309 -6.30 -9.98 31.39
N THR B 310 -6.98 -10.66 32.31
CA THR B 310 -8.43 -10.76 32.31
C THR B 310 -9.11 -9.55 32.93
N HIS B 311 -8.38 -8.75 33.68
CA HIS B 311 -8.92 -7.59 34.40
C HIS B 311 -9.91 -8.00 35.49
N GLU B 312 -9.93 -9.27 35.88
CA GLU B 312 -10.80 -9.76 36.93
C GLU B 312 -10.09 -9.73 38.28
N VAL B 313 -10.85 -9.44 39.33
CA VAL B 313 -10.34 -9.57 40.69
C VAL B 313 -10.10 -11.04 40.98
N ILE B 314 -8.85 -11.40 41.24
CA ILE B 314 -8.45 -12.77 41.57
C ILE B 314 -8.83 -13.12 43.01
N GLU B 315 -8.55 -12.21 43.93
CA GLU B 315 -8.73 -12.46 45.35
C GLU B 315 -8.87 -11.14 46.08
N THR B 316 -9.64 -11.16 47.16
CA THR B 316 -9.72 -10.04 48.08
C THR B 316 -9.09 -10.48 49.38
N LEU B 317 -7.99 -9.85 49.74
CA LEU B 317 -7.31 -10.11 51.00
C LEU B 317 -7.82 -9.14 52.06
N ARG B 318 -7.73 -9.57 53.31
CA ARG B 318 -8.06 -8.72 54.45
C ARG B 318 -6.90 -8.78 55.45
N PRO B 319 -5.81 -8.05 55.18
CA PRO B 319 -4.68 -8.11 56.12
C PRO B 319 -5.02 -7.63 57.50
N GLY B 320 -5.88 -6.61 57.61
CA GLY B 320 -6.16 -5.95 58.85
C GLY B 320 -6.50 -4.49 58.64
N PRO B 321 -6.89 -3.81 59.72
CA PRO B 321 -7.34 -2.42 59.59
C PRO B 321 -6.18 -1.46 59.35
N GLY B 322 -6.39 -0.54 58.42
CA GLY B 322 -5.41 0.50 58.15
C GLY B 322 -4.25 0.11 57.25
N VAL B 323 -4.52 -0.61 56.17
CA VAL B 323 -3.48 -0.98 55.22
C VAL B 323 -3.10 0.28 54.43
N LEU B 324 -1.92 0.83 54.70
CA LEU B 324 -1.53 2.10 54.11
C LEU B 324 -0.59 1.97 52.92
N HIS B 325 0.26 0.94 52.90
CA HIS B 325 1.28 0.84 51.87
CA HIS B 325 1.29 0.84 51.89
C HIS B 325 1.63 -0.63 51.66
N MET B 326 2.17 -0.90 50.47
CA MET B 326 2.64 -2.21 50.03
C MET B 326 3.95 -1.99 49.29
N GLU B 327 4.82 -3.00 49.33
CA GLU B 327 6.10 -2.90 48.64
C GLU B 327 6.55 -4.30 48.27
N PHE B 328 6.89 -4.49 46.99
CA PHE B 328 7.41 -5.76 46.50
C PHE B 328 8.93 -5.82 46.65
N SER B 329 9.44 -7.03 46.81
CA SER B 329 10.89 -7.24 46.69
C SER B 329 11.31 -7.06 45.23
N GLY B 330 12.63 -6.97 45.03
CA GLY B 330 13.13 -6.61 43.70
C GLY B 330 12.70 -7.59 42.62
N ARG B 331 12.87 -8.89 42.89
CA ARG B 331 12.50 -9.92 41.93
C ARG B 331 11.07 -10.40 42.09
N GLY B 332 10.35 -9.94 43.11
CA GLY B 332 8.94 -10.22 43.24
C GLY B 332 8.60 -11.46 44.04
N ASP B 333 9.55 -12.04 44.79
CA ASP B 333 9.20 -13.20 45.60
C ASP B 333 8.40 -12.83 46.83
N GLN B 334 8.35 -11.54 47.19
CA GLN B 334 7.67 -11.09 48.39
C GLN B 334 6.88 -9.83 48.10
N VAL B 335 5.79 -9.66 48.83
CA VAL B 335 5.15 -8.34 48.97
C VAL B 335 4.97 -8.07 50.46
N TRP B 336 5.29 -6.85 50.86
CA TRP B 336 5.22 -6.42 52.24
C TRP B 336 4.06 -5.45 52.40
N ILE B 337 3.24 -5.63 53.43
CA ILE B 337 2.02 -4.86 53.61
C ILE B 337 2.00 -4.30 55.03
N SER B 338 1.89 -2.97 55.15
CA SER B 338 1.81 -2.35 56.47
C SER B 338 0.35 -2.28 56.89
N VAL B 339 0.09 -2.61 58.15
CA VAL B 339 -1.27 -2.65 58.69
C VAL B 339 -1.26 -1.72 59.90
N ARG B 340 -1.57 -0.44 59.68
CA ARG B 340 -1.31 0.58 60.70
C ARG B 340 -2.02 0.26 62.00
N ASP B 341 -3.30 -0.09 61.95
CA ASP B 341 -4.09 -0.23 63.17
C ASP B 341 -4.02 -1.63 63.77
N ALA B 342 -3.28 -2.54 63.16
CA ALA B 342 -2.88 -3.77 63.81
C ALA B 342 -1.45 -3.70 64.35
N ASP B 343 -0.77 -2.58 64.19
CA ASP B 343 0.62 -2.45 64.63
C ASP B 343 1.46 -3.62 64.11
N GLN B 344 1.35 -3.85 62.81
CA GLN B 344 1.94 -5.04 62.23
C GLN B 344 2.35 -4.76 60.79
N LEU B 345 3.52 -5.27 60.42
CA LEU B 345 3.98 -5.33 59.05
C LEU B 345 3.93 -6.80 58.64
N GLN B 346 3.22 -7.09 57.56
CA GLN B 346 3.07 -8.47 57.09
C GLN B 346 3.89 -8.68 55.83
N VAL B 347 4.47 -9.88 55.70
CA VAL B 347 5.13 -10.32 54.47
C VAL B 347 4.26 -11.42 53.86
N TRP B 348 3.99 -11.30 52.56
CA TRP B 348 3.18 -12.26 51.85
C TRP B 348 3.95 -12.83 50.66
N ASP B 349 3.58 -14.06 50.29
CA ASP B 349 4.03 -14.67 49.04
C ASP B 349 3.03 -14.26 47.97
N PRO B 350 3.40 -13.39 47.02
CA PRO B 350 2.42 -12.93 46.02
C PRO B 350 2.02 -13.99 45.01
N TYR B 351 2.67 -15.14 44.98
CA TYR B 351 2.28 -16.21 44.08
C TYR B 351 1.24 -17.12 44.73
N ARG B 352 1.50 -17.57 45.95
CA ARG B 352 0.54 -18.38 46.68
C ARG B 352 -0.55 -17.56 47.35
N LEU B 353 -0.37 -16.25 47.44
CA LEU B 353 -1.32 -15.38 48.13
C LEU B 353 -1.52 -15.83 49.57
N LYS B 354 -0.42 -16.04 50.26
CA LYS B 354 -0.45 -16.48 51.65
C LYS B 354 0.59 -15.68 52.45
N ARG B 355 0.28 -15.44 53.73
CA ARG B 355 1.21 -14.78 54.62
C ARG B 355 2.36 -15.70 54.97
N ILE B 356 3.57 -15.13 54.99
CA ILE B 356 4.79 -15.87 55.25
C ILE B 356 5.60 -15.17 56.33
N GLY B 357 5.00 -14.22 57.02
CA GLY B 357 5.71 -13.52 58.07
C GLY B 357 4.99 -12.31 58.60
N SER B 358 5.25 -11.97 59.87
CA SER B 358 4.70 -10.75 60.47
C SER B 358 5.74 -10.19 61.43
N LEU B 359 5.76 -8.86 61.54
CA LEU B 359 6.63 -8.15 62.46
C LEU B 359 5.82 -7.09 63.20
N PRO B 360 6.04 -6.93 64.49
CA PRO B 360 5.35 -5.86 65.22
C PRO B 360 5.95 -4.50 64.86
N ALA B 361 5.09 -3.48 64.91
CA ALA B 361 5.52 -2.12 64.63
C ALA B 361 4.51 -1.15 65.23
N ARG B 362 4.98 0.06 65.47
CA ARG B 362 4.12 1.14 65.99
C ARG B 362 3.52 1.89 64.81
N SER B 363 2.21 1.75 64.62
CA SER B 363 1.44 2.47 63.59
C SER B 363 2.22 2.56 62.26
N PRO B 364 2.61 1.41 61.70
CA PRO B 364 3.42 1.44 60.48
C PRO B 364 2.68 2.06 59.31
N SER B 365 3.42 2.79 58.49
CA SER B 365 2.91 3.35 57.25
C SER B 365 3.84 2.92 56.10
N GLY B 366 4.69 3.82 55.63
CA GLY B 366 5.48 3.53 54.46
C GLY B 366 6.47 2.41 54.69
N ILE B 367 6.64 1.57 53.67
CA ILE B 367 7.63 0.49 53.66
C ILE B 367 8.42 0.61 52.36
N PHE B 368 9.75 0.73 52.48
CA PHE B 368 10.61 0.99 51.34
C PHE B 368 11.82 0.06 51.39
N PHE B 369 12.06 -0.66 50.30
CA PHE B 369 13.26 -1.49 50.21
C PHE B 369 14.29 -0.87 49.28
N SER B 370 15.55 -1.15 49.61
CA SER B 370 16.68 -0.42 49.06
C SER B 370 16.91 -0.66 47.57
N HIS B 371 16.25 -1.65 46.96
CA HIS B 371 16.38 -1.80 45.51
C HIS B 371 15.90 -0.55 44.78
N ARG B 372 15.14 0.32 45.45
CA ARG B 372 14.76 1.59 44.84
C ARG B 372 15.97 2.43 44.42
N ALA B 373 17.13 2.21 45.05
CA ALA B 373 18.32 3.01 44.78
C ALA B 373 18.73 2.96 43.31
N GLN B 374 18.36 1.91 42.58
CA GLN B 374 18.86 1.70 41.23
C GLN B 374 17.89 2.20 40.16
N HIS B 375 16.76 2.79 40.52
CA HIS B 375 15.70 3.07 39.57
C HIS B 375 15.41 4.57 39.50
N ILE B 376 15.49 5.13 38.28
CA ILE B 376 15.09 6.52 38.06
C ILE B 376 13.66 6.70 38.56
N GLY B 377 13.40 7.82 39.25
CA GLY B 377 12.08 8.09 39.76
C GLY B 377 11.77 7.52 41.13
N LEU B 378 12.67 6.71 41.69
CA LEU B 378 12.45 6.13 43.01
C LEU B 378 13.65 6.48 43.88
N PRO C 7 -3.52 7.00 -2.10
CA PRO C 7 -4.41 6.09 -1.35
C PRO C 7 -5.40 6.87 -0.47
N PRO C 8 -6.41 7.48 -1.07
CA PRO C 8 -7.28 8.37 -0.31
C PRO C 8 -8.23 7.61 0.60
N LEU C 9 -8.80 8.35 1.55
CA LEU C 9 -9.80 7.78 2.43
C LEU C 9 -10.98 7.26 1.61
N ARG C 10 -11.50 6.10 2.00
CA ARG C 10 -12.71 5.60 1.38
C ARG C 10 -13.34 4.54 2.27
N GLY C 11 -14.65 4.42 2.17
CA GLY C 11 -15.36 3.39 2.89
C GLY C 11 -15.05 2.00 2.36
N SER C 12 -15.22 1.01 3.23
CA SER C 12 -15.01 -0.39 2.89
C SER C 12 -16.31 -1.14 2.61
N GLY C 13 -17.46 -0.53 2.91
CA GLY C 13 -18.72 -1.27 2.93
C GLY C 13 -19.22 -1.71 1.57
N ASP C 14 -18.75 -1.07 0.51
CA ASP C 14 -19.22 -1.38 -0.85
C ASP C 14 -18.10 -1.94 -1.73
N LEU C 15 -17.02 -2.40 -1.11
CA LEU C 15 -15.88 -2.92 -1.85
C LEU C 15 -16.02 -4.41 -2.09
N GLY C 16 -15.56 -4.85 -3.27
CA GLY C 16 -15.63 -6.25 -3.63
C GLY C 16 -14.34 -6.74 -4.26
N VAL C 17 -14.30 -8.05 -4.45
CA VAL C 17 -13.16 -8.71 -5.09
C VAL C 17 -13.68 -9.59 -6.21
N LEU C 18 -13.09 -9.42 -7.39
CA LEU C 18 -13.34 -10.27 -8.55
C LEU C 18 -12.13 -11.17 -8.75
N ILE C 19 -12.36 -12.49 -8.70
CA ILE C 19 -11.31 -13.45 -9.04
C ILE C 19 -11.18 -13.52 -10.55
N GLU C 20 -9.94 -13.50 -11.05
CA GLU C 20 -9.66 -13.66 -12.47
C GLU C 20 -8.95 -15.00 -12.69
N ARG C 21 -9.42 -15.78 -13.68
CA ARG C 21 -8.75 -17.02 -14.10
C ARG C 21 -7.76 -16.76 -15.25
N ALA C 22 -6.76 -15.96 -14.97
CA ALA C 22 -5.75 -15.68 -15.98
C ALA C 22 -4.38 -15.93 -15.35
N ASP C 23 -3.72 -14.88 -14.88
CA ASP C 23 -2.35 -14.98 -14.39
C ASP C 23 -2.27 -14.53 -12.92
N GLY C 24 -3.00 -15.23 -12.07
CA GLY C 24 -2.99 -15.01 -10.63
C GLY C 24 -3.40 -13.62 -10.19
N SER C 25 -4.45 -13.07 -10.79
CA SER C 25 -4.84 -11.68 -10.55
C SER C 25 -6.26 -11.59 -10.00
N VAL C 26 -6.52 -10.49 -9.29
CA VAL C 26 -7.86 -10.11 -8.87
C VAL C 26 -8.07 -8.64 -9.20
N GLN C 27 -9.34 -8.24 -9.20
CA GLN C 27 -9.69 -6.82 -9.26
C GLN C 27 -10.41 -6.44 -7.97
N ILE C 28 -10.13 -5.25 -7.47
CA ILE C 28 -10.83 -4.68 -6.32
C ILE C 28 -11.89 -3.71 -6.85
N LEU C 29 -13.13 -3.87 -6.40
CA LEU C 29 -14.26 -3.19 -7.02
C LEU C 29 -14.88 -2.16 -6.07
N ASP C 30 -15.30 -1.04 -6.64
CA ASP C 30 -16.10 -0.01 -5.98
C ASP C 30 -17.54 -0.32 -6.34
N GLY C 31 -18.29 -0.90 -5.41
CA GLY C 31 -19.66 -1.31 -5.72
C GLY C 31 -20.61 -0.16 -6.01
N THR C 32 -20.44 0.97 -5.33
CA THR C 32 -21.35 2.10 -5.55
C THR C 32 -21.11 2.72 -6.91
N ALA C 33 -19.85 3.03 -7.24
CA ALA C 33 -19.51 3.58 -8.54
C ALA C 33 -19.55 2.54 -9.66
N LYS C 34 -19.61 1.25 -9.31
CA LYS C 34 -19.64 0.16 -10.30
C LYS C 34 -18.39 0.19 -11.18
N THR C 35 -17.23 0.31 -10.54
CA THR C 35 -15.97 0.50 -11.25
C THR C 35 -14.91 -0.38 -10.60
N SER C 36 -13.77 -0.49 -11.29
CA SER C 36 -12.59 -1.17 -10.76
C SER C 36 -11.65 -0.14 -10.14
N LEU C 37 -11.19 -0.42 -8.92
CA LEU C 37 -10.19 0.44 -8.28
C LEU C 37 -8.77 0.01 -8.63
N ALA C 38 -8.57 -1.26 -8.94
CA ALA C 38 -7.22 -1.75 -9.20
C ALA C 38 -7.25 -3.21 -9.61
N ARG C 39 -6.24 -3.63 -10.34
CA ARG C 39 -5.92 -5.05 -10.49
C ARG C 39 -4.70 -5.33 -9.64
N VAL C 40 -4.74 -6.41 -8.88
CA VAL C 40 -3.63 -6.83 -8.03
C VAL C 40 -3.18 -8.19 -8.53
N GLU C 41 -1.87 -8.34 -8.73
CA GLU C 41 -1.28 -9.56 -9.25
C GLU C 41 -0.57 -10.29 -8.11
N GLY C 42 -0.06 -11.48 -8.42
CA GLY C 42 0.76 -12.23 -7.50
C GLY C 42 0.07 -13.27 -6.65
N LEU C 43 -1.16 -13.67 -6.99
CA LEU C 43 -1.93 -14.59 -6.15
C LEU C 43 -1.87 -16.03 -6.65
N GLY C 44 -0.90 -16.36 -7.51
CA GLY C 44 -0.68 -17.76 -7.87
C GLY C 44 -1.84 -18.33 -8.66
N ASP C 45 -2.25 -19.55 -8.30
CA ASP C 45 -3.25 -20.30 -9.06
C ASP C 45 -4.63 -20.08 -8.47
N LEU C 46 -5.43 -19.24 -9.13
CA LEU C 46 -6.79 -18.93 -8.73
C LEU C 46 -7.83 -19.68 -9.57
N SER C 47 -7.38 -20.66 -10.36
CA SER C 47 -8.30 -21.44 -11.19
CA SER C 47 -8.30 -21.44 -11.19
C SER C 47 -9.51 -21.90 -10.38
N HIS C 48 -9.27 -22.36 -9.17
CA HIS C 48 -10.29 -22.52 -8.15
C HIS C 48 -9.91 -21.54 -7.05
N ALA C 49 -10.88 -20.82 -6.49
CA ALA C 49 -10.56 -19.94 -5.37
C ALA C 49 -11.82 -19.62 -4.61
N SER C 50 -11.66 -19.37 -3.33
CA SER C 50 -12.72 -18.83 -2.47
C SER C 50 -12.13 -17.71 -1.62
N LEU C 51 -13.00 -16.99 -0.90
CA LEU C 51 -12.46 -16.00 0.02
C LEU C 51 -13.48 -15.61 1.06
N VAL C 52 -12.96 -15.03 2.15
CA VAL C 52 -13.74 -14.39 3.20
C VAL C 52 -13.06 -13.06 3.50
N PHE C 53 -13.72 -12.27 4.35
CA PHE C 53 -13.28 -10.92 4.68
C PHE C 53 -13.04 -10.77 6.17
N SER C 54 -12.07 -9.93 6.51
CA SER C 54 -11.87 -9.48 7.88
C SER C 54 -13.09 -8.69 8.35
N ARG C 55 -13.26 -8.66 9.67
CA ARG C 55 -14.47 -8.09 10.24
C ARG C 55 -14.58 -6.59 10.07
N ASP C 56 -13.49 -5.89 9.77
CA ASP C 56 -13.55 -4.47 9.43
C ASP C 56 -13.72 -4.23 7.93
N GLN C 57 -13.85 -5.31 7.15
CA GLN C 57 -14.09 -5.26 5.71
C GLN C 57 -12.92 -4.67 4.94
N ARG C 58 -11.74 -4.55 5.57
CA ARG C 58 -10.58 -4.00 4.90
C ARG C 58 -9.81 -5.05 4.10
N TYR C 59 -9.76 -6.29 4.60
CA TYR C 59 -8.95 -7.33 4.01
C TYR C 59 -9.83 -8.46 3.50
N ALA C 60 -9.41 -9.05 2.39
CA ALA C 60 -9.96 -10.30 1.90
C ALA C 60 -8.91 -11.39 2.08
N TYR C 61 -9.33 -12.57 2.55
CA TYR C 61 -8.46 -13.74 2.63
C TYR C 61 -8.84 -14.65 1.47
N VAL C 62 -7.93 -14.77 0.52
CA VAL C 62 -8.15 -15.55 -0.71
C VAL C 62 -7.48 -16.90 -0.55
N PHE C 63 -8.26 -17.97 -0.72
CA PHE C 63 -7.78 -19.33 -0.65
C PHE C 63 -7.66 -19.89 -2.06
N GLY C 64 -6.44 -20.22 -2.46
CA GLY C 64 -6.15 -20.61 -3.82
C GLY C 64 -5.98 -22.11 -4.00
N ARG C 65 -6.23 -22.57 -5.23
N ARG C 65 -6.18 -22.56 -5.23
CA ARG C 65 -6.03 -23.97 -5.59
CA ARG C 65 -6.04 -23.97 -5.56
C ARG C 65 -4.64 -24.46 -5.20
C ARG C 65 -4.64 -24.48 -5.24
N ASP C 66 -3.64 -23.60 -5.34
CA ASP C 66 -2.25 -23.93 -5.04
C ASP C 66 -1.95 -23.95 -3.54
N GLY C 67 -2.95 -23.88 -2.68
CA GLY C 67 -2.71 -23.74 -1.25
C GLY C 67 -2.28 -22.37 -0.83
N GLY C 68 -2.32 -21.38 -1.73
CA GLY C 68 -1.98 -20.03 -1.35
C GLY C 68 -3.04 -19.42 -0.45
N LEU C 69 -2.60 -18.76 0.62
CA LEU C 69 -3.45 -17.97 1.49
C LEU C 69 -2.99 -16.52 1.37
N THR C 70 -3.82 -15.68 0.76
CA THR C 70 -3.45 -14.29 0.52
C THR C 70 -4.34 -13.36 1.33
N LYS C 71 -3.71 -12.52 2.15
CA LYS C 71 -4.39 -11.44 2.86
C LYS C 71 -4.28 -10.21 1.97
N LEU C 72 -5.37 -9.88 1.31
CA LEU C 72 -5.42 -8.81 0.31
C LEU C 72 -5.97 -7.55 0.96
N ASP C 73 -5.23 -6.45 0.82
CA ASP C 73 -5.60 -5.16 1.40
C ASP C 73 -6.44 -4.41 0.38
N LEU C 74 -7.73 -4.30 0.66
CA LEU C 74 -8.64 -3.66 -0.28
C LEU C 74 -8.44 -2.15 -0.34
N LEU C 75 -7.94 -1.55 0.74
CA LEU C 75 -7.79 -0.09 0.82
C LEU C 75 -6.44 0.38 0.30
N ALA C 76 -5.36 -0.32 0.65
CA ALA C 76 -4.06 -0.03 0.07
C ALA C 76 -3.85 -0.74 -1.27
N GLN C 77 -4.77 -1.62 -1.65
CA GLN C 77 -4.78 -2.27 -2.96
C GLN C 77 -3.46 -2.98 -3.21
N ARG C 78 -3.15 -3.92 -2.32
CA ARG C 78 -1.90 -4.66 -2.41
C ARG C 78 -2.05 -5.94 -1.60
N ILE C 79 -1.17 -6.89 -1.87
CA ILE C 79 -1.04 -8.04 -1.00
C ILE C 79 -0.40 -7.60 0.30
N ASP C 80 -1.08 -7.84 1.42
CA ASP C 80 -0.53 -7.49 2.71
C ASP C 80 0.35 -8.61 3.23
N LYS C 81 -0.12 -9.86 3.11
CA LYS C 81 0.63 -11.04 3.49
C LYS C 81 0.22 -12.16 2.54
N ARG C 82 1.12 -13.11 2.31
CA ARG C 82 0.81 -14.27 1.48
C ARG C 82 1.68 -15.44 1.91
N LEU C 83 1.07 -16.61 1.98
CA LEU C 83 1.81 -17.84 2.21
C LEU C 83 1.24 -18.89 1.27
N ILE C 84 2.04 -19.93 1.03
CA ILE C 84 1.61 -21.08 0.26
C ILE C 84 1.82 -22.27 1.17
N GLN C 85 0.73 -22.88 1.61
CA GLN C 85 0.73 -24.04 2.47
C GLN C 85 0.43 -25.26 1.60
N GLY C 86 1.42 -26.12 1.42
CA GLY C 86 1.21 -27.29 0.60
C GLY C 86 0.09 -28.15 1.14
N GLY C 87 -0.80 -28.60 0.27
CA GLY C 87 -1.91 -29.45 0.66
C GLY C 87 -3.15 -28.70 1.10
N ASN C 88 -3.11 -27.37 1.18
CA ASN C 88 -4.29 -26.61 1.55
C ASN C 88 -5.27 -26.56 0.39
N SER C 89 -6.57 -26.65 0.70
CA SER C 89 -7.62 -26.62 -0.29
C SER C 89 -8.23 -25.23 -0.35
N ILE C 90 -9.21 -25.03 -1.24
CA ILE C 90 -9.91 -23.76 -1.31
C ILE C 90 -10.96 -23.60 -0.22
N GLY C 91 -11.19 -24.63 0.59
CA GLY C 91 -12.14 -24.46 1.68
C GLY C 91 -11.57 -23.67 2.86
N GLY C 92 -12.08 -22.45 3.09
CA GLY C 92 -11.55 -21.59 4.15
C GLY C 92 -12.64 -20.78 4.80
N ALA C 93 -12.43 -20.42 6.07
CA ALA C 93 -13.44 -19.77 6.87
C ALA C 93 -12.79 -18.88 7.91
N ILE C 94 -13.53 -17.87 8.37
CA ILE C 94 -13.03 -16.94 9.38
C ILE C 94 -13.91 -17.01 10.61
N SER C 95 -13.29 -16.87 11.78
CA SER C 95 -13.96 -17.14 13.03
C SER C 95 -14.92 -15.99 13.40
N GLN C 96 -15.76 -16.28 14.41
CA GLN C 96 -16.81 -15.36 14.83
C GLN C 96 -16.24 -14.04 15.35
N ASP C 97 -15.07 -14.07 15.99
CA ASP C 97 -14.44 -12.85 16.47
C ASP C 97 -13.43 -12.29 15.47
N GLY C 98 -13.28 -12.92 14.31
CA GLY C 98 -12.39 -12.47 13.27
C GLY C 98 -10.91 -12.71 13.50
N ARG C 99 -10.54 -13.35 14.61
CA ARG C 99 -9.14 -13.54 14.96
C ARG C 99 -8.49 -14.73 14.25
N LEU C 100 -9.28 -15.71 13.82
CA LEU C 100 -8.74 -16.96 13.29
C LEU C 100 -9.29 -17.24 11.89
N VAL C 101 -8.40 -17.68 11.00
CA VAL C 101 -8.77 -18.13 9.66
C VAL C 101 -8.41 -19.60 9.54
N ALA C 102 -9.40 -20.44 9.23
CA ALA C 102 -9.20 -21.88 9.12
C ALA C 102 -9.23 -22.30 7.65
N VAL C 103 -8.41 -23.31 7.34
CA VAL C 103 -8.30 -23.82 5.97
C VAL C 103 -8.23 -25.34 6.01
N SER C 104 -9.07 -26.00 5.22
CA SER C 104 -9.02 -27.44 5.05
C SER C 104 -7.78 -27.86 4.26
N ASN C 105 -7.29 -29.06 4.53
CA ASN C 105 -6.17 -29.56 3.75
C ASN C 105 -6.37 -31.05 3.47
N TYR C 106 -5.85 -31.49 2.32
CA TYR C 106 -5.89 -32.90 1.95
C TYR C 106 -4.56 -33.60 2.18
N GLU C 107 -3.49 -32.85 2.35
CA GLU C 107 -2.16 -33.39 2.65
C GLU C 107 -1.61 -32.57 3.79
N PRO C 108 -1.43 -33.14 4.99
CA PRO C 108 -1.64 -34.54 5.40
C PRO C 108 -3.11 -34.96 5.48
N GLY C 109 -4.00 -34.00 5.68
CA GLY C 109 -5.41 -34.25 5.88
C GLY C 109 -5.86 -33.72 7.23
N GLY C 110 -6.63 -32.65 7.24
CA GLY C 110 -7.05 -31.99 8.46
C GLY C 110 -7.38 -30.52 8.20
N VAL C 111 -7.20 -29.71 9.24
CA VAL C 111 -7.51 -28.28 9.18
C VAL C 111 -6.36 -27.53 9.84
N LYS C 112 -5.88 -26.48 9.17
CA LYS C 112 -4.90 -25.57 9.73
C LYS C 112 -5.57 -24.24 10.01
N VAL C 113 -5.21 -23.62 11.12
CA VAL C 113 -5.81 -22.38 11.58
C VAL C 113 -4.71 -21.34 11.72
N PHE C 114 -4.95 -20.14 11.19
CA PHE C 114 -3.96 -19.09 11.11
C PHE C 114 -4.47 -17.81 11.77
N ASP C 115 -3.54 -17.08 12.39
CA ASP C 115 -3.83 -15.74 12.92
C ASP C 115 -4.22 -14.83 11.77
N SER C 116 -5.34 -14.13 11.92
CA SER C 116 -5.87 -13.39 10.77
C SER C 116 -5.06 -12.13 10.47
N ARG C 117 -4.27 -11.64 11.44
CA ARG C 117 -3.46 -10.45 11.20
C ARG C 117 -2.12 -10.79 10.57
N THR C 118 -1.44 -11.83 11.06
CA THR C 118 -0.09 -12.15 10.63
C THR C 118 0.00 -13.36 9.71
N LEU C 119 -1.06 -14.16 9.63
CA LEU C 119 -1.07 -15.43 8.92
C LEU C 119 -0.13 -16.46 9.54
N GLU C 120 0.28 -16.24 10.79
CA GLU C 120 1.04 -17.27 11.51
C GLU C 120 0.17 -18.48 11.80
N LEU C 121 0.74 -19.67 11.66
CA LEU C 121 0.01 -20.89 11.99
C LEU C 121 -0.13 -21.00 13.50
N VAL C 122 -1.35 -21.14 13.99
CA VAL C 122 -1.60 -21.21 15.42
C VAL C 122 -2.15 -22.56 15.87
N ALA C 123 -2.76 -23.33 14.97
CA ALA C 123 -3.27 -24.64 15.35
C ALA C 123 -3.28 -25.54 14.13
N GLU C 124 -3.05 -26.83 14.37
CA GLU C 124 -3.19 -27.86 13.35
C GLU C 124 -4.08 -28.95 13.92
N ILE C 125 -5.10 -29.33 13.17
CA ILE C 125 -6.03 -30.38 13.58
C ILE C 125 -5.96 -31.52 12.56
N PRO C 126 -5.22 -32.58 12.86
CA PRO C 126 -5.16 -33.71 11.92
C PRO C 126 -6.45 -34.50 11.93
N ALA C 127 -6.87 -34.95 10.75
CA ALA C 127 -8.05 -35.79 10.67
C ALA C 127 -7.71 -37.22 11.06
N THR C 128 -8.72 -38.08 11.10
CA THR C 128 -8.51 -39.49 11.35
C THR C 128 -7.53 -40.08 10.34
N ARG C 129 -6.64 -40.92 10.82
CA ARG C 129 -5.65 -41.54 9.94
C ARG C 129 -6.31 -42.52 8.98
N LEU C 130 -5.70 -42.64 7.81
CA LEU C 130 -6.05 -43.68 6.85
C LEU C 130 -5.01 -44.79 6.91
N PRO C 131 -5.42 -46.04 6.87
CA PRO C 131 -4.43 -47.13 6.90
C PRO C 131 -3.61 -47.20 5.62
N GLY C 132 -2.35 -47.58 5.76
CA GLY C 132 -1.50 -47.87 4.63
C GLY C 132 -0.94 -46.67 3.88
N GLN C 133 -1.21 -45.44 4.34
CA GLN C 133 -0.62 -44.27 3.70
C GLN C 133 -0.12 -43.30 4.73
N ASP C 134 0.74 -42.38 4.28
CA ASP C 134 1.16 -41.26 5.10
C ASP C 134 0.14 -40.13 4.97
N ARG C 135 -1.13 -40.45 5.21
CA ARG C 135 -2.23 -39.52 5.02
C ARG C 135 -3.32 -39.72 6.06
N ASN C 136 -4.09 -38.66 6.28
CA ASN C 136 -5.34 -38.68 7.02
C ASN C 136 -6.49 -38.47 6.04
N SER C 137 -7.71 -38.64 6.53
CA SER C 137 -8.87 -38.32 5.73
C SER C 137 -8.78 -36.89 5.21
N ARG C 138 -9.18 -36.68 3.97
CA ARG C 138 -9.31 -35.30 3.54
C ARG C 138 -10.53 -34.69 4.19
N VAL C 139 -10.52 -33.36 4.31
CA VAL C 139 -11.54 -32.62 5.02
C VAL C 139 -12.30 -31.77 4.02
N VAL C 140 -13.62 -31.72 4.18
CA VAL C 140 -14.52 -30.97 3.32
C VAL C 140 -15.53 -30.23 4.19
N GLY C 141 -16.26 -29.32 3.57
CA GLY C 141 -17.41 -28.70 4.24
C GLY C 141 -17.03 -27.88 5.44
N LEU C 142 -15.89 -27.23 5.40
CA LEU C 142 -15.41 -26.42 6.52
C LEU C 142 -16.22 -25.14 6.61
N VAL C 143 -16.84 -24.91 7.77
CA VAL C 143 -17.54 -23.65 8.02
C VAL C 143 -17.15 -23.10 9.40
N ASP C 144 -17.30 -21.79 9.55
CA ASP C 144 -17.33 -21.15 10.85
C ASP C 144 -18.74 -21.27 11.42
N ALA C 145 -18.84 -21.25 12.74
CA ALA C 145 -20.11 -21.41 13.43
C ALA C 145 -20.12 -20.52 14.67
N PRO C 146 -21.31 -20.20 15.19
CA PRO C 146 -21.38 -19.41 16.42
C PRO C 146 -20.70 -20.13 17.57
N GLY C 147 -20.26 -19.34 18.55
CA GLY C 147 -19.50 -19.88 19.66
C GLY C 147 -18.03 -20.10 19.36
N GLN C 148 -17.45 -19.31 18.46
CA GLN C 148 -16.04 -19.42 18.11
C GLN C 148 -15.69 -20.85 17.74
N ARG C 149 -16.48 -21.42 16.84
CA ARG C 149 -16.35 -22.80 16.41
C ARG C 149 -16.03 -22.86 14.92
N PHE C 150 -15.36 -23.92 14.53
CA PHE C 150 -15.31 -24.38 13.15
C PHE C 150 -15.89 -25.78 13.10
N VAL C 151 -16.59 -26.10 12.02
CA VAL C 151 -17.22 -27.40 11.84
C VAL C 151 -16.85 -27.91 10.46
N PHE C 152 -16.53 -29.20 10.36
CA PHE C 152 -16.07 -29.76 9.10
C PHE C 152 -16.30 -31.26 9.07
N SER C 153 -16.25 -31.82 7.86
CA SER C 153 -16.53 -33.23 7.64
C SER C 153 -15.30 -33.94 7.08
N LEU C 154 -15.21 -35.24 7.39
CA LEU C 154 -14.11 -36.11 6.94
C LEU C 154 -14.64 -37.01 5.83
N PHE C 155 -14.21 -36.75 4.60
CA PHE C 155 -14.74 -37.46 3.44
C PHE C 155 -14.45 -38.96 3.52
N ASP C 156 -13.22 -39.32 3.86
CA ASP C 156 -12.80 -40.71 3.74
C ASP C 156 -13.33 -41.56 4.89
N SER C 157 -13.40 -41.01 6.10
CA SER C 157 -13.75 -41.80 7.28
C SER C 157 -15.18 -41.59 7.75
N GLY C 158 -15.93 -40.67 7.13
CA GLY C 158 -17.34 -40.50 7.40
C GLY C 158 -17.65 -39.92 8.76
N GLU C 159 -17.12 -38.73 9.02
CA GLU C 159 -17.24 -38.09 10.33
C GLU C 159 -17.56 -36.62 10.15
N ILE C 160 -18.11 -36.03 11.22
CA ILE C 160 -18.27 -34.59 11.35
C ILE C 160 -17.63 -34.20 12.68
N TRP C 161 -16.81 -33.16 12.65
CA TRP C 161 -16.11 -32.67 13.84
C TRP C 161 -16.46 -31.22 14.12
N ILE C 162 -16.58 -30.89 15.41
CA ILE C 162 -16.64 -29.52 15.90
C ILE C 162 -15.31 -29.20 16.56
N ALA C 163 -14.65 -28.12 16.12
CA ALA C 163 -13.46 -27.58 16.77
C ALA C 163 -13.85 -26.26 17.43
N ASP C 164 -13.81 -26.23 18.76
CA ASP C 164 -14.27 -25.11 19.56
C ASP C 164 -13.04 -24.34 20.03
N PHE C 165 -12.87 -23.12 19.54
CA PHE C 165 -11.71 -22.29 19.86
C PHE C 165 -12.03 -21.23 20.92
N SER C 166 -13.13 -21.37 21.64
CA SER C 166 -13.58 -20.34 22.57
CA SER C 166 -13.57 -20.34 22.55
C SER C 166 -12.61 -20.13 23.72
N GLN C 167 -11.74 -21.09 23.99
CA GLN C 167 -10.81 -21.01 25.10
C GLN C 167 -9.37 -20.73 24.67
N GLY C 168 -9.12 -20.45 23.39
CA GLY C 168 -7.78 -20.12 22.97
C GLY C 168 -7.41 -20.85 21.69
N ASP C 169 -6.10 -20.92 21.43
CA ASP C 169 -5.57 -21.53 20.21
C ASP C 169 -5.61 -23.04 20.21
N THR C 170 -5.89 -23.69 21.36
CA THR C 170 -5.97 -25.15 21.41
C THR C 170 -7.44 -25.55 21.45
N PRO C 171 -7.99 -26.10 20.37
CA PRO C 171 -9.43 -26.31 20.32
C PRO C 171 -9.89 -27.53 21.10
N HIS C 172 -11.14 -27.46 21.55
CA HIS C 172 -11.82 -28.64 22.08
C HIS C 172 -12.60 -29.26 20.94
N LEU C 173 -12.35 -30.54 20.69
CA LEU C 173 -12.94 -31.25 19.57
C LEU C 173 -14.06 -32.17 20.02
N THR C 174 -15.16 -32.15 19.28
CA THR C 174 -16.25 -33.10 19.42
C THR C 174 -16.37 -33.86 18.10
N ARG C 175 -16.34 -35.19 18.16
CA ARG C 175 -16.23 -36.02 16.98
C ARG C 175 -17.47 -36.89 16.86
N PHE C 176 -18.15 -36.79 15.72
CA PHE C 176 -19.30 -37.63 15.42
C PHE C 176 -18.90 -38.61 14.33
N ARG C 177 -18.93 -39.90 14.66
CA ARG C 177 -18.56 -40.94 13.71
C ARG C 177 -19.80 -41.58 13.10
N ASP C 178 -19.56 -42.33 12.02
CA ASP C 178 -20.62 -43.05 11.32
C ASP C 178 -21.78 -42.15 10.93
N ILE C 179 -21.45 -40.97 10.39
CA ILE C 179 -22.48 -40.00 10.04
C ILE C 179 -23.07 -40.22 8.66
N GLY C 180 -22.43 -41.02 7.84
CA GLY C 180 -22.82 -41.22 6.46
C GLY C 180 -21.56 -41.44 5.64
N LYS C 181 -21.72 -42.16 4.53
CA LYS C 181 -20.59 -42.55 3.71
C LYS C 181 -20.18 -41.42 2.79
N GLN C 182 -18.94 -40.96 2.93
CA GLN C 182 -18.30 -39.97 2.07
C GLN C 182 -19.10 -38.68 2.02
N PRO C 183 -19.19 -37.97 3.13
CA PRO C 183 -19.66 -36.58 3.08
C PRO C 183 -18.68 -35.77 2.25
N TYR C 184 -19.21 -35.05 1.25
CA TYR C 184 -18.36 -34.43 0.25
C TYR C 184 -18.37 -32.91 0.30
N ASP C 185 -19.32 -32.32 1.02
CA ASP C 185 -19.50 -30.87 1.11
C ASP C 185 -20.49 -30.65 2.24
N ALA C 186 -20.58 -29.40 2.69
CA ALA C 186 -21.53 -29.08 3.75
C ALA C 186 -21.92 -27.62 3.66
N LEU C 187 -22.95 -27.26 4.41
CA LEU C 187 -23.35 -25.89 4.61
C LEU C 187 -23.71 -25.71 6.09
N ILE C 188 -23.79 -24.46 6.50
CA ILE C 188 -24.39 -24.10 7.78
C ILE C 188 -25.59 -23.21 7.48
N SER C 189 -26.68 -23.41 8.21
CA SER C 189 -27.90 -22.67 7.93
C SER C 189 -27.67 -21.19 8.20
N PRO C 190 -28.46 -20.31 7.57
CA PRO C 190 -28.18 -18.88 7.71
C PRO C 190 -28.24 -18.37 9.14
N ASP C 191 -29.02 -19.02 10.01
CA ASP C 191 -29.06 -18.61 11.41
C ASP C 191 -27.91 -19.19 12.22
N GLY C 192 -27.04 -19.99 11.61
CA GLY C 192 -25.92 -20.57 12.32
C GLY C 192 -26.25 -21.77 13.16
N ARG C 193 -27.48 -22.30 13.06
CA ARG C 193 -27.86 -23.34 14.01
C ARG C 193 -27.55 -24.75 13.52
N TYR C 194 -27.78 -25.04 12.23
CA TYR C 194 -27.70 -26.40 11.71
C TYR C 194 -26.56 -26.55 10.72
N TYR C 195 -25.80 -27.63 10.88
CA TYR C 195 -24.78 -28.04 9.93
C TYR C 195 -25.33 -29.22 9.14
N MET C 196 -25.22 -29.14 7.81
CA MET C 196 -25.75 -30.18 6.93
C MET C 196 -24.68 -30.61 5.96
N ALA C 197 -24.29 -31.88 6.03
CA ALA C 197 -23.32 -32.45 5.11
C ALA C 197 -24.02 -33.32 4.07
N GLY C 198 -23.69 -33.12 2.80
CA GLY C 198 -24.22 -33.95 1.73
C GLY C 198 -23.35 -35.17 1.55
N LEU C 199 -23.99 -36.32 1.31
CA LEU C 199 -23.32 -37.61 1.19
C LEU C 199 -23.16 -38.00 -0.26
N PHE C 200 -22.00 -38.61 -0.56
CA PHE C 200 -21.66 -39.09 -1.90
C PHE C 200 -21.72 -40.61 -2.00
N GLY C 201 -21.39 -41.33 -0.95
CA GLY C 201 -21.40 -42.78 -0.97
C GLY C 201 -22.75 -43.39 -0.73
N GLU C 202 -23.75 -42.54 -0.46
CA GLU C 202 -25.13 -42.95 -0.27
C GLU C 202 -25.96 -41.68 -0.40
N ASP C 203 -27.28 -41.83 -0.43
CA ASP C 203 -28.13 -40.66 -0.55
C ASP C 203 -28.41 -40.06 0.83
N GLY C 204 -28.83 -38.81 0.83
CA GLY C 204 -29.27 -38.14 2.03
C GLY C 204 -28.26 -37.12 2.51
N MET C 205 -28.65 -36.44 3.58
CA MET C 205 -27.85 -35.40 4.22
CA MET C 205 -27.78 -35.45 4.21
C MET C 205 -27.72 -35.70 5.71
N ALA C 206 -26.55 -35.46 6.26
CA ALA C 206 -26.31 -35.61 7.70
C ALA C 206 -26.47 -34.23 8.34
N GLN C 207 -27.43 -34.12 9.26
CA GLN C 207 -27.76 -32.86 9.90
C GLN C 207 -27.33 -32.91 11.36
N LEU C 208 -26.59 -31.89 11.79
CA LEU C 208 -26.16 -31.72 13.16
C LEU C 208 -26.77 -30.44 13.71
N ASP C 209 -27.43 -30.53 14.87
CA ASP C 209 -28.00 -29.36 15.54
C ASP C 209 -26.92 -28.80 16.46
N LEU C 210 -26.31 -27.71 16.04
CA LEU C 210 -25.19 -27.14 16.78
C LEU C 210 -25.61 -26.60 18.15
N TRP C 211 -26.90 -26.33 18.35
CA TRP C 211 -27.38 -25.99 19.69
C TRP C 211 -27.40 -27.21 20.61
N HIS C 212 -27.48 -28.41 20.04
CA HIS C 212 -27.70 -29.63 20.82
C HIS C 212 -26.83 -30.74 20.25
N PRO C 213 -25.51 -30.56 20.27
CA PRO C 213 -24.62 -31.61 19.75
C PRO C 213 -24.81 -32.94 20.44
N GLU C 214 -25.32 -32.96 21.67
CA GLU C 214 -25.51 -34.21 22.39
C GLU C 214 -26.58 -35.09 21.73
N ARG C 215 -27.38 -34.52 20.83
CA ARG C 215 -28.39 -35.31 20.14
C ARG C 215 -27.81 -36.05 18.94
N GLY C 216 -26.60 -35.75 18.54
CA GLY C 216 -25.99 -36.47 17.44
C GLY C 216 -26.43 -35.96 16.08
N VAL C 217 -26.11 -36.78 15.08
CA VAL C 217 -26.35 -36.45 13.68
C VAL C 217 -27.57 -37.22 13.20
N ARG C 218 -28.48 -36.53 12.53
CA ARG C 218 -29.72 -37.09 12.03
C ARG C 218 -29.71 -37.09 10.51
N ARG C 219 -30.23 -38.16 9.90
CA ARG C 219 -30.30 -38.26 8.45
C ARG C 219 -31.57 -37.58 7.96
N VAL C 220 -31.43 -36.61 7.06
CA VAL C 220 -32.57 -35.90 6.51
C VAL C 220 -32.48 -35.93 4.99
N LEU C 221 -33.59 -35.62 4.34
CA LEU C 221 -33.66 -35.54 2.88
C LEU C 221 -33.05 -36.79 2.27
N GLY C 222 -33.57 -37.94 2.70
CA GLY C 222 -32.86 -39.19 2.50
C GLY C 222 -32.68 -39.58 1.06
N ASP C 223 -33.53 -39.08 0.16
CA ASP C 223 -33.48 -39.48 -1.23
C ASP C 223 -32.75 -38.47 -2.11
N TYR C 224 -32.08 -37.49 -1.52
CA TYR C 224 -31.33 -36.49 -2.28
C TYR C 224 -29.90 -36.97 -2.48
N GLY C 225 -29.55 -37.25 -3.72
CA GLY C 225 -28.21 -37.71 -4.02
C GLY C 225 -28.16 -38.32 -5.40
N ARG C 226 -27.04 -38.97 -5.69
CA ARG C 226 -26.84 -39.57 -7.00
C ARG C 226 -27.54 -40.91 -7.16
N GLY C 227 -28.08 -41.48 -6.07
CA GLY C 227 -28.75 -42.76 -6.17
C GLY C 227 -27.76 -43.81 -6.63
N GLN C 228 -28.20 -44.62 -7.58
CA GLN C 228 -27.34 -45.65 -8.16
C GLN C 228 -26.55 -45.16 -9.36
N ARG C 229 -26.68 -43.88 -9.71
CA ARG C 229 -25.88 -43.32 -10.79
C ARG C 229 -24.45 -43.14 -10.33
N LYS C 230 -23.50 -43.42 -11.21
CA LYS C 230 -22.10 -43.30 -10.84
C LYS C 230 -21.55 -41.96 -11.31
N LEU C 231 -22.16 -40.90 -10.80
CA LEU C 231 -21.63 -39.57 -11.02
C LEU C 231 -20.35 -39.38 -10.22
N PRO C 232 -19.34 -38.71 -10.77
CA PRO C 232 -18.14 -38.39 -9.98
C PRO C 232 -18.44 -37.35 -8.92
N VAL C 233 -17.61 -37.35 -7.88
CA VAL C 233 -17.87 -36.49 -6.72
C VAL C 233 -17.89 -35.03 -7.14
N TYR C 234 -17.05 -34.66 -8.12
CA TYR C 234 -17.02 -33.28 -8.59
C TYR C 234 -18.25 -32.92 -9.43
N LYS C 235 -19.10 -33.89 -9.76
CA LYS C 235 -20.36 -33.66 -10.45
C LYS C 235 -21.53 -33.50 -9.49
N MET C 236 -21.31 -33.68 -8.19
CA MET C 236 -22.37 -33.46 -7.23
C MET C 236 -22.58 -31.95 -7.04
N PRO C 237 -23.79 -31.53 -6.68
CA PRO C 237 -24.00 -30.09 -6.50
C PRO C 237 -23.17 -29.53 -5.35
N HIS C 238 -22.71 -28.29 -5.55
CA HIS C 238 -22.03 -27.54 -4.49
C HIS C 238 -23.09 -27.00 -3.54
N LEU C 239 -22.89 -27.23 -2.24
CA LEU C 239 -23.90 -26.80 -1.28
C LEU C 239 -23.89 -25.29 -1.07
N GLU C 240 -22.80 -24.62 -1.42
CA GLU C 240 -22.84 -23.16 -1.58
C GLU C 240 -23.92 -22.75 -2.56
N GLY C 241 -24.32 -23.65 -3.46
CA GLY C 241 -25.36 -23.39 -4.44
C GLY C 241 -26.78 -23.58 -3.94
N TRP C 242 -26.94 -23.96 -2.68
CA TRP C 242 -28.22 -23.96 -2.00
C TRP C 242 -28.59 -22.59 -1.47
N THR C 243 -29.89 -22.31 -1.39
CA THR C 243 -30.39 -21.17 -0.63
CA THR C 243 -30.40 -21.17 -0.64
C THR C 243 -31.52 -21.65 0.27
N ILE C 244 -31.42 -21.31 1.55
CA ILE C 244 -32.38 -21.69 2.58
C ILE C 244 -33.06 -20.40 3.05
N ALA C 245 -34.38 -20.32 2.83
CA ALA C 245 -35.23 -19.30 3.41
C ALA C 245 -35.80 -19.81 4.73
N SER C 246 -36.73 -19.04 5.33
CA SER C 246 -37.23 -19.42 6.64
C SER C 246 -37.97 -20.75 6.58
N ASP C 247 -38.87 -20.91 5.60
CA ASP C 247 -39.64 -22.12 5.49
C ASP C 247 -39.15 -23.07 4.42
N GLN C 248 -38.55 -22.56 3.34
CA GLN C 248 -38.22 -23.39 2.18
C GLN C 248 -36.80 -23.18 1.71
N ALA C 249 -36.26 -24.21 1.06
CA ALA C 249 -34.97 -24.15 0.41
C ALA C 249 -35.15 -24.35 -1.09
N PHE C 250 -34.33 -23.63 -1.87
CA PHE C 250 -34.27 -23.78 -3.32
C PHE C 250 -32.89 -24.30 -3.65
N VAL C 251 -32.82 -25.47 -4.26
CA VAL C 251 -31.53 -26.16 -4.40
C VAL C 251 -31.42 -26.80 -5.77
N PRO C 252 -30.18 -26.97 -6.25
CA PRO C 252 -29.98 -27.66 -7.53
C PRO C 252 -30.32 -29.15 -7.40
N ALA C 253 -31.00 -29.67 -8.41
CA ALA C 253 -31.19 -31.11 -8.50
C ALA C 253 -29.86 -31.79 -8.82
N VAL C 254 -29.76 -33.07 -8.45
CA VAL C 254 -28.55 -33.85 -8.68
C VAL C 254 -28.67 -34.48 -10.06
N GLY C 255 -27.99 -33.88 -11.03
CA GLY C 255 -27.96 -34.43 -12.37
C GLY C 255 -29.26 -34.33 -13.14
N HIS C 256 -30.05 -33.29 -12.88
CA HIS C 256 -31.28 -33.03 -13.61
C HIS C 256 -31.44 -31.54 -13.79
N HIS C 257 -32.16 -31.15 -14.84
CA HIS C 257 -32.40 -29.74 -15.16
C HIS C 257 -33.58 -29.21 -14.33
N GLN C 258 -33.40 -29.23 -13.01
CA GLN C 258 -34.48 -28.85 -12.12
C GLN C 258 -33.91 -28.10 -10.92
N VAL C 259 -34.64 -27.08 -10.50
CA VAL C 259 -34.47 -26.47 -9.19
C VAL C 259 -35.50 -27.10 -8.26
N LEU C 260 -35.04 -27.72 -7.17
CA LEU C 260 -35.95 -28.36 -6.24
C LEU C 260 -36.35 -27.39 -5.14
N VAL C 261 -37.62 -27.43 -4.77
CA VAL C 261 -38.15 -26.67 -3.65
C VAL C 261 -38.33 -27.64 -2.49
N LEU C 262 -37.67 -27.36 -1.38
CA LEU C 262 -37.71 -28.20 -0.20
C LEU C 262 -38.44 -27.49 0.93
N ASP C 263 -39.26 -28.24 1.65
CA ASP C 263 -39.75 -27.86 2.97
C ASP C 263 -38.58 -27.85 3.94
N ALA C 264 -38.15 -26.67 4.36
CA ALA C 264 -36.98 -26.53 5.21
C ALA C 264 -37.20 -27.06 6.63
N ARG C 265 -38.46 -27.23 7.05
CA ARG C 265 -38.74 -27.73 8.38
C ARG C 265 -38.65 -29.25 8.45
N ASP C 266 -39.23 -29.95 7.47
CA ASP C 266 -39.21 -31.40 7.47
C ASP C 266 -38.20 -31.99 6.49
N TRP C 267 -37.53 -31.16 5.70
CA TRP C 267 -36.53 -31.59 4.73
C TRP C 267 -37.08 -32.70 3.83
N LYS C 268 -38.06 -32.27 3.03
CA LYS C 268 -38.65 -33.08 1.98
C LYS C 268 -38.91 -32.18 0.78
N GLN C 269 -38.67 -32.71 -0.42
CA GLN C 269 -39.00 -31.99 -1.64
C GLN C 269 -40.52 -31.87 -1.82
N THR C 270 -40.97 -30.65 -2.12
CA THR C 270 -42.37 -30.38 -2.43
C THR C 270 -42.60 -29.87 -3.85
N ASP C 271 -41.56 -29.43 -4.55
CA ASP C 271 -41.71 -29.02 -5.94
C ASP C 271 -40.37 -29.19 -6.66
N ALA C 272 -40.46 -29.18 -7.98
CA ALA C 272 -39.31 -29.27 -8.87
C ALA C 272 -39.63 -28.35 -10.04
N ILE C 273 -38.78 -27.37 -10.27
CA ILE C 273 -39.02 -26.36 -11.29
C ILE C 273 -38.13 -26.69 -12.47
N ASP C 274 -38.73 -26.87 -13.64
CA ASP C 274 -37.97 -27.13 -14.85
C ASP C 274 -37.24 -25.86 -15.27
N VAL C 275 -35.91 -25.95 -15.42
CA VAL C 275 -35.07 -24.81 -15.73
C VAL C 275 -34.25 -25.11 -16.98
N ALA C 276 -33.52 -24.09 -17.45
CA ALA C 276 -32.90 -24.12 -18.77
C ALA C 276 -31.60 -24.91 -18.83
N GLY C 277 -31.23 -25.62 -17.77
CA GLY C 277 -30.03 -26.43 -17.81
C GLY C 277 -29.82 -27.07 -16.46
N GLN C 278 -28.63 -27.64 -16.28
CA GLN C 278 -28.26 -28.14 -14.96
C GLN C 278 -27.92 -26.97 -14.05
N PRO C 279 -28.67 -26.72 -12.98
CA PRO C 279 -28.37 -25.57 -12.12
C PRO C 279 -27.09 -25.77 -11.32
N VAL C 280 -26.33 -24.68 -11.17
CA VAL C 280 -25.08 -24.68 -10.38
C VAL C 280 -25.29 -23.93 -9.07
N PHE C 281 -25.53 -22.62 -9.16
CA PHE C 281 -25.90 -21.79 -8.02
C PHE C 281 -27.37 -21.46 -8.11
N VAL C 282 -28.09 -21.67 -7.02
CA VAL C 282 -29.44 -21.19 -6.83
C VAL C 282 -29.35 -20.16 -5.73
N MET C 283 -29.64 -18.91 -6.05
CA MET C 283 -29.47 -17.81 -5.13
CA MET C 283 -29.47 -17.81 -5.13
C MET C 283 -30.77 -17.02 -5.04
N THR C 284 -30.98 -16.39 -3.90
CA THR C 284 -32.15 -15.55 -3.70
C THR C 284 -31.75 -14.07 -3.69
N ARG C 285 -32.56 -13.24 -4.34
CA ARG C 285 -32.47 -11.80 -4.13
C ARG C 285 -32.67 -11.53 -2.64
N PRO C 286 -31.99 -10.53 -2.06
CA PRO C 286 -32.04 -10.39 -0.59
C PRO C 286 -33.44 -10.22 -0.02
N ASP C 287 -34.42 -9.73 -0.79
CA ASP C 287 -35.79 -9.61 -0.29
C ASP C 287 -36.60 -10.88 -0.47
N ASP C 288 -35.96 -11.98 -0.92
CA ASP C 288 -36.52 -13.33 -1.01
C ASP C 288 -37.61 -13.46 -2.06
N ARG C 289 -37.81 -12.42 -2.87
CA ARG C 289 -38.89 -12.39 -3.85
CA ARG C 289 -38.90 -12.40 -3.84
C ARG C 289 -38.57 -13.21 -5.09
N GLN C 290 -37.31 -13.25 -5.49
CA GLN C 290 -36.86 -13.91 -6.69
C GLN C 290 -35.73 -14.88 -6.37
N ILE C 291 -35.68 -15.96 -7.15
CA ILE C 291 -34.59 -16.93 -7.11
C ILE C 291 -33.83 -16.81 -8.42
N TRP C 292 -32.51 -16.65 -8.33
CA TRP C 292 -31.63 -16.53 -9.49
C TRP C 292 -30.78 -17.78 -9.64
N VAL C 293 -30.66 -18.26 -10.88
CA VAL C 293 -30.06 -19.56 -11.18
C VAL C 293 -29.14 -19.45 -12.39
N ASN C 294 -27.92 -19.97 -12.27
CA ASN C 294 -27.02 -20.17 -13.40
C ASN C 294 -26.78 -21.67 -13.59
N PHE C 295 -26.14 -22.02 -14.70
CA PHE C 295 -26.15 -23.39 -15.21
C PHE C 295 -24.79 -23.83 -15.73
N ALA C 296 -24.63 -25.14 -15.80
CA ALA C 296 -23.45 -25.78 -16.36
C ALA C 296 -23.49 -25.76 -17.89
N TYR C 297 -22.33 -25.86 -18.50
CA TYR C 297 -22.26 -26.00 -19.94
C TYR C 297 -23.16 -27.17 -20.37
N PRO C 298 -23.86 -27.07 -21.52
CA PRO C 298 -23.85 -26.05 -22.58
C PRO C 298 -24.87 -24.94 -22.43
N ASP C 299 -25.44 -24.81 -21.24
CA ASP C 299 -26.46 -23.82 -20.94
C ASP C 299 -25.93 -22.71 -20.04
N ASN C 300 -24.61 -22.58 -19.95
CA ASN C 300 -24.00 -21.62 -19.05
C ASN C 300 -23.97 -20.20 -19.60
N ASP C 301 -24.70 -19.92 -20.67
CA ASP C 301 -24.85 -18.55 -21.15
C ASP C 301 -26.17 -17.94 -20.72
N LYS C 302 -26.88 -18.60 -19.81
CA LYS C 302 -28.20 -18.15 -19.40
C LYS C 302 -28.27 -17.99 -17.89
N VAL C 303 -29.15 -17.09 -17.46
CA VAL C 303 -29.48 -16.92 -16.05
C VAL C 303 -30.99 -16.81 -15.96
N GLN C 304 -31.60 -17.68 -15.17
CA GLN C 304 -33.05 -17.63 -15.00
C GLN C 304 -33.41 -17.02 -13.66
N VAL C 305 -34.46 -16.21 -13.70
CA VAL C 305 -35.04 -15.57 -12.53
C VAL C 305 -36.41 -16.20 -12.30
N ILE C 306 -36.64 -16.68 -11.08
CA ILE C 306 -37.84 -17.42 -10.70
C ILE C 306 -38.58 -16.68 -9.60
N ASP C 307 -39.90 -16.63 -9.71
CA ASP C 307 -40.75 -16.07 -8.66
C ASP C 307 -40.82 -17.06 -7.50
N SER C 308 -40.38 -16.63 -6.32
CA SER C 308 -40.28 -17.57 -5.22
C SER C 308 -41.65 -17.99 -4.70
N GLU C 309 -42.69 -17.20 -5.00
CA GLU C 309 -44.06 -17.55 -4.62
C GLU C 309 -44.68 -18.53 -5.60
N THR C 310 -44.69 -18.18 -6.89
CA THR C 310 -45.38 -18.99 -7.88
C THR C 310 -44.55 -20.16 -8.38
N HIS C 311 -43.24 -20.13 -8.13
CA HIS C 311 -42.26 -21.11 -8.63
C HIS C 311 -42.11 -21.09 -10.14
N GLU C 312 -42.57 -20.02 -10.80
CA GLU C 312 -42.49 -19.91 -12.24
C GLU C 312 -41.28 -19.07 -12.67
N VAL C 313 -40.69 -19.44 -13.79
CA VAL C 313 -39.59 -18.64 -14.36
C VAL C 313 -40.17 -17.32 -14.86
N ILE C 314 -39.66 -16.20 -14.28
CA ILE C 314 -40.06 -14.84 -14.67
C ILE C 314 -39.40 -14.46 -16.00
N GLU C 315 -38.11 -14.72 -16.11
CA GLU C 315 -37.34 -14.31 -17.28
C GLU C 315 -36.08 -15.17 -17.39
N THR C 316 -35.61 -15.31 -18.62
CA THR C 316 -34.35 -15.98 -18.94
C THR C 316 -33.43 -14.91 -19.52
N LEU C 317 -32.43 -14.52 -18.76
CA LEU C 317 -31.44 -13.56 -19.25
C LEU C 317 -30.35 -14.31 -20.00
N ARG C 318 -29.70 -13.61 -20.93
CA ARG C 318 -28.56 -14.16 -21.68
C ARG C 318 -27.42 -13.16 -21.56
N PRO C 319 -26.71 -13.18 -20.43
CA PRO C 319 -25.63 -12.19 -20.24
C PRO C 319 -24.45 -12.42 -21.15
N GLY C 320 -24.20 -13.66 -21.56
CA GLY C 320 -23.05 -13.99 -22.35
C GLY C 320 -22.52 -15.36 -21.96
N PRO C 321 -21.59 -15.89 -22.74
CA PRO C 321 -21.10 -17.24 -22.47
C PRO C 321 -20.23 -17.29 -21.21
N GLY C 322 -20.41 -18.35 -20.44
CA GLY C 322 -19.56 -18.62 -19.29
C GLY C 322 -19.96 -17.92 -18.00
N VAL C 323 -21.25 -17.84 -17.70
CA VAL C 323 -21.68 -17.21 -16.46
C VAL C 323 -21.35 -18.11 -15.28
N LEU C 324 -20.30 -17.75 -14.51
CA LEU C 324 -19.78 -18.61 -13.44
C LEU C 324 -20.33 -18.29 -12.05
N HIS C 325 -20.58 -17.02 -11.73
CA HIS C 325 -20.98 -16.63 -10.39
CA HIS C 325 -20.99 -16.63 -10.39
C HIS C 325 -21.87 -15.39 -10.46
N MET C 326 -22.68 -15.23 -9.42
CA MET C 326 -23.55 -14.06 -9.23
C MET C 326 -23.44 -13.63 -7.77
N GLU C 327 -23.63 -12.35 -7.51
CA GLU C 327 -23.45 -11.81 -6.16
C GLU C 327 -24.30 -10.57 -5.98
N PHE C 328 -25.16 -10.56 -4.96
CA PHE C 328 -26.02 -9.41 -4.69
C PHE C 328 -25.32 -8.41 -3.77
N SER C 329 -25.69 -7.14 -3.90
CA SER C 329 -25.33 -6.18 -2.88
C SER C 329 -26.11 -6.48 -1.60
N GLY C 330 -25.67 -5.86 -0.51
CA GLY C 330 -26.26 -6.15 0.79
C GLY C 330 -27.76 -5.90 0.83
N ARG C 331 -28.18 -4.73 0.37
CA ARG C 331 -29.59 -4.37 0.41
C ARG C 331 -30.35 -4.82 -0.83
N GLY C 332 -29.66 -5.35 -1.83
CA GLY C 332 -30.29 -5.94 -2.99
C GLY C 332 -30.52 -5.03 -4.17
N ASP C 333 -29.92 -3.83 -4.19
CA ASP C 333 -30.13 -2.93 -5.31
C ASP C 333 -29.36 -3.35 -6.56
N GLN C 334 -28.37 -4.22 -6.42
CA GLN C 334 -27.56 -4.67 -7.55
C GLN C 334 -27.36 -6.17 -7.51
N VAL C 335 -27.14 -6.79 -8.67
CA VAL C 335 -26.62 -8.14 -8.74
C VAL C 335 -25.47 -8.13 -9.74
N TRP C 336 -24.34 -8.68 -9.32
CA TRP C 336 -23.12 -8.71 -10.12
C TRP C 336 -22.98 -10.10 -10.71
N ILE C 337 -22.63 -10.17 -12.00
CA ILE C 337 -22.62 -11.43 -12.74
C ILE C 337 -21.30 -11.50 -13.52
N SER C 338 -20.54 -12.56 -13.29
CA SER C 338 -19.27 -12.75 -14.00
C SER C 338 -19.52 -13.56 -15.27
N VAL C 339 -19.03 -13.05 -16.39
CA VAL C 339 -19.24 -13.66 -17.71
C VAL C 339 -17.87 -14.02 -18.27
N ARG C 340 -17.40 -15.23 -17.94
CA ARG C 340 -16.00 -15.59 -18.17
C ARG C 340 -15.61 -15.45 -19.64
N ASP C 341 -16.40 -16.02 -20.53
CA ASP C 341 -16.03 -16.08 -21.93
C ASP C 341 -16.42 -14.83 -22.69
N ALA C 342 -16.77 -13.75 -21.97
CA ALA C 342 -16.88 -12.42 -22.54
C ALA C 342 -15.90 -11.46 -21.87
N ASP C 343 -15.03 -11.97 -21.00
CA ASP C 343 -14.09 -11.12 -20.27
C ASP C 343 -14.79 -9.89 -19.71
N GLN C 344 -15.94 -10.12 -19.07
CA GLN C 344 -16.77 -9.03 -18.58
C GLN C 344 -17.37 -9.39 -17.23
N LEU C 345 -17.29 -8.46 -16.29
CA LEU C 345 -18.09 -8.49 -15.07
C LEU C 345 -19.25 -7.51 -15.29
N GLN C 346 -20.48 -8.02 -15.21
CA GLN C 346 -21.67 -7.20 -15.46
C GLN C 346 -22.39 -6.87 -14.15
N VAL C 347 -22.99 -5.68 -14.11
CA VAL C 347 -23.84 -5.25 -13.01
C VAL C 347 -25.25 -5.08 -13.54
N TRP C 348 -26.23 -5.65 -12.83
CA TRP C 348 -27.63 -5.60 -13.23
C TRP C 348 -28.48 -5.03 -12.10
N ASP C 349 -29.60 -4.43 -12.51
CA ASP C 349 -30.64 -4.02 -11.57
C ASP C 349 -31.61 -5.20 -11.46
N PRO C 350 -31.68 -5.89 -10.32
CA PRO C 350 -32.55 -7.07 -10.24
C PRO C 350 -34.03 -6.76 -10.10
N TYR C 351 -34.40 -5.48 -10.04
CA TYR C 351 -35.80 -5.07 -10.05
C TYR C 351 -36.26 -4.73 -11.47
N ARG C 352 -35.45 -4.02 -12.24
CA ARG C 352 -35.72 -3.80 -13.65
C ARG C 352 -35.32 -5.00 -14.51
N LEU C 353 -34.48 -5.90 -13.99
CA LEU C 353 -33.90 -6.97 -14.80
C LEU C 353 -33.22 -6.40 -16.04
N LYS C 354 -32.39 -5.38 -15.83
CA LYS C 354 -31.64 -4.74 -16.89
C LYS C 354 -30.20 -4.55 -16.45
N ARG C 355 -29.29 -4.62 -17.43
CA ARG C 355 -27.87 -4.41 -17.18
C ARG C 355 -27.59 -2.92 -17.02
N ILE C 356 -26.92 -2.55 -15.92
CA ILE C 356 -26.63 -1.17 -15.60
C ILE C 356 -25.14 -0.86 -15.58
N GLY C 357 -24.28 -1.87 -15.77
CA GLY C 357 -22.84 -1.63 -15.77
C GLY C 357 -22.09 -2.82 -16.33
N SER C 358 -20.84 -2.56 -16.74
CA SER C 358 -19.93 -3.56 -17.28
C SER C 358 -18.50 -3.16 -16.94
N LEU C 359 -17.67 -4.14 -16.59
CA LEU C 359 -16.27 -3.91 -16.29
C LEU C 359 -15.44 -4.95 -17.03
N PRO C 360 -14.38 -4.57 -17.74
CA PRO C 360 -13.58 -5.60 -18.41
C PRO C 360 -12.81 -6.42 -17.38
N ALA C 361 -12.60 -7.69 -17.69
CA ALA C 361 -11.84 -8.55 -16.80
C ALA C 361 -11.32 -9.77 -17.56
N ARG C 362 -10.30 -10.40 -17.00
CA ARG C 362 -9.66 -11.56 -17.59
C ARG C 362 -10.24 -12.83 -16.98
N SER C 363 -11.04 -13.55 -17.75
CA SER C 363 -11.65 -14.80 -17.31
C SER C 363 -12.26 -14.66 -15.92
N PRO C 364 -13.13 -13.70 -15.70
CA PRO C 364 -13.69 -13.48 -14.35
C PRO C 364 -14.47 -14.68 -13.87
N SER C 365 -14.32 -14.98 -12.58
CA SER C 365 -15.07 -16.06 -11.95
C SER C 365 -15.74 -15.55 -10.68
N GLY C 366 -15.17 -15.86 -9.52
CA GLY C 366 -15.82 -15.50 -8.27
C GLY C 366 -15.93 -13.99 -8.09
N ILE C 367 -17.06 -13.55 -7.57
CA ILE C 367 -17.30 -12.13 -7.26
C ILE C 367 -17.83 -12.06 -5.83
N PHE C 368 -17.10 -11.37 -4.96
CA PHE C 368 -17.42 -11.34 -3.54
C PHE C 368 -17.42 -9.91 -3.02
N PHE C 369 -18.49 -9.51 -2.34
CA PHE C 369 -18.53 -8.20 -1.71
C PHE C 369 -18.39 -8.29 -0.19
N SER C 370 -17.82 -7.23 0.39
CA SER C 370 -17.28 -7.31 1.74
C SER C 370 -18.36 -7.36 2.81
N HIS C 371 -19.63 -7.15 2.47
CA HIS C 371 -20.67 -7.34 3.48
C HIS C 371 -20.71 -8.77 3.98
N ARG C 372 -20.10 -9.71 3.25
CA ARG C 372 -19.95 -11.07 3.76
C ARG C 372 -19.25 -11.11 5.11
N ALA C 373 -18.46 -10.07 5.40
CA ALA C 373 -17.71 -9.99 6.65
C ALA C 373 -18.62 -10.11 7.88
N GLN C 374 -19.88 -9.71 7.75
CA GLN C 374 -20.76 -9.62 8.91
C GLN C 374 -21.62 -10.86 9.13
N HIS C 375 -21.46 -11.91 8.32
CA HIS C 375 -22.39 -13.05 8.34
C HIS C 375 -21.69 -14.35 8.66
N ILE C 376 -22.17 -15.04 9.69
CA ILE C 376 -21.72 -16.40 9.98
C ILE C 376 -21.86 -17.26 8.73
N GLY C 377 -20.79 -17.97 8.40
CA GLY C 377 -20.79 -18.83 7.25
C GLY C 377 -20.33 -18.20 5.97
N LEU C 378 -20.11 -16.88 5.95
CA LEU C 378 -19.54 -16.22 4.79
C LEU C 378 -18.20 -15.55 5.13
N PRO D 7 14.34 -40.55 -15.99
CA PRO D 7 13.69 -41.73 -16.56
C PRO D 7 14.56 -42.50 -17.55
N PRO D 8 14.29 -43.78 -17.76
CA PRO D 8 15.11 -44.58 -18.69
C PRO D 8 14.80 -44.23 -20.14
N LEU D 9 15.63 -44.76 -21.05
CA LEU D 9 15.49 -44.45 -22.46
C LEU D 9 14.19 -45.03 -23.00
N ARG D 10 13.52 -44.27 -23.86
CA ARG D 10 12.33 -44.76 -24.53
C ARG D 10 12.07 -43.97 -25.81
N GLY D 11 11.40 -44.61 -26.76
CA GLY D 11 10.98 -43.94 -27.97
C GLY D 11 9.86 -42.96 -27.73
N SER D 12 9.74 -41.97 -28.63
CA SER D 12 8.68 -40.98 -28.52
CA SER D 12 8.71 -40.95 -28.55
C SER D 12 7.55 -41.22 -29.51
N GLY D 13 7.68 -42.22 -30.39
CA GLY D 13 6.73 -42.41 -31.47
C GLY D 13 5.35 -42.84 -31.03
N ASP D 14 5.25 -43.46 -29.86
CA ASP D 14 3.96 -43.96 -29.36
C ASP D 14 3.48 -43.17 -28.16
N LEU D 15 4.03 -41.98 -27.93
CA LEU D 15 3.69 -41.22 -26.75
C LEU D 15 2.47 -40.36 -27.02
N GLY D 16 1.59 -40.30 -26.02
CA GLY D 16 0.41 -39.49 -26.09
C GLY D 16 0.29 -38.57 -24.89
N VAL D 17 -0.58 -37.58 -25.06
CA VAL D 17 -0.90 -36.60 -24.03
C VAL D 17 -2.41 -36.60 -23.82
N LEU D 18 -2.83 -36.74 -22.57
CA LEU D 18 -4.23 -36.71 -22.17
C LEU D 18 -4.47 -35.47 -21.31
N ILE D 19 -5.43 -34.66 -21.71
CA ILE D 19 -5.81 -33.45 -20.95
C ILE D 19 -6.75 -33.85 -19.82
N GLU D 20 -6.48 -33.34 -18.62
CA GLU D 20 -7.39 -33.46 -17.47
C GLU D 20 -7.97 -32.07 -17.25
N ARG D 21 -9.22 -31.87 -17.71
CA ARG D 21 -9.72 -30.54 -18.03
C ARG D 21 -10.06 -29.70 -16.80
N ALA D 22 -10.20 -30.32 -15.64
CA ALA D 22 -10.59 -29.60 -14.43
C ALA D 22 -9.43 -29.34 -13.48
N ASP D 23 -8.25 -29.88 -13.75
CA ASP D 23 -7.14 -29.89 -12.81
C ASP D 23 -5.86 -29.25 -13.35
N GLY D 24 -5.89 -28.68 -14.54
CA GLY D 24 -4.69 -28.08 -15.10
C GLY D 24 -3.55 -29.05 -15.21
N SER D 25 -3.85 -30.31 -15.49
CA SER D 25 -2.83 -31.34 -15.56
C SER D 25 -3.02 -32.17 -16.81
N VAL D 26 -1.99 -32.94 -17.13
CA VAL D 26 -2.02 -33.87 -18.24
C VAL D 26 -1.42 -35.19 -17.76
N GLN D 27 -1.72 -36.26 -18.49
CA GLN D 27 -0.98 -37.50 -18.34
C GLN D 27 -0.24 -37.79 -19.63
N ILE D 28 0.97 -38.29 -19.49
CA ILE D 28 1.80 -38.75 -20.61
C ILE D 28 1.63 -40.26 -20.72
N LEU D 29 1.25 -40.72 -21.92
CA LEU D 29 0.81 -42.09 -22.14
C LEU D 29 1.82 -42.87 -22.99
N ASP D 30 2.00 -44.14 -22.64
CA ASP D 30 2.69 -45.12 -23.47
C ASP D 30 1.64 -45.82 -24.33
N GLY D 31 1.60 -45.47 -25.61
CA GLY D 31 0.56 -46.02 -26.48
C GLY D 31 0.69 -47.50 -26.74
N THR D 32 1.91 -48.03 -26.75
CA THR D 32 2.08 -49.45 -27.02
C THR D 32 1.63 -50.29 -25.82
N ALA D 33 2.14 -49.94 -24.63
CA ALA D 33 1.77 -50.66 -23.42
C ALA D 33 0.36 -50.34 -22.94
N LYS D 34 -0.21 -49.24 -23.44
CA LYS D 34 -1.54 -48.78 -23.03
C LYS D 34 -1.58 -48.42 -21.55
N THR D 35 -0.64 -47.56 -21.14
CA THR D 35 -0.49 -47.17 -19.75
C THR D 35 -0.18 -45.69 -19.65
N SER D 36 -0.31 -45.17 -18.44
CA SER D 36 0.12 -43.82 -18.13
C SER D 36 1.54 -43.84 -17.57
N LEU D 37 2.39 -42.97 -18.10
CA LEU D 37 3.76 -42.89 -17.63
C LEU D 37 3.94 -41.86 -16.53
N ALA D 38 3.14 -40.79 -16.53
CA ALA D 38 3.30 -39.72 -15.57
C ALA D 38 2.09 -38.80 -15.65
N ARG D 39 1.87 -38.08 -14.57
CA ARG D 39 0.96 -36.94 -14.55
C ARG D 39 1.79 -35.69 -14.28
N VAL D 40 1.58 -34.65 -15.08
CA VAL D 40 2.27 -33.38 -14.91
C VAL D 40 1.22 -32.32 -14.61
N GLU D 41 1.42 -31.58 -13.53
CA GLU D 41 0.50 -30.54 -13.10
C GLU D 41 1.10 -29.17 -13.43
N GLY D 42 0.29 -28.13 -13.22
CA GLY D 42 0.75 -26.78 -13.38
C GLY D 42 0.49 -26.13 -14.73
N LEU D 43 -0.51 -26.59 -15.48
CA LEU D 43 -0.83 -26.01 -16.77
C LEU D 43 -2.03 -25.07 -16.69
N GLY D 44 -2.44 -24.68 -15.49
CA GLY D 44 -3.45 -23.63 -15.35
C GLY D 44 -4.82 -24.08 -15.81
N ASP D 45 -5.44 -23.30 -16.71
CA ASP D 45 -6.81 -23.54 -17.17
C ASP D 45 -6.79 -24.33 -18.47
N LEU D 46 -6.93 -25.66 -18.35
CA LEU D 46 -7.11 -26.52 -19.51
C LEU D 46 -8.56 -26.92 -19.75
N SER D 47 -9.52 -26.17 -19.18
CA SER D 47 -10.93 -26.48 -19.42
C SER D 47 -11.25 -26.45 -20.92
N HIS D 48 -10.53 -25.63 -21.68
CA HIS D 48 -10.39 -25.77 -23.12
C HIS D 48 -8.90 -25.84 -23.44
N ALA D 49 -8.52 -26.66 -24.41
CA ALA D 49 -7.11 -26.80 -24.73
C ALA D 49 -6.94 -27.45 -26.10
N SER D 50 -5.82 -27.14 -26.74
CA SER D 50 -5.38 -27.85 -27.94
C SER D 50 -3.89 -28.08 -27.79
N LEU D 51 -3.31 -28.88 -28.68
CA LEU D 51 -1.85 -29.01 -28.66
C LEU D 51 -1.32 -29.52 -29.99
N VAL D 52 -0.04 -29.23 -30.22
CA VAL D 52 0.78 -29.75 -31.31
C VAL D 52 2.05 -30.30 -30.69
N PHE D 53 2.84 -31.00 -31.52
CA PHE D 53 4.09 -31.60 -31.09
C PHE D 53 5.26 -31.06 -31.90
N SER D 54 6.43 -31.02 -31.24
CA SER D 54 7.69 -30.73 -31.91
C SER D 54 8.03 -31.85 -32.88
N ARG D 55 8.87 -31.52 -33.88
CA ARG D 55 9.12 -32.42 -35.00
C ARG D 55 9.91 -33.67 -34.60
N ASP D 56 10.56 -33.67 -33.44
CA ASP D 56 11.22 -34.86 -32.92
C ASP D 56 10.33 -35.63 -31.93
N GLN D 57 9.09 -35.18 -31.75
CA GLN D 57 8.06 -35.86 -30.96
C GLN D 57 8.41 -35.89 -29.47
N ARG D 58 9.37 -35.06 -29.04
CA ARG D 58 9.74 -35.03 -27.63
C ARG D 58 8.90 -34.07 -26.81
N TYR D 59 8.44 -32.97 -27.40
CA TYR D 59 7.71 -31.94 -26.68
C TYR D 59 6.30 -31.78 -27.26
N ALA D 60 5.36 -31.48 -26.37
CA ALA D 60 4.03 -31.02 -26.76
C ALA D 60 3.91 -29.55 -26.39
N TYR D 61 3.31 -28.77 -27.27
CA TYR D 61 2.99 -27.37 -27.01
C TYR D 61 1.51 -27.32 -26.72
N VAL D 62 1.16 -27.06 -25.47
CA VAL D 62 -0.23 -27.07 -25.01
C VAL D 62 -0.75 -25.63 -24.97
N PHE D 63 -1.86 -25.39 -25.68
CA PHE D 63 -2.50 -24.08 -25.71
C PHE D 63 -3.72 -24.12 -24.81
N GLY D 64 -3.67 -23.36 -23.74
CA GLY D 64 -4.70 -23.37 -22.72
C GLY D 64 -5.67 -22.22 -22.83
N ARG D 65 -6.82 -22.40 -22.18
CA ARG D 65 -7.89 -21.41 -22.22
C ARG D 65 -7.49 -20.09 -21.57
N ASP D 66 -6.56 -20.14 -20.63
CA ASP D 66 -6.03 -18.96 -19.98
C ASP D 66 -4.98 -18.22 -20.80
N GLY D 67 -4.80 -18.58 -22.06
CA GLY D 67 -3.71 -18.03 -22.83
C GLY D 67 -2.37 -18.64 -22.49
N GLY D 68 -2.36 -19.69 -21.67
CA GLY D 68 -1.12 -20.36 -21.35
C GLY D 68 -0.58 -21.13 -22.54
N LEU D 69 0.74 -21.03 -22.71
CA LEU D 69 1.50 -21.78 -23.71
C LEU D 69 2.54 -22.58 -22.93
N THR D 70 2.36 -23.91 -22.89
CA THR D 70 3.20 -24.80 -22.12
C THR D 70 3.98 -25.71 -23.08
N LYS D 71 5.30 -25.67 -22.97
CA LYS D 71 6.19 -26.58 -23.71
C LYS D 71 6.45 -27.76 -22.77
N LEU D 72 5.77 -28.87 -23.02
CA LEU D 72 5.81 -30.04 -22.15
C LEU D 72 6.83 -31.05 -22.68
N ASP D 73 7.75 -31.46 -21.81
CA ASP D 73 8.79 -32.44 -22.14
C ASP D 73 8.22 -33.83 -21.85
N LEU D 74 7.90 -34.58 -22.90
CA LEU D 74 7.29 -35.89 -22.72
C LEU D 74 8.27 -36.93 -22.19
N LEU D 75 9.57 -36.71 -22.35
CA LEU D 75 10.59 -37.66 -21.98
C LEU D 75 11.14 -37.41 -20.59
N ALA D 76 11.41 -36.15 -20.25
CA ALA D 76 11.74 -35.81 -18.87
C ALA D 76 10.50 -35.68 -17.99
N GLN D 77 9.30 -35.71 -18.60
CA GLN D 77 8.03 -35.76 -17.88
C GLN D 77 7.84 -34.52 -17.00
N ARG D 78 7.92 -33.36 -17.64
CA ARG D 78 7.93 -32.11 -16.89
C ARG D 78 7.66 -30.94 -17.82
N ILE D 79 7.22 -29.83 -17.23
CA ILE D 79 7.15 -28.56 -17.93
C ILE D 79 8.56 -28.08 -18.23
N ASP D 80 8.88 -27.89 -19.51
CA ASP D 80 10.16 -27.34 -19.91
C ASP D 80 10.14 -25.81 -19.95
N LYS D 81 9.07 -25.24 -20.49
CA LYS D 81 8.87 -23.79 -20.52
C LYS D 81 7.37 -23.52 -20.43
N ARG D 82 7.01 -22.40 -19.84
CA ARG D 82 5.60 -22.02 -19.81
C ARG D 82 5.50 -20.51 -19.77
N LEU D 83 4.55 -19.97 -20.51
CA LEU D 83 4.21 -18.56 -20.42
C LEU D 83 2.69 -18.43 -20.46
N ILE D 84 2.20 -17.27 -20.05
CA ILE D 84 0.78 -16.95 -20.17
C ILE D 84 0.70 -15.62 -20.90
N GLN D 85 0.07 -15.64 -22.07
CA GLN D 85 -0.06 -14.47 -22.93
C GLN D 85 -1.52 -14.06 -22.90
N GLY D 86 -1.81 -12.94 -22.24
CA GLY D 86 -3.16 -12.44 -22.18
C GLY D 86 -3.72 -12.24 -23.58
N GLY D 87 -4.95 -12.71 -23.79
CA GLY D 87 -5.64 -12.59 -25.06
C GLY D 87 -5.41 -13.71 -26.05
N ASN D 88 -4.51 -14.64 -25.74
CA ASN D 88 -4.29 -15.78 -26.62
C ASN D 88 -5.43 -16.77 -26.54
N SER D 89 -5.78 -17.35 -27.68
CA SER D 89 -6.79 -18.38 -27.84
CA SER D 89 -6.78 -18.38 -27.79
C SER D 89 -6.13 -19.77 -27.80
N ILE D 90 -6.98 -20.81 -27.73
CA ILE D 90 -6.44 -22.16 -27.84
C ILE D 90 -6.12 -22.54 -29.28
N GLY D 91 -6.31 -21.64 -30.23
CA GLY D 91 -5.87 -22.01 -31.58
C GLY D 91 -4.38 -21.82 -31.80
N GLY D 92 -3.59 -22.92 -31.83
CA GLY D 92 -2.16 -22.82 -32.05
C GLY D 92 -1.69 -23.85 -33.06
N ALA D 93 -0.54 -23.55 -33.69
CA ALA D 93 -0.01 -24.32 -34.80
C ALA D 93 1.51 -24.24 -34.83
N ILE D 94 2.15 -25.26 -35.40
CA ILE D 94 3.61 -25.31 -35.51
C ILE D 94 3.99 -25.35 -36.99
N SER D 95 5.08 -24.66 -37.31
CA SER D 95 5.51 -24.41 -38.67
C SER D 95 6.08 -25.68 -39.30
N GLN D 96 6.24 -25.61 -40.61
CA GLN D 96 6.65 -26.78 -41.39
C GLN D 96 8.04 -27.24 -40.99
N ASP D 97 8.95 -26.32 -40.65
CA ASP D 97 10.28 -26.68 -40.21
C ASP D 97 10.37 -26.85 -38.70
N GLY D 98 9.28 -26.67 -37.96
CA GLY D 98 9.25 -26.89 -36.53
C GLY D 98 9.83 -25.79 -35.66
N ARG D 99 10.33 -24.69 -36.26
N ARG D 99 10.33 -24.70 -36.25
CA ARG D 99 11.01 -23.66 -35.50
CA ARG D 99 11.01 -23.67 -35.48
C ARG D 99 10.06 -22.66 -34.85
C ARG D 99 10.06 -22.66 -34.85
N LEU D 100 8.84 -22.56 -35.36
CA LEU D 100 7.89 -21.52 -34.94
C LEU D 100 6.54 -22.10 -34.52
N VAL D 101 6.03 -21.59 -33.39
CA VAL D 101 4.70 -21.90 -32.89
C VAL D 101 3.88 -20.61 -32.94
N ALA D 102 2.77 -20.63 -33.67
CA ALA D 102 1.88 -19.49 -33.78
C ALA D 102 0.62 -19.72 -32.96
N VAL D 103 0.11 -18.65 -32.36
CA VAL D 103 -1.13 -18.71 -31.58
C VAL D 103 -2.00 -17.50 -31.95
N SER D 104 -3.28 -17.75 -32.20
CA SER D 104 -4.23 -16.68 -32.48
CA SER D 104 -4.21 -16.66 -32.49
C SER D 104 -4.60 -15.94 -31.20
N ASN D 105 -4.98 -14.67 -31.36
CA ASN D 105 -5.36 -13.90 -30.18
CA ASN D 105 -5.27 -13.79 -30.24
C ASN D 105 -6.53 -12.99 -30.52
N TYR D 106 -7.31 -12.72 -29.47
CA TYR D 106 -8.49 -11.87 -29.54
C TYR D 106 -8.28 -10.53 -28.88
N GLU D 107 -7.26 -10.40 -28.05
CA GLU D 107 -6.88 -9.11 -27.45
C GLU D 107 -5.37 -8.97 -27.56
N PRO D 108 -4.85 -8.04 -28.37
CA PRO D 108 -5.53 -7.00 -29.14
C PRO D 108 -6.23 -7.52 -30.39
N GLY D 109 -5.92 -8.74 -30.82
CA GLY D 109 -6.45 -9.27 -32.06
C GLY D 109 -5.39 -9.42 -33.12
N GLY D 110 -5.00 -10.66 -33.40
CA GLY D 110 -3.92 -10.94 -34.33
C GLY D 110 -3.35 -12.34 -34.09
N VAL D 111 -2.08 -12.50 -34.45
CA VAL D 111 -1.35 -13.75 -34.30
C VAL D 111 0.01 -13.44 -33.67
N LYS D 112 0.38 -14.20 -32.64
CA LYS D 112 1.68 -14.11 -32.03
C LYS D 112 2.47 -15.36 -32.39
N VAL D 113 3.75 -15.20 -32.71
CA VAL D 113 4.58 -16.31 -33.15
C VAL D 113 5.78 -16.42 -32.23
N PHE D 114 6.06 -17.64 -31.77
CA PHE D 114 7.07 -17.90 -30.76
C PHE D 114 8.11 -18.89 -31.25
N ASP D 115 9.34 -18.70 -30.79
CA ASP D 115 10.41 -19.67 -30.98
C ASP D 115 10.04 -20.97 -30.26
N SER D 116 10.08 -22.08 -30.99
CA SER D 116 9.63 -23.35 -30.44
C SER D 116 10.60 -23.93 -29.42
N ARG D 117 11.83 -23.45 -29.36
CA ARG D 117 12.77 -23.94 -28.36
C ARG D 117 12.65 -23.16 -27.06
N THR D 118 12.61 -21.82 -27.14
CA THR D 118 12.68 -20.95 -25.98
C THR D 118 11.35 -20.30 -25.62
N LEU D 119 10.36 -20.36 -26.49
CA LEU D 119 9.09 -19.64 -26.38
C LEU D 119 9.27 -18.12 -26.38
N GLU D 120 10.41 -17.63 -26.87
CA GLU D 120 10.57 -16.19 -27.08
C GLU D 120 9.58 -15.72 -28.15
N LEU D 121 8.99 -14.57 -27.91
CA LEU D 121 8.09 -13.95 -28.88
C LEU D 121 8.94 -13.36 -30.00
N VAL D 122 8.77 -13.88 -31.22
CA VAL D 122 9.60 -13.45 -32.33
C VAL D 122 8.83 -12.69 -33.41
N ALA D 123 7.50 -12.78 -33.43
CA ALA D 123 6.73 -11.96 -34.36
C ALA D 123 5.33 -11.73 -33.82
N GLU D 124 4.81 -10.52 -34.07
CA GLU D 124 3.45 -10.15 -33.77
C GLU D 124 2.81 -9.65 -35.05
N ILE D 125 1.69 -10.24 -35.44
CA ILE D 125 0.94 -9.82 -36.61
C ILE D 125 -0.41 -9.28 -36.15
N PRO D 126 -0.58 -7.96 -36.07
CA PRO D 126 -1.88 -7.42 -35.71
C PRO D 126 -2.88 -7.56 -36.85
N ALA D 127 -4.10 -7.94 -36.51
CA ALA D 127 -5.18 -7.97 -37.48
C ALA D 127 -5.65 -6.55 -37.80
N THR D 128 -6.52 -6.44 -38.81
CA THR D 128 -7.14 -5.18 -39.17
C THR D 128 -7.76 -4.50 -37.96
N ARG D 129 -7.57 -3.19 -37.86
CA ARG D 129 -8.15 -2.46 -36.75
C ARG D 129 -9.66 -2.40 -36.85
N LEU D 130 -10.31 -2.28 -35.72
CA LEU D 130 -11.74 -2.10 -35.67
C LEU D 130 -12.07 -0.63 -35.39
N PRO D 131 -13.10 -0.08 -36.03
CA PRO D 131 -13.45 1.33 -35.78
C PRO D 131 -13.96 1.54 -34.36
N GLY D 132 -13.54 2.65 -33.76
CA GLY D 132 -14.07 3.07 -32.47
C GLY D 132 -13.52 2.35 -31.25
N GLN D 133 -12.88 1.19 -31.42
CA GLN D 133 -12.30 0.46 -30.30
C GLN D 133 -10.78 0.47 -30.37
N ASP D 134 -10.14 0.34 -29.21
CA ASP D 134 -8.70 0.13 -29.17
C ASP D 134 -8.42 -1.37 -29.28
N ARG D 135 -8.72 -1.91 -30.47
CA ARG D 135 -8.69 -3.35 -30.71
C ARG D 135 -8.71 -3.62 -32.22
N ASN D 136 -8.22 -4.81 -32.58
CA ASN D 136 -8.25 -5.34 -33.94
C ASN D 136 -9.24 -6.50 -34.04
N SER D 137 -9.50 -6.94 -35.26
CA SER D 137 -10.34 -8.12 -35.47
C SER D 137 -9.76 -9.31 -34.73
N ARG D 138 -10.63 -10.13 -34.15
CA ARG D 138 -10.12 -11.35 -33.57
C ARG D 138 -9.87 -12.36 -34.69
N VAL D 139 -8.93 -13.26 -34.42
CA VAL D 139 -8.40 -14.19 -35.40
C VAL D 139 -8.84 -15.59 -35.03
N VAL D 140 -9.25 -16.34 -36.03
CA VAL D 140 -9.76 -17.70 -35.88
C VAL D 140 -9.23 -18.55 -37.02
N GLY D 141 -9.39 -19.86 -36.87
CA GLY D 141 -9.02 -20.79 -37.92
C GLY D 141 -7.56 -20.76 -38.31
N LEU D 142 -6.67 -20.58 -37.34
CA LEU D 142 -5.25 -20.57 -37.64
C LEU D 142 -4.77 -21.98 -37.94
N VAL D 143 -4.02 -22.14 -39.04
CA VAL D 143 -3.40 -23.39 -39.42
C VAL D 143 -2.00 -23.09 -39.93
N ASP D 144 -1.12 -24.10 -39.80
CA ASP D 144 0.14 -24.15 -40.53
C ASP D 144 -0.13 -24.68 -41.93
N ALA D 145 0.73 -24.30 -42.87
CA ALA D 145 0.57 -24.73 -44.26
C ALA D 145 1.95 -24.94 -44.89
N PRO D 146 2.00 -25.69 -45.99
CA PRO D 146 3.29 -25.92 -46.67
C PRO D 146 3.88 -24.60 -47.13
N GLY D 147 5.21 -24.60 -47.29
CA GLY D 147 5.92 -23.37 -47.62
C GLY D 147 6.17 -22.46 -46.44
N GLN D 148 6.29 -23.02 -45.24
CA GLN D 148 6.58 -22.24 -44.04
C GLN D 148 5.59 -21.09 -43.87
N ARG D 149 4.31 -21.42 -43.99
CA ARG D 149 3.23 -20.44 -43.92
CA ARG D 149 3.22 -20.44 -43.92
C ARG D 149 2.32 -20.73 -42.73
N PHE D 150 1.67 -19.68 -42.26
CA PHE D 150 0.50 -19.76 -41.40
C PHE D 150 -0.64 -19.07 -42.14
N VAL D 151 -1.85 -19.61 -42.02
CA VAL D 151 -3.04 -19.08 -42.67
C VAL D 151 -4.13 -18.97 -41.60
N PHE D 152 -4.86 -17.87 -41.62
CA PHE D 152 -5.83 -17.59 -40.56
C PHE D 152 -6.86 -16.61 -41.07
N SER D 153 -7.99 -16.53 -40.36
CA SER D 153 -9.13 -15.71 -40.73
C SER D 153 -9.41 -14.63 -39.68
N LEU D 154 -9.99 -13.54 -40.15
CA LEU D 154 -10.34 -12.38 -39.33
C LEU D 154 -11.86 -12.34 -39.20
N PHE D 155 -12.35 -12.67 -38.01
CA PHE D 155 -13.78 -12.80 -37.80
C PHE D 155 -14.51 -11.49 -38.01
N ASP D 156 -14.02 -10.41 -37.41
CA ASP D 156 -14.79 -9.17 -37.40
C ASP D 156 -14.73 -8.47 -38.75
N SER D 157 -13.60 -8.54 -39.44
CA SER D 157 -13.43 -7.78 -40.67
C SER D 157 -13.62 -8.61 -41.93
N GLY D 158 -13.81 -9.93 -41.79
CA GLY D 158 -14.11 -10.77 -42.93
C GLY D 158 -12.99 -10.97 -43.93
N GLU D 159 -11.84 -11.42 -43.45
CA GLU D 159 -10.66 -11.61 -44.26
C GLU D 159 -10.02 -12.97 -44.00
N ILE D 160 -9.19 -13.38 -44.94
CA ILE D 160 -8.25 -14.50 -44.80
C ILE D 160 -6.87 -13.95 -45.14
N TRP D 161 -5.89 -14.26 -44.29
CA TRP D 161 -4.51 -13.84 -44.47
C TRP D 161 -3.57 -15.03 -44.50
N ILE D 162 -2.56 -14.95 -45.37
CA ILE D 162 -1.43 -15.86 -45.38
C ILE D 162 -0.22 -15.10 -44.85
N ALA D 163 0.45 -15.67 -43.84
CA ALA D 163 1.72 -15.18 -43.32
C ALA D 163 2.83 -16.14 -43.72
N ASP D 164 3.71 -15.68 -44.61
CA ASP D 164 4.79 -16.49 -45.17
C ASP D 164 6.09 -16.19 -44.43
N PHE D 165 6.57 -17.16 -43.65
CA PHE D 165 7.77 -17.01 -42.85
C PHE D 165 8.99 -17.64 -43.50
N SER D 166 8.94 -17.88 -44.82
CA SER D 166 10.04 -18.61 -45.45
CA SER D 166 10.02 -18.59 -45.50
C SER D 166 11.34 -17.83 -45.43
N GLN D 167 11.30 -16.50 -45.26
CA GLN D 167 12.51 -15.69 -45.25
C GLN D 167 13.00 -15.32 -43.85
N GLY D 168 12.32 -15.76 -42.80
CA GLY D 168 12.76 -15.48 -41.46
C GLY D 168 11.60 -15.06 -40.59
N ASP D 169 11.92 -14.35 -39.51
CA ASP D 169 10.92 -13.97 -38.52
C ASP D 169 10.01 -12.82 -38.95
N THR D 170 10.33 -12.12 -40.05
CA THR D 170 9.49 -11.05 -40.56
C THR D 170 8.66 -11.61 -41.71
N PRO D 171 7.38 -11.85 -41.52
CA PRO D 171 6.60 -12.54 -42.56
C PRO D 171 6.23 -11.61 -43.70
N HIS D 172 5.97 -12.24 -44.84
CA HIS D 172 5.34 -11.59 -45.97
C HIS D 172 3.86 -11.94 -45.91
N LEU D 173 3.00 -10.91 -45.91
CA LEU D 173 1.57 -11.13 -45.73
C LEU D 173 0.84 -10.99 -47.06
N THR D 174 -0.07 -11.91 -47.31
CA THR D 174 -1.06 -11.81 -48.38
C THR D 174 -2.44 -11.73 -47.73
N ARG D 175 -3.19 -10.67 -48.05
CA ARG D 175 -4.47 -10.39 -47.40
C ARG D 175 -5.61 -10.47 -48.42
N PHE D 176 -6.59 -11.31 -48.13
CA PHE D 176 -7.79 -11.45 -48.95
C PHE D 176 -8.96 -10.83 -48.20
N ARG D 177 -9.55 -9.79 -48.77
CA ARG D 177 -10.65 -9.06 -48.16
C ARG D 177 -11.97 -9.51 -48.77
N ASP D 178 -13.05 -9.19 -48.07
CA ASP D 178 -14.40 -9.48 -48.56
C ASP D 178 -14.58 -10.96 -48.90
N ILE D 179 -14.09 -11.84 -48.02
CA ILE D 179 -14.18 -13.28 -48.27
C ILE D 179 -15.51 -13.86 -47.81
N GLY D 180 -16.30 -13.13 -47.04
CA GLY D 180 -17.54 -13.61 -46.47
C GLY D 180 -17.67 -13.04 -45.08
N LYS D 181 -18.92 -12.95 -44.61
CA LYS D 181 -19.20 -12.28 -43.34
C LYS D 181 -18.91 -13.22 -42.16
N GLN D 182 -17.99 -12.80 -41.30
CA GLN D 182 -17.68 -13.42 -40.02
C GLN D 182 -17.25 -14.88 -40.14
N PRO D 183 -16.14 -15.13 -40.81
CA PRO D 183 -15.52 -16.46 -40.73
C PRO D 183 -15.20 -16.79 -39.28
N TYR D 184 -15.68 -17.95 -38.80
CA TYR D 184 -15.61 -18.25 -37.37
C TYR D 184 -14.63 -19.36 -37.02
N ASP D 185 -14.15 -20.11 -38.01
CA ASP D 185 -13.28 -21.26 -37.84
C ASP D 185 -12.85 -21.63 -39.26
N ALA D 186 -11.86 -22.52 -39.35
CA ALA D 186 -11.36 -22.92 -40.66
C ALA D 186 -10.67 -24.27 -40.54
N LEU D 187 -10.41 -24.88 -41.69
CA LEU D 187 -9.60 -26.07 -41.74
C LEU D 187 -8.69 -25.99 -42.94
N ILE D 188 -7.67 -26.84 -42.93
CA ILE D 188 -6.79 -27.04 -44.08
C ILE D 188 -6.97 -28.50 -44.49
N SER D 189 -7.02 -28.74 -45.81
CA SER D 189 -7.23 -30.08 -46.31
C SER D 189 -6.03 -30.97 -45.96
N PRO D 190 -6.25 -32.28 -45.84
CA PRO D 190 -5.13 -33.16 -45.44
C PRO D 190 -3.87 -32.99 -46.28
N ASP D 191 -3.98 -32.73 -47.58
CA ASP D 191 -2.79 -32.56 -48.38
C ASP D 191 -2.14 -31.18 -48.22
N GLY D 192 -2.73 -30.30 -47.42
CA GLY D 192 -2.23 -28.96 -47.24
C GLY D 192 -2.48 -28.00 -48.38
N ARG D 193 -3.34 -28.35 -49.35
CA ARG D 193 -3.52 -27.46 -50.49
C ARG D 193 -4.62 -26.42 -50.30
N TYR D 194 -5.74 -26.79 -49.69
CA TYR D 194 -6.90 -25.91 -49.63
C TYR D 194 -7.21 -25.49 -48.21
N TYR D 195 -7.43 -24.19 -48.04
CA TYR D 195 -7.87 -23.61 -46.78
C TYR D 195 -9.35 -23.25 -46.92
N MET D 196 -10.15 -23.69 -45.95
CA MET D 196 -11.59 -23.48 -46.00
C MET D 196 -12.07 -22.88 -44.69
N ALA D 197 -12.66 -21.69 -44.76
CA ALA D 197 -13.19 -20.98 -43.59
C ALA D 197 -14.72 -21.07 -43.57
N GLY D 198 -15.27 -21.46 -42.43
CA GLY D 198 -16.71 -21.49 -42.28
C GLY D 198 -17.22 -20.11 -41.90
N LEU D 199 -18.36 -19.72 -42.49
CA LEU D 199 -18.93 -18.40 -42.27
C LEU D 199 -20.08 -18.44 -41.28
N PHE D 200 -20.10 -17.45 -40.39
CA PHE D 200 -21.14 -17.31 -39.38
C PHE D 200 -22.18 -16.24 -39.73
N GLY D 201 -21.78 -15.20 -40.47
CA GLY D 201 -22.70 -14.13 -40.84
C GLY D 201 -23.50 -14.36 -42.09
N GLU D 202 -23.17 -15.42 -42.81
CA GLU D 202 -23.92 -15.89 -43.96
C GLU D 202 -23.64 -17.37 -44.10
N ASP D 203 -24.32 -18.03 -45.04
CA ASP D 203 -24.08 -19.45 -45.26
C ASP D 203 -22.90 -19.65 -46.23
N GLY D 204 -22.34 -20.85 -46.19
CA GLY D 204 -21.29 -21.23 -47.11
C GLY D 204 -19.93 -21.20 -46.47
N MET D 205 -18.94 -21.56 -47.27
CA MET D 205 -17.55 -21.58 -46.86
CA MET D 205 -17.54 -21.57 -46.85
C MET D 205 -16.70 -20.83 -47.88
N ALA D 206 -15.67 -20.15 -47.39
CA ALA D 206 -14.70 -19.46 -48.23
C ALA D 206 -13.50 -20.38 -48.46
N GLN D 207 -13.25 -20.74 -49.72
CA GLN D 207 -12.17 -21.64 -50.08
C GLN D 207 -11.03 -20.90 -50.79
N LEU D 208 -9.81 -21.11 -50.30
CA LEU D 208 -8.60 -20.54 -50.86
C LEU D 208 -7.70 -21.68 -51.32
N ASP D 209 -7.24 -21.61 -52.57
CA ASP D 209 -6.28 -22.58 -53.10
C ASP D 209 -4.87 -22.06 -52.80
N LEU D 210 -4.21 -22.69 -51.83
CA LEU D 210 -2.89 -22.21 -51.40
C LEU D 210 -1.83 -22.44 -52.46
N TRP D 211 -2.08 -23.30 -53.44
CA TRP D 211 -1.19 -23.41 -54.60
C TRP D 211 -1.35 -22.24 -55.56
N HIS D 212 -2.51 -21.58 -55.56
CA HIS D 212 -2.80 -20.52 -56.52
C HIS D 212 -3.52 -19.37 -55.82
N PRO D 213 -2.84 -18.72 -54.87
CA PRO D 213 -3.47 -17.59 -54.17
C PRO D 213 -3.87 -16.48 -55.11
N GLU D 214 -3.25 -16.38 -56.29
CA GLU D 214 -3.59 -15.36 -57.25
C GLU D 214 -5.02 -15.49 -57.75
N ARG D 215 -5.64 -16.66 -57.56
CA ARG D 215 -7.01 -16.87 -58.00
C ARG D 215 -8.02 -16.38 -56.97
N GLY D 216 -7.58 -16.01 -55.78
CA GLY D 216 -8.46 -15.50 -54.76
C GLY D 216 -9.27 -16.58 -54.06
N VAL D 217 -10.34 -16.13 -53.41
CA VAL D 217 -11.16 -16.98 -52.57
C VAL D 217 -12.47 -17.28 -53.28
N ARG D 218 -12.94 -18.52 -53.16
CA ARG D 218 -14.17 -18.94 -53.81
C ARG D 218 -15.19 -19.39 -52.78
N ARG D 219 -16.46 -19.05 -53.00
CA ARG D 219 -17.52 -19.54 -52.13
C ARG D 219 -17.93 -20.94 -52.56
N VAL D 220 -17.94 -21.86 -51.60
CA VAL D 220 -18.35 -23.24 -51.87
C VAL D 220 -19.35 -23.67 -50.80
N LEU D 221 -19.99 -24.81 -51.04
CA LEU D 221 -20.96 -25.39 -50.10
C LEU D 221 -21.94 -24.33 -49.62
N GLY D 222 -22.60 -23.69 -50.59
CA GLY D 222 -23.24 -22.41 -50.34
C GLY D 222 -24.40 -22.45 -49.37
N ASP D 223 -25.14 -23.54 -49.32
CA ASP D 223 -26.32 -23.63 -48.49
C ASP D 223 -26.05 -24.28 -47.13
N TYR D 224 -24.78 -24.49 -46.79
CA TYR D 224 -24.42 -25.09 -45.51
C TYR D 224 -24.11 -24.01 -44.48
N GLY D 225 -24.85 -24.02 -43.39
CA GLY D 225 -24.64 -23.08 -42.31
C GLY D 225 -25.88 -23.06 -41.43
N ARG D 226 -25.94 -22.06 -40.56
CA ARG D 226 -27.13 -21.85 -39.74
C ARG D 226 -28.30 -21.28 -40.55
N GLY D 227 -28.05 -20.78 -41.75
CA GLY D 227 -29.12 -20.19 -42.54
C GLY D 227 -29.76 -19.01 -41.83
N GLN D 228 -31.09 -19.05 -41.69
CA GLN D 228 -31.84 -17.98 -41.03
C GLN D 228 -32.03 -18.23 -39.54
N ARG D 229 -31.45 -19.29 -38.98
CA ARG D 229 -31.56 -19.57 -37.56
CA ARG D 229 -31.55 -19.58 -37.55
C ARG D 229 -30.61 -18.69 -36.76
N LYS D 230 -31.06 -18.33 -35.55
CA LYS D 230 -30.30 -17.46 -34.64
C LYS D 230 -29.51 -18.35 -33.67
N LEU D 231 -28.36 -18.79 -34.10
CA LEU D 231 -27.51 -19.64 -33.29
C LEU D 231 -26.27 -18.85 -32.88
N PRO D 232 -25.90 -18.76 -31.59
CA PRO D 232 -24.71 -17.96 -31.23
C PRO D 232 -23.43 -18.58 -31.79
N VAL D 233 -22.40 -17.74 -31.92
CA VAL D 233 -21.17 -18.16 -32.60
C VAL D 233 -20.51 -19.32 -31.84
N TYR D 234 -20.53 -19.28 -30.51
CA TYR D 234 -19.91 -20.36 -29.73
C TYR D 234 -20.68 -21.66 -29.78
N LYS D 235 -21.85 -21.68 -30.35
CA LYS D 235 -22.60 -22.91 -30.53
C LYS D 235 -22.47 -23.48 -31.95
N MET D 236 -21.65 -22.87 -32.80
CA MET D 236 -21.44 -23.47 -34.11
C MET D 236 -20.43 -24.61 -33.99
N PRO D 237 -20.52 -25.61 -34.87
CA PRO D 237 -19.59 -26.74 -34.77
C PRO D 237 -18.17 -26.35 -35.13
N HIS D 238 -17.22 -26.98 -34.44
CA HIS D 238 -15.80 -26.82 -34.75
C HIS D 238 -15.47 -27.57 -36.04
N LEU D 239 -14.73 -26.92 -36.93
CA LEU D 239 -14.40 -27.56 -38.20
C LEU D 239 -13.33 -28.64 -38.06
N GLU D 240 -12.62 -28.68 -36.93
CA GLU D 240 -11.80 -29.85 -36.62
C GLU D 240 -12.61 -31.14 -36.65
N GLY D 241 -13.93 -31.08 -36.44
CA GLY D 241 -14.81 -32.22 -36.49
C GLY D 241 -15.25 -32.62 -37.89
N TRP D 242 -14.79 -31.94 -38.92
CA TRP D 242 -14.96 -32.42 -40.29
C TRP D 242 -13.89 -33.45 -40.59
N THR D 243 -14.24 -34.46 -41.40
CA THR D 243 -13.27 -35.44 -41.85
C THR D 243 -13.35 -35.53 -43.37
N ILE D 244 -12.20 -35.40 -44.04
CA ILE D 244 -12.11 -35.31 -45.50
C ILE D 244 -11.35 -36.52 -46.00
N ALA D 245 -11.99 -37.32 -46.86
CA ALA D 245 -11.36 -38.43 -47.57
C ALA D 245 -10.91 -37.96 -48.96
N SER D 246 -10.37 -38.90 -49.74
CA SER D 246 -9.88 -38.55 -51.08
C SER D 246 -10.97 -37.89 -51.90
N ASP D 247 -12.16 -38.49 -51.92
CA ASP D 247 -13.27 -37.97 -52.69
C ASP D 247 -14.46 -37.52 -51.87
N GLN D 248 -14.59 -37.95 -50.62
CA GLN D 248 -15.74 -37.74 -49.76
CA GLN D 248 -15.75 -37.59 -49.82
C GLN D 248 -15.35 -37.00 -48.49
N ALA D 249 -16.25 -36.16 -47.97
CA ALA D 249 -16.11 -35.52 -46.68
C ALA D 249 -17.32 -35.91 -45.84
N PHE D 250 -17.08 -36.26 -44.58
CA PHE D 250 -18.12 -36.58 -43.63
C PHE D 250 -18.13 -35.51 -42.55
N VAL D 251 -19.26 -34.82 -42.39
CA VAL D 251 -19.31 -33.63 -41.56
C VAL D 251 -20.61 -33.60 -40.78
N PRO D 252 -20.59 -33.00 -39.59
CA PRO D 252 -21.84 -32.83 -38.84
C PRO D 252 -22.77 -31.85 -39.54
N ALA D 253 -24.05 -32.21 -39.55
CA ALA D 253 -25.08 -31.28 -39.97
C ALA D 253 -25.26 -30.20 -38.90
N VAL D 254 -25.76 -29.05 -39.34
CA VAL D 254 -25.98 -27.91 -38.44
C VAL D 254 -27.39 -28.05 -37.88
N GLY D 255 -27.50 -28.44 -36.61
CA GLY D 255 -28.79 -28.52 -35.97
C GLY D 255 -29.66 -29.66 -36.43
N HIS D 256 -29.07 -30.77 -36.87
CA HIS D 256 -29.82 -31.96 -37.21
C HIS D 256 -29.03 -33.19 -36.81
N HIS D 257 -29.76 -34.28 -36.53
CA HIS D 257 -29.14 -35.54 -36.12
C HIS D 257 -28.72 -36.34 -37.36
N GLN D 258 -27.79 -35.76 -38.11
CA GLN D 258 -27.33 -36.40 -39.33
CA GLN D 258 -27.32 -36.37 -39.34
C GLN D 258 -25.85 -36.06 -39.57
N VAL D 259 -25.15 -37.03 -40.16
CA VAL D 259 -23.81 -36.82 -40.69
C VAL D 259 -23.98 -36.66 -42.20
N LEU D 260 -23.50 -35.54 -42.72
CA LEU D 260 -23.63 -35.23 -44.13
C LEU D 260 -22.43 -35.78 -44.89
N VAL D 261 -22.70 -36.38 -46.04
CA VAL D 261 -21.64 -36.83 -46.93
C VAL D 261 -21.54 -35.83 -48.07
N LEU D 262 -20.35 -35.25 -48.22
CA LEU D 262 -20.09 -34.24 -49.23
C LEU D 262 -19.12 -34.78 -50.27
N ASP D 263 -19.40 -34.47 -51.53
CA ASP D 263 -18.41 -34.63 -52.59
C ASP D 263 -17.31 -33.60 -52.34
N ALA D 264 -16.13 -34.07 -51.95
CA ALA D 264 -15.04 -33.18 -51.59
C ALA D 264 -14.39 -32.53 -52.81
N ARG D 265 -14.82 -32.89 -54.02
CA ARG D 265 -14.34 -32.27 -55.25
C ARG D 265 -15.15 -31.04 -55.62
N ASP D 266 -16.47 -31.16 -55.69
CA ASP D 266 -17.37 -30.07 -56.04
CA ASP D 266 -17.29 -30.00 -56.03
C ASP D 266 -17.96 -29.36 -54.82
N TRP D 267 -17.72 -29.90 -53.62
CA TRP D 267 -18.31 -29.39 -52.38
C TRP D 267 -19.82 -29.21 -52.53
N LYS D 268 -20.47 -30.36 -52.59
CA LYS D 268 -21.91 -30.48 -52.59
C LYS D 268 -22.28 -31.71 -51.78
N GLN D 269 -23.35 -31.58 -51.00
CA GLN D 269 -23.86 -32.72 -50.25
C GLN D 269 -24.49 -33.73 -51.19
N THR D 270 -24.10 -35.00 -51.04
CA THR D 270 -24.71 -36.09 -51.79
C THR D 270 -25.45 -37.11 -50.93
N ASP D 271 -25.26 -37.11 -49.62
CA ASP D 271 -26.01 -38.00 -48.74
C ASP D 271 -26.07 -37.41 -47.35
N ALA D 272 -26.95 -37.98 -46.53
CA ALA D 272 -27.15 -37.58 -45.14
C ALA D 272 -27.53 -38.83 -44.37
N ILE D 273 -26.76 -39.13 -43.33
CA ILE D 273 -26.86 -40.37 -42.56
C ILE D 273 -27.50 -40.06 -41.22
N ASP D 274 -28.65 -40.67 -40.95
CA ASP D 274 -29.33 -40.48 -39.67
C ASP D 274 -28.52 -41.13 -38.55
N VAL D 275 -28.20 -40.35 -37.53
CA VAL D 275 -27.37 -40.80 -36.43
C VAL D 275 -28.09 -40.54 -35.11
N ALA D 276 -27.53 -41.09 -34.03
CA ALA D 276 -28.23 -41.15 -32.75
C ALA D 276 -28.07 -39.89 -31.91
N GLY D 277 -27.81 -38.75 -32.54
CA GLY D 277 -27.69 -37.52 -31.80
C GLY D 277 -27.19 -36.41 -32.69
N GLN D 278 -27.03 -35.23 -32.10
CA GLN D 278 -26.40 -34.14 -32.80
C GLN D 278 -24.90 -34.41 -32.86
N PRO D 279 -24.34 -34.72 -34.03
CA PRO D 279 -22.90 -35.00 -34.09
C PRO D 279 -22.09 -33.77 -33.73
N VAL D 280 -21.04 -33.97 -32.94
CA VAL D 280 -20.09 -32.93 -32.57
C VAL D 280 -18.77 -33.11 -33.33
N PHE D 281 -18.24 -34.34 -33.35
CA PHE D 281 -17.01 -34.67 -34.04
CA PHE D 281 -17.00 -34.68 -34.03
C PHE D 281 -17.26 -35.83 -35.00
N VAL D 282 -16.66 -35.76 -36.19
CA VAL D 282 -16.65 -36.86 -37.14
C VAL D 282 -15.19 -37.17 -37.49
N MET D 283 -14.80 -38.44 -37.40
CA MET D 283 -13.42 -38.86 -37.63
C MET D 283 -13.40 -40.08 -38.53
N THR D 284 -12.24 -40.34 -39.13
CA THR D 284 -12.05 -41.49 -39.99
C THR D 284 -10.97 -42.39 -39.40
N ARG D 285 -11.26 -43.70 -39.35
CA ARG D 285 -10.21 -44.67 -39.04
C ARG D 285 -9.11 -44.52 -40.12
N PRO D 286 -7.84 -44.71 -39.76
CA PRO D 286 -6.80 -44.31 -40.72
C PRO D 286 -6.88 -45.00 -42.07
N ASP D 287 -7.43 -46.22 -42.15
CA ASP D 287 -7.56 -46.90 -43.43
C ASP D 287 -8.80 -46.45 -44.22
N ASP D 288 -9.53 -45.45 -43.74
CA ASP D 288 -10.63 -44.81 -44.45
C ASP D 288 -11.90 -45.65 -44.54
N ARG D 289 -11.95 -46.82 -43.90
CA ARG D 289 -13.07 -47.72 -44.08
C ARG D 289 -14.22 -47.43 -43.13
N GLN D 290 -13.95 -46.75 -42.03
CA GLN D 290 -14.95 -46.46 -41.01
C GLN D 290 -14.92 -44.98 -40.66
N ILE D 291 -16.10 -44.43 -40.41
CA ILE D 291 -16.30 -43.07 -39.92
C ILE D 291 -16.81 -43.18 -38.50
N TRP D 292 -16.15 -42.52 -37.55
CA TRP D 292 -16.51 -42.52 -36.14
C TRP D 292 -17.10 -41.18 -35.72
N VAL D 293 -18.21 -41.24 -34.96
CA VAL D 293 -19.04 -40.07 -34.69
C VAL D 293 -19.29 -39.94 -33.19
N ASN D 294 -19.11 -38.75 -32.63
N ASN D 294 -19.11 -38.72 -32.65
CA ASN D 294 -19.57 -38.52 -31.27
CA ASN D 294 -19.41 -38.32 -31.29
C ASN D 294 -20.52 -37.34 -31.25
C ASN D 294 -20.58 -37.34 -31.30
N PHE D 295 -21.30 -37.27 -30.18
CA PHE D 295 -22.52 -36.47 -30.13
C PHE D 295 -22.56 -35.51 -28.95
N ALA D 296 -23.43 -34.51 -29.08
CA ALA D 296 -23.68 -33.57 -28.01
C ALA D 296 -24.59 -34.18 -26.95
N TYR D 297 -24.49 -33.65 -25.74
CA TYR D 297 -25.46 -33.97 -24.70
C TYR D 297 -26.87 -33.79 -25.25
N PRO D 298 -27.82 -34.67 -24.91
CA PRO D 298 -27.78 -35.80 -23.99
C PRO D 298 -27.37 -37.12 -24.62
N ASP D 299 -26.78 -37.06 -25.82
CA ASP D 299 -26.42 -38.27 -26.52
C ASP D 299 -24.93 -38.55 -26.46
N ASN D 300 -24.21 -37.88 -25.55
CA ASN D 300 -22.76 -37.97 -25.47
C ASN D 300 -22.29 -39.17 -24.67
N ASP D 301 -23.16 -40.18 -24.51
CA ASP D 301 -22.77 -41.48 -23.98
C ASP D 301 -22.57 -42.51 -25.06
N LYS D 302 -22.77 -42.14 -26.33
CA LYS D 302 -22.68 -43.07 -27.44
C LYS D 302 -21.61 -42.63 -28.43
N VAL D 303 -21.05 -43.62 -29.13
CA VAL D 303 -20.19 -43.43 -30.30
C VAL D 303 -20.73 -44.33 -31.40
N GLN D 304 -20.93 -43.77 -32.59
CA GLN D 304 -21.42 -44.56 -33.71
C GLN D 304 -20.31 -44.73 -34.74
N VAL D 305 -20.26 -45.93 -35.32
CA VAL D 305 -19.29 -46.31 -36.34
C VAL D 305 -20.06 -46.55 -37.63
N ILE D 306 -19.61 -45.92 -38.70
CA ILE D 306 -20.28 -45.94 -39.99
C ILE D 306 -19.35 -46.49 -41.05
N ASP D 307 -19.88 -47.32 -41.96
CA ASP D 307 -19.12 -47.83 -43.10
C ASP D 307 -19.02 -46.73 -44.14
N SER D 308 -17.80 -46.35 -44.51
CA SER D 308 -17.63 -45.21 -45.40
C SER D 308 -18.14 -45.52 -46.80
N GLU D 309 -18.29 -46.80 -47.15
CA GLU D 309 -18.75 -47.18 -48.47
C GLU D 309 -20.27 -47.20 -48.57
N THR D 310 -20.91 -47.93 -47.65
CA THR D 310 -22.35 -48.09 -47.66
C THR D 310 -23.10 -46.95 -46.98
N HIS D 311 -22.40 -46.13 -46.20
CA HIS D 311 -23.01 -45.04 -45.43
C HIS D 311 -23.97 -45.55 -44.37
N GLU D 312 -23.88 -46.81 -43.99
CA GLU D 312 -24.74 -47.37 -42.95
C GLU D 312 -24.00 -47.37 -41.61
N VAL D 313 -24.76 -47.21 -40.53
CA VAL D 313 -24.23 -47.34 -39.18
C VAL D 313 -23.97 -48.82 -38.90
N ILE D 314 -22.70 -49.15 -38.66
CA ILE D 314 -22.27 -50.51 -38.36
C ILE D 314 -22.60 -50.89 -36.92
N GLU D 315 -22.32 -49.98 -35.99
CA GLU D 315 -22.46 -50.27 -34.57
C GLU D 315 -22.64 -48.97 -33.79
N THR D 316 -23.35 -49.06 -32.66
CA THR D 316 -23.44 -47.99 -31.69
C THR D 316 -22.74 -48.46 -30.42
N LEU D 317 -21.61 -47.84 -30.08
CA LEU D 317 -20.87 -48.14 -28.86
C LEU D 317 -21.38 -47.27 -27.72
N ARG D 318 -21.26 -47.80 -26.51
CA ARG D 318 -21.64 -47.08 -25.29
C ARG D 318 -20.47 -47.17 -24.31
N PRO D 319 -19.43 -46.36 -24.51
CA PRO D 319 -18.25 -46.46 -23.64
C PRO D 319 -18.50 -45.95 -22.23
N GLY D 320 -19.45 -45.04 -22.06
CA GLY D 320 -19.73 -44.44 -20.78
C GLY D 320 -20.17 -43.00 -20.96
N PRO D 321 -20.43 -42.31 -19.85
CA PRO D 321 -20.94 -40.93 -19.94
C PRO D 321 -19.85 -39.90 -20.24
N GLY D 322 -20.19 -38.94 -21.08
CA GLY D 322 -19.31 -37.83 -21.39
C GLY D 322 -18.20 -38.13 -22.39
N VAL D 323 -18.55 -38.76 -23.51
CA VAL D 323 -17.59 -39.11 -24.55
C VAL D 323 -17.59 -38.00 -25.59
N LEU D 324 -16.52 -37.21 -25.62
CA LEU D 324 -16.35 -36.18 -26.65
C LEU D 324 -15.10 -36.37 -27.50
N HIS D 325 -13.95 -36.78 -26.96
CA HIS D 325 -12.72 -36.85 -27.73
CA HIS D 325 -12.74 -36.86 -27.78
C HIS D 325 -12.26 -38.29 -27.96
N MET D 326 -11.75 -38.55 -29.16
CA MET D 326 -11.21 -39.84 -29.57
C MET D 326 -9.96 -39.59 -30.39
N GLU D 327 -9.11 -40.60 -30.48
CA GLU D 327 -7.85 -40.48 -31.21
C GLU D 327 -7.38 -41.85 -31.63
N PHE D 328 -7.05 -42.01 -32.90
CA PHE D 328 -6.51 -43.25 -33.43
C PHE D 328 -5.00 -43.26 -33.32
N SER D 329 -4.43 -44.46 -33.21
CA SER D 329 -2.99 -44.59 -33.35
C SER D 329 -2.57 -44.32 -34.79
N GLY D 330 -1.27 -44.20 -35.02
CA GLY D 330 -0.78 -43.83 -36.34
C GLY D 330 -1.20 -44.80 -37.43
N ARG D 331 -1.01 -46.09 -37.20
CA ARG D 331 -1.39 -47.09 -38.21
C ARG D 331 -2.80 -47.62 -38.03
N GLY D 332 -3.52 -47.19 -37.00
CA GLY D 332 -4.93 -47.48 -36.86
C GLY D 332 -5.27 -48.74 -36.10
N ASP D 333 -4.31 -49.34 -35.41
CA ASP D 333 -4.57 -50.54 -34.64
C ASP D 333 -5.32 -50.25 -33.35
N GLN D 334 -5.38 -48.99 -32.93
CA GLN D 334 -6.07 -48.59 -31.71
C GLN D 334 -6.89 -47.33 -31.96
N VAL D 335 -7.94 -47.19 -31.15
CA VAL D 335 -8.63 -45.92 -30.99
C VAL D 335 -8.80 -45.68 -29.50
N TRP D 336 -8.45 -44.47 -29.06
CA TRP D 336 -8.49 -44.05 -27.67
C TRP D 336 -9.72 -43.15 -27.49
N ILE D 337 -10.49 -43.40 -26.45
CA ILE D 337 -11.77 -42.72 -26.22
C ILE D 337 -11.78 -42.19 -24.78
N SER D 338 -11.97 -40.88 -24.62
CA SER D 338 -12.01 -40.28 -23.30
CA SER D 338 -12.02 -40.25 -23.30
C SER D 338 -13.45 -40.25 -22.82
N VAL D 339 -13.70 -40.91 -21.69
CA VAL D 339 -15.02 -40.96 -21.07
C VAL D 339 -14.92 -40.02 -19.86
N ARG D 340 -15.30 -38.77 -20.06
CA ARG D 340 -15.05 -37.72 -19.08
C ARG D 340 -15.70 -38.03 -17.74
N ASP D 341 -16.99 -38.38 -17.74
CA ASP D 341 -17.74 -38.54 -16.50
C ASP D 341 -17.61 -39.93 -15.91
N ALA D 342 -16.78 -40.79 -16.51
CA ALA D 342 -16.34 -42.02 -15.89
C ALA D 342 -14.91 -41.92 -15.37
N ASP D 343 -14.26 -40.78 -15.52
CA ASP D 343 -12.88 -40.59 -15.10
C ASP D 343 -12.00 -41.68 -15.69
N GLN D 344 -12.15 -41.92 -16.98
CA GLN D 344 -11.49 -43.06 -17.60
C GLN D 344 -11.13 -42.76 -19.03
N LEU D 345 -9.93 -43.18 -19.41
CA LEU D 345 -9.50 -43.20 -20.80
C LEU D 345 -9.50 -44.66 -21.25
N GLN D 346 -10.23 -44.94 -22.31
CA GLN D 346 -10.38 -46.31 -22.81
C GLN D 346 -9.60 -46.48 -24.11
N VAL D 347 -9.05 -47.68 -24.30
CA VAL D 347 -8.44 -48.07 -25.56
C VAL D 347 -9.30 -49.17 -26.18
N TRP D 348 -9.65 -49.00 -27.45
CA TRP D 348 -10.44 -49.97 -28.18
C TRP D 348 -9.69 -50.44 -29.42
N ASP D 349 -9.98 -51.68 -29.82
CA ASP D 349 -9.61 -52.24 -31.11
C ASP D 349 -10.68 -51.83 -32.10
N PRO D 350 -10.38 -50.95 -33.06
CA PRO D 350 -11.42 -50.49 -34.00
C PRO D 350 -11.76 -51.49 -35.10
N TYR D 351 -11.11 -52.65 -35.13
CA TYR D 351 -11.48 -53.70 -36.06
C TYR D 351 -12.47 -54.66 -35.42
N ARG D 352 -12.17 -55.16 -34.23
CA ARG D 352 -13.11 -56.00 -33.49
C ARG D 352 -14.21 -55.20 -32.80
N LEU D 353 -14.02 -53.90 -32.63
CA LEU D 353 -14.94 -53.02 -31.90
C LEU D 353 -15.16 -53.53 -30.49
N LYS D 354 -14.04 -53.74 -29.79
CA LYS D 354 -14.02 -54.22 -28.41
C LYS D 354 -13.01 -53.39 -27.62
N ARG D 355 -13.31 -53.17 -26.35
CA ARG D 355 -12.39 -52.48 -25.46
C ARG D 355 -11.19 -53.37 -25.15
N ILE D 356 -10.00 -52.79 -25.17
CA ILE D 356 -8.78 -53.58 -24.97
C ILE D 356 -7.88 -52.98 -23.88
N GLY D 357 -8.35 -51.95 -23.20
CA GLY D 357 -7.56 -51.38 -22.11
C GLY D 357 -8.24 -50.15 -21.55
N SER D 358 -7.73 -49.72 -20.39
CA SER D 358 -8.25 -48.57 -19.67
C SER D 358 -7.17 -48.04 -18.74
N LEU D 359 -7.33 -46.77 -18.35
CA LEU D 359 -6.59 -46.26 -17.21
C LEU D 359 -7.35 -45.09 -16.62
N PRO D 360 -7.23 -44.84 -15.32
CA PRO D 360 -8.02 -43.79 -14.70
C PRO D 360 -7.49 -42.41 -15.06
N ALA D 361 -8.39 -41.43 -15.04
CA ALA D 361 -7.97 -40.06 -15.29
C ALA D 361 -9.01 -39.14 -14.67
N ARG D 362 -8.58 -37.92 -14.36
CA ARG D 362 -9.44 -36.91 -13.76
C ARG D 362 -10.09 -36.11 -14.88
N SER D 363 -11.40 -36.30 -15.07
CA SER D 363 -12.18 -35.56 -16.05
CA SER D 363 -12.18 -35.55 -16.05
C SER D 363 -11.51 -35.48 -17.41
N PRO D 364 -11.14 -36.61 -17.99
CA PRO D 364 -10.34 -36.59 -19.23
C PRO D 364 -11.08 -35.93 -20.39
N SER D 365 -10.32 -35.20 -21.21
CA SER D 365 -10.86 -34.57 -22.41
C SER D 365 -9.94 -34.88 -23.59
N GLY D 366 -9.21 -33.90 -24.11
CA GLY D 366 -8.47 -34.13 -25.34
C GLY D 366 -7.43 -35.22 -25.19
N ILE D 367 -7.28 -36.02 -26.26
CA ILE D 367 -6.26 -37.07 -26.33
CA ILE D 367 -6.26 -37.08 -26.35
C ILE D 367 -5.49 -36.87 -27.64
N PHE D 368 -4.17 -36.79 -27.55
CA PHE D 368 -3.31 -36.48 -28.68
C PHE D 368 -2.08 -37.39 -28.70
N PHE D 369 -1.84 -38.06 -29.82
CA PHE D 369 -0.63 -38.86 -29.96
C PHE D 369 0.37 -38.18 -30.89
N SER D 370 1.66 -38.45 -30.61
CA SER D 370 2.76 -37.67 -31.16
C SER D 370 2.97 -37.89 -32.65
N HIS D 371 2.32 -38.88 -33.26
CA HIS D 371 2.42 -38.99 -34.71
C HIS D 371 1.91 -37.74 -35.40
N ARG D 372 1.12 -36.92 -34.70
CA ARG D 372 0.70 -35.63 -35.22
C ARG D 372 1.87 -34.76 -35.64
N ALA D 373 3.02 -34.90 -34.98
CA ALA D 373 4.22 -34.14 -35.30
C ALA D 373 4.57 -34.14 -36.78
N GLN D 374 4.22 -35.20 -37.49
CA GLN D 374 4.70 -35.39 -38.84
C GLN D 374 3.74 -34.87 -39.90
N HIS D 375 2.61 -34.27 -39.53
CA HIS D 375 1.52 -34.00 -40.47
C HIS D 375 1.17 -32.52 -40.47
N ILE D 376 1.24 -31.92 -41.66
CA ILE D 376 0.78 -30.54 -41.85
C ILE D 376 -0.63 -30.42 -41.32
N GLY D 377 -0.89 -29.33 -40.59
CA GLY D 377 -2.19 -29.06 -40.04
C GLY D 377 -2.49 -29.72 -38.71
N LEU D 378 -1.58 -30.53 -38.19
CA LEU D 378 -1.74 -31.16 -36.89
C LEU D 378 -0.56 -30.81 -36.01
N PRO E 7 37.14 -5.66 56.79
CA PRO E 7 37.08 -4.33 56.15
C PRO E 7 36.03 -3.43 56.81
N PRO E 8 36.06 -2.13 56.51
CA PRO E 8 35.09 -1.21 57.11
C PRO E 8 33.68 -1.42 56.56
N LEU E 9 32.70 -0.88 57.28
CA LEU E 9 31.32 -0.94 56.81
C LEU E 9 31.19 -0.22 55.49
N ARG E 10 30.44 -0.80 54.56
CA ARG E 10 30.15 -0.11 53.32
C ARG E 10 28.88 -0.70 52.71
N GLY E 11 28.18 0.11 51.93
CA GLY E 11 27.05 -0.39 51.19
C GLY E 11 27.46 -1.31 50.07
N SER E 12 26.53 -2.15 49.63
CA SER E 12 26.77 -3.11 48.56
C SER E 12 26.15 -2.70 47.24
N GLY E 13 25.37 -1.63 47.21
CA GLY E 13 24.59 -1.30 46.03
C GLY E 13 25.43 -0.83 44.84
N ASP E 14 26.67 -0.39 45.08
CA ASP E 14 27.52 0.12 44.02
C ASP E 14 28.74 -0.75 43.78
N LEU E 15 28.70 -2.00 44.22
CA LEU E 15 29.86 -2.88 44.13
C LEU E 15 29.89 -3.55 42.77
N GLY E 16 31.09 -3.62 42.18
CA GLY E 16 31.28 -4.29 40.92
C GLY E 16 32.28 -5.43 41.05
N VAL E 17 32.20 -6.37 40.12
CA VAL E 17 33.15 -7.47 40.01
C VAL E 17 33.69 -7.49 38.59
N LEU E 18 35.01 -7.41 38.48
CA LEU E 18 35.74 -7.49 37.22
C LEU E 18 36.47 -8.82 37.13
N ILE E 19 36.27 -9.52 36.02
CA ILE E 19 36.99 -10.76 35.73
C ILE E 19 38.34 -10.41 35.11
N GLU E 20 39.41 -10.99 35.67
CA GLU E 20 40.75 -10.94 35.10
C GLU E 20 40.99 -12.32 34.48
N ARG E 21 40.86 -12.40 33.15
CA ARG E 21 40.56 -13.67 32.51
C ARG E 21 41.75 -14.61 32.36
N ALA E 22 42.98 -14.12 32.56
CA ALA E 22 44.17 -14.93 32.38
C ALA E 22 44.79 -15.38 33.69
N ASP E 23 44.34 -14.85 34.83
CA ASP E 23 44.99 -15.11 36.12
C ASP E 23 44.05 -15.71 37.16
N GLY E 24 42.84 -16.11 36.78
CA GLY E 24 41.94 -16.68 37.74
C GLY E 24 41.69 -15.78 38.94
N SER E 25 41.58 -14.48 38.70
CA SER E 25 41.35 -13.52 39.77
C SER E 25 40.22 -12.58 39.37
N VAL E 26 39.75 -11.82 40.35
CA VAL E 26 38.74 -10.78 40.14
C VAL E 26 39.16 -9.57 40.95
N GLN E 27 38.62 -8.42 40.57
CA GLN E 27 38.67 -7.20 41.38
C GLN E 27 37.26 -6.84 41.81
N ILE E 28 37.16 -6.36 43.05
CA ILE E 28 35.93 -5.81 43.61
C ILE E 28 36.06 -4.30 43.56
N LEU E 29 35.08 -3.64 42.96
CA LEU E 29 35.14 -2.22 42.67
C LEU E 29 34.12 -1.41 43.47
N ASP E 30 34.53 -0.22 43.89
CA ASP E 30 33.66 0.77 44.49
C ASP E 30 33.19 1.64 43.34
N GLY E 31 31.93 1.45 42.94
CA GLY E 31 31.43 2.15 41.78
C GLY E 31 31.26 3.65 41.98
N THR E 32 30.94 4.07 43.21
CA THR E 32 30.75 5.50 43.45
C THR E 32 32.10 6.23 43.45
N ALA E 33 33.10 5.70 44.15
CA ALA E 33 34.43 6.29 44.17
C ALA E 33 35.21 6.04 42.90
N LYS E 34 34.76 5.12 42.05
CA LYS E 34 35.48 4.73 40.83
C LYS E 34 36.89 4.26 41.18
N THR E 35 36.96 3.28 42.08
CA THR E 35 38.22 2.74 42.56
CA THR E 35 38.23 2.74 42.51
C THR E 35 38.08 1.24 42.75
N SER E 36 39.22 0.57 42.89
CA SER E 36 39.26 -0.84 43.17
C SER E 36 39.49 -1.05 44.66
N LEU E 37 38.67 -1.89 45.27
CA LEU E 37 38.78 -2.18 46.68
C LEU E 37 39.71 -3.35 46.99
N ALA E 38 39.80 -4.33 46.09
CA ALA E 38 40.58 -5.52 46.38
C ALA E 38 40.72 -6.35 45.12
N ARG E 39 41.75 -7.17 45.11
CA ARG E 39 41.89 -8.28 44.17
C ARG E 39 41.74 -9.57 44.94
N VAL E 40 40.94 -10.50 44.42
CA VAL E 40 40.81 -11.82 45.01
C VAL E 40 41.28 -12.86 44.00
N GLU E 41 42.24 -13.68 44.40
CA GLU E 41 42.79 -14.71 43.53
C GLU E 41 42.15 -16.06 43.84
N GLY E 42 42.53 -17.09 43.08
CA GLY E 42 42.16 -18.44 43.41
C GLY E 42 40.91 -18.96 42.74
N LEU E 43 40.45 -18.34 41.65
CA LEU E 43 39.24 -18.76 40.97
C LEU E 43 39.52 -19.60 39.74
N GLY E 44 40.74 -20.11 39.58
CA GLY E 44 41.00 -21.12 38.58
C GLY E 44 40.94 -20.56 37.15
N ASP E 45 40.12 -21.19 36.32
CA ASP E 45 40.08 -20.88 34.90
C ASP E 45 38.91 -19.94 34.64
N LEU E 46 39.22 -18.67 34.49
CA LEU E 46 38.22 -17.65 34.14
C LEU E 46 38.40 -17.12 32.73
N SER E 47 39.09 -17.89 31.87
CA SER E 47 39.22 -17.50 30.47
C SER E 47 37.85 -17.21 29.86
N HIS E 48 36.83 -17.91 30.34
CA HIS E 48 35.44 -17.51 30.15
C HIS E 48 34.75 -17.65 31.51
N ALA E 49 33.78 -16.77 31.76
CA ALA E 49 33.16 -16.73 33.06
C ALA E 49 31.93 -15.85 33.00
N SER E 50 31.01 -16.12 33.91
CA SER E 50 29.85 -15.28 34.14
C SER E 50 29.59 -15.27 35.64
N LEU E 51 28.63 -14.44 36.06
CA LEU E 51 28.32 -14.42 37.49
C LEU E 51 26.96 -13.81 37.73
N VAL E 52 26.43 -14.09 38.91
CA VAL E 52 25.20 -13.48 39.41
C VAL E 52 25.43 -13.10 40.87
N PHE E 53 24.49 -12.34 41.42
CA PHE E 53 24.60 -11.85 42.78
C PHE E 53 23.49 -12.39 43.67
N SER E 54 23.81 -12.57 44.94
CA SER E 54 22.82 -12.85 45.95
C SER E 54 21.89 -11.66 46.14
N ARG E 55 20.70 -11.92 46.68
CA ARG E 55 19.67 -10.90 46.72
C ARG E 55 20.00 -9.77 47.70
N ASP E 56 20.93 -9.99 48.63
CA ASP E 56 21.42 -8.93 49.50
C ASP E 56 22.64 -8.23 48.92
N GLN E 57 23.10 -8.62 47.73
CA GLN E 57 24.23 -8.01 47.01
C GLN E 57 25.55 -8.22 47.75
N ARG E 58 25.59 -9.08 48.77
CA ARG E 58 26.86 -9.28 49.46
C ARG E 58 27.77 -10.27 48.74
N TYR E 59 27.20 -11.22 48.00
CA TYR E 59 27.99 -12.29 47.38
C TYR E 59 27.79 -12.29 45.87
N ALA E 60 28.86 -12.60 45.15
CA ALA E 60 28.76 -12.99 43.75
C ALA E 60 29.01 -14.48 43.64
N TYR E 61 28.28 -15.14 42.74
CA TYR E 61 28.51 -16.53 42.37
C TYR E 61 29.13 -16.49 40.98
N VAL E 62 30.39 -16.88 40.89
CA VAL E 62 31.18 -16.82 39.66
C VAL E 62 31.22 -18.23 39.06
N PHE E 63 30.80 -18.35 37.82
CA PHE E 63 30.78 -19.61 37.08
C PHE E 63 31.96 -19.60 36.11
N GLY E 64 32.94 -20.47 36.35
CA GLY E 64 34.14 -20.49 35.55
C GLY E 64 34.15 -21.58 34.49
N ARG E 65 35.07 -21.42 33.55
CA ARG E 65 35.24 -22.35 32.44
CA ARG E 65 35.23 -22.35 32.44
C ARG E 65 35.70 -23.73 32.89
N ASP E 66 36.33 -23.82 34.07
CA ASP E 66 36.75 -25.09 34.65
C ASP E 66 35.62 -25.81 35.38
N GLY E 67 34.40 -25.28 35.34
CA GLY E 67 33.34 -25.84 36.15
C GLY E 67 33.37 -25.40 37.59
N GLY E 68 34.18 -24.38 37.90
CA GLY E 68 34.24 -23.85 39.25
C GLY E 68 33.04 -22.98 39.56
N LEU E 69 32.53 -23.14 40.78
CA LEU E 69 31.44 -22.33 41.30
C LEU E 69 31.99 -21.67 42.55
N THR E 70 32.19 -20.36 42.50
CA THR E 70 32.83 -19.63 43.57
C THR E 70 31.84 -18.64 44.19
N LYS E 71 31.52 -18.85 45.46
CA LYS E 71 30.77 -17.86 46.22
C LYS E 71 31.76 -16.87 46.79
N LEU E 72 31.73 -15.66 46.26
CA LEU E 72 32.69 -14.60 46.55
C LEU E 72 32.02 -13.60 47.49
N ASP E 73 32.64 -13.39 48.65
CA ASP E 73 32.16 -12.42 49.63
C ASP E 73 32.71 -11.06 49.25
N LEU E 74 31.84 -10.20 48.69
CA LEU E 74 32.26 -8.88 48.22
C LEU E 74 32.64 -7.94 49.37
N LEU E 75 32.07 -8.17 50.55
CA LEU E 75 32.30 -7.29 51.69
C LEU E 75 33.51 -7.70 52.48
N ALA E 76 33.67 -9.00 52.74
CA ALA E 76 34.90 -9.48 53.38
C ALA E 76 36.04 -9.62 52.38
N GLN E 77 35.75 -9.49 51.08
CA GLN E 77 36.77 -9.49 50.04
C GLN E 77 37.56 -10.79 50.05
N ARG E 78 36.83 -11.91 50.02
CA ARG E 78 37.44 -13.22 50.06
C ARG E 78 36.51 -14.25 49.43
N ILE E 79 37.07 -15.41 49.11
CA ILE E 79 36.27 -16.56 48.71
C ILE E 79 35.56 -17.11 49.94
N ASP E 80 34.23 -17.19 49.87
CA ASP E 80 33.49 -17.78 50.97
C ASP E 80 33.44 -19.30 50.84
N LYS E 81 33.05 -19.79 49.66
CA LYS E 81 33.02 -21.22 49.37
C LYS E 81 33.34 -21.40 47.89
N ARG E 82 33.86 -22.56 47.55
CA ARG E 82 34.15 -22.86 46.15
C ARG E 82 34.07 -24.35 45.93
N LEU E 83 33.41 -24.76 44.85
CA LEU E 83 33.50 -26.14 44.40
C LEU E 83 33.88 -26.16 42.94
N ILE E 84 34.33 -27.33 42.48
CA ILE E 84 34.72 -27.51 41.09
C ILE E 84 34.04 -28.77 40.58
N GLN E 85 33.22 -28.63 39.54
CA GLN E 85 32.56 -29.77 38.92
C GLN E 85 32.83 -29.77 37.42
N GLY E 86 33.76 -30.62 37.00
CA GLY E 86 34.02 -30.81 35.59
C GLY E 86 32.75 -31.05 34.81
N GLY E 87 32.66 -30.45 33.63
CA GLY E 87 31.45 -30.57 32.83
C GLY E 87 30.43 -29.50 33.09
N ASN E 88 30.58 -28.71 34.16
CA ASN E 88 29.71 -27.56 34.35
C ASN E 88 30.17 -26.41 33.47
N SER E 89 29.21 -25.69 32.92
CA SER E 89 29.42 -24.58 32.01
CA SER E 89 29.50 -24.58 32.03
C SER E 89 29.37 -23.25 32.77
N ILE E 90 29.72 -22.18 32.06
CA ILE E 90 29.51 -20.84 32.57
C ILE E 90 28.03 -20.52 32.43
N GLY E 91 27.62 -19.34 32.92
CA GLY E 91 26.26 -18.88 32.64
C GLY E 91 25.15 -19.37 33.56
N GLY E 92 25.45 -19.59 34.83
CA GLY E 92 24.44 -20.00 35.76
C GLY E 92 23.46 -18.89 36.08
N ALA E 93 22.49 -19.21 36.94
CA ALA E 93 21.39 -18.31 37.22
C ALA E 93 20.97 -18.48 38.68
N ILE E 94 20.28 -17.47 39.20
CA ILE E 94 19.86 -17.46 40.60
C ILE E 94 18.34 -17.31 40.63
N SER E 95 17.71 -18.02 41.56
CA SER E 95 16.27 -18.13 41.61
C SER E 95 15.61 -16.83 42.09
N GLN E 96 14.29 -16.78 41.92
CA GLN E 96 13.51 -15.59 42.24
C GLN E 96 13.58 -15.24 43.72
N ASP E 97 13.68 -16.25 44.59
CA ASP E 97 13.80 -16.02 46.02
C ASP E 97 15.24 -16.01 46.52
N GLY E 98 16.22 -16.15 45.63
CA GLY E 98 17.62 -16.08 46.00
C GLY E 98 18.19 -17.33 46.64
N ARG E 99 17.38 -18.37 46.83
CA ARG E 99 17.83 -19.55 47.56
C ARG E 99 18.55 -20.57 46.69
N LEU E 100 18.34 -20.56 45.39
CA LEU E 100 18.86 -21.60 44.51
C LEU E 100 19.72 -20.98 43.41
N VAL E 101 20.84 -21.64 43.12
CA VAL E 101 21.74 -21.26 42.05
C VAL E 101 21.87 -22.46 41.12
N ALA E 102 21.47 -22.27 39.86
CA ALA E 102 21.51 -23.31 38.84
C ALA E 102 22.69 -23.10 37.90
N VAL E 103 23.29 -24.21 37.47
CA VAL E 103 24.45 -24.22 36.58
C VAL E 103 24.19 -25.29 35.53
N SER E 104 24.33 -24.93 34.26
CA SER E 104 24.16 -25.90 33.19
CA SER E 104 24.16 -25.90 33.20
C SER E 104 25.38 -26.80 33.11
N ASN E 105 25.17 -28.00 32.61
CA ASN E 105 26.20 -29.03 32.47
CA ASN E 105 26.20 -29.03 32.47
C ASN E 105 26.20 -29.51 31.03
N TYR E 106 27.38 -29.54 30.40
CA TYR E 106 27.47 -30.07 29.03
C TYR E 106 27.98 -31.50 28.98
N GLU E 107 28.56 -31.99 30.06
CA GLU E 107 29.09 -33.34 30.13
C GLU E 107 28.76 -33.87 31.51
N PRO E 108 27.85 -34.85 31.66
CA PRO E 108 27.17 -35.60 30.59
C PRO E 108 26.00 -34.87 29.96
N GLY E 109 25.55 -33.77 30.57
CA GLY E 109 24.44 -33.00 30.03
C GLY E 109 23.27 -32.91 30.98
N GLY E 110 22.98 -31.72 31.49
CA GLY E 110 21.88 -31.52 32.42
C GLY E 110 22.04 -30.19 33.14
N VAL E 111 21.34 -30.08 34.27
CA VAL E 111 21.37 -28.89 35.11
C VAL E 111 21.60 -29.35 36.56
N LYS E 112 22.47 -28.63 37.27
CA LYS E 112 22.68 -28.84 38.70
C LYS E 112 22.23 -27.60 39.45
N VAL E 113 21.45 -27.81 40.52
CA VAL E 113 20.89 -26.72 41.31
C VAL E 113 21.45 -26.83 42.72
N PHE E 114 22.00 -25.71 43.20
CA PHE E 114 22.72 -25.63 44.47
C PHE E 114 22.04 -24.68 45.46
N ASP E 115 22.26 -24.94 46.74
CA ASP E 115 21.89 -24.01 47.81
C ASP E 115 22.80 -22.79 47.76
N SER E 116 22.21 -21.59 47.67
CA SER E 116 23.00 -20.38 47.51
C SER E 116 23.79 -20.01 48.77
N ARG E 117 23.42 -20.55 49.92
CA ARG E 117 24.17 -20.31 51.14
C ARG E 117 25.33 -21.29 51.31
N THR E 118 25.06 -22.58 51.18
CA THR E 118 26.04 -23.62 51.49
C THR E 118 26.75 -24.20 50.27
N LEU E 119 26.18 -24.00 49.07
CA LEU E 119 26.59 -24.67 47.84
C LEU E 119 26.43 -26.19 47.92
N GLU E 120 25.62 -26.68 48.84
CA GLU E 120 25.16 -28.05 48.79
C GLU E 120 24.30 -28.25 47.53
N LEU E 121 24.40 -29.45 46.96
CA LEU E 121 23.57 -29.80 45.83
C LEU E 121 22.13 -30.01 46.29
N VAL E 122 21.19 -29.39 45.59
CA VAL E 122 19.78 -29.50 45.89
C VAL E 122 19.07 -30.40 44.89
N ALA E 123 19.38 -30.25 43.60
CA ALA E 123 18.77 -31.07 42.58
C ALA E 123 19.72 -31.28 41.41
N GLU E 124 19.69 -32.47 40.84
CA GLU E 124 20.38 -32.79 39.58
C GLU E 124 19.31 -33.16 38.56
N ILE E 125 19.31 -32.47 37.43
CA ILE E 125 18.31 -32.70 36.37
C ILE E 125 19.04 -33.19 35.12
N PRO E 126 19.16 -34.50 34.89
CA PRO E 126 19.85 -34.96 33.69
C PRO E 126 19.03 -34.66 32.45
N ALA E 127 19.72 -34.27 31.38
CA ALA E 127 19.06 -34.08 30.11
C ALA E 127 18.77 -35.44 29.46
N THR E 128 18.03 -35.39 28.35
CA THR E 128 17.68 -36.60 27.62
C THR E 128 18.93 -37.40 27.23
N ARG E 129 18.89 -38.72 27.46
CA ARG E 129 19.99 -39.57 27.02
C ARG E 129 19.92 -39.71 25.50
N LEU E 130 21.05 -39.53 24.85
CA LEU E 130 21.04 -39.60 23.40
C LEU E 130 21.01 -41.06 22.95
N PRO E 131 20.17 -41.41 21.99
CA PRO E 131 20.06 -42.82 21.59
C PRO E 131 21.43 -43.38 21.21
N GLY E 132 21.73 -44.56 21.75
CA GLY E 132 22.96 -45.23 21.41
C GLY E 132 24.21 -44.62 21.99
N GLN E 133 24.09 -43.75 22.99
CA GLN E 133 25.25 -43.10 23.58
C GLN E 133 25.19 -43.18 25.10
N ASP E 134 26.34 -42.92 25.71
CA ASP E 134 26.50 -42.89 27.17
C ASP E 134 26.70 -41.45 27.64
N ARG E 135 25.94 -40.53 27.05
CA ARG E 135 25.91 -39.15 27.50
C ARG E 135 24.56 -38.60 27.10
N ASN E 136 24.21 -37.44 27.67
CA ASN E 136 22.94 -36.80 27.41
C ASN E 136 23.15 -35.62 26.47
N SER E 137 22.04 -34.97 26.11
CA SER E 137 22.14 -33.70 25.41
C SER E 137 22.86 -32.67 26.28
N ARG E 138 23.71 -31.89 25.64
CA ARG E 138 24.18 -30.67 26.29
C ARG E 138 22.98 -29.79 26.62
N VAL E 139 23.07 -29.08 27.74
CA VAL E 139 22.11 -28.06 28.11
C VAL E 139 22.75 -26.69 27.90
N VAL E 140 22.01 -25.80 27.24
CA VAL E 140 22.42 -24.43 26.98
C VAL E 140 21.25 -23.50 27.29
N GLY E 141 21.53 -22.21 27.30
CA GLY E 141 20.49 -21.20 27.43
C GLY E 141 19.74 -21.22 28.74
N LEU E 142 20.42 -21.50 29.84
CA LEU E 142 19.79 -21.52 31.15
C LEU E 142 19.46 -20.10 31.60
N VAL E 143 18.22 -19.90 32.07
CA VAL E 143 17.80 -18.64 32.69
C VAL E 143 16.96 -18.97 33.92
N ASP E 144 16.89 -18.00 34.82
CA ASP E 144 15.87 -17.96 35.86
C ASP E 144 14.64 -17.25 35.32
N ALA E 145 13.48 -17.58 35.89
CA ALA E 145 12.22 -17.00 35.48
C ALA E 145 11.33 -16.77 36.69
N PRO E 146 10.36 -15.86 36.58
CA PRO E 146 9.42 -15.65 37.68
C PRO E 146 8.65 -16.92 38.00
N GLY E 147 8.17 -17.00 39.23
CA GLY E 147 7.51 -18.20 39.69
C GLY E 147 8.45 -19.30 40.13
N GLN E 148 9.66 -18.92 40.55
CA GLN E 148 10.64 -19.85 41.10
C GLN E 148 10.94 -20.97 40.10
N ARG E 149 11.18 -20.56 38.85
CA ARG E 149 11.46 -21.48 37.76
C ARG E 149 12.84 -21.23 37.15
N PHE E 150 13.39 -22.28 36.58
CA PHE E 150 14.50 -22.20 35.64
C PHE E 150 14.03 -22.74 34.29
N VAL E 151 14.57 -22.18 33.20
CA VAL E 151 14.21 -22.60 31.84
C VAL E 151 15.51 -22.81 31.07
N PHE E 152 15.56 -23.86 30.25
CA PHE E 152 16.81 -24.16 29.56
C PHE E 152 16.52 -25.02 28.33
N SER E 153 17.55 -25.15 27.49
CA SER E 153 17.40 -25.79 26.20
C SER E 153 18.39 -26.95 26.10
N LEU E 154 18.02 -27.92 25.28
CA LEU E 154 18.80 -29.13 25.05
C LEU E 154 19.30 -29.07 23.61
N PHE E 155 20.60 -28.81 23.47
CA PHE E 155 21.24 -28.60 22.17
C PHE E 155 21.08 -29.82 21.28
N ASP E 156 21.53 -30.99 21.74
CA ASP E 156 21.62 -32.13 20.86
C ASP E 156 20.24 -32.72 20.53
N SER E 157 19.28 -32.68 21.45
CA SER E 157 17.99 -33.32 21.21
C SER E 157 16.88 -32.35 20.84
N GLY E 158 17.15 -31.04 20.86
CA GLY E 158 16.20 -30.06 20.38
C GLY E 158 14.98 -29.90 21.25
N GLU E 159 15.18 -29.56 22.53
CA GLU E 159 14.08 -29.44 23.48
C GLU E 159 14.27 -28.17 24.32
N ILE E 160 13.17 -27.75 24.94
CA ILE E 160 13.17 -26.68 25.93
C ILE E 160 12.44 -27.22 27.16
N TRP E 161 13.08 -27.08 28.33
CA TRP E 161 12.50 -27.58 29.56
C TRP E 161 12.27 -26.43 30.54
N ILE E 162 11.21 -26.56 31.33
CA ILE E 162 10.97 -25.71 32.49
C ILE E 162 11.14 -26.56 33.76
N ALA E 163 11.92 -26.05 34.72
CA ALA E 163 12.09 -26.70 36.02
C ALA E 163 11.51 -25.79 37.09
N ASP E 164 10.41 -26.22 37.71
CA ASP E 164 9.61 -25.41 38.62
C ASP E 164 9.89 -25.85 40.04
N PHE E 165 10.56 -24.99 40.82
CA PHE E 165 10.90 -25.25 42.21
C PHE E 165 9.93 -24.59 43.18
N SER E 166 8.78 -24.13 42.71
CA SER E 166 7.93 -23.34 43.57
C SER E 166 7.29 -24.16 44.68
N GLN E 167 7.22 -25.48 44.52
CA GLN E 167 6.55 -26.34 45.50
C GLN E 167 7.54 -27.13 46.34
N GLY E 168 8.82 -26.99 46.11
CA GLY E 168 9.80 -27.75 46.87
C GLY E 168 11.08 -27.93 46.08
N ASP E 169 12.01 -28.66 46.71
CA ASP E 169 13.34 -28.89 46.18
C ASP E 169 13.38 -30.01 45.14
N THR E 170 12.29 -30.74 44.95
CA THR E 170 12.20 -31.66 43.83
C THR E 170 11.38 -30.97 42.76
N PRO E 171 11.98 -30.58 41.63
CA PRO E 171 11.26 -29.72 40.69
C PRO E 171 10.19 -30.48 39.94
N HIS E 172 9.17 -29.74 39.52
CA HIS E 172 8.24 -30.22 38.51
C HIS E 172 8.75 -29.80 37.13
N LEU E 173 8.91 -30.77 36.23
CA LEU E 173 9.49 -30.53 34.92
C LEU E 173 8.39 -30.49 33.86
N THR E 174 8.49 -29.50 32.96
CA THR E 174 7.72 -29.45 31.73
C THR E 174 8.71 -29.55 30.57
N ARG E 175 8.45 -30.46 29.63
CA ARG E 175 9.40 -30.73 28.55
C ARG E 175 8.73 -30.49 27.21
N PHE E 176 9.32 -29.61 26.40
CA PHE E 176 8.83 -29.33 25.06
C PHE E 176 9.79 -29.94 24.04
N ARG E 177 9.30 -30.87 23.24
N ARG E 177 9.30 -30.88 23.25
CA ARG E 177 10.12 -31.60 22.30
CA ARG E 177 10.14 -31.61 22.30
C ARG E 177 10.01 -31.01 20.90
C ARG E 177 10.01 -31.03 20.90
N ASP E 178 11.03 -31.29 20.09
CA ASP E 178 11.04 -30.94 18.67
C ASP E 178 10.78 -29.46 18.46
N ILE E 179 11.49 -28.64 19.24
CA ILE E 179 11.34 -27.19 19.15
C ILE E 179 12.20 -26.56 18.07
N GLY E 180 13.08 -27.32 17.44
CA GLY E 180 14.00 -26.83 16.44
C GLY E 180 15.37 -27.47 16.61
N LYS E 181 16.15 -27.45 15.53
CA LYS E 181 17.42 -28.17 15.47
C LYS E 181 18.52 -27.36 16.17
N GLN E 182 19.12 -27.96 17.21
CA GLN E 182 20.28 -27.45 17.94
C GLN E 182 20.09 -26.02 18.42
N PRO E 183 19.19 -25.82 19.39
CA PRO E 183 19.20 -24.54 20.12
C PRO E 183 20.54 -24.41 20.84
N TYR E 184 21.18 -23.25 20.69
CA TYR E 184 22.55 -23.10 21.15
C TYR E 184 22.69 -22.04 22.24
N ASP E 185 21.68 -21.18 22.43
CA ASP E 185 21.70 -20.08 23.38
C ASP E 185 20.26 -19.62 23.55
N ALA E 186 20.02 -18.81 24.58
CA ALA E 186 18.67 -18.36 24.87
C ALA E 186 18.72 -17.08 25.69
N LEU E 187 17.62 -16.31 25.62
CA LEU E 187 17.41 -15.17 26.49
C LEU E 187 16.02 -15.28 27.13
N ILE E 188 15.83 -14.56 28.23
CA ILE E 188 14.49 -14.28 28.75
C ILE E 188 14.25 -12.79 28.57
N SER E 189 13.03 -12.40 28.21
CA SER E 189 12.76 -11.00 27.97
C SER E 189 12.88 -10.22 29.29
N PRO E 190 13.15 -8.91 29.23
CA PRO E 190 13.40 -8.17 30.48
C PRO E 190 12.23 -8.20 31.45
N ASP E 191 10.99 -8.36 30.97
CA ASP E 191 9.86 -8.49 31.87
C ASP E 191 9.69 -9.90 32.43
N GLY E 192 10.51 -10.86 32.02
CA GLY E 192 10.39 -12.22 32.50
C GLY E 192 9.33 -13.06 31.81
N ARG E 193 8.68 -12.57 30.77
CA ARG E 193 7.56 -13.30 30.19
C ARG E 193 7.97 -14.32 29.13
N TYR E 194 8.91 -13.99 28.25
CA TYR E 194 9.19 -14.81 27.08
C TYR E 194 10.60 -15.39 27.14
N TYR E 195 10.71 -16.67 26.84
CA TYR E 195 11.98 -17.35 26.62
C TYR E 195 12.17 -17.54 25.12
N MET E 196 13.35 -17.20 24.64
CA MET E 196 13.67 -17.30 23.21
C MET E 196 15.00 -18.01 23.04
N ALA E 197 14.97 -19.12 22.31
CA ALA E 197 16.17 -19.90 22.03
C ALA E 197 16.55 -19.72 20.57
N GLY E 198 17.81 -19.37 20.33
CA GLY E 198 18.31 -19.30 18.96
C GLY E 198 18.76 -20.67 18.49
N LEU E 199 18.56 -20.94 17.20
CA LEU E 199 18.83 -22.26 16.63
C LEU E 199 20.08 -22.22 15.76
N PHE E 200 20.83 -23.33 15.80
CA PHE E 200 22.11 -23.49 15.13
C PHE E 200 22.05 -24.50 13.99
N GLY E 201 21.23 -25.55 14.12
CA GLY E 201 21.06 -26.54 13.07
C GLY E 201 20.07 -26.15 11.99
N GLU E 202 19.41 -25.01 12.18
CA GLU E 202 18.52 -24.40 11.20
C GLU E 202 18.38 -22.95 11.60
N ASP E 203 17.79 -22.15 10.71
CA ASP E 203 17.56 -20.75 11.03
C ASP E 203 16.28 -20.58 11.87
N GLY E 204 16.26 -19.55 12.69
CA GLY E 204 15.07 -19.17 13.44
C GLY E 204 15.29 -19.25 14.94
N MET E 205 14.24 -18.83 15.66
CA MET E 205 14.20 -18.79 17.11
CA MET E 205 14.24 -18.87 17.11
C MET E 205 12.96 -19.51 17.62
N ALA E 206 13.10 -20.23 18.72
CA ALA E 206 12.01 -20.93 19.39
C ALA E 206 11.59 -20.11 20.61
N GLN E 207 10.32 -19.69 20.65
CA GLN E 207 9.80 -18.80 21.68
C GLN E 207 8.75 -19.49 22.54
N LEU E 208 8.87 -19.32 23.85
CA LEU E 208 7.94 -19.89 24.82
C LEU E 208 7.36 -18.76 25.65
N ASP E 209 6.03 -18.73 25.76
CA ASP E 209 5.32 -17.77 26.61
C ASP E 209 5.24 -18.38 28.00
N LEU E 210 6.08 -17.88 28.92
CA LEU E 210 6.15 -18.49 30.25
C LEU E 210 4.91 -18.21 31.08
N TRP E 211 4.11 -17.21 30.69
CA TRP E 211 2.79 -17.02 31.30
C TRP E 211 1.81 -18.10 30.87
N HIS E 212 2.00 -18.67 29.67
CA HIS E 212 1.06 -19.63 29.10
C HIS E 212 1.83 -20.77 28.43
N PRO E 213 2.57 -21.54 29.21
CA PRO E 213 3.36 -22.64 28.62
C PRO E 213 2.50 -23.71 27.97
N GLU E 214 1.23 -23.82 28.36
CA GLU E 214 0.32 -24.75 27.73
C GLU E 214 0.14 -24.46 26.25
N ARG E 215 0.48 -23.26 25.80
CA ARG E 215 0.41 -22.93 24.39
C ARG E 215 1.59 -23.48 23.59
N GLY E 216 2.61 -23.98 24.25
CA GLY E 216 3.73 -24.58 23.54
C GLY E 216 4.67 -23.55 22.94
N VAL E 217 5.57 -24.04 22.10
CA VAL E 217 6.64 -23.22 21.54
C VAL E 217 6.23 -22.78 20.13
N ARG E 218 6.55 -21.54 19.77
CA ARG E 218 6.27 -21.07 18.42
C ARG E 218 7.55 -20.59 17.75
N ARG E 219 7.63 -20.74 16.43
CA ARG E 219 8.79 -20.32 15.68
C ARG E 219 8.65 -18.84 15.34
N VAL E 220 9.70 -18.07 15.61
CA VAL E 220 9.71 -16.64 15.29
C VAL E 220 11.03 -16.30 14.61
N LEU E 221 11.04 -15.16 13.92
CA LEU E 221 12.23 -14.62 13.26
C LEU E 221 12.94 -15.71 12.48
N GLY E 222 12.18 -16.33 11.56
CA GLY E 222 12.60 -17.56 10.91
C GLY E 222 13.84 -17.43 10.06
N ASP E 223 14.24 -16.21 9.72
CA ASP E 223 15.39 -15.98 8.87
C ASP E 223 16.68 -15.76 9.66
N TYR E 224 16.60 -15.68 10.98
CA TYR E 224 17.75 -15.31 11.80
C TYR E 224 18.60 -16.54 12.06
N GLY E 225 19.80 -16.56 11.51
CA GLY E 225 20.66 -17.71 11.65
C GLY E 225 21.78 -17.68 10.63
N ARG E 226 22.54 -18.77 10.60
CA ARG E 226 23.72 -18.84 9.76
C ARG E 226 23.40 -19.31 8.35
N GLY E 227 22.15 -19.70 8.09
CA GLY E 227 21.81 -20.22 6.78
C GLY E 227 22.69 -21.40 6.42
N GLN E 228 23.26 -21.35 5.21
CA GLN E 228 24.15 -22.41 4.72
C GLN E 228 25.60 -22.18 5.11
N ARG E 229 25.92 -21.10 5.81
CA ARG E 229 27.30 -20.80 6.17
C ARG E 229 27.78 -21.72 7.28
N LYS E 230 29.00 -22.23 7.13
CA LYS E 230 29.57 -23.14 8.13
C LYS E 230 30.23 -22.34 9.24
N LEU E 231 29.40 -21.61 9.96
CA LEU E 231 29.82 -20.81 11.09
C LEU E 231 29.87 -21.67 12.34
N PRO E 232 30.96 -21.63 13.11
CA PRO E 232 30.97 -22.37 14.38
C PRO E 232 30.04 -21.74 15.41
N VAL E 233 29.70 -22.52 16.44
CA VAL E 233 28.74 -22.06 17.43
CA VAL E 233 28.77 -22.08 17.47
C VAL E 233 29.21 -20.76 18.07
N TYR E 234 30.50 -20.64 18.39
CA TYR E 234 31.00 -19.49 19.12
C TYR E 234 31.06 -18.23 18.26
N LYS E 235 30.78 -18.31 16.96
CA LYS E 235 30.66 -17.13 16.13
C LYS E 235 29.21 -16.78 15.81
N MET E 236 28.25 -17.59 16.30
CA MET E 236 26.86 -17.18 16.30
C MET E 236 26.66 -16.03 17.28
N PRO E 237 25.57 -15.27 17.12
CA PRO E 237 25.28 -14.21 18.09
C PRO E 237 25.11 -14.77 19.50
N HIS E 238 25.73 -14.10 20.46
CA HIS E 238 25.43 -14.34 21.86
C HIS E 238 24.15 -13.60 22.22
N LEU E 239 23.13 -14.33 22.66
CA LEU E 239 21.84 -13.68 22.90
C LEU E 239 21.84 -12.80 24.15
N GLU E 240 22.85 -12.93 25.02
CA GLU E 240 23.06 -11.90 26.01
C GLU E 240 23.31 -10.55 25.35
N GLY E 241 23.80 -10.55 24.11
CA GLY E 241 24.10 -9.36 23.35
C GLY E 241 22.94 -8.81 22.56
N TRP E 242 21.76 -9.40 22.72
CA TRP E 242 20.51 -8.80 22.28
C TRP E 242 20.05 -7.77 23.29
N THR E 243 19.44 -6.69 22.81
CA THR E 243 18.78 -5.75 23.70
C THR E 243 17.34 -5.59 23.21
N ILE E 244 16.38 -5.76 24.13
CA ILE E 244 14.96 -5.76 23.82
C ILE E 244 14.32 -4.58 24.52
N ALA E 245 13.71 -3.68 23.74
CA ALA E 245 12.93 -2.56 24.22
C ALA E 245 11.45 -2.93 24.23
N SER E 246 10.61 -1.94 24.56
CA SER E 246 9.18 -2.20 24.63
C SER E 246 8.63 -2.69 23.29
N ASP E 247 8.98 -2.00 22.20
CA ASP E 247 8.53 -2.39 20.88
C ASP E 247 9.67 -2.69 19.91
N GLN E 248 10.91 -2.41 20.27
CA GLN E 248 12.04 -2.61 19.40
C GLN E 248 13.05 -3.55 20.04
N ALA E 249 13.72 -4.34 19.21
CA ALA E 249 14.93 -5.06 19.62
C ALA E 249 16.06 -4.66 18.68
N PHE E 250 17.25 -4.46 19.25
CA PHE E 250 18.48 -4.19 18.49
C PHE E 250 19.41 -5.38 18.70
N VAL E 251 19.78 -6.05 17.61
CA VAL E 251 20.48 -7.32 17.73
C VAL E 251 21.58 -7.40 16.70
N PRO E 252 22.60 -8.22 16.97
CA PRO E 252 23.66 -8.39 15.96
C PRO E 252 23.16 -9.23 14.79
N ALA E 253 23.48 -8.76 13.59
CA ALA E 253 23.28 -9.61 12.44
C ALA E 253 24.18 -10.84 12.57
N VAL E 254 23.79 -11.91 11.89
CA VAL E 254 24.55 -13.16 11.92
C VAL E 254 25.60 -13.07 10.82
N GLY E 255 26.85 -12.88 11.21
CA GLY E 255 27.93 -12.83 10.25
C GLY E 255 27.84 -11.69 9.26
N HIS E 256 27.39 -10.51 9.69
CA HIS E 256 27.43 -9.31 8.85
C HIS E 256 27.64 -8.09 9.74
N HIS E 257 28.18 -7.03 9.15
CA HIS E 257 28.53 -5.80 9.88
C HIS E 257 27.31 -4.87 9.99
N GLN E 258 26.27 -5.39 10.64
CA GLN E 258 25.05 -4.63 10.84
C GLN E 258 24.43 -4.95 12.19
N VAL E 259 23.74 -3.95 12.73
CA VAL E 259 22.82 -4.13 13.84
C VAL E 259 21.41 -4.10 13.28
N LEU E 260 20.66 -5.17 13.50
CA LEU E 260 19.31 -5.27 12.98
C LEU E 260 18.34 -4.68 14.01
N VAL E 261 17.38 -3.89 13.53
CA VAL E 261 16.30 -3.38 14.37
C VAL E 261 15.07 -4.25 14.09
N LEU E 262 14.51 -4.81 15.15
CA LEU E 262 13.39 -5.73 15.02
C LEU E 262 12.14 -5.19 15.72
N ASP E 263 10.99 -5.40 15.10
CA ASP E 263 9.70 -5.26 15.78
C ASP E 263 9.61 -6.35 16.84
N ALA E 264 9.56 -5.96 18.10
CA ALA E 264 9.64 -6.90 19.21
C ALA E 264 8.35 -7.67 19.44
N ARG E 265 7.25 -7.26 18.83
CA ARG E 265 6.00 -7.98 19.04
C ARG E 265 5.77 -9.03 17.96
N ASP E 266 5.98 -8.66 16.69
CA ASP E 266 5.81 -9.59 15.58
C ASP E 266 7.12 -10.26 15.16
N TRP E 267 8.25 -9.83 15.71
CA TRP E 267 9.56 -10.43 15.42
C TRP E 267 9.82 -10.45 13.91
N LYS E 268 9.87 -9.24 13.37
CA LYS E 268 10.21 -8.98 11.98
C LYS E 268 11.21 -7.84 11.95
N GLN E 269 12.11 -7.87 10.98
CA GLN E 269 13.10 -6.81 10.85
C GLN E 269 12.45 -5.55 10.27
N THR E 270 12.69 -4.41 10.91
CA THR E 270 12.14 -3.15 10.43
C THR E 270 13.21 -2.17 9.94
N ASP E 271 14.47 -2.41 10.26
CA ASP E 271 15.55 -1.54 9.79
C ASP E 271 16.87 -2.28 10.00
N ALA E 272 17.93 -1.70 9.46
CA ALA E 272 19.27 -2.24 9.66
C ALA E 272 20.25 -1.08 9.66
N ILE E 273 21.25 -1.18 10.54
CA ILE E 273 22.21 -0.10 10.77
C ILE E 273 23.61 -0.60 10.42
N ASP E 274 24.24 0.04 9.43
CA ASP E 274 25.62 -0.28 9.12
C ASP E 274 26.52 0.15 10.27
N VAL E 275 27.37 -0.78 10.73
CA VAL E 275 28.26 -0.52 11.87
C VAL E 275 29.68 -0.89 11.46
N ALA E 276 30.64 -0.50 12.28
CA ALA E 276 32.06 -0.52 11.91
C ALA E 276 32.73 -1.86 12.17
N GLY E 277 31.97 -2.95 12.20
CA GLY E 277 32.53 -4.26 12.42
C GLY E 277 31.41 -5.26 12.60
N GLN E 278 31.81 -6.49 12.89
CA GLN E 278 30.85 -7.52 13.30
C GLN E 278 30.41 -7.24 14.74
N PRO E 279 29.15 -6.91 14.98
CA PRO E 279 28.73 -6.64 16.36
C PRO E 279 28.77 -7.91 17.19
N VAL E 280 29.35 -7.81 18.38
CA VAL E 280 29.35 -8.88 19.36
C VAL E 280 28.26 -8.66 20.41
N PHE E 281 28.25 -7.49 21.05
CA PHE E 281 27.25 -7.13 22.04
CA PHE E 281 27.26 -7.14 22.04
C PHE E 281 26.51 -5.87 21.61
N VAL E 282 25.19 -5.88 21.75
CA VAL E 282 24.34 -4.71 21.55
C VAL E 282 23.65 -4.43 22.87
N MET E 283 23.91 -3.28 23.47
CA MET E 283 23.37 -2.91 24.76
C MET E 283 22.65 -1.58 24.66
N THR E 284 21.83 -1.29 25.67
CA THR E 284 21.09 -0.03 25.76
C THR E 284 21.52 0.75 27.00
N ARG E 285 21.73 2.04 26.85
CA ARG E 285 21.79 2.90 28.01
C ARG E 285 20.49 2.75 28.79
N PRO E 286 20.52 2.78 30.13
CA PRO E 286 19.30 2.47 30.88
C PRO E 286 18.12 3.36 30.54
N ASP E 287 18.34 4.58 30.04
CA ASP E 287 17.22 5.41 29.66
C ASP E 287 16.70 5.10 28.26
N ASP E 288 17.27 4.11 27.57
CA ASP E 288 16.82 3.59 26.29
C ASP E 288 17.08 4.54 25.12
N ARG E 289 17.79 5.65 25.35
CA ARG E 289 18.01 6.65 24.31
CA ARG E 289 17.97 6.61 24.27
C ARG E 289 19.17 6.30 23.39
N GLN E 290 20.11 5.50 23.86
CA GLN E 290 21.30 5.16 23.10
C GLN E 290 21.51 3.65 23.12
N ILE E 291 21.99 3.15 21.99
CA ILE E 291 22.37 1.75 21.82
C ILE E 291 23.89 1.71 21.68
N TRP E 292 24.54 0.89 22.50
CA TRP E 292 26.00 0.78 22.54
C TRP E 292 26.41 -0.58 21.99
N VAL E 293 27.42 -0.59 21.12
CA VAL E 293 27.80 -1.75 20.33
C VAL E 293 29.29 -1.96 20.43
N ASN E 294 29.72 -3.19 20.71
CA ASN E 294 31.13 -3.58 20.59
C ASN E 294 31.24 -4.67 19.53
N PHE E 295 32.48 -4.90 19.08
CA PHE E 295 32.72 -5.62 17.82
C PHE E 295 33.75 -6.72 17.99
N ALA E 296 33.72 -7.65 17.05
CA ALA E 296 34.73 -8.71 17.00
C ALA E 296 36.02 -8.21 16.37
N TYR E 297 37.12 -8.82 16.79
CA TYR E 297 38.39 -8.57 16.12
C TYR E 297 38.21 -8.68 14.60
N PRO E 298 38.86 -7.81 13.81
CA PRO E 298 39.85 -6.81 14.22
C PRO E 298 39.30 -5.43 14.53
N ASP E 299 37.97 -5.31 14.72
CA ASP E 299 37.32 -4.06 15.02
C ASP E 299 37.00 -3.89 16.50
N ASN E 300 37.58 -4.73 17.37
CA ASN E 300 37.32 -4.68 18.80
C ASN E 300 38.15 -3.61 19.50
N ASP E 301 38.64 -2.61 18.78
CA ASP E 301 39.23 -1.41 19.35
C ASP E 301 38.25 -0.23 19.36
N LYS E 302 36.99 -0.47 19.03
CA LYS E 302 36.00 0.58 18.91
C LYS E 302 34.70 0.18 19.61
N VAL E 303 33.93 1.21 19.95
CA VAL E 303 32.58 1.07 20.50
C VAL E 303 31.74 2.14 19.83
N GLN E 304 30.62 1.76 19.22
CA GLN E 304 29.77 2.73 18.54
C GLN E 304 28.52 3.00 19.37
N VAL E 305 28.07 4.25 19.30
CA VAL E 305 26.90 4.72 20.05
C VAL E 305 25.87 5.20 19.04
N ILE E 306 24.66 4.65 19.14
CA ILE E 306 23.60 4.81 18.16
C ILE E 306 22.38 5.43 18.82
N ASP E 307 21.76 6.38 18.12
CA ASP E 307 20.51 6.97 18.58
C ASP E 307 19.39 5.97 18.36
N SER E 308 18.71 5.57 19.45
CA SER E 308 17.69 4.53 19.34
C SER E 308 16.47 5.01 18.57
N GLU E 309 16.29 6.31 18.41
CA GLU E 309 15.18 6.85 17.64
C GLU E 309 15.50 6.98 16.14
N THR E 310 16.62 7.63 15.82
CA THR E 310 16.97 7.83 14.43
C THR E 310 17.72 6.65 13.82
N HIS E 311 18.22 5.72 14.64
CA HIS E 311 19.04 4.60 14.18
C HIS E 311 20.31 5.10 13.49
N GLU E 312 20.79 6.27 13.89
CA GLU E 312 22.01 6.86 13.37
C GLU E 312 23.15 6.65 14.37
N VAL E 313 24.33 6.34 13.85
CA VAL E 313 25.52 6.33 14.70
C VAL E 313 25.83 7.76 15.13
N ILE E 314 25.86 7.97 16.46
CA ILE E 314 26.17 9.28 17.03
C ILE E 314 27.67 9.47 17.14
N GLU E 315 28.39 8.42 17.48
CA GLU E 315 29.79 8.56 17.85
C GLU E 315 30.45 7.20 17.78
N THR E 316 31.72 7.20 17.39
CA THR E 316 32.56 6.02 17.44
C THR E 316 33.67 6.28 18.45
N LEU E 317 33.61 5.58 19.59
CA LEU E 317 34.65 5.66 20.60
C LEU E 317 35.78 4.68 20.29
N ARG E 318 36.95 4.99 20.83
CA ARG E 318 38.15 4.17 20.64
C ARG E 318 38.86 4.03 21.98
N PRO E 319 38.34 3.20 22.87
CA PRO E 319 38.90 3.10 24.23
C PRO E 319 40.27 2.47 24.28
N GLY E 320 40.62 1.63 23.31
CA GLY E 320 41.84 0.87 23.33
C GLY E 320 41.62 -0.48 22.68
N PRO E 321 42.68 -1.28 22.56
CA PRO E 321 42.53 -2.59 21.91
C PRO E 321 41.88 -3.62 22.83
N GLY E 322 40.99 -4.42 22.23
CA GLY E 322 40.40 -5.54 22.94
C GLY E 322 39.23 -5.22 23.81
N VAL E 323 38.31 -4.38 23.35
CA VAL E 323 37.14 -4.01 24.14
C VAL E 323 36.17 -5.19 24.10
N LEU E 324 36.04 -5.87 25.24
CA LEU E 324 35.25 -7.09 25.36
C LEU E 324 33.85 -6.80 25.89
N HIS E 325 33.77 -6.16 27.06
CA HIS E 325 32.54 -6.11 27.82
C HIS E 325 32.31 -4.70 28.31
N MET E 326 31.04 -4.36 28.51
CA MET E 326 30.66 -3.09 29.07
C MET E 326 29.51 -3.31 30.04
N GLU E 327 29.33 -2.34 30.94
CA GLU E 327 28.31 -2.47 31.97
C GLU E 327 27.92 -1.08 32.43
N PHE E 328 26.63 -0.78 32.38
CA PHE E 328 26.11 0.48 32.89
C PHE E 328 25.83 0.37 34.39
N SER E 329 25.95 1.51 35.07
CA SER E 329 25.44 1.64 36.43
C SER E 329 23.91 1.54 36.43
N GLY E 330 23.35 1.36 37.62
CA GLY E 330 21.91 1.13 37.73
C GLY E 330 21.08 2.22 37.12
N ARG E 331 21.38 3.47 37.46
CA ARG E 331 20.62 4.62 36.94
C ARG E 331 21.20 5.18 35.64
N GLY E 332 22.34 4.67 35.19
CA GLY E 332 22.89 5.05 33.91
C GLY E 332 23.82 6.24 33.91
N ASP E 333 24.28 6.69 35.08
CA ASP E 333 25.23 7.80 35.12
C ASP E 333 26.64 7.39 34.68
N GLN E 334 26.93 6.09 34.62
CA GLN E 334 28.24 5.58 34.25
C GLN E 334 28.09 4.41 33.28
N VAL E 335 29.12 4.22 32.45
CA VAL E 335 29.31 2.96 31.74
C VAL E 335 30.76 2.53 31.92
N TRP E 336 30.96 1.27 32.26
CA TRP E 336 32.27 0.69 32.50
C TRP E 336 32.65 -0.15 31.30
N ILE E 337 33.90 -0.04 30.85
CA ILE E 337 34.33 -0.70 29.62
C ILE E 337 35.66 -1.40 29.87
N SER E 338 35.69 -2.72 29.69
CA SER E 338 36.91 -3.49 29.85
CA SER E 338 36.91 -3.49 29.85
C SER E 338 37.73 -3.43 28.56
N VAL E 339 39.00 -3.06 28.70
CA VAL E 339 39.91 -2.93 27.56
C VAL E 339 41.02 -3.94 27.79
N ARG E 340 40.80 -5.15 27.30
CA ARG E 340 41.64 -6.28 27.70
C ARG E 340 43.10 -6.02 27.41
N ASP E 341 43.42 -5.63 26.18
CA ASP E 341 44.82 -5.55 25.75
C ASP E 341 45.51 -4.26 26.14
N ALA E 342 44.83 -3.39 26.89
CA ALA E 342 45.46 -2.25 27.54
C ALA E 342 45.52 -2.43 29.05
N ASP E 343 45.05 -3.56 29.59
CA ASP E 343 45.04 -3.79 31.03
C ASP E 343 44.37 -2.64 31.77
N GLN E 344 43.23 -2.21 31.24
CA GLN E 344 42.45 -1.13 31.83
C GLN E 344 40.97 -1.47 31.91
N LEU E 345 40.34 -1.09 33.02
CA LEU E 345 38.89 -1.01 33.17
C LEU E 345 38.55 0.47 33.23
N GLN E 346 37.93 0.96 32.17
CA GLN E 346 37.62 2.38 32.02
C GLN E 346 36.21 2.66 32.51
N VAL E 347 36.01 3.88 32.98
CA VAL E 347 34.69 4.38 33.34
C VAL E 347 34.43 5.60 32.48
N TRP E 348 33.24 5.65 31.89
CA TRP E 348 32.85 6.75 31.03
C TRP E 348 31.55 7.38 31.49
N ASP E 349 31.40 8.66 31.20
CA ASP E 349 30.13 9.37 31.28
C ASP E 349 29.41 9.12 29.96
N PRO E 350 28.32 8.34 29.94
CA PRO E 350 27.66 8.04 28.68
C PRO E 350 26.78 9.16 28.15
N TYR E 351 26.69 10.28 28.85
CA TYR E 351 25.99 11.45 28.35
C TYR E 351 26.96 12.39 27.65
N ARG E 352 28.07 12.73 28.30
CA ARG E 352 29.12 13.51 27.65
C ARG E 352 29.95 12.69 26.69
N LEU E 353 29.93 11.37 26.81
CA LEU E 353 30.77 10.47 26.02
C LEU E 353 32.25 10.78 26.25
N LYS E 354 32.61 10.88 27.52
CA LYS E 354 33.96 11.21 27.93
C LYS E 354 34.43 10.21 28.99
N ARG E 355 35.72 9.87 28.95
CA ARG E 355 36.28 8.96 29.93
C ARG E 355 36.53 9.70 31.23
N ILE E 356 36.05 9.15 32.34
CA ILE E 356 36.17 9.76 33.66
C ILE E 356 37.02 8.93 34.60
N GLY E 357 37.50 7.77 34.19
CA GLY E 357 38.41 7.00 35.02
C GLY E 357 38.96 5.84 34.23
N SER E 358 40.02 5.25 34.77
CA SER E 358 40.69 4.13 34.11
C SER E 358 41.54 3.43 35.17
N LEU E 359 41.09 2.26 35.61
CA LEU E 359 41.70 1.45 36.65
C LEU E 359 42.56 0.35 36.04
N PRO E 360 43.71 0.06 36.62
CA PRO E 360 44.55 -1.02 36.07
C PRO E 360 43.95 -2.38 36.37
N ALA E 361 44.12 -3.31 35.43
CA ALA E 361 43.63 -4.66 35.65
C ALA E 361 44.39 -5.59 34.73
N ARG E 362 44.41 -6.87 35.10
CA ARG E 362 45.13 -7.91 34.37
C ARG E 362 44.17 -8.55 33.37
N SER E 363 44.34 -8.25 32.08
CA SER E 363 43.53 -8.78 30.99
C SER E 363 42.04 -8.79 31.35
N PRO E 364 41.47 -7.61 31.61
CA PRO E 364 40.07 -7.55 32.06
C PRO E 364 39.10 -8.05 31.01
N SER E 365 38.03 -8.72 31.48
CA SER E 365 36.94 -9.15 30.60
C SER E 365 35.59 -8.75 31.19
N GLY E 366 34.84 -9.71 31.73
CA GLY E 366 33.49 -9.41 32.20
C GLY E 366 33.49 -8.40 33.34
N ILE E 367 32.54 -7.48 33.28
CA ILE E 367 32.33 -6.50 34.35
C ILE E 367 30.86 -6.52 34.74
N PHE E 368 30.59 -6.71 36.03
CA PHE E 368 29.24 -6.94 36.53
C PHE E 368 29.03 -6.08 37.77
N PHE E 369 27.92 -5.33 37.83
CA PHE E 369 27.61 -4.57 39.02
C PHE E 369 26.41 -5.15 39.75
N SER E 370 26.43 -4.99 41.08
CA SER E 370 25.51 -5.72 41.96
C SER E 370 24.05 -5.35 41.76
N HIS E 371 23.74 -4.25 41.07
CA HIS E 371 22.32 -3.97 40.83
C HIS E 371 21.66 -5.10 40.06
N ARG E 372 22.44 -5.97 39.40
CA ARG E 372 21.86 -7.14 38.75
C ARG E 372 21.09 -8.02 39.73
N ALA E 373 21.44 -7.96 41.03
CA ALA E 373 20.80 -8.82 42.02
C ALA E 373 19.28 -8.70 42.04
N GLN E 374 18.74 -7.55 41.64
CA GLN E 374 17.33 -7.23 41.79
CA GLN E 374 17.32 -7.29 41.81
C GLN E 374 16.50 -7.56 40.55
N HIS E 375 17.12 -8.08 39.49
CA HIS E 375 16.43 -8.24 38.21
C HIS E 375 16.40 -9.68 37.71
N ILE E 376 15.18 -10.16 37.42
CA ILE E 376 15.00 -11.47 36.81
C ILE E 376 15.89 -11.58 35.59
N GLY E 377 16.53 -12.73 35.42
CA GLY E 377 17.37 -12.96 34.27
C GLY E 377 18.81 -12.47 34.39
N LEU E 378 19.16 -11.77 35.48
CA LEU E 378 20.52 -11.25 35.68
C LEU E 378 21.06 -11.78 37.02
N PRO F 7 -38.00 17.52 -58.48
CA PRO F 7 -38.87 17.97 -57.39
C PRO F 7 -39.10 19.49 -57.40
N PRO F 8 -40.09 19.98 -56.66
CA PRO F 8 -40.42 21.41 -56.71
C PRO F 8 -39.39 22.27 -55.99
N LEU F 9 -39.40 23.55 -56.36
CA LEU F 9 -38.47 24.53 -55.78
C LEU F 9 -38.68 24.64 -54.27
N ARG F 10 -37.58 24.68 -53.53
CA ARG F 10 -37.72 24.90 -52.09
C ARG F 10 -36.41 25.42 -51.53
N GLY F 11 -36.52 26.14 -50.42
CA GLY F 11 -35.36 26.53 -49.67
C GLY F 11 -34.67 25.35 -49.01
N SER F 12 -33.40 25.56 -48.71
CA SER F 12 -32.55 24.55 -48.09
C SER F 12 -32.25 24.84 -46.63
N GLY F 13 -32.66 26.00 -46.11
CA GLY F 13 -32.26 26.41 -44.78
C GLY F 13 -32.91 25.69 -43.63
N ASP F 14 -34.00 24.95 -43.91
CA ASP F 14 -34.74 24.21 -42.89
C ASP F 14 -34.74 22.72 -43.17
N LEU F 15 -33.83 22.24 -44.00
CA LEU F 15 -33.80 20.83 -44.37
C LEU F 15 -33.01 20.05 -43.33
N GLY F 16 -33.57 18.93 -42.91
CA GLY F 16 -32.88 18.01 -42.03
C GLY F 16 -32.63 16.65 -42.66
N VAL F 17 -31.63 15.96 -42.15
CA VAL F 17 -31.27 14.60 -42.58
C VAL F 17 -31.33 13.71 -41.35
N LEU F 18 -32.14 12.65 -41.42
CA LEU F 18 -32.28 11.66 -40.37
C LEU F 18 -31.66 10.34 -40.81
N ILE F 19 -30.76 9.82 -39.97
CA ILE F 19 -30.11 8.53 -40.19
C ILE F 19 -31.04 7.40 -39.73
N GLU F 20 -31.25 6.41 -40.59
CA GLU F 20 -31.96 5.19 -40.24
C GLU F 20 -30.89 4.09 -40.11
N ARG F 21 -30.49 3.78 -38.87
CA ARG F 21 -29.19 3.16 -38.61
C ARG F 21 -29.11 1.68 -38.97
N ALA F 22 -30.24 1.01 -39.20
CA ALA F 22 -30.28 -0.42 -39.48
C ALA F 22 -30.53 -0.73 -40.95
N ASP F 23 -30.84 0.28 -41.78
CA ASP F 23 -31.29 0.04 -43.14
C ASP F 23 -30.45 0.75 -44.18
N GLY F 24 -29.37 1.42 -43.77
CA GLY F 24 -28.54 2.14 -44.71
C GLY F 24 -29.30 3.21 -45.46
N SER F 25 -30.22 3.89 -44.80
CA SER F 25 -31.04 4.89 -45.47
C SER F 25 -31.15 6.13 -44.61
N VAL F 26 -31.64 7.20 -45.23
CA VAL F 26 -31.87 8.48 -44.57
C VAL F 26 -33.24 8.98 -45.00
N GLN F 27 -33.79 9.88 -44.20
CA GLN F 27 -34.91 10.71 -44.62
C GLN F 27 -34.45 12.15 -44.68
N ILE F 28 -35.02 12.89 -45.61
CA ILE F 28 -34.82 14.33 -45.77
C ILE F 28 -36.10 15.00 -45.27
N LEU F 29 -35.95 15.93 -44.33
CA LEU F 29 -37.10 16.50 -43.62
C LEU F 29 -37.29 17.97 -43.96
N ASP F 30 -38.56 18.38 -44.06
CA ASP F 30 -38.95 19.80 -44.15
C ASP F 30 -39.17 20.26 -42.72
N GLY F 31 -38.21 21.03 -42.20
CA GLY F 31 -38.25 21.46 -40.81
C GLY F 31 -39.38 22.43 -40.49
N THR F 32 -39.75 23.27 -41.44
CA THR F 32 -40.83 24.23 -41.18
C THR F 32 -42.18 23.53 -41.16
N ALA F 33 -42.44 22.67 -42.12
CA ALA F 33 -43.71 21.94 -42.16
C ALA F 33 -43.72 20.75 -41.21
N LYS F 34 -42.57 20.38 -40.64
CA LYS F 34 -42.46 19.22 -39.76
C LYS F 34 -42.96 17.97 -40.48
N THR F 35 -42.41 17.72 -41.67
CA THR F 35 -42.82 16.58 -42.48
C THR F 35 -41.58 15.95 -43.11
N SER F 36 -41.74 14.70 -43.57
CA SER F 36 -40.68 14.03 -44.30
C SER F 36 -40.89 14.23 -45.80
N LEU F 37 -39.84 14.67 -46.49
CA LEU F 37 -39.91 14.85 -47.93
C LEU F 37 -39.57 13.59 -48.71
N ALA F 38 -38.64 12.78 -48.21
CA ALA F 38 -38.19 11.64 -48.98
C ALA F 38 -37.40 10.69 -48.10
N ARG F 39 -37.35 9.43 -48.52
CA ARG F 39 -36.39 8.47 -48.03
C ARG F 39 -35.40 8.18 -49.16
N VAL F 40 -34.11 8.17 -48.84
CA VAL F 40 -33.08 7.79 -49.78
C VAL F 40 -32.33 6.56 -49.25
N GLU F 41 -32.28 5.51 -50.06
CA GLU F 41 -31.62 4.26 -49.68
C GLU F 41 -30.25 4.18 -50.33
N GLY F 42 -29.50 3.14 -49.94
CA GLY F 42 -28.24 2.83 -50.60
C GLY F 42 -26.99 3.38 -49.97
N LEU F 43 -27.03 3.74 -48.69
CA LEU F 43 -25.86 4.30 -48.00
C LEU F 43 -25.13 3.27 -47.14
N GLY F 44 -25.44 1.98 -47.29
CA GLY F 44 -24.60 0.96 -46.71
C GLY F 44 -24.75 0.86 -45.20
N ASP F 45 -23.62 0.91 -44.49
CA ASP F 45 -23.59 0.68 -43.05
C ASP F 45 -23.61 2.05 -42.37
N LEU F 46 -24.80 2.45 -41.93
CA LEU F 46 -24.95 3.64 -41.10
C LEU F 46 -25.21 3.30 -39.63
N SER F 47 -24.84 2.08 -39.20
CA SER F 47 -25.00 1.71 -37.80
C SER F 47 -24.32 2.73 -36.90
N HIS F 48 -23.23 3.33 -37.38
CA HIS F 48 -22.72 4.59 -36.86
C HIS F 48 -22.55 5.53 -38.05
N ALA F 49 -22.79 6.81 -37.85
CA ALA F 49 -22.66 7.75 -38.95
C ALA F 49 -22.59 9.17 -38.44
N SER F 50 -21.98 10.02 -39.24
CA SER F 50 -22.03 11.46 -39.01
C SER F 50 -22.17 12.15 -40.36
N LEU F 51 -22.38 13.47 -40.34
CA LEU F 51 -22.43 14.20 -41.61
C LEU F 51 -22.17 15.67 -41.40
N VAL F 52 -21.79 16.31 -42.50
CA VAL F 52 -21.68 17.75 -42.62
C VAL F 52 -22.45 18.17 -43.87
N PHE F 53 -22.61 19.47 -44.05
CA PHE F 53 -23.34 20.06 -45.17
C PHE F 53 -22.42 20.94 -46.01
N SER F 54 -22.68 20.96 -47.33
CA SER F 54 -22.04 21.95 -48.20
C SER F 54 -22.49 23.35 -47.83
N ARG F 55 -21.68 24.34 -48.20
CA ARG F 55 -21.90 25.71 -47.75
C ARG F 55 -23.18 26.33 -48.33
N ASP F 56 -23.70 25.79 -49.43
CA ASP F 56 -24.97 26.20 -50.00
C ASP F 56 -26.15 25.37 -49.47
N GLN F 57 -25.87 24.37 -48.64
CA GLN F 57 -26.87 23.51 -48.00
C GLN F 57 -27.57 22.55 -48.94
N ARG F 58 -27.14 22.47 -50.20
CA ARG F 58 -27.80 21.54 -51.12
C ARG F 58 -27.41 20.10 -50.86
N TYR F 59 -26.21 19.86 -50.35
CA TYR F 59 -25.69 18.52 -50.18
C TYR F 59 -25.33 18.25 -48.72
N ALA F 60 -25.52 17.01 -48.30
CA ALA F 60 -24.91 16.51 -47.08
C ALA F 60 -23.85 15.47 -47.46
N TYR F 61 -22.75 15.47 -46.73
CA TYR F 61 -21.69 14.48 -46.85
C TYR F 61 -21.86 13.55 -45.66
N VAL F 62 -22.26 12.32 -45.93
CA VAL F 62 -22.53 11.33 -44.90
C VAL F 62 -21.34 10.40 -44.77
N PHE F 63 -20.80 10.30 -43.55
CA PHE F 63 -19.65 9.46 -43.26
C PHE F 63 -20.15 8.23 -42.51
N GLY F 64 -20.04 7.07 -43.15
CA GLY F 64 -20.59 5.85 -42.63
C GLY F 64 -19.57 4.91 -42.03
N ARG F 65 -20.05 3.99 -41.18
CA ARG F 65 -19.21 3.02 -40.48
C ARG F 65 -18.45 2.10 -41.41
N ASP F 66 -18.93 1.93 -42.65
CA ASP F 66 -18.27 1.11 -43.65
C ASP F 66 -17.17 1.85 -44.38
N GLY F 67 -16.83 3.06 -43.95
CA GLY F 67 -15.91 3.90 -44.68
C GLY F 67 -16.53 4.58 -45.88
N GLY F 68 -17.84 4.49 -46.02
CA GLY F 68 -18.52 5.13 -47.14
C GLY F 68 -18.60 6.63 -46.95
N LEU F 69 -18.40 7.34 -48.05
CA LEU F 69 -18.58 8.79 -48.12
C LEU F 69 -19.64 9.06 -49.18
N THR F 70 -20.81 9.53 -48.75
CA THR F 70 -21.94 9.73 -49.63
C THR F 70 -22.23 11.22 -49.74
N LYS F 71 -22.16 11.74 -50.96
CA LYS F 71 -22.61 13.10 -51.25
C LYS F 71 -24.10 13.01 -51.60
N LEU F 72 -24.94 13.42 -50.65
CA LEU F 72 -26.39 13.31 -50.73
C LEU F 72 -26.98 14.63 -51.21
N ASP F 73 -27.68 14.59 -52.35
CA ASP F 73 -28.36 15.75 -52.90
C ASP F 73 -29.72 15.91 -52.22
N LEU F 74 -29.83 16.90 -51.32
CA LEU F 74 -31.06 17.09 -50.55
C LEU F 74 -32.21 17.63 -51.39
N LEU F 75 -31.90 18.32 -52.48
CA LEU F 75 -32.94 18.94 -53.30
C LEU F 75 -33.45 18.01 -54.39
N ALA F 76 -32.54 17.30 -55.05
CA ALA F 76 -32.94 16.24 -55.97
C ALA F 76 -33.31 14.95 -55.23
N GLN F 77 -33.03 14.88 -53.92
CA GLN F 77 -33.42 13.74 -53.10
C GLN F 77 -32.83 12.43 -53.65
N ARG F 78 -31.51 12.45 -53.84
CA ARG F 78 -30.83 11.29 -54.41
C ARG F 78 -29.37 11.32 -53.98
N ILE F 79 -28.73 10.15 -54.10
CA ILE F 79 -27.27 10.10 -53.94
C ILE F 79 -26.63 10.73 -55.16
N ASP F 80 -25.79 11.74 -54.94
CA ASP F 80 -25.11 12.37 -56.06
C ASP F 80 -23.81 11.65 -56.39
N LYS F 81 -22.99 11.36 -55.39
CA LYS F 81 -21.76 10.62 -55.54
C LYS F 81 -21.56 9.75 -54.28
N ARG F 82 -20.83 8.66 -54.43
CA ARG F 82 -20.54 7.82 -53.28
C ARG F 82 -19.24 7.08 -53.51
N LEU F 83 -18.46 6.96 -52.45
CA LEU F 83 -17.26 6.12 -52.47
C LEU F 83 -17.17 5.38 -51.16
N ILE F 84 -16.49 4.24 -51.19
CA ILE F 84 -16.23 3.45 -50.01
C ILE F 84 -14.72 3.25 -49.89
N GLN F 85 -14.17 3.61 -48.74
CA GLN F 85 -12.75 3.42 -48.46
C GLN F 85 -12.61 2.73 -47.12
N GLY F 86 -12.17 1.48 -47.15
CA GLY F 86 -11.89 0.75 -45.94
C GLY F 86 -10.93 1.51 -45.06
N GLY F 87 -11.16 1.46 -43.76
CA GLY F 87 -10.32 2.16 -42.83
C GLY F 87 -10.72 3.60 -42.58
N ASN F 88 -11.62 4.17 -43.38
CA ASN F 88 -12.12 5.50 -43.07
C ASN F 88 -13.14 5.41 -41.95
N SER F 89 -13.13 6.40 -41.08
CA SER F 89 -13.98 6.43 -39.91
C SER F 89 -15.14 7.39 -40.15
N ILE F 90 -16.06 7.44 -39.19
CA ILE F 90 -17.16 8.39 -39.26
C ILE F 90 -16.72 9.80 -38.92
N GLY F 91 -15.45 10.01 -38.61
CA GLY F 91 -15.03 11.37 -38.33
C GLY F 91 -14.77 12.15 -39.60
N GLY F 92 -15.62 13.13 -39.93
CA GLY F 92 -15.47 13.90 -41.16
C GLY F 92 -15.76 15.37 -40.94
N ALA F 93 -15.12 16.21 -41.75
CA ALA F 93 -15.25 17.67 -41.58
C ALA F 93 -15.13 18.36 -42.92
N ILE F 94 -15.67 19.58 -43.00
CA ILE F 94 -15.67 20.35 -44.24
C ILE F 94 -14.93 21.68 -44.02
N SER F 95 -14.14 22.08 -45.02
CA SER F 95 -13.23 23.21 -44.87
C SER F 95 -13.99 24.54 -44.85
N GLN F 96 -13.27 25.59 -44.42
CA GLN F 96 -13.86 26.90 -44.20
C GLN F 96 -14.43 27.49 -45.49
N ASP F 97 -13.83 27.17 -46.64
CA ASP F 97 -14.35 27.64 -47.92
C ASP F 97 -15.27 26.62 -48.59
N GLY F 98 -15.49 25.48 -47.96
CA GLY F 98 -16.42 24.47 -48.44
C GLY F 98 -15.91 23.61 -49.58
N ARG F 99 -14.64 23.77 -49.96
CA ARG F 99 -14.12 23.07 -51.12
C ARG F 99 -13.56 21.69 -50.79
N LEU F 100 -13.20 21.45 -49.52
CA LEU F 100 -12.50 20.23 -49.13
C LEU F 100 -13.27 19.54 -48.02
N VAL F 101 -13.37 18.22 -48.12
CA VAL F 101 -13.98 17.35 -47.12
C VAL F 101 -12.92 16.37 -46.65
N ALA F 102 -12.61 16.41 -45.35
CA ALA F 102 -11.59 15.56 -44.76
C ALA F 102 -12.22 14.44 -43.95
N VAL F 103 -11.60 13.27 -43.99
CA VAL F 103 -12.08 12.10 -43.26
C VAL F 103 -10.89 11.45 -42.58
N SER F 104 -11.03 11.16 -41.28
CA SER F 104 -10.02 10.44 -40.52
CA SER F 104 -9.99 10.45 -40.57
C SER F 104 -10.01 8.97 -40.93
N ASN F 105 -8.84 8.36 -40.87
CA ASN F 105 -8.63 6.97 -41.24
C ASN F 105 -7.91 6.29 -40.09
N TYR F 106 -8.37 5.09 -39.73
CA TYR F 106 -7.74 4.30 -38.69
C TYR F 106 -6.94 3.13 -39.22
N GLU F 107 -7.04 2.83 -40.51
CA GLU F 107 -6.26 1.77 -41.12
C GLU F 107 -5.93 2.19 -42.55
N PRO F 108 -4.66 2.50 -42.88
CA PRO F 108 -3.43 2.39 -42.09
C PRO F 108 -3.24 3.46 -41.01
N GLY F 109 -4.02 4.54 -41.04
CA GLY F 109 -3.88 5.63 -40.11
C GLY F 109 -3.46 6.93 -40.76
N GLY F 110 -4.35 7.92 -40.78
CA GLY F 110 -4.06 9.20 -41.40
C GLY F 110 -5.36 9.95 -41.68
N VAL F 111 -5.25 10.94 -42.56
CA VAL F 111 -6.39 11.74 -43.00
C VAL F 111 -6.42 11.78 -44.51
N LYS F 112 -7.59 11.60 -45.09
CA LYS F 112 -7.79 11.73 -46.52
C LYS F 112 -8.67 12.95 -46.77
N VAL F 113 -8.30 13.75 -47.78
CA VAL F 113 -8.99 14.99 -48.11
C VAL F 113 -9.52 14.88 -49.53
N PHE F 114 -10.82 15.15 -49.70
CA PHE F 114 -11.53 15.00 -50.96
C PHE F 114 -12.08 16.34 -51.46
N ASP F 115 -12.19 16.44 -52.78
CA ASP F 115 -12.88 17.55 -53.43
C ASP F 115 -14.37 17.46 -53.13
N SER F 116 -14.96 18.53 -52.57
CA SER F 116 -16.35 18.46 -52.14
C SER F 116 -17.31 18.36 -53.32
N ARG F 117 -16.88 18.71 -54.52
CA ARG F 117 -17.77 18.60 -55.67
C ARG F 117 -17.70 17.21 -56.30
N THR F 118 -16.50 16.70 -56.52
CA THR F 118 -16.29 15.46 -57.26
C THR F 118 -16.00 14.25 -56.36
N LEU F 119 -15.65 14.47 -55.09
CA LEU F 119 -15.15 13.43 -54.19
C LEU F 119 -13.86 12.81 -54.72
N GLU F 120 -13.16 13.49 -55.63
CA GLU F 120 -11.84 13.05 -56.02
C GLU F 120 -10.87 13.28 -54.86
N LEU F 121 -9.94 12.35 -54.69
CA LEU F 121 -8.93 12.47 -53.65
C LEU F 121 -8.00 13.63 -53.98
N VAL F 122 -7.86 14.55 -53.04
CA VAL F 122 -6.99 15.71 -53.22
C VAL F 122 -5.69 15.59 -52.42
N ALA F 123 -5.73 14.97 -51.24
CA ALA F 123 -4.52 14.79 -50.44
C ALA F 123 -4.70 13.58 -49.52
N GLU F 124 -3.60 12.85 -49.31
CA GLU F 124 -3.52 11.84 -48.28
C GLU F 124 -2.44 12.27 -47.29
N ILE F 125 -2.78 12.32 -46.02
CA ILE F 125 -1.85 12.69 -44.96
C ILE F 125 -1.63 11.47 -44.08
N PRO F 126 -0.58 10.68 -44.29
CA PRO F 126 -0.32 9.54 -43.40
C PRO F 126 0.13 9.99 -42.02
N ALA F 127 -0.39 9.31 -41.01
CA ALA F 127 0.07 9.56 -39.66
C ALA F 127 1.43 8.90 -39.44
N THR F 128 2.02 9.22 -38.29
CA THR F 128 3.29 8.65 -37.88
C THR F 128 3.28 7.12 -37.96
N ARG F 129 4.32 6.55 -38.57
CA ARG F 129 4.45 5.11 -38.58
C ARG F 129 4.87 4.61 -37.20
N LEU F 130 4.17 3.59 -36.70
CA LEU F 130 4.44 3.12 -35.36
C LEU F 130 5.76 2.34 -35.33
N PRO F 131 6.60 2.57 -34.32
CA PRO F 131 7.89 1.85 -34.26
C PRO F 131 7.73 0.34 -34.41
N GLY F 132 8.53 -0.22 -35.31
CA GLY F 132 8.53 -1.67 -35.50
C GLY F 132 7.31 -2.24 -36.19
N GLN F 133 6.43 -1.39 -36.71
CA GLN F 133 5.23 -1.85 -37.41
C GLN F 133 5.15 -1.17 -38.78
N ASP F 134 4.26 -1.69 -39.63
CA ASP F 134 4.06 -1.11 -40.96
C ASP F 134 2.87 -0.18 -41.03
N ARG F 135 2.00 -0.18 -40.02
CA ARG F 135 0.84 0.70 -40.00
C ARG F 135 1.18 1.99 -39.24
N ASN F 136 0.28 2.95 -39.31
CA ASN F 136 0.48 4.24 -38.66
C ASN F 136 -0.42 4.36 -37.43
N SER F 137 -0.26 5.46 -36.71
CA SER F 137 -1.17 5.79 -35.63
C SER F 137 -2.57 6.00 -36.19
N ARG F 138 -3.55 5.54 -35.43
CA ARG F 138 -4.94 5.93 -35.69
C ARG F 138 -5.05 7.44 -35.55
N VAL F 139 -5.89 8.04 -36.39
CA VAL F 139 -6.25 9.44 -36.28
C VAL F 139 -7.67 9.56 -35.77
N VAL F 140 -7.87 10.48 -34.83
CA VAL F 140 -9.14 10.73 -34.17
C VAL F 140 -9.27 12.24 -33.98
N GLY F 141 -10.46 12.67 -33.57
CA GLY F 141 -10.65 14.05 -33.19
C GLY F 141 -10.46 15.05 -34.31
N LEU F 142 -10.83 14.69 -35.53
CA LEU F 142 -10.66 15.57 -36.68
C LEU F 142 -11.71 16.69 -36.63
N VAL F 143 -11.24 17.94 -36.78
CA VAL F 143 -12.11 19.09 -36.90
C VAL F 143 -11.56 20.00 -38.00
N ASP F 144 -12.46 20.79 -38.58
CA ASP F 144 -12.11 21.95 -39.38
C ASP F 144 -11.87 23.15 -38.47
N ALA F 145 -11.10 24.11 -38.96
CA ALA F 145 -10.78 25.28 -38.17
C ALA F 145 -10.64 26.48 -39.08
N PRO F 146 -10.73 27.69 -38.54
CA PRO F 146 -10.51 28.89 -39.33
C PRO F 146 -9.12 28.90 -39.95
N GLY F 147 -8.99 29.64 -41.05
CA GLY F 147 -7.74 29.67 -41.78
C GLY F 147 -7.55 28.50 -42.72
N GLN F 148 -8.65 27.86 -43.16
CA GLN F 148 -8.58 26.74 -44.10
C GLN F 148 -7.69 25.63 -43.56
N ARG F 149 -7.93 25.27 -42.31
N ARG F 149 -7.93 25.27 -42.31
CA ARG F 149 -7.14 24.25 -41.62
CA ARG F 149 -7.15 24.27 -41.60
C ARG F 149 -8.01 23.08 -41.19
C ARG F 149 -8.02 23.07 -41.21
N PHE F 150 -7.39 21.92 -41.08
CA PHE F 150 -7.94 20.78 -40.35
C PHE F 150 -6.98 20.50 -39.20
N VAL F 151 -7.52 20.04 -38.07
CA VAL F 151 -6.73 19.70 -36.89
C VAL F 151 -7.18 18.32 -36.42
N PHE F 152 -6.23 17.51 -35.99
CA PHE F 152 -6.57 16.14 -35.64
C PHE F 152 -5.51 15.57 -34.71
N SER F 153 -5.86 14.46 -34.06
CA SER F 153 -5.00 13.85 -33.06
C SER F 153 -4.59 12.45 -33.47
N LEU F 154 -3.43 12.01 -32.98
CA LEU F 154 -2.88 10.69 -33.25
C LEU F 154 -2.96 9.91 -31.93
N PHE F 155 -3.90 8.94 -31.91
CA PHE F 155 -4.20 8.16 -30.71
C PHE F 155 -2.97 7.38 -30.24
N ASP F 156 -2.38 6.60 -31.13
CA ASP F 156 -1.29 5.71 -30.70
C ASP F 156 -0.01 6.47 -30.36
N SER F 157 0.35 7.49 -31.14
CA SER F 157 1.65 8.13 -30.95
C SER F 157 1.58 9.39 -30.08
N GLY F 158 0.38 9.82 -29.68
CA GLY F 158 0.24 10.94 -28.78
C GLY F 158 0.63 12.28 -29.36
N GLU F 159 -0.01 12.67 -30.47
CA GLU F 159 0.33 13.89 -31.18
C GLU F 159 -0.94 14.64 -31.58
N ILE F 160 -0.79 15.94 -31.83
CA ILE F 160 -1.81 16.76 -32.48
C ILE F 160 -1.18 17.44 -33.68
N TRP F 161 -1.83 17.34 -34.83
CA TRP F 161 -1.34 17.93 -36.06
C TRP F 161 -2.33 18.97 -36.59
N ILE F 162 -1.79 20.06 -37.14
CA ILE F 162 -2.55 21.01 -37.93
C ILE F 162 -2.17 20.78 -39.39
N ALA F 163 -3.18 20.66 -40.25
CA ALA F 163 -3.00 20.58 -41.70
C ALA F 163 -3.58 21.85 -42.31
N ASP F 164 -2.71 22.71 -42.80
CA ASP F 164 -3.09 24.03 -43.30
C ASP F 164 -3.16 23.98 -44.82
N PHE F 165 -4.38 24.11 -45.35
CA PHE F 165 -4.63 24.06 -46.78
C PHE F 165 -4.81 25.44 -47.39
N SER F 166 -4.39 26.49 -46.69
CA SER F 166 -4.69 27.83 -47.16
C SER F 166 -3.88 28.22 -48.39
N GLN F 167 -2.82 27.49 -48.72
CA GLN F 167 -1.98 27.84 -49.85
C GLN F 167 -2.05 26.83 -50.99
N GLY F 168 -2.97 25.87 -50.95
CA GLY F 168 -3.16 24.97 -52.05
C GLY F 168 -3.50 23.56 -51.59
N ASP F 169 -3.46 22.63 -52.56
CA ASP F 169 -3.83 21.24 -52.32
C ASP F 169 -2.82 20.49 -51.47
N THR F 170 -1.57 20.95 -51.42
CA THR F 170 -0.55 20.30 -50.62
C THR F 170 -0.47 20.99 -49.28
N PRO F 171 -0.85 20.33 -48.18
CA PRO F 171 -0.96 21.05 -46.91
C PRO F 171 0.39 21.30 -46.27
N HIS F 172 0.44 22.38 -45.51
CA HIS F 172 1.54 22.65 -44.59
C HIS F 172 1.18 22.05 -43.24
N LEU F 173 2.01 21.15 -42.74
CA LEU F 173 1.75 20.40 -41.52
C LEU F 173 2.55 20.97 -40.35
N THR F 174 1.88 21.18 -39.23
CA THR F 174 2.51 21.49 -37.95
C THR F 174 2.18 20.33 -37.01
N ARG F 175 3.20 19.76 -36.40
CA ARG F 175 3.04 18.57 -35.58
C ARG F 175 3.50 18.85 -34.15
N PHE F 176 2.65 18.51 -33.19
CA PHE F 176 2.96 18.67 -31.77
C PHE F 176 3.08 17.28 -31.14
N ARG F 177 4.26 16.94 -30.64
CA ARG F 177 4.50 15.60 -30.11
C ARG F 177 4.36 15.57 -28.59
N ASP F 178 4.19 14.35 -28.07
CA ASP F 178 4.12 14.09 -26.63
CA ASP F 178 4.12 14.09 -26.63
C ASP F 178 3.12 15.02 -25.95
N ILE F 179 1.94 15.14 -26.55
CA ILE F 179 0.91 16.01 -25.99
C ILE F 179 0.08 15.33 -24.93
N GLY F 180 0.28 14.03 -24.72
CA GLY F 180 -0.54 13.24 -23.83
C GLY F 180 -0.79 11.83 -24.33
N LYS F 181 -1.03 10.90 -23.40
CA LYS F 181 -1.15 9.49 -23.73
C LYS F 181 -2.53 9.21 -24.30
N GLN F 182 -2.57 8.73 -25.55
CA GLN F 182 -3.78 8.26 -26.20
C GLN F 182 -4.90 9.29 -26.21
N PRO F 183 -4.73 10.41 -26.92
CA PRO F 183 -5.88 11.27 -27.21
C PRO F 183 -6.86 10.48 -28.07
N TYR F 184 -8.12 10.44 -27.63
CA TYR F 184 -9.11 9.55 -28.23
C TYR F 184 -10.23 10.28 -28.93
N ASP F 185 -10.36 11.59 -28.74
CA ASP F 185 -11.44 12.40 -29.27
C ASP F 185 -11.05 13.86 -29.04
N ALA F 186 -11.70 14.76 -29.77
CA ALA F 186 -11.36 16.19 -29.65
C ALA F 186 -12.56 17.03 -30.06
N LEU F 187 -12.51 18.29 -29.64
CA LEU F 187 -13.48 19.30 -30.09
C LEU F 187 -12.73 20.58 -30.42
N ILE F 188 -13.39 21.45 -31.19
CA ILE F 188 -12.97 22.84 -31.37
C ILE F 188 -14.02 23.72 -30.72
N SER F 189 -13.57 24.75 -30.01
CA SER F 189 -14.50 25.62 -29.29
C SER F 189 -15.42 26.33 -30.28
N PRO F 190 -16.60 26.76 -29.81
CA PRO F 190 -17.57 27.35 -30.74
C PRO F 190 -17.03 28.51 -31.54
N ASP F 191 -16.11 29.30 -30.97
CA ASP F 191 -15.52 30.42 -31.70
C ASP F 191 -14.39 30.00 -32.63
N GLY F 192 -14.03 28.72 -32.66
CA GLY F 192 -12.99 28.25 -33.54
C GLY F 192 -11.58 28.52 -33.07
N ARG F 193 -11.39 29.00 -31.85
CA ARG F 193 -10.05 29.36 -31.40
C ARG F 193 -9.27 28.20 -30.76
N TYR F 194 -9.91 27.37 -29.95
CA TYR F 194 -9.21 26.36 -29.16
C TYR F 194 -9.58 24.95 -29.61
N TYR F 195 -8.55 24.11 -29.77
CA TYR F 195 -8.70 22.67 -29.99
C TYR F 195 -8.39 21.94 -28.69
N MET F 196 -9.28 21.04 -28.30
CA MET F 196 -9.16 20.32 -27.03
C MET F 196 -9.32 18.83 -27.29
N ALA F 197 -8.25 18.09 -27.01
CA ALA F 197 -8.24 16.63 -27.15
C ALA F 197 -8.34 16.00 -25.77
N GLY F 198 -9.31 15.09 -25.61
CA GLY F 198 -9.41 14.32 -24.39
C GLY F 198 -8.48 13.12 -24.42
N LEU F 199 -7.88 12.85 -23.26
CA LEU F 199 -6.90 11.78 -23.11
C LEU F 199 -7.50 10.53 -22.49
N PHE F 200 -7.07 9.37 -22.99
CA PHE F 200 -7.51 8.05 -22.55
C PHE F 200 -6.46 7.32 -21.74
N GLY F 201 -5.17 7.45 -22.11
CA GLY F 201 -4.07 6.79 -21.41
C GLY F 201 -3.61 7.50 -20.16
N GLU F 202 -4.15 8.68 -19.90
CA GLU F 202 -3.99 9.40 -18.65
C GLU F 202 -5.19 10.34 -18.55
N ASP F 203 -5.29 11.05 -17.44
CA ASP F 203 -6.38 12.01 -17.26
C ASP F 203 -5.96 13.38 -17.80
N GLY F 204 -6.96 14.18 -18.14
CA GLY F 204 -6.74 15.55 -18.58
C GLY F 204 -7.06 15.72 -20.06
N MET F 205 -6.88 16.96 -20.50
CA MET F 205 -7.18 17.39 -21.87
CA MET F 205 -7.15 17.33 -21.89
C MET F 205 -6.00 18.18 -22.41
N ALA F 206 -5.68 17.99 -23.67
CA ALA F 206 -4.61 18.73 -24.34
C ALA F 206 -5.24 19.85 -25.14
N GLN F 207 -4.88 21.09 -24.81
CA GLN F 207 -5.48 22.27 -25.40
C GLN F 207 -4.45 22.99 -26.27
N LEU F 208 -4.85 23.30 -27.50
CA LEU F 208 -4.04 24.03 -28.46
C LEU F 208 -4.76 25.34 -28.81
N ASP F 209 -4.08 26.47 -28.61
CA ASP F 209 -4.59 27.77 -29.03
C ASP F 209 -4.27 27.96 -30.51
N LEU F 210 -5.29 27.85 -31.37
CA LEU F 210 -5.08 27.90 -32.81
C LEU F 210 -4.74 29.30 -33.30
N TRP F 211 -4.97 30.34 -32.49
CA TRP F 211 -4.44 31.66 -32.81
C TRP F 211 -2.94 31.76 -32.57
N HIS F 212 -2.38 30.89 -31.70
CA HIS F 212 -0.98 30.99 -31.29
C HIS F 212 -0.41 29.58 -31.19
N PRO F 213 -0.35 28.86 -32.31
CA PRO F 213 0.16 27.49 -32.27
C PRO F 213 1.60 27.41 -31.81
N GLU F 214 2.37 28.50 -31.99
CA GLU F 214 3.76 28.53 -31.54
C GLU F 214 3.89 28.36 -30.03
N ARG F 215 2.82 28.58 -29.28
CA ARG F 215 2.84 28.39 -27.84
C ARG F 215 2.71 26.93 -27.44
N GLY F 216 2.45 26.04 -28.38
CA GLY F 216 2.40 24.64 -28.08
C GLY F 216 1.13 24.25 -27.36
N VAL F 217 1.14 23.02 -26.87
CA VAL F 217 -0.04 22.42 -26.26
C VAL F 217 0.04 22.57 -24.76
N ARG F 218 -1.12 22.74 -24.14
CA ARG F 218 -1.24 23.02 -22.72
C ARG F 218 -2.20 22.01 -22.10
N ARG F 219 -1.80 21.44 -20.97
CA ARG F 219 -2.65 20.48 -20.28
C ARG F 219 -3.66 21.24 -19.40
N VAL F 220 -4.94 20.90 -19.54
CA VAL F 220 -6.01 21.53 -18.79
C VAL F 220 -6.94 20.46 -18.24
N LEU F 221 -7.77 20.86 -17.28
CA LEU F 221 -8.77 19.98 -16.68
C LEU F 221 -8.15 18.62 -16.36
N GLY F 222 -7.07 18.66 -15.59
CA GLY F 222 -6.20 17.50 -15.39
C GLY F 222 -6.88 16.29 -14.80
N ASP F 223 -8.02 16.45 -14.15
CA ASP F 223 -8.70 15.35 -13.46
C ASP F 223 -9.77 14.68 -14.30
N TYR F 224 -9.96 15.10 -15.55
CA TYR F 224 -11.06 14.60 -16.38
C TYR F 224 -10.57 13.39 -17.16
N GLY F 225 -11.10 12.24 -16.83
CA GLY F 225 -10.70 11.00 -17.47
C GLY F 225 -11.21 9.82 -16.65
N ARG F 226 -10.72 8.64 -17.03
CA ARG F 226 -11.15 7.42 -16.35
C ARG F 226 -10.31 7.11 -15.11
N GLY F 227 -9.30 7.91 -14.82
CA GLY F 227 -8.49 7.66 -13.65
C GLY F 227 -7.92 6.25 -13.68
N GLN F 228 -8.12 5.53 -12.58
CA GLN F 228 -7.61 4.18 -12.42
C GLN F 228 -8.60 3.12 -12.89
N ARG F 229 -9.75 3.54 -13.39
CA ARG F 229 -10.72 2.59 -13.92
C ARG F 229 -10.24 2.06 -15.27
N LYS F 230 -10.80 0.92 -15.66
CA LYS F 230 -10.41 0.26 -16.90
C LYS F 230 -11.47 0.43 -17.99
N LEU F 231 -12.21 1.53 -17.94
CA LEU F 231 -13.22 1.80 -18.96
C LEU F 231 -12.62 1.65 -20.35
N PRO F 232 -13.25 0.90 -21.25
CA PRO F 232 -12.83 0.94 -22.65
C PRO F 232 -13.04 2.32 -23.25
N VAL F 233 -12.33 2.57 -24.35
CA VAL F 233 -12.32 3.91 -24.93
C VAL F 233 -13.70 4.29 -25.45
N TYR F 234 -14.49 3.32 -25.95
CA TYR F 234 -15.81 3.66 -26.45
C TYR F 234 -16.81 3.97 -25.33
N LYS F 235 -16.42 3.80 -24.06
CA LYS F 235 -17.24 4.21 -22.93
C LYS F 235 -16.80 5.56 -22.37
N MET F 236 -15.73 6.14 -22.89
CA MET F 236 -15.38 7.52 -22.55
C MET F 236 -16.39 8.49 -23.15
N PRO F 237 -16.55 9.67 -22.55
CA PRO F 237 -17.49 10.64 -23.11
C PRO F 237 -17.10 11.05 -24.53
N HIS F 238 -18.11 11.18 -25.39
CA HIS F 238 -17.91 11.75 -26.72
C HIS F 238 -17.84 13.26 -26.58
N LEU F 239 -16.79 13.86 -27.15
CA LEU F 239 -16.59 15.30 -26.97
C LEU F 239 -17.62 16.12 -27.76
N GLU F 240 -18.28 15.51 -28.74
CA GLU F 240 -19.45 16.14 -29.34
C GLU F 240 -20.55 16.37 -28.33
N GLY F 241 -20.56 15.60 -27.25
CA GLY F 241 -21.54 15.75 -26.19
C GLY F 241 -21.21 16.80 -25.16
N TRP F 242 -20.09 17.50 -25.35
CA TRP F 242 -19.77 18.68 -24.55
C TRP F 242 -20.53 19.89 -25.09
N THR F 243 -20.92 20.79 -24.19
CA THR F 243 -21.44 22.11 -24.54
CA THR F 243 -21.40 22.11 -24.59
C THR F 243 -20.57 23.18 -23.88
N ILE F 244 -20.06 24.11 -24.67
CA ILE F 244 -19.20 25.19 -24.18
C ILE F 244 -19.89 26.52 -24.45
N ALA F 245 -20.10 27.29 -23.39
CA ALA F 245 -20.59 28.66 -23.46
C ALA F 245 -19.43 29.64 -23.23
N SER F 246 -19.76 30.93 -23.12
CA SER F 246 -18.72 31.92 -22.92
C SER F 246 -17.93 31.64 -21.64
N ASP F 247 -18.62 31.48 -20.52
CA ASP F 247 -17.96 31.31 -19.24
C ASP F 247 -17.99 29.89 -18.72
N GLN F 248 -18.98 29.09 -19.10
CA GLN F 248 -19.19 27.78 -18.51
C GLN F 248 -19.24 26.72 -19.59
N ALA F 249 -18.81 25.51 -19.25
CA ALA F 249 -19.04 24.32 -20.06
C ALA F 249 -19.88 23.34 -19.25
N PHE F 250 -20.79 22.65 -19.92
CA PHE F 250 -21.58 21.57 -19.34
C PHE F 250 -21.21 20.29 -20.07
N VAL F 251 -20.74 19.29 -19.33
CA VAL F 251 -20.12 18.12 -19.98
C VAL F 251 -20.55 16.86 -19.24
N PRO F 252 -20.57 15.73 -19.94
CA PRO F 252 -20.85 14.46 -19.27
C PRO F 252 -19.68 14.06 -18.37
N ALA F 253 -20.03 13.60 -17.17
CA ALA F 253 -19.03 12.97 -16.33
C ALA F 253 -18.55 11.65 -16.95
N VAL F 254 -17.34 11.25 -16.57
CA VAL F 254 -16.75 10.03 -17.10
C VAL F 254 -17.28 8.87 -16.26
N GLY F 255 -18.26 8.15 -16.80
CA GLY F 255 -18.79 6.99 -16.11
C GLY F 255 -19.44 7.31 -14.79
N HIS F 256 -20.16 8.42 -14.72
CA HIS F 256 -20.92 8.78 -13.53
C HIS F 256 -22.21 9.45 -13.98
N HIS F 257 -23.25 9.34 -13.15
CA HIS F 257 -24.57 9.88 -13.47
C HIS F 257 -24.64 11.37 -13.14
N GLN F 258 -23.72 12.15 -13.68
CA GLN F 258 -23.67 13.58 -13.44
C GLN F 258 -23.34 14.36 -14.69
N VAL F 259 -23.87 15.58 -14.74
CA VAL F 259 -23.39 16.62 -15.64
C VAL F 259 -22.47 17.54 -14.86
N LEU F 260 -21.26 17.71 -15.35
CA LEU F 260 -20.28 18.54 -14.69
C LEU F 260 -20.35 19.94 -15.28
N VAL F 261 -20.28 20.93 -14.40
CA VAL F 261 -20.24 22.33 -14.80
C VAL F 261 -18.81 22.81 -14.63
N LEU F 262 -18.24 23.38 -15.69
CA LEU F 262 -16.85 23.77 -15.71
C LEU F 262 -16.70 25.26 -15.95
N ASP F 263 -15.76 25.87 -15.23
CA ASP F 263 -15.21 27.18 -15.59
C ASP F 263 -14.45 27.01 -16.90
N ALA F 264 -14.95 27.60 -17.98
CA ALA F 264 -14.38 27.41 -19.31
C ALA F 264 -13.22 28.36 -19.61
N ARG F 265 -12.77 29.13 -18.63
CA ARG F 265 -11.57 29.93 -18.77
C ARG F 265 -10.38 29.26 -18.11
N ASP F 266 -10.54 28.84 -16.85
CA ASP F 266 -9.49 28.16 -16.11
C ASP F 266 -9.61 26.64 -16.17
N TRP F 267 -10.69 26.11 -16.75
CA TRP F 267 -10.90 24.68 -16.92
C TRP F 267 -10.76 23.93 -15.60
N LYS F 268 -11.67 24.27 -14.70
CA LYS F 268 -11.82 23.64 -13.40
C LYS F 268 -13.32 23.41 -13.17
N GLN F 269 -13.64 22.33 -12.49
CA GLN F 269 -15.03 22.04 -12.16
C GLN F 269 -15.54 22.99 -11.09
N THR F 270 -16.74 23.53 -11.29
CA THR F 270 -17.35 24.43 -10.32
C THR F 270 -18.69 23.94 -9.76
N ASP F 271 -19.32 22.94 -10.38
CA ASP F 271 -20.54 22.37 -9.85
C ASP F 271 -20.71 20.99 -10.48
N ALA F 272 -21.64 20.23 -9.94
CA ALA F 272 -21.99 18.92 -10.47
C ALA F 272 -23.49 18.72 -10.29
N ILE F 273 -24.15 18.23 -11.33
CA ILE F 273 -25.60 18.07 -11.36
C ILE F 273 -25.91 16.59 -11.48
N ASP F 274 -26.63 16.06 -10.49
CA ASP F 274 -27.08 14.67 -10.55
C ASP F 274 -28.19 14.54 -11.58
N VAL F 275 -28.05 13.60 -12.52
CA VAL F 275 -29.02 13.39 -13.59
C VAL F 275 -29.45 11.92 -13.57
N ALA F 276 -30.47 11.62 -14.39
CA ALA F 276 -31.20 10.35 -14.28
C ALA F 276 -30.47 9.17 -14.92
N GLY F 277 -29.25 9.36 -15.41
CA GLY F 277 -28.48 8.28 -15.99
C GLY F 277 -27.10 8.78 -16.34
N GLN F 278 -26.37 7.98 -17.11
CA GLN F 278 -25.08 8.40 -17.64
C GLN F 278 -25.31 9.32 -18.82
N PRO F 279 -25.00 10.62 -18.72
CA PRO F 279 -25.23 11.50 -19.86
C PRO F 279 -24.40 11.09 -21.06
N VAL F 280 -24.99 11.22 -22.24
CA VAL F 280 -24.30 10.96 -23.51
C VAL F 280 -24.04 12.26 -24.25
N PHE F 281 -25.10 12.98 -24.62
CA PHE F 281 -25.01 14.33 -25.14
C PHE F 281 -25.51 15.30 -24.08
N VAL F 282 -24.74 16.36 -23.86
CA VAL F 282 -25.18 17.52 -23.11
C VAL F 282 -25.25 18.64 -24.12
N MET F 283 -26.44 19.17 -24.34
CA MET F 283 -26.70 20.18 -25.36
CA MET F 283 -26.64 20.20 -25.35
C MET F 283 -27.26 21.43 -24.71
N THR F 284 -27.11 22.56 -25.39
CA THR F 284 -27.72 23.80 -24.96
C THR F 284 -28.83 24.19 -25.95
N ARG F 285 -29.95 24.65 -25.42
CA ARG F 285 -30.90 25.40 -26.23
C ARG F 285 -30.16 26.60 -26.81
N PRO F 286 -30.45 27.03 -28.05
CA PRO F 286 -29.61 28.05 -28.67
C PRO F 286 -29.56 29.37 -27.92
N ASP F 287 -30.56 29.70 -27.11
CA ASP F 287 -30.52 30.90 -26.28
C ASP F 287 -29.73 30.69 -24.98
N ASP F 288 -29.12 29.51 -24.80
CA ASP F 288 -28.23 29.20 -23.69
C ASP F 288 -28.94 29.15 -22.35
N ARG F 289 -30.26 29.23 -22.32
CA ARG F 289 -30.94 29.27 -21.04
CA ARG F 289 -31.03 29.26 -21.08
C ARG F 289 -31.22 27.87 -20.47
N GLN F 290 -31.19 26.84 -21.29
CA GLN F 290 -31.45 25.48 -20.84
C GLN F 290 -30.41 24.52 -21.40
N ILE F 291 -30.07 23.54 -20.57
CA ILE F 291 -29.19 22.43 -20.93
C ILE F 291 -30.05 21.18 -21.08
N TRP F 292 -29.94 20.51 -22.23
CA TRP F 292 -30.71 19.31 -22.57
C TRP F 292 -29.77 18.10 -22.60
N VAL F 293 -30.18 17.02 -21.92
CA VAL F 293 -29.32 15.87 -21.68
C VAL F 293 -30.05 14.58 -22.03
N ASN F 294 -29.38 13.67 -22.74
CA ASN F 294 -29.88 12.31 -22.93
C ASN F 294 -28.87 11.33 -22.34
N PHE F 295 -29.23 10.05 -22.29
CA PHE F 295 -28.54 9.10 -21.42
C PHE F 295 -28.29 7.77 -22.09
N ALA F 296 -27.34 7.02 -21.52
CA ALA F 296 -27.03 5.68 -21.99
C ALA F 296 -28.05 4.67 -21.48
N TYR F 297 -28.22 3.60 -22.26
CA TYR F 297 -28.99 2.45 -21.78
C TYR F 297 -28.53 2.11 -20.36
N PRO F 298 -29.44 1.73 -19.45
CA PRO F 298 -30.86 1.46 -19.63
C PRO F 298 -31.77 2.64 -19.42
N ASP F 299 -31.18 3.83 -19.25
CA ASP F 299 -31.92 5.03 -18.91
C ASP F 299 -32.17 5.91 -20.13
N ASN F 300 -32.06 5.35 -21.32
CA ASN F 300 -32.15 6.09 -22.58
C ASN F 300 -33.59 6.24 -23.06
N ASP F 301 -34.56 6.25 -22.15
CA ASP F 301 -35.93 6.60 -22.48
C ASP F 301 -36.29 7.97 -21.94
N LYS F 302 -35.30 8.73 -21.46
CA LYS F 302 -35.51 10.02 -20.81
C LYS F 302 -34.67 11.10 -21.46
N VAL F 303 -35.15 12.33 -21.37
CA VAL F 303 -34.38 13.53 -21.66
C VAL F 303 -34.63 14.49 -20.51
N GLN F 304 -33.55 15.02 -19.93
CA GLN F 304 -33.69 15.98 -18.83
C GLN F 304 -33.32 17.38 -19.30
N VAL F 305 -34.05 18.35 -18.77
CA VAL F 305 -33.88 19.76 -19.10
C VAL F 305 -33.42 20.47 -17.83
N ILE F 306 -32.34 21.23 -17.93
CA ILE F 306 -31.65 21.85 -16.81
C ILE F 306 -31.57 23.35 -17.02
N ASP F 307 -31.82 24.12 -15.97
CA ASP F 307 -31.68 25.57 -16.02
C ASP F 307 -30.20 25.95 -15.96
N SER F 308 -29.70 26.68 -16.96
CA SER F 308 -28.27 26.92 -17.03
C SER F 308 -27.77 27.84 -15.92
N GLU F 309 -28.64 28.67 -15.33
CA GLU F 309 -28.25 29.56 -14.25
C GLU F 309 -28.26 28.86 -12.90
N THR F 310 -29.38 28.21 -12.56
CA THR F 310 -29.53 27.59 -11.25
C THR F 310 -28.93 26.18 -11.18
N HIS F 311 -28.66 25.55 -12.33
CA HIS F 311 -28.15 24.19 -12.42
C HIS F 311 -29.14 23.17 -11.89
N GLU F 312 -30.41 23.53 -11.77
CA GLU F 312 -31.43 22.59 -11.32
C GLU F 312 -32.04 21.87 -12.51
N VAL F 313 -32.30 20.58 -12.35
CA VAL F 313 -33.12 19.85 -13.30
C VAL F 313 -34.54 20.38 -13.21
N ILE F 314 -35.05 20.93 -14.30
CA ILE F 314 -36.39 21.50 -14.26
C ILE F 314 -37.45 20.57 -14.84
N GLU F 315 -37.08 19.62 -15.69
CA GLU F 315 -38.07 18.69 -16.20
C GLU F 315 -37.40 17.41 -16.70
N THR F 316 -38.11 16.31 -16.53
CA THR F 316 -37.68 15.02 -17.07
C THR F 316 -38.72 14.61 -18.09
N LEU F 317 -38.33 14.63 -19.36
CA LEU F 317 -39.20 14.20 -20.45
C LEU F 317 -38.98 12.70 -20.69
N ARG F 318 -40.03 12.03 -21.14
CA ARG F 318 -39.96 10.61 -21.47
C ARG F 318 -40.52 10.44 -22.89
N PRO F 319 -39.70 10.70 -23.91
CA PRO F 319 -40.22 10.60 -25.29
C PRO F 319 -40.52 9.19 -25.71
N GLY F 320 -39.84 8.21 -25.13
CA GLY F 320 -39.97 6.83 -25.56
C GLY F 320 -38.63 6.13 -25.50
N PRO F 321 -38.60 4.85 -25.86
CA PRO F 321 -37.39 4.05 -25.68
C PRO F 321 -36.35 4.31 -26.77
N GLY F 322 -35.10 4.40 -26.36
CA GLY F 322 -34.01 4.51 -27.31
C GLY F 322 -33.73 5.91 -27.83
N VAL F 323 -33.73 6.92 -26.96
CA VAL F 323 -33.49 8.29 -27.38
C VAL F 323 -32.00 8.47 -27.66
N LEU F 324 -31.64 8.55 -28.94
CA LEU F 324 -30.25 8.51 -29.36
C LEU F 324 -29.67 9.90 -29.62
N HIS F 325 -30.42 10.80 -30.24
CA HIS F 325 -29.86 12.08 -30.67
CA HIS F 325 -29.86 12.08 -30.66
C HIS F 325 -30.93 13.16 -30.56
N MET F 326 -30.46 14.39 -30.44
CA MET F 326 -31.30 15.59 -30.38
C MET F 326 -30.65 16.67 -31.22
N GLU F 327 -31.46 17.56 -31.79
CA GLU F 327 -30.97 18.63 -32.64
C GLU F 327 -31.95 19.80 -32.58
N PHE F 328 -31.46 20.99 -32.23
CA PHE F 328 -32.28 22.18 -32.22
C PHE F 328 -32.34 22.79 -33.61
N SER F 329 -33.42 23.53 -33.87
CA SER F 329 -33.44 24.40 -35.03
C SER F 329 -32.47 25.57 -34.82
N GLY F 330 -32.24 26.32 -35.89
CA GLY F 330 -31.23 27.36 -35.84
C GLY F 330 -31.51 28.41 -34.79
N ARG F 331 -32.73 28.93 -34.76
CA ARG F 331 -33.09 29.96 -33.80
C ARG F 331 -33.66 29.41 -32.50
N GLY F 332 -33.90 28.10 -32.42
CA GLY F 332 -34.29 27.43 -31.20
C GLY F 332 -35.76 27.23 -30.96
N ASP F 333 -36.61 27.45 -31.97
CA ASP F 333 -38.05 27.25 -31.81
C ASP F 333 -38.46 25.78 -31.79
N GLN F 334 -37.56 24.89 -32.18
CA GLN F 334 -37.82 23.46 -32.23
C GLN F 334 -36.63 22.70 -31.67
N VAL F 335 -36.91 21.55 -31.08
CA VAL F 335 -35.88 20.53 -30.86
C VAL F 335 -36.41 19.21 -31.44
N TRP F 336 -35.56 18.54 -32.19
CA TRP F 336 -35.87 17.26 -32.81
C TRP F 336 -35.20 16.15 -32.03
N ILE F 337 -35.94 15.07 -31.74
CA ILE F 337 -35.47 14.00 -30.87
C ILE F 337 -35.73 12.66 -31.55
N SER F 338 -34.67 11.90 -31.79
CA SER F 338 -34.81 10.57 -32.38
CA SER F 338 -34.81 10.57 -32.38
C SER F 338 -35.09 9.55 -31.30
N VAL F 339 -36.13 8.73 -31.51
CA VAL F 339 -36.55 7.72 -30.55
C VAL F 339 -36.46 6.38 -31.26
N ARG F 340 -35.28 5.76 -31.18
CA ARG F 340 -34.94 4.61 -32.03
C ARG F 340 -35.96 3.49 -31.90
N ASP F 341 -36.27 3.10 -30.67
CA ASP F 341 -37.05 1.87 -30.45
C ASP F 341 -38.55 2.08 -30.51
N ALA F 342 -39.00 3.30 -30.76
CA ALA F 342 -40.37 3.62 -31.09
C ALA F 342 -40.52 3.92 -32.58
N ASP F 343 -39.44 3.83 -33.35
CA ASP F 343 -39.46 4.16 -34.77
C ASP F 343 -40.11 5.53 -35.00
N GLN F 344 -39.67 6.52 -34.22
CA GLN F 344 -40.18 7.88 -34.33
C GLN F 344 -39.08 8.93 -34.30
N LEU F 345 -39.23 9.96 -35.13
CA LEU F 345 -38.50 11.22 -35.02
C LEU F 345 -39.49 12.25 -34.51
N GLN F 346 -39.34 12.68 -33.26
CA GLN F 346 -40.27 13.63 -32.66
C GLN F 346 -39.76 15.06 -32.80
N VAL F 347 -40.70 16.00 -32.79
CA VAL F 347 -40.40 17.43 -32.76
C VAL F 347 -41.09 18.01 -31.53
N TRP F 348 -40.34 18.78 -30.76
CA TRP F 348 -40.84 19.39 -29.54
C TRP F 348 -40.64 20.90 -29.56
N ASP F 349 -41.53 21.60 -28.87
CA ASP F 349 -41.39 23.01 -28.54
C ASP F 349 -40.55 23.07 -27.27
N PRO F 350 -39.30 23.54 -27.34
CA PRO F 350 -38.44 23.52 -26.15
C PRO F 350 -38.73 24.61 -25.14
N TYR F 351 -39.71 25.47 -25.40
CA TYR F 351 -40.16 26.48 -24.45
C TYR F 351 -41.36 25.97 -23.64
N ARG F 352 -42.37 25.43 -24.31
CA ARG F 352 -43.49 24.81 -23.61
C ARG F 352 -43.16 23.40 -23.10
N LEU F 353 -42.09 22.78 -23.60
CA LEU F 353 -41.75 21.38 -23.31
C LEU F 353 -42.91 20.46 -23.68
N LYS F 354 -43.39 20.62 -24.92
CA LYS F 354 -44.49 19.83 -25.45
C LYS F 354 -44.15 19.31 -26.83
N ARG F 355 -44.62 18.10 -27.12
CA ARG F 355 -44.39 17.46 -28.39
C ARG F 355 -45.36 18.01 -29.44
N ILE F 356 -44.81 18.46 -30.56
CA ILE F 356 -45.60 19.09 -31.62
C ILE F 356 -45.60 18.29 -32.90
N GLY F 357 -44.94 17.14 -32.92
CA GLY F 357 -44.97 16.27 -34.08
C GLY F 357 -44.20 15.01 -33.79
N SER F 358 -44.46 14.00 -34.62
CA SER F 358 -43.83 12.68 -34.46
C SER F 358 -43.94 11.95 -35.79
N LEU F 359 -42.82 11.84 -36.49
CA LEU F 359 -42.73 11.26 -37.81
C LEU F 359 -42.24 9.82 -37.74
N PRO F 360 -42.79 8.92 -38.54
CA PRO F 360 -42.31 7.53 -38.53
C PRO F 360 -40.93 7.42 -39.15
N ALA F 361 -40.09 6.54 -38.60
CA ALA F 361 -38.81 6.26 -39.21
C ALA F 361 -38.35 4.88 -38.78
N ARG F 362 -37.38 4.35 -39.52
CA ARG F 362 -36.82 3.03 -39.25
C ARG F 362 -35.58 3.19 -38.39
N SER F 363 -35.69 2.78 -37.12
CA SER F 363 -34.59 2.81 -36.14
C SER F 363 -33.79 4.12 -36.29
N PRO F 364 -34.44 5.27 -36.08
CA PRO F 364 -33.76 6.55 -36.29
C PRO F 364 -32.66 6.78 -35.28
N SER F 365 -31.57 7.41 -35.74
CA SER F 365 -30.45 7.77 -34.86
C SER F 365 -30.10 9.25 -35.02
N GLY F 366 -29.07 9.57 -35.79
CA GLY F 366 -28.62 10.95 -35.90
C GLY F 366 -29.60 11.82 -36.68
N ILE F 367 -29.77 13.06 -36.20
CA ILE F 367 -30.63 14.04 -36.85
C ILE F 367 -29.83 15.34 -36.99
N PHE F 368 -29.72 15.83 -38.22
CA PHE F 368 -28.85 16.97 -38.52
C PHE F 368 -29.61 17.98 -39.35
N PHE F 369 -29.59 19.25 -38.93
CA PHE F 369 -30.23 20.28 -39.75
C PHE F 369 -29.18 21.14 -40.44
N SER F 370 -29.60 21.65 -41.62
CA SER F 370 -28.70 22.28 -42.57
CA SER F 370 -28.72 22.30 -42.58
C SER F 370 -28.05 23.56 -42.05
N HIS F 371 -28.54 24.12 -40.94
CA HIS F 371 -27.92 25.34 -40.44
C HIS F 371 -26.48 25.08 -40.02
N ARG F 372 -26.11 23.81 -39.78
CA ARG F 372 -24.73 23.45 -39.49
C ARG F 372 -23.77 23.95 -40.57
N ALA F 373 -24.26 24.09 -41.81
CA ALA F 373 -23.42 24.46 -42.93
C ALA F 373 -22.64 25.74 -42.70
N GLN F 374 -23.17 26.64 -41.85
CA GLN F 374 -22.62 27.97 -41.70
C GLN F 374 -21.66 28.09 -40.51
N HIS F 375 -21.37 26.99 -39.81
CA HIS F 375 -20.65 27.06 -38.52
C HIS F 375 -19.37 26.23 -38.54
N ILE F 376 -18.25 26.87 -38.24
CA ILE F 376 -16.99 26.17 -38.02
C ILE F 376 -17.20 25.04 -37.03
N GLY F 377 -16.62 23.88 -37.32
CA GLY F 377 -16.74 22.73 -36.43
C GLY F 377 -17.95 21.86 -36.64
N LEU F 378 -18.90 22.27 -37.49
CA LEU F 378 -20.11 21.50 -37.75
C LEU F 378 -20.26 21.22 -39.22
N PRO G 7 -6.44 11.37 9.14
CA PRO G 7 -6.40 10.05 9.79
C PRO G 7 -5.88 8.97 8.85
N PRO G 8 -5.33 7.89 9.41
CA PRO G 8 -4.74 6.85 8.56
C PRO G 8 -5.81 5.92 7.99
N LEU G 9 -5.37 5.09 7.04
CA LEU G 9 -6.28 4.13 6.43
C LEU G 9 -6.82 3.16 7.46
N ARG G 10 -8.12 2.89 7.39
CA ARG G 10 -8.71 1.88 8.23
C ARG G 10 -9.98 1.36 7.58
N GLY G 11 -10.32 0.12 7.89
CA GLY G 11 -11.61 -0.41 7.50
C GLY G 11 -12.76 0.28 8.21
N SER G 12 -13.92 0.27 7.57
CA SER G 12 -15.12 0.87 8.11
C SER G 12 -16.11 -0.16 8.65
N GLY G 13 -15.84 -1.45 8.47
CA GLY G 13 -16.83 -2.47 8.79
C GLY G 13 -17.04 -2.70 10.27
N ASP G 14 -16.12 -2.23 11.11
CA ASP G 14 -16.21 -2.41 12.55
C ASP G 14 -16.35 -1.08 13.28
N LEU G 15 -16.83 -0.05 12.60
CA LEU G 15 -16.94 1.27 13.20
C LEU G 15 -18.30 1.46 13.86
N GLY G 16 -18.28 2.09 15.04
CA GLY G 16 -19.48 2.36 15.79
C GLY G 16 -19.61 3.84 16.09
N VAL G 17 -20.85 4.28 16.29
CA VAL G 17 -21.15 5.66 16.65
C VAL G 17 -21.94 5.65 17.95
N LEU G 18 -21.41 6.34 18.96
CA LEU G 18 -22.04 6.46 20.27
C LEU G 18 -22.59 7.88 20.41
N ILE G 19 -23.87 7.98 20.76
CA ILE G 19 -24.51 9.27 21.02
C ILE G 19 -24.20 9.69 22.45
N GLU G 20 -23.73 10.93 22.62
CA GLU G 20 -23.57 11.54 23.94
C GLU G 20 -24.70 12.55 24.11
N ARG G 21 -25.71 12.17 24.90
CA ARG G 21 -27.05 12.74 24.73
C ARG G 21 -27.20 14.13 25.33
N ALA G 22 -26.35 14.51 26.28
CA ALA G 22 -26.48 15.80 26.95
C ALA G 22 -25.54 16.85 26.38
N ASP G 23 -24.64 16.48 25.48
CA ASP G 23 -23.57 17.37 25.01
C ASP G 23 -23.54 17.54 23.50
N GLY G 24 -24.56 17.04 22.79
CA GLY G 24 -24.59 17.20 21.34
C GLY G 24 -23.35 16.69 20.65
N SER G 25 -22.80 15.58 21.13
CA SER G 25 -21.56 15.05 20.59
C SER G 25 -21.69 13.55 20.41
N VAL G 26 -20.73 12.99 19.66
CA VAL G 26 -20.65 11.55 19.44
C VAL G 26 -19.20 11.10 19.61
N GLN G 27 -19.03 9.82 19.85
CA GLN G 27 -17.75 9.17 19.69
C GLN G 27 -17.81 8.19 18.54
N ILE G 28 -16.69 8.05 17.85
CA ILE G 28 -16.49 7.07 16.79
C ILE G 28 -15.59 5.99 17.36
N LEU G 29 -16.01 4.73 17.25
CA LEU G 29 -15.36 3.63 17.96
C LEU G 29 -14.78 2.62 16.98
N ASP G 30 -13.60 2.15 17.31
CA ASP G 30 -12.98 1.00 16.65
C ASP G 30 -13.48 -0.25 17.36
N GLY G 31 -14.40 -0.98 16.72
CA GLY G 31 -15.00 -2.13 17.38
C GLY G 31 -14.06 -3.30 17.58
N THR G 32 -13.08 -3.48 16.69
CA THR G 32 -12.15 -4.61 16.85
C THR G 32 -11.17 -4.33 17.98
N ALA G 33 -10.62 -3.13 18.02
CA ALA G 33 -9.70 -2.78 19.10
C ALA G 33 -10.42 -2.46 20.40
N LYS G 34 -11.72 -2.20 20.35
CA LYS G 34 -12.50 -1.81 21.53
C LYS G 34 -11.97 -0.51 22.11
N THR G 35 -11.82 0.48 21.24
CA THR G 35 -11.27 1.78 21.63
C THR G 35 -12.10 2.88 20.98
N SER G 36 -11.92 4.10 21.48
CA SER G 36 -12.56 5.28 20.93
C SER G 36 -11.58 5.97 19.99
N LEU G 37 -12.00 6.19 18.74
CA LEU G 37 -11.14 6.86 17.78
C LEU G 37 -11.21 8.38 17.91
N ALA G 38 -12.38 8.92 18.25
CA ALA G 38 -12.54 10.37 18.28
C ALA G 38 -13.83 10.73 18.99
N ARG G 39 -13.89 11.99 19.43
CA ARG G 39 -15.14 12.65 19.77
C ARG G 39 -15.37 13.78 18.77
N VAL G 40 -16.60 13.89 18.27
CA VAL G 40 -17.00 14.94 17.34
C VAL G 40 -18.14 15.72 17.98
N GLU G 41 -17.95 17.01 18.17
CA GLU G 41 -18.97 17.86 18.78
C GLU G 41 -19.71 18.63 17.70
N GLY G 42 -20.76 19.34 18.13
CA GLY G 42 -21.48 20.22 17.25
C GLY G 42 -22.74 19.68 16.61
N LEU G 43 -23.35 18.63 17.17
CA LEU G 43 -24.57 18.05 16.61
C LEU G 43 -25.83 18.51 17.34
N GLY G 44 -25.74 19.60 18.11
CA GLY G 44 -26.96 20.20 18.65
C GLY G 44 -27.61 19.35 19.73
N ASP G 45 -28.91 19.10 19.56
CA ASP G 45 -29.73 18.45 20.57
C ASP G 45 -29.85 16.97 20.21
N LEU G 46 -29.03 16.15 20.86
CA LEU G 46 -29.12 14.70 20.71
C LEU G 46 -29.74 14.05 21.93
N SER G 47 -30.55 14.79 22.69
CA SER G 47 -31.24 14.20 23.84
C SER G 47 -32.08 13.01 23.41
N HIS G 48 -32.63 13.06 22.21
CA HIS G 48 -33.05 11.87 21.48
C HIS G 48 -32.40 11.91 20.12
N ALA G 49 -32.11 10.74 19.57
CA ALA G 49 -31.43 10.68 18.29
C ALA G 49 -31.46 9.26 17.76
N SER G 50 -31.38 9.16 16.43
CA SER G 50 -31.18 7.89 15.75
C SER G 50 -30.18 8.13 14.64
N LEU G 51 -29.78 7.07 13.94
CA LEU G 51 -28.91 7.26 12.79
C LEU G 51 -28.97 6.05 11.87
N VAL G 52 -28.57 6.29 10.61
CA VAL G 52 -28.34 5.24 9.62
C VAL G 52 -26.97 5.50 8.98
N PHE G 53 -26.50 4.51 8.21
CA PHE G 53 -25.19 4.57 7.58
C PHE G 53 -25.29 4.61 6.06
N SER G 54 -24.33 5.30 5.44
CA SER G 54 -24.20 5.20 3.99
C SER G 54 -23.78 3.78 3.61
N ARG G 55 -24.02 3.43 2.35
CA ARG G 55 -23.84 2.03 1.95
C ARG G 55 -22.36 1.63 1.89
N ASP G 56 -21.44 2.60 1.75
CA ASP G 56 -20.01 2.32 1.86
C ASP G 56 -19.51 2.41 3.30
N GLN G 57 -20.38 2.71 4.25
CA GLN G 57 -20.05 2.85 5.67
C GLN G 57 -19.12 4.02 5.96
N ARG G 58 -18.85 4.90 5.01
CA ARG G 58 -18.00 6.03 5.36
C ARG G 58 -18.76 7.05 6.22
N TYR G 59 -20.08 7.16 6.06
CA TYR G 59 -20.84 8.21 6.71
C TYR G 59 -21.96 7.65 7.56
N ALA G 60 -22.23 8.32 8.68
CA ALA G 60 -23.46 8.14 9.42
C ALA G 60 -24.33 9.38 9.24
N TYR G 61 -25.64 9.18 9.08
CA TYR G 61 -26.63 10.25 9.04
C TYR G 61 -27.32 10.24 10.40
N VAL G 62 -27.07 11.27 11.20
CA VAL G 62 -27.59 11.38 12.55
C VAL G 62 -28.81 12.29 12.53
N PHE G 63 -29.93 11.77 13.04
CA PHE G 63 -31.19 12.51 13.11
C PHE G 63 -31.41 12.93 14.57
N GLY G 64 -31.38 14.23 14.84
CA GLY G 64 -31.44 14.74 16.19
C GLY G 64 -32.80 15.37 16.55
N ARG G 65 -32.98 15.55 17.88
CA ARG G 65 -34.24 16.05 18.41
C ARG G 65 -34.56 17.46 17.93
N ASP G 66 -33.54 18.22 17.58
CA ASP G 66 -33.69 19.58 17.07
C ASP G 66 -34.04 19.61 15.59
N GLY G 67 -34.29 18.45 14.98
CA GLY G 67 -34.45 18.40 13.55
C GLY G 67 -33.14 18.50 12.79
N GLY G 68 -32.02 18.38 13.50
CA GLY G 68 -30.73 18.38 12.84
C GLY G 68 -30.51 17.07 12.10
N LEU G 69 -29.96 17.20 10.89
CA LEU G 69 -29.54 16.07 10.07
C LEU G 69 -28.06 16.28 9.81
N THR G 70 -27.23 15.41 10.40
CA THR G 70 -25.79 15.55 10.35
C THR G 70 -25.22 14.40 9.54
N LYS G 71 -24.54 14.72 8.46
CA LYS G 71 -23.76 13.75 7.70
C LYS G 71 -22.37 13.73 8.31
N LEU G 72 -22.09 12.68 9.09
CA LEU G 72 -20.87 12.54 9.87
C LEU G 72 -19.88 11.66 9.11
N ASP G 73 -18.68 12.19 8.85
CA ASP G 73 -17.63 11.44 8.15
C ASP G 73 -16.87 10.64 9.19
N LEU G 74 -17.10 9.31 9.20
CA LEU G 74 -16.48 8.45 10.20
C LEU G 74 -14.99 8.23 9.95
N LEU G 75 -14.51 8.48 8.73
CA LEU G 75 -13.10 8.27 8.40
C LEU G 75 -12.28 9.54 8.59
N ALA G 76 -12.81 10.69 8.17
CA ALA G 76 -12.19 11.96 8.49
C ALA G 76 -12.50 12.43 9.90
N GLN G 77 -13.45 11.78 10.58
CA GLN G 77 -13.77 12.05 11.98
C GLN G 77 -14.22 13.51 12.16
N ARG G 78 -15.21 13.91 11.37
CA ARG G 78 -15.64 15.30 11.30
C ARG G 78 -17.05 15.34 10.74
N ILE G 79 -17.74 16.45 11.00
CA ILE G 79 -19.00 16.70 10.32
C ILE G 79 -18.73 17.04 8.86
N ASP G 80 -19.34 16.28 7.95
CA ASP G 80 -19.21 16.59 6.53
C ASP G 80 -20.21 17.64 6.10
N LYS G 81 -21.47 17.47 6.50
CA LYS G 81 -22.55 18.41 6.20
C LYS G 81 -23.55 18.36 7.35
N ARG G 82 -24.24 19.48 7.57
CA ARG G 82 -25.28 19.49 8.58
C ARG G 82 -26.35 20.49 8.19
N LEU G 83 -27.61 20.11 8.38
CA LEU G 83 -28.70 21.04 8.25
C LEU G 83 -29.64 20.88 9.43
N ILE G 84 -30.40 21.93 9.69
CA ILE G 84 -31.40 21.92 10.76
C ILE G 84 -32.74 22.21 10.11
N GLN G 85 -33.62 21.23 10.12
CA GLN G 85 -34.95 21.34 9.53
C GLN G 85 -35.96 21.32 10.68
N GLY G 86 -36.43 22.49 11.05
CA GLY G 86 -37.43 22.59 12.10
C GLY G 86 -38.62 21.69 11.80
N GLY G 87 -39.09 20.96 12.81
CA GLY G 87 -40.21 20.08 12.65
C GLY G 87 -39.85 18.67 12.24
N ASN G 88 -38.60 18.41 11.91
CA ASN G 88 -38.18 17.05 11.59
C ASN G 88 -38.00 16.23 12.87
N SER G 89 -38.40 14.97 12.79
CA SER G 89 -38.32 14.01 13.87
CA SER G 89 -38.29 14.04 13.90
C SER G 89 -37.03 13.19 13.73
N ILE G 90 -36.76 12.39 14.75
CA ILE G 90 -35.67 11.42 14.67
C ILE G 90 -36.17 10.22 13.85
N GLY G 91 -35.33 9.21 13.67
CA GLY G 91 -35.80 8.00 13.01
C GLY G 91 -35.89 8.05 11.50
N GLY G 92 -34.97 8.77 10.85
CA GLY G 92 -34.91 8.74 9.41
C GLY G 92 -34.50 7.37 8.90
N ALA G 93 -34.50 7.24 7.57
CA ALA G 93 -34.24 5.98 6.89
C ALA G 93 -33.45 6.27 5.63
N ILE G 94 -32.73 5.27 5.15
CA ILE G 94 -31.93 5.42 3.93
C ILE G 94 -32.41 4.42 2.89
N SER G 95 -32.41 4.84 1.63
CA SER G 95 -33.05 4.04 0.60
C SER G 95 -32.19 2.83 0.23
N GLN G 96 -32.81 1.92 -0.53
CA GLN G 96 -32.20 0.66 -0.90
C GLN G 96 -30.94 0.84 -1.73
N ASP G 97 -30.87 1.91 -2.51
CA ASP G 97 -29.67 2.19 -3.28
C ASP G 97 -28.75 3.19 -2.61
N GLY G 98 -29.08 3.64 -1.39
CA GLY G 98 -28.25 4.54 -0.63
C GLY G 98 -28.25 5.98 -1.08
N ARG G 99 -29.06 6.33 -2.09
CA ARG G 99 -29.06 7.67 -2.66
C ARG G 99 -29.96 8.66 -1.92
N LEU G 100 -30.96 8.17 -1.19
CA LEU G 100 -31.98 9.02 -0.58
C LEU G 100 -32.08 8.75 0.91
N VAL G 101 -32.21 9.84 1.67
CA VAL G 101 -32.37 9.80 3.12
C VAL G 101 -33.67 10.50 3.45
N ALA G 102 -34.63 9.77 4.00
CA ALA G 102 -35.95 10.31 4.29
C ALA G 102 -36.11 10.53 5.78
N VAL G 103 -36.80 11.61 6.13
CA VAL G 103 -37.00 11.98 7.52
C VAL G 103 -38.46 12.35 7.72
N SER G 104 -39.07 11.82 8.77
CA SER G 104 -40.43 12.20 9.12
C SER G 104 -40.47 13.62 9.67
N ASN G 105 -41.62 14.26 9.49
CA ASN G 105 -41.85 15.63 9.90
C ASN G 105 -43.17 15.63 10.66
N TYR G 106 -43.15 16.20 11.86
CA TYR G 106 -44.35 16.31 12.68
C TYR G 106 -44.93 17.72 12.65
N GLU G 107 -44.26 18.67 12.02
CA GLU G 107 -44.76 20.03 11.88
C GLU G 107 -44.24 20.57 10.56
N PRO G 108 -45.09 20.84 9.56
CA PRO G 108 -46.57 20.71 9.52
C PRO G 108 -47.08 19.27 9.48
N GLY G 109 -46.20 18.32 9.14
CA GLY G 109 -46.57 16.92 9.05
C GLY G 109 -46.38 16.37 7.64
N GLY G 110 -45.46 15.42 7.49
CA GLY G 110 -45.14 14.86 6.19
C GLY G 110 -43.80 14.14 6.23
N VAL G 111 -43.21 13.99 5.05
CA VAL G 111 -41.91 13.33 4.91
C VAL G 111 -41.06 14.16 3.96
N LYS G 112 -39.82 14.40 4.36
CA LYS G 112 -38.84 15.10 3.54
C LYS G 112 -37.75 14.12 3.15
N VAL G 113 -37.37 14.14 1.87
CA VAL G 113 -36.38 13.23 1.32
C VAL G 113 -35.22 14.04 0.78
N PHE G 114 -34.01 13.68 1.23
CA PHE G 114 -32.79 14.42 0.95
C PHE G 114 -31.80 13.57 0.17
N ASP G 115 -30.91 14.23 -0.57
CA ASP G 115 -29.84 13.53 -1.27
C ASP G 115 -28.76 13.13 -0.27
N SER G 116 -28.31 11.86 -0.34
CA SER G 116 -27.38 11.37 0.67
C SER G 116 -26.00 11.97 0.55
N ARG G 117 -25.64 12.52 -0.61
CA ARG G 117 -24.35 13.18 -0.79
C ARG G 117 -24.37 14.64 -0.35
N THR G 118 -25.36 15.41 -0.82
CA THR G 118 -25.38 16.84 -0.60
C THR G 118 -26.33 17.30 0.51
N LEU G 119 -27.24 16.43 0.93
CA LEU G 119 -28.32 16.77 1.86
C LEU G 119 -29.26 17.82 1.29
N GLU G 120 -29.22 18.05 -0.02
CA GLU G 120 -30.23 18.92 -0.61
C GLU G 120 -31.57 18.21 -0.63
N LEU G 121 -32.63 18.99 -0.52
CA LEU G 121 -33.98 18.45 -0.58
C LEU G 121 -34.25 17.90 -1.97
N VAL G 122 -34.68 16.65 -2.04
CA VAL G 122 -35.08 16.02 -3.29
C VAL G 122 -36.59 15.96 -3.44
N ALA G 123 -37.31 15.73 -2.34
CA ALA G 123 -38.76 15.58 -2.38
C ALA G 123 -39.37 15.93 -1.04
N GLU G 124 -40.54 16.56 -1.09
CA GLU G 124 -41.38 16.86 0.08
C GLU G 124 -42.74 16.20 -0.13
N ILE G 125 -43.16 15.38 0.83
CA ILE G 125 -44.43 14.67 0.78
C ILE G 125 -45.28 15.12 1.97
N PRO G 126 -46.19 16.07 1.76
CA PRO G 126 -47.06 16.48 2.87
C PRO G 126 -48.11 15.42 3.19
N ALA G 127 -48.40 15.26 4.47
CA ALA G 127 -49.44 14.37 4.93
C ALA G 127 -50.82 15.02 4.78
N THR G 128 -51.87 14.27 5.10
CA THR G 128 -53.23 14.76 4.95
C THR G 128 -53.48 15.97 5.83
N ARG G 129 -54.12 16.99 5.26
CA ARG G 129 -54.51 18.14 6.05
C ARG G 129 -55.68 17.77 6.95
N LEU G 130 -55.56 18.10 8.24
CA LEU G 130 -56.58 17.69 9.19
C LEU G 130 -57.83 18.56 9.07
N PRO G 131 -59.01 17.99 9.36
CA PRO G 131 -60.25 18.76 9.23
C PRO G 131 -60.21 20.01 10.07
N GLY G 132 -60.49 21.14 9.42
CA GLY G 132 -60.54 22.43 10.10
C GLY G 132 -59.26 22.80 10.82
N GLN G 133 -58.12 22.55 10.20
CA GLN G 133 -56.83 22.86 10.79
C GLN G 133 -55.87 23.39 9.73
N ASP G 134 -54.80 24.05 10.19
CA ASP G 134 -53.78 24.60 9.33
C ASP G 134 -52.53 23.73 9.27
N ARG G 135 -52.59 22.52 9.80
CA ARG G 135 -51.44 21.62 9.75
C ARG G 135 -51.93 20.24 9.29
N ASN G 136 -50.97 19.38 8.97
CA ASN G 136 -51.27 18.05 8.49
C ASN G 136 -51.14 17.03 9.62
N SER G 137 -51.40 15.78 9.30
CA SER G 137 -51.20 14.73 10.28
C SER G 137 -49.71 14.55 10.57
N ARG G 138 -49.39 14.26 11.82
CA ARG G 138 -48.06 13.77 12.13
C ARG G 138 -47.76 12.53 11.31
N VAL G 139 -46.52 12.38 10.88
CA VAL G 139 -46.03 11.15 10.26
C VAL G 139 -45.12 10.44 11.26
N VAL G 140 -45.30 9.14 11.39
CA VAL G 140 -44.53 8.31 12.31
C VAL G 140 -44.25 6.97 11.64
N GLY G 141 -43.34 6.20 12.24
CA GLY G 141 -43.10 4.84 11.78
C GLY G 141 -42.52 4.77 10.39
N LEU G 142 -41.63 5.70 10.05
CA LEU G 142 -41.02 5.70 8.73
C LEU G 142 -39.98 4.60 8.62
N VAL G 143 -40.06 3.82 7.55
CA VAL G 143 -39.05 2.82 7.23
C VAL G 143 -38.72 2.87 5.74
N ASP G 144 -37.54 2.36 5.41
CA ASP G 144 -37.19 2.01 4.03
C ASP G 144 -37.67 0.60 3.75
N ALA G 145 -37.93 0.29 2.48
CA ALA G 145 -38.39 -1.03 2.08
C ALA G 145 -37.78 -1.40 0.74
N PRO G 146 -37.76 -2.69 0.40
CA PRO G 146 -37.23 -3.09 -0.91
C PRO G 146 -38.04 -2.46 -2.03
N GLY G 147 -37.41 -2.37 -3.19
CA GLY G 147 -38.01 -1.68 -4.31
C GLY G 147 -37.93 -0.18 -4.24
N GLN G 148 -36.92 0.35 -3.54
CA GLN G 148 -36.66 1.78 -3.47
C GLN G 148 -37.89 2.54 -2.97
N ARG G 149 -38.48 2.01 -1.91
CA ARG G 149 -39.69 2.56 -1.32
C ARG G 149 -39.41 3.04 0.09
N PHE G 150 -40.25 3.97 0.53
CA PHE G 150 -40.39 4.35 1.92
C PHE G 150 -41.83 4.09 2.32
N VAL G 151 -42.05 3.68 3.57
CA VAL G 151 -43.38 3.39 4.09
C VAL G 151 -43.52 4.09 5.42
N PHE G 152 -44.69 4.68 5.66
CA PHE G 152 -44.86 5.47 6.87
C PHE G 152 -46.33 5.58 7.21
N SER G 153 -46.60 6.01 8.45
CA SER G 153 -47.96 6.05 8.96
C SER G 153 -48.32 7.47 9.33
N LEU G 154 -49.61 7.77 9.28
CA LEU G 154 -50.13 9.08 9.62
C LEU G 154 -50.93 8.94 10.92
N PHE G 155 -50.37 9.51 11.99
CA PHE G 155 -50.89 9.30 13.34
C PHE G 155 -52.26 9.92 13.51
N ASP G 156 -52.43 11.16 13.10
CA ASP G 156 -53.68 11.86 13.39
C ASP G 156 -54.82 11.40 12.49
N SER G 157 -54.53 11.02 11.25
CA SER G 157 -55.61 10.67 10.31
C SER G 157 -55.77 9.17 10.08
N GLY G 158 -54.88 8.35 10.62
CA GLY G 158 -55.04 6.91 10.57
C GLY G 158 -54.84 6.30 9.19
N GLU G 159 -53.67 6.54 8.61
CA GLU G 159 -53.32 6.07 7.27
C GLU G 159 -51.94 5.45 7.29
N ILE G 160 -51.69 4.60 6.28
CA ILE G 160 -50.34 4.13 5.95
C ILE G 160 -50.12 4.43 4.48
N TRP G 161 -48.98 5.04 4.17
CA TRP G 161 -48.61 5.41 2.80
C TRP G 161 -47.31 4.73 2.37
N ILE G 162 -47.26 4.35 1.09
CA ILE G 162 -46.05 3.90 0.41
C ILE G 162 -45.62 5.02 -0.54
N ALA G 163 -44.37 5.45 -0.41
CA ALA G 163 -43.73 6.36 -1.36
C ALA G 163 -42.70 5.57 -2.16
N ASP G 164 -42.97 5.39 -3.46
CA ASP G 164 -42.13 4.59 -4.34
C ASP G 164 -41.27 5.51 -5.19
N PHE G 165 -39.96 5.46 -4.96
CA PHE G 165 -39.01 6.28 -5.69
C PHE G 165 -38.29 5.50 -6.80
N SER G 166 -38.85 4.36 -7.23
CA SER G 166 -38.14 3.53 -8.20
C SER G 166 -38.04 4.18 -9.56
N GLN G 167 -38.96 5.08 -9.89
CA GLN G 167 -38.98 5.69 -11.22
C GLN G 167 -38.28 7.05 -11.26
N GLY G 168 -37.82 7.57 -10.12
CA GLY G 168 -37.11 8.83 -10.09
C GLY G 168 -37.41 9.62 -8.84
N ASP G 169 -37.01 10.91 -8.88
CA ASP G 169 -37.13 11.82 -7.75
C ASP G 169 -38.58 12.16 -7.40
N THR G 170 -39.53 11.97 -8.31
CA THR G 170 -40.92 12.27 -8.01
C THR G 170 -41.61 10.98 -7.63
N PRO G 171 -41.99 10.79 -6.37
CA PRO G 171 -42.48 9.48 -5.94
C PRO G 171 -43.91 9.20 -6.39
N HIS G 172 -44.21 7.91 -6.54
CA HIS G 172 -45.57 7.44 -6.72
C HIS G 172 -46.09 6.98 -5.36
N LEU G 173 -47.18 7.59 -4.92
CA LEU G 173 -47.74 7.33 -3.59
C LEU G 173 -48.90 6.34 -3.67
N THR G 174 -48.95 5.44 -2.69
CA THR G 174 -50.10 4.57 -2.46
C THR G 174 -50.60 4.84 -1.04
N ARG G 175 -51.90 5.12 -0.91
CA ARG G 175 -52.45 5.58 0.35
C ARG G 175 -53.51 4.62 0.85
N PHE G 176 -53.36 4.16 2.10
CA PHE G 176 -54.31 3.28 2.74
C PHE G 176 -54.98 4.04 3.89
N ARG G 177 -56.28 4.20 3.80
CA ARG G 177 -57.03 5.01 4.74
C ARG G 177 -57.71 4.13 5.79
N ASP G 178 -58.06 4.76 6.91
CA ASP G 178 -58.81 4.13 8.00
CA ASP G 178 -58.80 4.13 7.99
C ASP G 178 -58.19 2.79 8.38
N ILE G 179 -56.88 2.79 8.58
CA ILE G 179 -56.18 1.55 8.93
C ILE G 179 -56.18 1.28 10.43
N GLY G 180 -56.67 2.21 11.24
CA GLY G 180 -56.64 2.11 12.68
C GLY G 180 -56.39 3.45 13.36
N LYS G 181 -56.89 3.60 14.57
CA LYS G 181 -56.85 4.88 15.27
C LYS G 181 -55.45 5.15 15.79
N GLN G 182 -54.83 6.24 15.31
CA GLN G 182 -53.57 6.74 15.83
C GLN G 182 -52.45 5.70 15.78
N PRO G 183 -52.06 5.25 14.59
CA PRO G 183 -50.80 4.51 14.47
C PRO G 183 -49.65 5.39 14.94
N TYR G 184 -48.88 4.88 15.91
CA TYR G 184 -47.90 5.71 16.61
C TYR G 184 -46.46 5.32 16.33
N ASP G 185 -46.22 4.15 15.77
CA ASP G 185 -44.87 3.62 15.51
C ASP G 185 -45.06 2.44 14.57
N ALA G 186 -43.95 1.99 13.97
CA ALA G 186 -44.04 0.89 13.02
C ALA G 186 -42.70 0.20 12.88
N LEU G 187 -42.75 -1.03 12.39
CA LEU G 187 -41.55 -1.78 12.03
C LEU G 187 -41.74 -2.37 10.65
N ILE G 188 -40.62 -2.74 10.02
CA ILE G 188 -40.65 -3.61 8.85
C ILE G 188 -39.97 -4.90 9.27
N SER G 189 -40.51 -6.04 8.84
CA SER G 189 -39.96 -7.32 9.25
C SER G 189 -38.54 -7.48 8.71
N PRO G 190 -37.72 -8.32 9.34
CA PRO G 190 -36.31 -8.42 8.91
C PRO G 190 -36.13 -8.76 7.45
N ASP G 191 -37.06 -9.49 6.84
CA ASP G 191 -36.94 -9.83 5.42
C ASP G 191 -37.46 -8.74 4.51
N GLY G 192 -37.99 -7.66 5.08
CA GLY G 192 -38.47 -6.54 4.29
C GLY G 192 -39.84 -6.72 3.67
N ARG G 193 -40.57 -7.78 4.04
CA ARG G 193 -41.85 -8.08 3.40
C ARG G 193 -43.03 -7.38 4.07
N TYR G 194 -43.06 -7.30 5.39
CA TYR G 194 -44.25 -6.85 6.10
C TYR G 194 -43.99 -5.57 6.87
N TYR G 195 -44.88 -4.60 6.70
CA TYR G 195 -44.92 -3.37 7.51
C TYR G 195 -45.99 -3.55 8.58
N MET G 196 -45.64 -3.27 9.83
CA MET G 196 -46.56 -3.43 10.94
C MET G 196 -46.57 -2.14 11.75
N ALA G 197 -47.72 -1.48 11.78
CA ALA G 197 -47.90 -0.25 12.56
C ALA G 197 -48.69 -0.55 13.83
N GLY G 198 -48.15 -0.14 14.97
CA GLY G 198 -48.85 -0.28 16.22
C GLY G 198 -49.83 0.86 16.48
N LEU G 199 -50.93 0.55 17.14
CA LEU G 199 -52.02 1.50 17.33
C LEU G 199 -52.07 2.02 18.76
N PHE G 200 -52.36 3.31 18.90
CA PHE G 200 -52.45 4.00 20.18
C PHE G 200 -53.87 4.39 20.56
N GLY G 201 -54.74 4.69 19.58
CA GLY G 201 -56.11 5.06 19.87
C GLY G 201 -57.06 3.88 20.01
N GLU G 202 -56.56 2.68 19.75
CA GLU G 202 -57.27 1.43 19.95
C GLU G 202 -56.21 0.35 20.05
N ASP G 203 -56.63 -0.87 20.41
CA ASP G 203 -55.70 -1.98 20.49
C ASP G 203 -55.52 -2.63 19.14
N GLY G 204 -54.33 -3.15 18.91
CA GLY G 204 -54.02 -3.97 17.74
C GLY G 204 -52.93 -3.36 16.90
N MET G 205 -52.64 -4.04 15.80
CA MET G 205 -51.59 -3.65 14.88
C MET G 205 -52.10 -3.78 13.45
N ALA G 206 -51.69 -2.86 12.59
CA ALA G 206 -52.06 -2.86 11.19
C ALA G 206 -50.89 -3.40 10.38
N GLN G 207 -51.12 -4.51 9.67
CA GLN G 207 -50.08 -5.14 8.86
C GLN G 207 -50.34 -4.92 7.38
N LEU G 208 -49.30 -4.53 6.66
CA LEU G 208 -49.34 -4.39 5.21
C LEU G 208 -48.32 -5.34 4.59
N ASP G 209 -48.77 -6.13 3.62
CA ASP G 209 -47.90 -7.05 2.89
C ASP G 209 -47.31 -6.27 1.72
N LEU G 210 -46.05 -5.87 1.85
CA LEU G 210 -45.42 -5.02 0.84
C LEU G 210 -45.18 -5.75 -0.47
N TRP G 211 -45.27 -7.09 -0.48
CA TRP G 211 -45.27 -7.84 -1.73
C TRP G 211 -46.60 -7.73 -2.44
N HIS G 212 -47.69 -7.46 -1.72
CA HIS G 212 -49.04 -7.51 -2.26
C HIS G 212 -49.85 -6.37 -1.66
N PRO G 213 -49.42 -5.13 -1.86
CA PRO G 213 -50.16 -3.99 -1.28
C PRO G 213 -51.60 -3.92 -1.76
N GLU G 214 -51.92 -4.49 -2.92
CA GLU G 214 -53.29 -4.50 -3.40
C GLU G 214 -54.22 -5.26 -2.47
N ARG G 215 -53.68 -6.13 -1.62
CA ARG G 215 -54.53 -6.83 -0.67
C ARG G 215 -54.96 -5.96 0.51
N GLY G 216 -54.37 -4.79 0.67
CA GLY G 216 -54.79 -3.87 1.70
C GLY G 216 -54.15 -4.19 3.04
N VAL G 217 -54.69 -3.54 4.07
CA VAL G 217 -54.13 -3.61 5.41
C VAL G 217 -54.95 -4.60 6.23
N ARG G 218 -54.26 -5.39 7.05
CA ARG G 218 -54.86 -6.47 7.82
C ARG G 218 -54.62 -6.21 9.30
N ARG G 219 -55.67 -6.33 10.11
CA ARG G 219 -55.54 -6.15 11.55
C ARG G 219 -55.05 -7.45 12.19
N VAL G 220 -53.96 -7.36 12.97
CA VAL G 220 -53.40 -8.51 13.67
C VAL G 220 -53.16 -8.15 15.12
N LEU G 221 -52.98 -9.18 15.95
CA LEU G 221 -52.65 -9.02 17.38
C LEU G 221 -53.61 -8.03 18.04
N GLY G 222 -54.91 -8.33 17.93
CA GLY G 222 -55.95 -7.41 18.30
C GLY G 222 -55.91 -6.92 19.74
N ASP G 223 -55.27 -7.67 20.64
CA ASP G 223 -55.24 -7.33 22.05
C ASP G 223 -53.97 -6.57 22.46
N TYR G 224 -53.05 -6.34 21.54
CA TYR G 224 -51.79 -5.67 21.86
C TYR G 224 -52.00 -4.17 21.86
N GLY G 225 -52.04 -3.59 23.05
CA GLY G 225 -52.28 -2.17 23.18
C GLY G 225 -52.48 -1.82 24.64
N ARG G 226 -52.73 -0.52 24.86
CA ARG G 226 -52.92 0.00 26.21
C ARG G 226 -54.33 -0.18 26.74
N GLY G 227 -55.25 -0.74 25.96
CA GLY G 227 -56.62 -0.87 26.42
C GLY G 227 -57.20 0.47 26.84
N GLN G 228 -57.78 0.51 28.04
CA GLN G 228 -58.38 1.72 28.58
C GLN G 228 -57.43 2.51 29.48
N ARG G 229 -56.19 2.04 29.62
CA ARG G 229 -55.23 2.72 30.48
C ARG G 229 -54.74 3.99 29.81
N LYS G 230 -54.55 5.03 30.62
CA LYS G 230 -54.15 6.34 30.10
C LYS G 230 -52.64 6.46 29.96
N LEU G 231 -52.03 5.49 29.28
CA LEU G 231 -50.59 5.50 29.09
C LEU G 231 -50.21 6.51 28.04
N PRO G 232 -49.23 7.37 28.29
CA PRO G 232 -48.78 8.29 27.24
C PRO G 232 -48.08 7.55 26.10
N VAL G 233 -47.94 8.26 24.98
CA VAL G 233 -47.37 7.64 23.78
C VAL G 233 -45.98 7.08 24.07
N TYR G 234 -45.14 7.86 24.73
CA TYR G 234 -43.74 7.45 24.91
C TYR G 234 -43.59 6.31 25.91
N LYS G 235 -44.67 5.92 26.59
CA LYS G 235 -44.64 4.71 27.39
C LYS G 235 -45.25 3.51 26.66
N MET G 236 -45.69 3.68 25.41
CA MET G 236 -46.02 2.54 24.59
C MET G 236 -44.73 1.84 24.16
N PRO G 237 -44.82 0.58 23.75
CA PRO G 237 -43.60 -0.09 23.28
C PRO G 237 -43.05 0.58 22.03
N HIS G 238 -41.74 0.74 22.00
CA HIS G 238 -41.05 1.14 20.78
C HIS G 238 -40.90 -0.09 19.91
N LEU G 239 -41.43 -0.01 18.69
CA LEU G 239 -41.42 -1.19 17.82
C LEU G 239 -40.03 -1.54 17.33
N GLU G 240 -39.07 -0.62 17.42
CA GLU G 240 -37.67 -0.99 17.28
C GLU G 240 -37.24 -2.00 18.33
N GLY G 241 -37.98 -2.08 19.44
CA GLY G 241 -37.71 -3.00 20.52
C GLY G 241 -38.33 -4.37 20.38
N TRP G 242 -39.04 -4.62 19.27
CA TRP G 242 -39.47 -5.94 18.90
C TRP G 242 -38.33 -6.71 18.26
N THR G 243 -38.30 -8.02 18.48
CA THR G 243 -37.49 -8.94 17.70
C THR G 243 -38.40 -9.97 17.05
N ILE G 244 -38.29 -10.09 15.73
CA ILE G 244 -39.02 -11.08 14.94
C ILE G 244 -38.03 -12.12 14.46
N ALA G 245 -38.21 -13.36 14.91
CA ALA G 245 -37.47 -14.51 14.41
C ALA G 245 -38.28 -15.19 13.31
N SER G 246 -37.79 -16.32 12.81
CA SER G 246 -38.48 -16.99 11.71
C SER G 246 -39.92 -17.33 12.11
N ASP G 247 -40.10 -18.09 13.19
CA ASP G 247 -41.43 -18.49 13.61
C ASP G 247 -41.97 -17.72 14.82
N GLN G 248 -41.11 -17.06 15.59
CA GLN G 248 -41.53 -16.43 16.83
C GLN G 248 -41.09 -14.97 16.87
N ALA G 249 -41.78 -14.20 17.71
CA ALA G 249 -41.42 -12.83 18.01
C ALA G 249 -41.37 -12.67 19.52
N PHE G 250 -40.37 -11.95 19.99
CA PHE G 250 -40.24 -11.59 21.39
C PHE G 250 -40.42 -10.08 21.47
N VAL G 251 -41.41 -9.64 22.25
CA VAL G 251 -41.83 -8.24 22.24
C VAL G 251 -42.11 -7.80 23.66
N PRO G 252 -41.98 -6.49 23.91
CA PRO G 252 -42.40 -5.96 25.21
C PRO G 252 -43.92 -5.95 25.34
N ALA G 253 -44.39 -6.34 26.51
CA ALA G 253 -45.79 -6.13 26.84
C ALA G 253 -46.07 -4.63 26.92
N VAL G 254 -47.32 -4.27 26.67
CA VAL G 254 -47.75 -2.88 26.75
C VAL G 254 -48.00 -2.56 28.23
N GLY G 255 -47.04 -1.89 28.85
CA GLY G 255 -47.21 -1.45 30.23
C GLY G 255 -47.33 -2.59 31.22
N HIS G 256 -46.65 -3.71 30.97
CA HIS G 256 -46.52 -4.80 31.93
C HIS G 256 -45.08 -5.29 31.92
N HIS G 257 -44.64 -5.83 33.05
CA HIS G 257 -43.26 -6.31 33.20
C HIS G 257 -43.12 -7.73 32.64
N GLN G 258 -43.41 -7.86 31.35
CA GLN G 258 -43.35 -9.15 30.68
C GLN G 258 -42.78 -8.99 29.27
N VAL G 259 -42.02 -9.99 28.86
CA VAL G 259 -41.72 -10.22 27.46
C VAL G 259 -42.73 -11.23 26.94
N LEU G 260 -43.47 -10.85 25.91
CA LEU G 260 -44.45 -11.73 25.28
C LEU G 260 -43.79 -12.50 24.14
N VAL G 261 -44.07 -13.79 24.07
CA VAL G 261 -43.63 -14.63 22.96
C VAL G 261 -44.83 -14.82 22.05
N LEU G 262 -44.65 -14.48 20.77
CA LEU G 262 -45.73 -14.54 19.80
C LEU G 262 -45.41 -15.53 18.69
N ASP G 263 -46.46 -16.21 18.21
CA ASP G 263 -46.43 -16.92 16.94
C ASP G 263 -46.42 -15.88 15.82
N ALA G 264 -45.31 -15.79 15.10
CA ALA G 264 -45.15 -14.74 14.10
C ALA G 264 -45.85 -15.06 12.77
N ARG G 265 -46.52 -16.21 12.66
CA ARG G 265 -47.31 -16.50 11.47
C ARG G 265 -48.78 -16.09 11.66
N ASP G 266 -49.38 -16.54 12.76
CA ASP G 266 -50.76 -16.23 13.07
C ASP G 266 -50.91 -15.02 13.99
N TRP G 267 -49.80 -14.47 14.49
CA TRP G 267 -49.79 -13.33 15.40
C TRP G 267 -50.74 -13.55 16.58
N LYS G 268 -50.32 -14.53 17.39
CA LYS G 268 -50.99 -14.95 18.60
C LYS G 268 -49.93 -15.16 19.67
N GLN G 269 -50.24 -14.74 20.90
CA GLN G 269 -49.32 -14.94 22.01
C GLN G 269 -49.27 -16.43 22.37
N THR G 270 -48.07 -16.98 22.45
CA THR G 270 -47.87 -18.37 22.83
C THR G 270 -47.23 -18.53 24.20
N ASP G 271 -46.60 -17.50 24.74
CA ASP G 271 -46.02 -17.56 26.07
C ASP G 271 -45.77 -16.15 26.59
N ALA G 272 -45.45 -16.06 27.87
CA ALA G 272 -45.08 -14.80 28.51
C ALA G 272 -43.98 -15.08 29.53
N ILE G 273 -43.08 -14.12 29.67
CA ILE G 273 -41.90 -14.27 30.50
C ILE G 273 -41.85 -13.11 31.47
N ASP G 274 -41.92 -13.41 32.77
CA ASP G 274 -41.79 -12.37 33.79
C ASP G 274 -40.35 -11.87 33.82
N VAL G 275 -40.19 -10.56 33.74
CA VAL G 275 -38.86 -9.94 33.77
C VAL G 275 -38.87 -8.82 34.80
N ALA G 276 -37.68 -8.29 35.07
CA ALA G 276 -37.45 -7.43 36.22
C ALA G 276 -37.80 -5.96 35.95
N GLY G 277 -38.71 -5.69 35.01
CA GLY G 277 -39.09 -4.32 34.72
C GLY G 277 -39.92 -4.26 33.46
N GLN G 278 -40.30 -3.04 33.12
CA GLN G 278 -40.97 -2.80 31.85
C GLN G 278 -39.96 -2.92 30.70
N PRO G 279 -40.00 -3.97 29.90
CA PRO G 279 -39.01 -4.08 28.83
C PRO G 279 -39.17 -2.97 27.81
N VAL G 280 -38.05 -2.43 27.36
CA VAL G 280 -38.01 -1.43 26.29
C VAL G 280 -37.49 -2.04 24.99
N PHE G 281 -36.26 -2.54 24.99
CA PHE G 281 -35.73 -3.26 23.86
C PHE G 281 -35.69 -4.75 24.19
N VAL G 282 -36.26 -5.55 23.31
CA VAL G 282 -36.12 -7.01 23.33
C VAL G 282 -35.28 -7.34 22.11
N MET G 283 -34.05 -7.77 22.33
CA MET G 283 -33.12 -8.04 21.25
CA MET G 283 -33.12 -8.04 21.25
C MET G 283 -32.70 -9.49 21.26
N THR G 284 -32.27 -9.97 20.10
CA THR G 284 -31.73 -11.33 19.98
C THR G 284 -30.23 -11.25 19.76
N ARG G 285 -29.49 -12.13 20.42
CA ARG G 285 -28.12 -12.38 20.01
C ARG G 285 -28.15 -12.83 18.55
N PRO G 286 -27.18 -12.46 17.73
CA PRO G 286 -27.31 -12.75 16.29
C PRO G 286 -27.51 -14.22 15.96
N ASP G 287 -27.11 -15.14 16.82
CA ASP G 287 -27.36 -16.56 16.55
C ASP G 287 -28.75 -17.03 17.03
N ASP G 288 -29.57 -16.12 17.54
CA ASP G 288 -30.96 -16.36 17.94
C ASP G 288 -31.08 -17.26 19.15
N ARG G 289 -29.97 -17.61 19.81
CA ARG G 289 -30.07 -18.53 20.93
CA ARG G 289 -30.00 -18.53 20.94
C ARG G 289 -30.43 -17.84 22.24
N GLN G 290 -30.21 -16.53 22.33
CA GLN G 290 -30.54 -15.76 23.52
C GLN G 290 -31.28 -14.49 23.16
N ILE G 291 -32.19 -14.10 24.05
CA ILE G 291 -32.92 -12.83 23.95
C ILE G 291 -32.43 -11.93 25.07
N TRP G 292 -32.01 -10.71 24.71
CA TRP G 292 -31.45 -9.73 25.62
C TRP G 292 -32.47 -8.61 25.82
N VAL G 293 -32.68 -8.19 27.07
CA VAL G 293 -33.77 -7.29 27.41
C VAL G 293 -33.26 -6.15 28.29
N ASN G 294 -33.55 -4.90 27.90
CA ASN G 294 -33.36 -3.80 28.82
CA ASN G 294 -33.37 -3.71 28.70
C ASN G 294 -34.72 -3.24 29.23
N PHE G 295 -34.68 -2.32 30.19
CA PHE G 295 -35.88 -1.86 30.87
C PHE G 295 -35.98 -0.34 30.89
N ALA G 296 -37.21 0.12 31.07
CA ALA G 296 -37.49 1.53 31.23
C ALA G 296 -37.13 1.97 32.65
N TYR G 297 -36.79 3.25 32.78
CA TYR G 297 -36.72 3.83 34.12
C TYR G 297 -37.98 3.47 34.88
N PRO G 298 -37.89 3.14 36.20
CA PRO G 298 -36.71 3.15 37.06
C PRO G 298 -35.91 1.85 37.15
N ASP G 299 -36.25 0.85 36.32
CA ASP G 299 -35.61 -0.45 36.39
C ASP G 299 -34.46 -0.60 35.40
N ASN G 300 -33.99 0.50 34.82
CA ASN G 300 -32.96 0.45 33.79
C ASN G 300 -31.54 0.38 34.36
N ASP G 301 -31.33 -0.42 35.41
CA ASP G 301 -29.99 -0.70 35.90
C ASP G 301 -29.63 -2.18 35.72
N LYS G 302 -30.38 -2.90 34.91
CA LYS G 302 -30.21 -4.32 34.72
C LYS G 302 -30.37 -4.66 33.24
N VAL G 303 -29.78 -5.79 32.85
CA VAL G 303 -30.01 -6.42 31.55
C VAL G 303 -30.29 -7.90 31.81
N GLN G 304 -31.39 -8.41 31.27
CA GLN G 304 -31.71 -9.82 31.45
C GLN G 304 -31.50 -10.59 30.16
N VAL G 305 -31.00 -11.82 30.30
CA VAL G 305 -30.66 -12.68 29.18
C VAL G 305 -31.56 -13.92 29.28
N ILE G 306 -32.31 -14.20 28.22
CA ILE G 306 -33.31 -15.26 28.20
C ILE G 306 -32.94 -16.33 27.18
N ASP G 307 -33.13 -17.58 27.54
CA ASP G 307 -32.92 -18.69 26.63
C ASP G 307 -34.08 -18.74 25.63
N SER G 308 -33.77 -18.63 24.32
CA SER G 308 -34.81 -18.47 23.31
C SER G 308 -35.63 -19.73 23.11
N GLU G 309 -35.14 -20.87 23.58
CA GLU G 309 -35.85 -22.14 23.51
C GLU G 309 -36.71 -22.39 24.74
N THR G 310 -36.11 -22.30 25.93
CA THR G 310 -36.82 -22.61 27.16
C THR G 310 -37.61 -21.43 27.70
N HIS G 311 -37.34 -20.22 27.22
CA HIS G 311 -38.00 -18.99 27.67
C HIS G 311 -37.72 -18.68 29.13
N GLU G 312 -36.60 -19.16 29.67
CA GLU G 312 -36.20 -18.88 31.02
C GLU G 312 -35.10 -17.82 31.05
N VAL G 313 -35.10 -17.01 32.11
CA VAL G 313 -34.03 -16.04 32.31
C VAL G 313 -32.77 -16.79 32.74
N ILE G 314 -31.72 -16.68 31.92
CA ILE G 314 -30.43 -17.30 32.24
C ILE G 314 -29.68 -16.48 33.28
N GLU G 315 -29.75 -15.15 33.19
CA GLU G 315 -28.84 -14.29 33.92
C GLU G 315 -29.43 -12.89 33.96
N THR G 316 -29.14 -12.18 35.04
CA THR G 316 -29.47 -10.77 35.20
C THR G 316 -28.15 -10.03 35.38
N LEU G 317 -27.74 -9.29 34.35
CA LEU G 317 -26.54 -8.46 34.43
C LEU G 317 -26.87 -7.11 35.06
N ARG G 318 -25.87 -6.53 35.73
CA ARG G 318 -26.02 -5.25 36.40
CA ARG G 318 -26.01 -5.24 36.40
C ARG G 318 -24.83 -4.37 35.99
N PRO G 319 -24.87 -3.81 34.78
CA PRO G 319 -23.71 -3.04 34.28
C PRO G 319 -23.54 -1.68 34.92
N GLY G 320 -24.56 -1.19 35.63
CA GLY G 320 -24.53 0.14 36.18
C GLY G 320 -25.82 0.87 35.89
N PRO G 321 -25.94 2.09 36.40
CA PRO G 321 -27.20 2.83 36.28
C PRO G 321 -27.39 3.47 34.92
N GLY G 322 -28.63 3.43 34.44
CA GLY G 322 -28.99 4.13 33.22
C GLY G 322 -28.68 3.37 31.95
N VAL G 323 -28.93 2.06 31.93
CA VAL G 323 -28.66 1.25 30.75
C VAL G 323 -29.70 1.51 29.66
N LEU G 324 -29.35 2.36 28.68
CA LEU G 324 -30.31 2.85 27.71
C LEU G 324 -30.37 2.01 26.43
N HIS G 325 -29.23 1.53 25.94
CA HIS G 325 -29.18 0.89 24.65
CA HIS G 325 -29.18 0.89 24.64
C HIS G 325 -28.13 -0.21 24.63
N MET G 326 -28.30 -1.14 23.69
CA MET G 326 -27.43 -2.30 23.48
C MET G 326 -27.28 -2.48 21.97
N GLU G 327 -26.11 -2.97 21.54
CA GLU G 327 -25.88 -3.25 20.12
C GLU G 327 -24.90 -4.41 20.00
N PHE G 328 -25.26 -5.42 19.19
CA PHE G 328 -24.36 -6.54 18.93
C PHE G 328 -23.47 -6.24 17.73
N SER G 329 -22.27 -6.84 17.74
CA SER G 329 -21.46 -6.90 16.53
C SER G 329 -22.17 -7.75 15.48
N GLY G 330 -21.68 -7.65 14.24
CA GLY G 330 -22.36 -8.32 13.14
C GLY G 330 -22.47 -9.82 13.31
N ARG G 331 -21.35 -10.47 13.68
CA ARG G 331 -21.35 -11.92 13.84
C ARG G 331 -21.69 -12.36 15.25
N GLY G 332 -21.81 -11.42 16.19
CA GLY G 332 -22.27 -11.71 17.53
C GLY G 332 -21.20 -11.96 18.56
N ASP G 333 -19.92 -11.67 18.26
CA ASP G 333 -18.87 -11.91 19.25
C ASP G 333 -18.84 -10.89 20.36
N GLN G 334 -19.53 -9.75 20.19
CA GLN G 334 -19.54 -8.66 21.16
C GLN G 334 -20.95 -8.13 21.33
N VAL G 335 -21.24 -7.62 22.52
CA VAL G 335 -22.41 -6.77 22.72
C VAL G 335 -21.94 -5.49 23.41
N TRP G 336 -22.39 -4.36 22.88
CA TRP G 336 -22.03 -3.04 23.41
C TRP G 336 -23.22 -2.48 24.16
N ILE G 337 -22.98 -1.95 25.37
CA ILE G 337 -24.05 -1.53 26.27
C ILE G 337 -23.71 -0.14 26.80
N SER G 338 -24.58 0.84 26.55
CA SER G 338 -24.39 2.19 27.05
CA SER G 338 -24.39 2.19 27.05
C SER G 338 -24.95 2.30 28.46
N VAL G 339 -24.17 2.84 29.37
CA VAL G 339 -24.55 2.98 30.78
C VAL G 339 -24.51 4.47 31.09
N ARG G 340 -25.65 5.13 30.90
CA ARG G 340 -25.66 6.59 30.89
C ARG G 340 -25.12 7.18 32.19
N ASP G 341 -25.62 6.71 33.32
CA ASP G 341 -25.33 7.36 34.59
C ASP G 341 -24.01 6.90 35.21
N ALA G 342 -23.33 5.93 34.60
CA ALA G 342 -21.95 5.61 34.92
C ALA G 342 -20.96 6.24 33.95
N ASP G 343 -21.44 6.96 32.94
CA ASP G 343 -20.58 7.56 31.94
C ASP G 343 -19.65 6.51 31.33
N GLN G 344 -20.23 5.38 30.95
CA GLN G 344 -19.48 4.28 30.36
C GLN G 344 -20.22 3.70 29.17
N LEU G 345 -19.47 3.38 28.13
CA LEU G 345 -19.91 2.48 27.06
C LEU G 345 -19.15 1.18 27.30
N GLN G 346 -19.86 0.14 27.68
CA GLN G 346 -19.24 -1.13 28.02
C GLN G 346 -19.31 -2.09 26.84
N VAL G 347 -18.33 -2.99 26.78
CA VAL G 347 -18.29 -4.07 25.79
C VAL G 347 -18.27 -5.39 26.56
N TRP G 348 -19.17 -6.29 26.20
CA TRP G 348 -19.28 -7.60 26.83
C TRP G 348 -19.15 -8.70 25.80
N ASP G 349 -18.66 -9.85 26.27
CA ASP G 349 -18.69 -11.10 25.53
C ASP G 349 -20.04 -11.74 25.83
N PRO G 350 -20.96 -11.86 24.86
CA PRO G 350 -22.29 -12.40 25.14
C PRO G 350 -22.36 -13.90 25.22
N TYR G 351 -21.24 -14.59 25.11
CA TYR G 351 -21.16 -16.03 25.35
C TYR G 351 -20.70 -16.33 26.77
N ARG G 352 -19.60 -15.72 27.21
CA ARG G 352 -19.19 -15.85 28.60
C ARG G 352 -19.99 -14.96 29.54
N LEU G 353 -20.72 -13.97 29.02
CA LEU G 353 -21.43 -13.00 29.85
C LEU G 353 -20.45 -12.31 30.80
N LYS G 354 -19.37 -11.80 30.22
CA LYS G 354 -18.34 -11.09 30.97
C LYS G 354 -18.02 -9.78 30.27
N ARG G 355 -17.73 -8.76 31.07
CA ARG G 355 -17.36 -7.45 30.52
C ARG G 355 -15.90 -7.48 30.08
N ILE G 356 -15.64 -7.05 28.86
CA ILE G 356 -14.32 -7.07 28.27
C ILE G 356 -13.79 -5.68 27.94
N GLY G 357 -14.59 -4.64 28.17
CA GLY G 357 -14.15 -3.29 27.94
C GLY G 357 -15.14 -2.32 28.56
N SER G 358 -14.64 -1.11 28.82
CA SER G 358 -15.48 -0.06 29.40
C SER G 358 -14.82 1.28 29.08
N LEU G 359 -15.41 2.00 28.12
CA LEU G 359 -14.92 3.26 27.60
C LEU G 359 -15.68 4.43 28.21
N PRO G 360 -14.97 5.49 28.62
CA PRO G 360 -15.66 6.65 29.16
C PRO G 360 -16.46 7.36 28.09
N ALA G 361 -17.63 7.87 28.48
CA ALA G 361 -18.49 8.64 27.59
C ALA G 361 -19.33 9.59 28.42
N ARG G 362 -19.72 10.70 27.82
CA ARG G 362 -20.57 11.69 28.47
C ARG G 362 -22.02 11.31 28.24
N SER G 363 -22.69 10.84 29.30
CA SER G 363 -24.10 10.48 29.29
C SER G 363 -24.44 9.68 28.02
N PRO G 364 -23.77 8.55 27.82
CA PRO G 364 -23.95 7.80 26.56
C PRO G 364 -25.37 7.26 26.42
N SER G 365 -25.85 7.24 25.18
CA SER G 365 -27.17 6.67 24.90
C SER G 365 -27.11 5.71 23.71
N GLY G 366 -27.55 6.14 22.53
CA GLY G 366 -27.60 5.23 21.40
C GLY G 366 -26.22 4.78 20.96
N ILE G 367 -26.11 3.49 20.64
CA ILE G 367 -24.85 2.93 20.13
C ILE G 367 -25.20 2.15 18.87
N PHE G 368 -24.55 2.52 17.76
CA PHE G 368 -24.86 1.99 16.43
C PHE G 368 -23.58 1.54 15.74
N PHE G 369 -23.56 0.31 15.23
CA PHE G 369 -22.41 -0.15 14.46
C PHE G 369 -22.73 -0.26 12.97
N SER G 370 -21.69 -0.07 12.15
CA SER G 370 -21.84 0.21 10.73
C SER G 370 -22.33 -0.97 9.90
N HIS G 371 -22.40 -2.18 10.46
CA HIS G 371 -22.99 -3.28 9.70
C HIS G 371 -24.45 -3.03 9.38
N ARG G 372 -25.10 -2.10 10.08
CA ARG G 372 -26.46 -1.71 9.74
C ARG G 372 -26.55 -1.25 8.28
N ALA G 373 -25.44 -0.78 7.73
CA ALA G 373 -25.47 -0.21 6.39
C ALA G 373 -26.01 -1.17 5.34
N GLN G 374 -25.85 -2.47 5.55
CA GLN G 374 -26.19 -3.46 4.53
CA GLN G 374 -26.21 -3.43 4.51
C GLN G 374 -27.58 -4.07 4.70
N HIS G 375 -28.34 -3.68 5.72
CA HIS G 375 -29.63 -4.33 6.00
C HIS G 375 -30.80 -3.38 5.82
N ILE G 376 -31.80 -3.82 5.05
CA ILE G 376 -33.04 -3.08 4.91
C ILE G 376 -33.64 -2.85 6.29
N GLY G 377 -34.13 -1.64 6.53
CA GLY G 377 -34.78 -1.30 7.79
C GLY G 377 -33.85 -0.77 8.86
N LEU G 378 -32.54 -0.75 8.61
CA LEU G 378 -31.57 -0.24 9.56
C LEU G 378 -30.73 0.84 8.90
N PRO H 7 63.04 11.45 -28.42
CA PRO H 7 63.37 10.21 -27.69
C PRO H 7 63.83 9.11 -28.64
N PRO H 8 64.45 8.06 -28.13
CA PRO H 8 64.98 7.00 -29.01
C PRO H 8 63.87 6.16 -29.62
N LEU H 9 64.21 5.51 -30.74
CA LEU H 9 63.27 4.60 -31.39
C LEU H 9 62.81 3.54 -30.39
N ARG H 10 61.53 3.22 -30.43
CA ARG H 10 60.98 2.14 -29.62
CA ARG H 10 61.01 2.11 -29.65
C ARG H 10 59.71 1.63 -30.28
N GLY H 11 59.39 0.38 -29.99
CA GLY H 11 58.12 -0.18 -30.44
C GLY H 11 56.96 0.44 -29.70
N SER H 12 55.81 0.43 -30.36
CA SER H 12 54.58 0.97 -29.80
C SER H 12 53.64 -0.11 -29.27
N GLY H 13 53.98 -1.39 -29.45
CA GLY H 13 53.05 -2.45 -29.18
C GLY H 13 52.86 -2.77 -27.71
N ASP H 14 53.76 -2.31 -26.85
CA ASP H 14 53.69 -2.53 -25.41
C ASP H 14 53.54 -1.22 -24.63
N LEU H 15 53.06 -0.17 -25.27
CA LEU H 15 52.90 1.13 -24.62
C LEU H 15 51.56 1.21 -23.91
N GLY H 16 51.59 1.71 -22.68
CA GLY H 16 50.39 1.92 -21.91
C GLY H 16 50.23 3.38 -21.52
N VAL H 17 48.99 3.77 -21.26
CA VAL H 17 48.67 5.11 -20.78
C VAL H 17 47.90 4.99 -19.47
N LEU H 18 48.39 5.68 -18.44
CA LEU H 18 47.79 5.71 -17.11
C LEU H 18 47.23 7.09 -16.86
N ILE H 19 45.94 7.15 -16.53
CA ILE H 19 45.28 8.40 -16.16
C ILE H 19 45.64 8.75 -14.71
N GLU H 20 46.06 9.99 -14.49
CA GLU H 20 46.23 10.56 -13.16
C GLU H 20 45.05 11.51 -12.94
N ARG H 21 44.07 11.05 -12.16
CA ARG H 21 42.72 11.60 -12.25
C ARG H 21 42.54 12.93 -11.56
N ALA H 22 43.44 13.30 -10.65
CA ALA H 22 43.28 14.57 -9.93
C ALA H 22 44.15 15.70 -10.50
N ASP H 23 45.05 15.40 -11.42
CA ASP H 23 46.06 16.36 -11.87
C ASP H 23 46.01 16.62 -13.36
N GLY H 24 45.07 16.04 -14.09
CA GLY H 24 44.99 16.29 -15.52
C GLY H 24 46.22 15.84 -16.27
N SER H 25 46.84 14.75 -15.82
CA SER H 25 48.08 14.27 -16.42
C SER H 25 47.97 12.77 -16.67
N VAL H 26 48.92 12.27 -17.46
CA VAL H 26 49.03 10.86 -17.76
C VAL H 26 50.49 10.43 -17.60
N GLN H 27 50.68 9.14 -17.40
CA GLN H 27 51.98 8.51 -17.55
C GLN H 27 51.95 7.61 -18.77
N ILE H 28 53.06 7.58 -19.49
CA ILE H 28 53.27 6.67 -20.60
C ILE H 28 54.22 5.58 -20.12
N LEU H 29 53.82 4.33 -20.30
CA LEU H 29 54.47 3.17 -19.67
C LEU H 29 55.10 2.26 -20.71
N ASP H 30 56.29 1.76 -20.39
CA ASP H 30 56.94 0.67 -21.12
C ASP H 30 56.48 -0.64 -20.46
N GLY H 31 55.56 -1.33 -21.11
CA GLY H 31 54.99 -2.54 -20.55
C GLY H 31 55.97 -3.69 -20.42
N THR H 32 56.91 -3.81 -21.36
CA THR H 32 57.90 -4.88 -21.28
C THR H 32 58.89 -4.64 -20.14
N ALA H 33 59.45 -3.44 -20.05
CA ALA H 33 60.37 -3.13 -18.96
C ALA H 33 59.65 -2.92 -17.62
N LYS H 34 58.34 -2.70 -17.64
CA LYS H 34 57.56 -2.42 -16.44
C LYS H 34 58.08 -1.15 -15.77
N THR H 35 58.14 -0.09 -16.57
CA THR H 35 58.68 1.21 -16.14
C THR H 35 57.84 2.32 -16.77
N SER H 36 57.97 3.50 -16.17
CA SER H 36 57.33 4.70 -16.69
C SER H 36 58.30 5.46 -17.56
N LEU H 37 57.86 5.79 -18.77
CA LEU H 37 58.69 6.53 -19.71
C LEU H 37 58.57 8.04 -19.52
N ALA H 38 57.37 8.53 -19.22
CA ALA H 38 57.16 9.97 -19.13
C ALA H 38 55.85 10.27 -18.43
N ARG H 39 55.76 11.49 -17.90
CA ARG H 39 54.49 12.09 -17.52
C ARG H 39 54.21 13.26 -18.45
N VAL H 40 52.97 13.33 -18.96
CA VAL H 40 52.52 14.43 -19.79
C VAL H 40 51.38 15.16 -19.07
N GLU H 41 51.52 16.47 -18.93
CA GLU H 41 50.52 17.28 -18.23
C GLU H 41 49.69 18.06 -19.23
N GLY H 42 48.67 18.75 -18.71
CA GLY H 42 47.89 19.66 -19.52
C GLY H 42 46.64 19.09 -20.15
N LEU H 43 46.09 17.99 -19.63
CA LEU H 43 44.88 17.39 -20.17
C LEU H 43 43.61 17.78 -19.39
N GLY H 44 43.69 18.80 -18.54
CA GLY H 44 42.47 19.35 -17.94
C GLY H 44 41.83 18.43 -16.92
N ASP H 45 40.53 18.16 -17.09
CA ASP H 45 39.74 17.42 -16.10
C ASP H 45 39.65 15.96 -16.53
N LEU H 46 40.49 15.13 -15.94
CA LEU H 46 40.45 13.69 -16.16
C LEU H 46 39.89 12.94 -14.94
N SER H 47 39.12 13.63 -14.09
CA SER H 47 38.48 12.97 -12.97
C SER H 47 37.65 11.78 -13.43
N HIS H 48 37.10 11.86 -14.64
CA HIS H 48 36.65 10.71 -15.41
C HIS H 48 37.25 10.85 -16.80
N ALA H 49 37.56 9.72 -17.43
CA ALA H 49 38.30 9.74 -18.69
C ALA H 49 38.26 8.36 -19.33
N SER H 50 38.34 8.34 -20.66
CA SER H 50 38.54 7.10 -21.41
C SER H 50 39.50 7.40 -22.54
N LEU H 51 39.92 6.36 -23.26
CA LEU H 51 40.77 6.63 -24.42
C LEU H 51 40.73 5.47 -25.42
N VAL H 52 41.15 5.78 -26.64
CA VAL H 52 41.37 4.80 -27.69
C VAL H 52 42.71 5.14 -28.34
N PHE H 53 43.20 4.22 -29.17
CA PHE H 53 44.49 4.38 -29.83
C PHE H 53 44.34 4.48 -31.34
N SER H 54 45.27 5.20 -31.96
CA SER H 54 45.38 5.19 -33.41
C SER H 54 45.82 3.80 -33.87
N ARG H 55 45.53 3.50 -35.13
CA ARG H 55 45.77 2.16 -35.65
C ARG H 55 47.26 1.82 -35.75
N ASP H 56 48.15 2.81 -35.81
CA ASP H 56 49.58 2.57 -35.75
C ASP H 56 50.14 2.61 -34.33
N GLN H 57 49.29 2.87 -33.34
CA GLN H 57 49.62 2.89 -31.92
C GLN H 57 50.50 4.05 -31.49
N ARG H 58 50.74 5.02 -32.37
CA ARG H 58 51.55 6.16 -32.00
C ARG H 58 50.79 7.14 -31.11
N TYR H 59 49.47 7.20 -31.24
CA TYR H 59 48.68 8.21 -30.57
C TYR H 59 47.58 7.57 -29.73
N ALA H 60 47.28 8.21 -28.61
CA ALA H 60 46.07 7.94 -27.87
C ALA H 60 45.18 9.17 -27.97
N TYR H 61 43.88 8.91 -28.06
CA TYR H 61 42.86 9.96 -28.05
C TYR H 61 42.20 9.84 -26.68
N VAL H 62 42.43 10.82 -25.83
CA VAL H 62 41.91 10.84 -24.47
C VAL H 62 40.66 11.71 -24.44
N PHE H 63 39.57 11.14 -23.93
CA PHE H 63 38.31 11.87 -23.78
C PHE H 63 38.11 12.19 -22.30
N GLY H 64 38.12 13.48 -21.97
CA GLY H 64 38.07 13.92 -20.59
C GLY H 64 36.69 14.41 -20.17
N ARG H 65 36.52 14.50 -18.85
CA ARG H 65 35.26 14.96 -18.26
C ARG H 65 34.91 16.41 -18.61
N ASP H 66 35.90 17.23 -19.00
CA ASP H 66 35.69 18.60 -19.42
C ASP H 66 35.26 18.71 -20.87
N GLY H 67 35.03 17.58 -21.53
CA GLY H 67 34.81 17.59 -22.97
C GLY H 67 36.09 17.79 -23.75
N GLY H 68 37.23 17.63 -23.10
CA GLY H 68 38.49 17.69 -23.81
C GLY H 68 38.76 16.43 -24.62
N LEU H 69 39.32 16.65 -25.80
CA LEU H 69 39.75 15.59 -26.72
C LEU H 69 41.21 15.86 -26.99
N THR H 70 42.08 15.01 -26.44
CA THR H 70 43.53 15.20 -26.51
C THR H 70 44.10 14.10 -27.38
N LYS H 71 44.75 14.49 -28.48
CA LYS H 71 45.54 13.57 -29.31
C LYS H 71 46.95 13.55 -28.72
N LEU H 72 47.28 12.48 -28.02
CA LEU H 72 48.52 12.35 -27.28
C LEU H 72 49.53 11.54 -28.10
N ASP H 73 50.69 12.11 -28.35
CA ASP H 73 51.77 11.44 -29.08
C ASP H 73 52.57 10.62 -28.08
N LEU H 74 52.40 9.29 -28.11
CA LEU H 74 53.08 8.41 -27.16
C LEU H 74 54.58 8.26 -27.43
N LEU H 75 55.04 8.54 -28.64
CA LEU H 75 56.46 8.38 -28.98
C LEU H 75 57.25 9.66 -28.78
N ALA H 76 56.69 10.81 -29.19
CA ALA H 76 57.28 12.10 -28.86
C ALA H 76 56.93 12.54 -27.44
N GLN H 77 56.01 11.82 -26.78
CA GLN H 77 55.72 12.04 -25.36
C GLN H 77 55.24 13.46 -25.11
N ARG H 78 54.23 13.87 -25.86
CA ARG H 78 53.72 15.23 -25.81
C ARG H 78 52.30 15.25 -26.32
N ILE H 79 51.58 16.33 -26.00
CA ILE H 79 50.29 16.56 -26.60
C ILE H 79 50.49 17.01 -28.04
N ASP H 80 49.84 16.31 -28.98
CA ASP H 80 49.94 16.67 -30.40
C ASP H 80 48.86 17.69 -30.79
N LYS H 81 47.61 17.40 -30.43
CA LYS H 81 46.51 18.34 -30.63
C LYS H 81 45.54 18.18 -29.48
N ARG H 82 44.78 19.24 -29.21
CA ARG H 82 43.78 19.20 -28.16
C ARG H 82 42.66 20.16 -28.51
N LEU H 83 41.42 19.71 -28.30
CA LEU H 83 40.28 20.62 -28.33
C LEU H 83 39.45 20.40 -27.08
N ILE H 84 38.69 21.43 -26.68
CA ILE H 84 37.77 21.34 -25.56
C ILE H 84 36.39 21.73 -26.08
N GLN H 85 35.42 20.84 -25.92
CA GLN H 85 34.04 21.12 -26.29
C GLN H 85 33.12 20.78 -25.13
N GLY H 86 32.64 21.80 -24.43
CA GLY H 86 31.67 21.57 -23.38
C GLY H 86 30.49 20.78 -23.89
N GLY H 87 30.00 19.86 -23.08
CA GLY H 87 28.88 19.03 -23.44
C GLY H 87 29.28 17.69 -24.02
N ASN H 88 30.53 17.53 -24.43
CA ASN H 88 31.03 16.23 -24.85
C ASN H 88 31.31 15.37 -23.62
N SER H 89 31.06 14.08 -23.77
CA SER H 89 31.24 13.12 -22.69
C SER H 89 32.53 12.33 -22.90
N ILE H 90 32.85 11.50 -21.91
CA ILE H 90 33.97 10.58 -22.04
C ILE H 90 33.66 9.41 -22.98
N GLY H 91 32.46 9.35 -23.53
CA GLY H 91 32.25 8.28 -24.49
C GLY H 91 32.89 8.61 -25.83
N GLY H 92 33.95 7.89 -26.21
CA GLY H 92 34.63 8.14 -27.49
C GLY H 92 35.07 6.85 -28.14
N ALA H 93 35.10 6.84 -29.48
CA ALA H 93 35.39 5.62 -30.24
C ALA H 93 36.18 5.95 -31.49
N ILE H 94 36.87 4.95 -32.05
CA ILE H 94 37.62 5.14 -33.29
C ILE H 94 37.12 4.14 -34.33
N SER H 95 37.06 4.60 -35.58
CA SER H 95 36.44 3.86 -36.67
C SER H 95 37.34 2.72 -37.13
N GLN H 96 36.74 1.84 -37.92
CA GLN H 96 37.40 0.60 -38.34
C GLN H 96 38.64 0.86 -39.18
N ASP H 97 38.67 1.96 -39.94
CA ASP H 97 39.84 2.31 -40.73
C ASP H 97 40.75 3.30 -40.03
N GLY H 98 40.42 3.70 -38.80
CA GLY H 98 41.23 4.57 -37.99
C GLY H 98 41.19 6.04 -38.37
N ARG H 99 40.34 6.43 -39.31
CA ARG H 99 40.31 7.81 -39.82
C ARG H 99 39.37 8.72 -39.04
N LEU H 100 38.42 8.17 -38.31
CA LEU H 100 37.38 8.96 -37.68
C LEU H 100 37.36 8.66 -36.19
N VAL H 101 37.25 9.70 -35.38
CA VAL H 101 37.09 9.59 -33.92
C VAL H 101 35.78 10.24 -33.55
N ALA H 102 34.87 9.46 -32.97
CA ALA H 102 33.55 9.92 -32.58
C ALA H 102 33.48 10.11 -31.06
N VAL H 103 32.71 11.10 -30.67
CA VAL H 103 32.54 11.47 -29.27
C VAL H 103 31.07 11.76 -29.05
N SER H 104 30.47 11.14 -28.04
CA SER H 104 29.10 11.47 -27.68
C SER H 104 29.03 12.83 -27.01
N ASN H 105 27.89 13.50 -27.14
CA ASN H 105 27.67 14.69 -26.35
C ASN H 105 26.28 14.67 -25.73
N TYR H 106 26.20 15.18 -24.51
CA TYR H 106 24.96 15.24 -23.74
C TYR H 106 24.35 16.63 -23.75
N GLU H 107 25.07 17.64 -24.25
CA GLU H 107 24.56 18.99 -24.41
C GLU H 107 25.04 19.53 -25.75
N PRO H 108 24.16 19.80 -26.72
CA PRO H 108 22.69 19.65 -26.67
C PRO H 108 22.23 18.21 -26.83
N GLY H 109 23.14 17.32 -27.21
CA GLY H 109 22.81 15.93 -27.39
C GLY H 109 23.01 15.47 -28.82
N GLY H 110 23.94 14.55 -29.03
CA GLY H 110 24.25 14.07 -30.36
C GLY H 110 25.61 13.37 -30.36
N VAL H 111 26.17 13.27 -31.57
CA VAL H 111 27.49 12.70 -31.77
C VAL H 111 28.28 13.63 -32.67
N LYS H 112 29.54 13.86 -32.32
CA LYS H 112 30.46 14.59 -33.18
C LYS H 112 31.56 13.65 -33.63
N VAL H 113 31.94 13.77 -34.89
CA VAL H 113 32.95 12.89 -35.49
C VAL H 113 34.06 13.77 -36.03
N PHE H 114 35.30 13.46 -35.63
CA PHE H 114 36.49 14.25 -35.93
C PHE H 114 37.47 13.44 -36.76
N ASP H 115 38.22 14.14 -37.60
CA ASP H 115 39.34 13.54 -38.31
C ASP H 115 40.43 13.12 -37.32
N SER H 116 40.89 11.87 -37.39
CA SER H 116 41.85 11.35 -36.41
C SER H 116 43.22 12.00 -36.54
N ARG H 117 43.54 12.60 -37.69
CA ARG H 117 44.83 13.26 -37.82
C ARG H 117 44.78 14.72 -37.35
N THR H 118 43.81 15.49 -37.82
CA THR H 118 43.78 16.93 -37.58
C THR H 118 42.86 17.35 -36.44
N LEU H 119 41.97 16.47 -36.00
CA LEU H 119 40.85 16.74 -35.09
C LEU H 119 39.87 17.77 -35.65
N GLU H 120 39.91 18.05 -36.94
CA GLU H 120 38.89 18.86 -37.57
C GLU H 120 37.56 18.12 -37.57
N LEU H 121 36.48 18.87 -37.43
CA LEU H 121 35.15 18.28 -37.42
C LEU H 121 34.80 17.74 -38.79
N VAL H 122 34.34 16.49 -38.83
CA VAL H 122 33.90 15.83 -40.04
C VAL H 122 32.38 15.74 -40.13
N ALA H 123 31.71 15.45 -39.01
CA ALA H 123 30.27 15.34 -39.02
C ALA H 123 29.71 15.62 -37.64
N GLU H 124 28.60 16.34 -37.59
CA GLU H 124 27.83 16.54 -36.38
C GLU H 124 26.48 15.87 -36.59
N ILE H 125 26.12 14.98 -35.68
CA ILE H 125 24.87 14.24 -35.73
C ILE H 125 24.03 14.62 -34.53
N PRO H 126 23.06 15.53 -34.70
CA PRO H 126 22.18 15.87 -33.57
C PRO H 126 21.23 14.73 -33.25
N ALA H 127 21.03 14.48 -31.96
CA ALA H 127 20.00 13.54 -31.54
C ALA H 127 18.62 14.16 -31.71
N THR H 128 17.59 13.32 -31.56
CA THR H 128 16.20 13.76 -31.64
C THR H 128 15.94 14.95 -30.72
N ARG H 129 15.30 15.98 -31.26
CA ARG H 129 14.94 17.12 -30.42
C ARG H 129 13.79 16.73 -29.50
N LEU H 130 13.91 17.07 -28.22
CA LEU H 130 12.92 16.65 -27.25
C LEU H 130 11.67 17.52 -27.43
N PRO H 131 10.47 16.91 -27.48
CA PRO H 131 9.27 17.71 -27.77
C PRO H 131 9.12 18.85 -26.78
N GLY H 132 8.82 20.03 -27.31
CA GLY H 132 8.63 21.22 -26.50
C GLY H 132 9.89 21.75 -25.86
N GLN H 133 11.06 21.40 -26.38
CA GLN H 133 12.31 21.83 -25.80
C GLN H 133 13.29 22.25 -26.89
N ASP H 134 14.34 22.96 -26.46
CA ASP H 134 15.40 23.41 -27.34
C ASP H 134 16.70 22.68 -27.04
N ARG H 135 16.58 21.40 -26.71
CA ARG H 135 17.73 20.52 -26.59
C ARG H 135 17.31 19.14 -27.06
N ASN H 136 18.30 18.30 -27.28
CA ASN H 136 18.06 16.95 -27.81
C ASN H 136 18.24 15.91 -26.71
N SER H 137 17.92 14.68 -27.07
CA SER H 137 18.23 13.55 -26.20
C SER H 137 19.73 13.48 -25.95
N ARG H 138 20.11 13.19 -24.71
CA ARG H 138 21.48 12.75 -24.45
C ARG H 138 21.79 11.54 -25.30
N VAL H 139 23.03 11.43 -25.75
CA VAL H 139 23.53 10.23 -26.41
C VAL H 139 24.46 9.50 -25.44
N VAL H 140 24.29 8.19 -25.33
CA VAL H 140 25.10 7.33 -24.46
C VAL H 140 25.45 6.06 -25.24
N GLY H 141 26.37 5.28 -24.69
CA GLY H 141 26.65 3.96 -25.26
C GLY H 141 27.22 3.97 -26.67
N LEU H 142 28.08 4.94 -26.97
CA LEU H 142 28.69 5.01 -28.30
C LEU H 142 29.76 3.93 -28.43
N VAL H 143 29.69 3.20 -29.56
CA VAL H 143 30.71 2.24 -29.93
C VAL H 143 31.01 2.38 -31.41
N ASP H 144 32.18 1.87 -31.80
CA ASP H 144 32.52 1.60 -33.20
C ASP H 144 32.09 0.18 -33.57
N ALA H 145 31.84 -0.04 -34.85
CA ALA H 145 31.40 -1.36 -35.28
C ALA H 145 31.98 -1.68 -36.65
N PRO H 146 32.04 -2.97 -37.01
CA PRO H 146 32.51 -3.33 -38.35
C PRO H 146 31.65 -2.67 -39.41
N GLY H 147 32.22 -2.52 -40.61
CA GLY H 147 31.53 -1.79 -41.68
C GLY H 147 31.62 -0.30 -41.58
N GLN H 148 32.64 0.24 -40.89
CA GLN H 148 32.87 1.69 -40.80
C GLN H 148 31.61 2.39 -40.26
N ARG H 149 31.08 1.84 -39.18
CA ARG H 149 29.87 2.32 -38.53
CA ARG H 149 29.89 2.33 -38.53
C ARG H 149 30.18 2.75 -37.10
N PHE H 150 29.36 3.66 -36.60
CA PHE H 150 29.23 3.95 -35.18
C PHE H 150 27.80 3.61 -34.78
N VAL H 151 27.61 3.19 -33.53
CA VAL H 151 26.29 2.83 -33.01
C VAL H 151 26.13 3.47 -31.64
N PHE H 152 24.98 4.03 -31.35
CA PHE H 152 24.82 4.73 -30.09
C PHE H 152 23.35 4.78 -29.71
N SER H 153 23.09 5.15 -28.47
CA SER H 153 21.74 5.14 -27.91
C SER H 153 21.34 6.54 -27.47
N LEU H 154 20.04 6.78 -27.49
CA LEU H 154 19.46 8.06 -27.08
C LEU H 154 18.74 7.83 -25.77
N PHE H 155 19.30 8.36 -24.69
CA PHE H 155 18.79 8.14 -23.33
C PHE H 155 17.36 8.67 -23.16
N ASP H 156 17.13 9.92 -23.51
CA ASP H 156 15.85 10.55 -23.19
C ASP H 156 14.73 10.05 -24.07
N SER H 157 14.99 9.79 -25.35
CA SER H 157 13.92 9.46 -26.30
C SER H 157 13.83 7.97 -26.60
N GLY H 158 14.72 7.16 -26.05
CA GLY H 158 14.65 5.72 -26.12
C GLY H 158 14.87 5.15 -27.52
N GLU H 159 16.04 5.43 -28.10
CA GLU H 159 16.34 4.99 -29.45
C GLU H 159 17.76 4.44 -29.51
N ILE H 160 18.02 3.67 -30.57
CA ILE H 160 19.36 3.26 -30.97
C ILE H 160 19.54 3.67 -32.41
N TRP H 161 20.68 4.27 -32.74
CA TRP H 161 20.99 4.69 -34.09
C TRP H 161 22.29 4.07 -34.57
N ILE H 162 22.33 3.77 -35.86
CA ILE H 162 23.55 3.41 -36.57
C ILE H 162 23.93 4.57 -37.47
N ALA H 163 25.20 5.00 -37.39
CA ALA H 163 25.76 6.00 -38.27
C ALA H 163 26.79 5.30 -39.15
N ASP H 164 26.49 5.20 -40.45
CA ASP H 164 27.33 4.45 -41.39
C ASP H 164 28.13 5.41 -42.24
N PHE H 165 29.46 5.37 -42.07
CA PHE H 165 30.40 6.22 -42.78
C PHE H 165 31.11 5.50 -43.91
N SER H 166 30.60 4.35 -44.35
CA SER H 166 31.30 3.56 -45.35
C SER H 166 31.32 4.23 -46.72
N GLN H 167 30.39 5.14 -47.01
CA GLN H 167 30.34 5.75 -48.33
CA GLN H 167 30.32 5.76 -48.32
C GLN H 167 30.79 7.20 -48.35
N GLY H 168 31.20 7.77 -47.23
CA GLY H 168 31.65 9.15 -47.23
C GLY H 168 31.52 9.78 -45.86
N ASP H 169 31.88 11.06 -45.80
CA ASP H 169 31.87 11.81 -44.55
C ASP H 169 30.49 12.26 -44.12
N THR H 170 29.46 12.15 -44.97
CA THR H 170 28.09 12.42 -44.56
C THR H 170 27.41 11.08 -44.32
N PRO H 171 27.10 10.72 -43.07
CA PRO H 171 26.72 9.34 -42.79
C PRO H 171 25.29 8.99 -43.19
N HIS H 172 25.08 7.71 -43.45
CA HIS H 172 23.73 7.15 -43.58
C HIS H 172 23.28 6.71 -42.20
N LEU H 173 22.14 7.23 -41.76
CA LEU H 173 21.65 6.98 -40.41
C LEU H 173 20.51 5.97 -40.45
N THR H 174 20.55 5.00 -39.55
CA THR H 174 19.43 4.08 -39.33
C THR H 174 18.96 4.28 -37.89
N ARG H 175 17.67 4.56 -37.71
CA ARG H 175 17.13 4.91 -36.41
C ARG H 175 16.10 3.87 -35.97
N PHE H 176 16.29 3.35 -34.75
CA PHE H 176 15.35 2.40 -34.15
C PHE H 176 14.66 3.08 -32.97
N ARG H 177 13.35 3.27 -33.08
CA ARG H 177 12.60 3.98 -32.06
C ARG H 177 11.97 3.03 -31.03
N ASP H 178 11.64 3.60 -29.87
CA ASP H 178 10.89 2.91 -28.82
C ASP H 178 11.55 1.60 -28.40
N ILE H 179 12.88 1.63 -28.26
CA ILE H 179 13.61 0.39 -27.97
C ILE H 179 13.64 0.03 -26.50
N GLY H 180 13.17 0.91 -25.62
CA GLY H 180 13.24 0.74 -24.17
C GLY H 180 13.43 2.09 -23.51
N LYS H 181 12.98 2.19 -22.25
CA LYS H 181 13.00 3.45 -21.53
C LYS H 181 14.39 3.74 -20.97
N GLN H 182 14.98 4.86 -21.42
CA GLN H 182 16.24 5.39 -20.90
C GLN H 182 17.38 4.39 -20.98
N PRO H 183 17.76 3.98 -22.19
CA PRO H 183 19.03 3.28 -22.36
C PRO H 183 20.14 4.20 -21.88
N TYR H 184 20.98 3.68 -20.96
CA TYR H 184 21.96 4.51 -20.25
C TYR H 184 23.41 4.15 -20.56
N ASP H 185 23.67 3.01 -21.18
CA ASP H 185 25.03 2.52 -21.47
C ASP H 185 24.84 1.43 -22.51
N ALA H 186 25.94 1.02 -23.15
CA ALA H 186 25.85 -0.05 -24.12
C ALA H 186 27.21 -0.70 -24.32
N LEU H 187 27.19 -1.87 -24.93
CA LEU H 187 28.41 -2.56 -25.30
C LEU H 187 28.24 -3.11 -26.70
N ILE H 188 29.36 -3.44 -27.33
CA ILE H 188 29.34 -4.26 -28.54
C ILE H 188 30.06 -5.57 -28.21
N SER H 189 29.54 -6.69 -28.70
CA SER H 189 30.12 -7.99 -28.37
C SER H 189 31.53 -8.07 -28.94
N PRO H 190 32.41 -8.89 -28.33
CA PRO H 190 33.81 -8.90 -28.76
C PRO H 190 34.01 -9.21 -30.24
N ASP H 191 33.11 -9.98 -30.86
CA ASP H 191 33.20 -10.27 -32.28
C ASP H 191 32.64 -9.16 -33.17
N GLY H 192 32.07 -8.11 -32.58
CA GLY H 192 31.56 -7.00 -33.36
C GLY H 192 30.15 -7.19 -33.91
N ARG H 193 29.46 -8.27 -33.56
CA ARG H 193 28.17 -8.54 -34.19
C ARG H 193 26.97 -7.92 -33.46
N TYR H 194 26.98 -7.90 -32.13
CA TYR H 194 25.79 -7.51 -31.38
C TYR H 194 26.02 -6.25 -30.57
N TYR H 195 25.06 -5.34 -30.63
CA TYR H 195 25.02 -4.15 -29.79
C TYR H 195 23.98 -4.37 -28.70
N MET H 196 24.37 -4.12 -27.45
CA MET H 196 23.45 -4.31 -26.33
C MET H 196 23.43 -3.07 -25.46
N ALA H 197 22.26 -2.45 -25.34
CA ALA H 197 22.05 -1.29 -24.48
C ALA H 197 21.30 -1.70 -23.21
N GLY H 198 21.83 -1.28 -22.06
CA GLY H 198 21.14 -1.51 -20.79
C GLY H 198 20.13 -0.41 -20.55
N LEU H 199 18.99 -0.78 -19.95
CA LEU H 199 17.90 0.14 -19.69
C LEU H 199 17.86 0.59 -18.23
N PHE H 200 17.56 1.88 -18.04
CA PHE H 200 17.47 2.51 -16.73
C PHE H 200 16.03 2.85 -16.34
N GLY H 201 15.17 3.17 -17.31
CA GLY H 201 13.78 3.47 -17.01
C GLY H 201 12.88 2.27 -16.86
N GLU H 202 13.41 1.08 -17.16
CA GLU H 202 12.75 -0.20 -16.97
C GLU H 202 13.87 -1.24 -16.92
N ASP H 203 13.49 -2.49 -16.65
CA ASP H 203 14.48 -3.57 -16.64
C ASP H 203 14.65 -4.16 -18.04
N GLY H 204 15.83 -4.74 -18.27
CA GLY H 204 16.12 -5.44 -19.50
C GLY H 204 17.18 -4.74 -20.33
N MET H 205 17.52 -5.39 -21.43
CA MET H 205 18.49 -4.85 -22.37
CA MET H 205 18.54 -4.93 -22.37
C MET H 205 17.96 -4.96 -23.78
N ALA H 206 18.35 -3.99 -24.61
CA ALA H 206 17.93 -3.93 -26.00
C ALA H 206 19.09 -4.39 -26.86
N GLN H 207 18.87 -5.44 -27.65
CA GLN H 207 19.90 -6.03 -28.49
C GLN H 207 19.62 -5.80 -29.96
N LEU H 208 20.64 -5.40 -30.68
CA LEU H 208 20.61 -5.20 -32.12
C LEU H 208 21.63 -6.09 -32.78
N ASP H 209 21.20 -6.91 -33.75
CA ASP H 209 22.09 -7.74 -34.56
C ASP H 209 22.60 -6.88 -35.69
N LEU H 210 23.86 -6.46 -35.59
CA LEU H 210 24.45 -5.55 -36.57
C LEU H 210 24.71 -6.22 -37.91
N TRP H 211 24.70 -7.56 -37.98
CA TRP H 211 24.69 -8.23 -39.28
C TRP H 211 23.34 -8.11 -39.96
N HIS H 212 22.27 -7.94 -39.19
CA HIS H 212 20.91 -7.96 -39.74
C HIS H 212 20.06 -6.89 -39.07
N PRO H 213 20.44 -5.62 -39.24
CA PRO H 213 19.69 -4.54 -38.58
C PRO H 213 18.24 -4.47 -39.03
N GLU H 214 17.92 -5.03 -40.19
CA GLU H 214 16.53 -5.06 -40.66
C GLU H 214 15.64 -5.91 -39.77
N ARG H 215 16.20 -6.73 -38.91
CA ARG H 215 15.40 -7.51 -37.97
C ARG H 215 14.99 -6.70 -36.75
N GLY H 216 15.49 -5.49 -36.59
CA GLY H 216 15.07 -4.61 -35.54
C GLY H 216 15.74 -4.97 -34.22
N VAL H 217 15.22 -4.36 -33.15
CA VAL H 217 15.81 -4.49 -31.82
C VAL H 217 15.03 -5.52 -31.02
N ARG H 218 15.74 -6.29 -30.22
CA ARG H 218 15.21 -7.44 -29.49
C ARG H 218 15.43 -7.24 -28.00
N ARG H 219 14.37 -7.39 -27.20
CA ARG H 219 14.52 -7.30 -25.75
C ARG H 219 15.07 -8.61 -25.21
N VAL H 220 16.16 -8.53 -24.44
CA VAL H 220 16.78 -9.71 -23.82
C VAL H 220 17.05 -9.41 -22.36
N LEU H 221 17.30 -10.49 -21.61
CA LEU H 221 17.66 -10.42 -20.19
C LEU H 221 16.71 -9.48 -19.44
N GLY H 222 15.41 -9.76 -19.58
CA GLY H 222 14.38 -8.83 -19.15
C GLY H 222 14.41 -8.45 -17.68
N ASP H 223 15.05 -9.25 -16.84
CA ASP H 223 15.07 -8.99 -15.40
C ASP H 223 16.25 -8.14 -14.95
N TYR H 224 17.18 -7.82 -15.84
CA TYR H 224 18.44 -7.19 -15.44
C TYR H 224 18.24 -5.68 -15.34
N GLY H 225 18.30 -5.16 -14.12
CA GLY H 225 18.10 -3.74 -13.90
C GLY H 225 17.83 -3.47 -12.43
N ARG H 226 17.44 -2.22 -12.16
CA ARG H 226 17.23 -1.77 -10.80
C ARG H 226 15.82 -2.06 -10.28
N GLY H 227 14.95 -2.62 -11.12
CA GLY H 227 13.58 -2.83 -10.74
C GLY H 227 12.93 -1.58 -10.20
N GLN H 228 12.47 -1.62 -8.95
CA GLN H 228 11.83 -0.48 -8.31
C GLN H 228 12.77 0.28 -7.39
N ARG H 229 14.01 -0.16 -7.25
CA ARG H 229 14.97 0.57 -6.43
C ARG H 229 15.33 1.89 -7.11
N LYS H 230 15.56 2.92 -6.29
CA LYS H 230 15.92 4.23 -6.81
C LYS H 230 17.44 4.40 -6.88
N LEU H 231 18.08 3.49 -7.60
CA LEU H 231 19.50 3.63 -7.89
C LEU H 231 19.72 4.76 -8.88
N PRO H 232 20.60 5.72 -8.61
CA PRO H 232 20.94 6.70 -9.63
C PRO H 232 21.64 6.04 -10.80
N VAL H 233 21.73 6.78 -11.90
CA VAL H 233 22.34 6.26 -13.13
C VAL H 233 23.71 5.70 -12.84
N TYR H 234 24.52 6.43 -12.08
CA TYR H 234 25.92 6.11 -11.94
C TYR H 234 26.18 4.95 -10.98
N LYS H 235 25.14 4.45 -10.32
CA LYS H 235 25.25 3.22 -9.55
C LYS H 235 24.79 2.00 -10.33
N MET H 236 24.30 2.20 -11.56
CA MET H 236 23.99 1.08 -12.43
C MET H 236 25.29 0.45 -12.94
N PRO H 237 25.25 -0.81 -13.34
CA PRO H 237 26.47 -1.45 -13.84
C PRO H 237 26.98 -0.75 -15.10
N HIS H 238 28.29 -0.54 -15.14
CA HIS H 238 28.95 -0.06 -16.36
C HIS H 238 29.08 -1.24 -17.31
N LEU H 239 28.55 -1.11 -18.52
CA LEU H 239 28.56 -2.26 -19.42
C LEU H 239 29.97 -2.56 -19.94
N GLU H 240 30.91 -1.64 -19.80
CA GLU H 240 32.30 -1.98 -20.01
C GLU H 240 32.78 -3.03 -19.00
N GLY H 241 32.10 -3.15 -17.87
CA GLY H 241 32.41 -4.12 -16.85
C GLY H 241 31.76 -5.47 -17.03
N TRP H 242 31.09 -5.70 -18.16
CA TRP H 242 30.65 -7.02 -18.59
C TRP H 242 31.81 -7.73 -19.28
N THR H 243 31.91 -9.05 -19.09
CA THR H 243 32.76 -9.89 -19.93
C THR H 243 31.89 -10.91 -20.64
N ILE H 244 32.01 -10.96 -21.96
CA ILE H 244 31.28 -11.91 -22.80
C ILE H 244 32.28 -12.88 -23.40
N ALA H 245 32.11 -14.16 -23.07
CA ALA H 245 32.87 -15.25 -23.68
C ALA H 245 32.01 -15.88 -24.78
N SER H 246 32.50 -16.99 -25.34
CA SER H 246 31.76 -17.64 -26.40
C SER H 246 30.36 -18.05 -25.93
N ASP H 247 30.30 -18.91 -24.91
CA ASP H 247 29.02 -19.41 -24.44
C ASP H 247 28.51 -18.68 -23.20
N GLN H 248 29.40 -18.03 -22.44
CA GLN H 248 29.10 -17.50 -21.12
C GLN H 248 29.37 -16.00 -21.06
N ALA H 249 28.59 -15.30 -20.23
CA ALA H 249 28.92 -13.93 -19.86
C ALA H 249 28.95 -13.83 -18.35
N PHE H 250 29.92 -13.08 -17.83
CA PHE H 250 30.05 -12.81 -16.40
C PHE H 250 29.87 -11.32 -16.18
N VAL H 251 28.87 -10.96 -15.38
CA VAL H 251 28.44 -9.57 -15.28
C VAL H 251 28.18 -9.22 -13.83
N PRO H 252 28.32 -7.94 -13.48
CA PRO H 252 27.97 -7.53 -12.12
C PRO H 252 26.46 -7.59 -11.92
N ALA H 253 26.06 -8.05 -10.75
CA ALA H 253 24.67 -7.92 -10.36
C ALA H 253 24.35 -6.45 -10.15
N VAL H 254 23.09 -6.11 -10.40
CA VAL H 254 22.61 -4.73 -10.22
C VAL H 254 22.36 -4.54 -8.73
N GLY H 255 23.27 -3.86 -8.05
CA GLY H 255 23.07 -3.54 -6.65
C GLY H 255 23.08 -4.73 -5.73
N HIS H 256 23.78 -5.80 -6.08
CA HIS H 256 23.97 -6.93 -5.17
C HIS H 256 25.42 -7.39 -5.24
N HIS H 257 25.84 -8.12 -4.21
CA HIS H 257 27.23 -8.58 -4.08
C HIS H 257 27.41 -9.94 -4.77
N GLN H 258 27.07 -9.97 -6.05
CA GLN H 258 27.17 -11.19 -6.83
C GLN H 258 27.67 -10.91 -8.23
N VAL H 259 28.46 -11.84 -8.75
CA VAL H 259 28.75 -11.90 -10.18
C VAL H 259 27.77 -12.90 -10.78
N LEU H 260 26.97 -12.44 -11.73
CA LEU H 260 26.01 -13.31 -12.41
C LEU H 260 26.65 -13.97 -13.61
N VAL H 261 26.38 -15.27 -13.78
CA VAL H 261 26.84 -16.02 -14.96
C VAL H 261 25.64 -16.18 -15.88
N LEU H 262 25.80 -15.75 -17.13
CA LEU H 262 24.73 -15.77 -18.12
C LEU H 262 25.07 -16.68 -19.30
N ASP H 263 24.06 -17.42 -19.76
CA ASP H 263 24.08 -18.03 -21.08
C ASP H 263 24.07 -16.92 -22.11
N ALA H 264 25.15 -16.79 -22.87
CA ALA H 264 25.31 -15.69 -23.83
C ALA H 264 24.56 -15.95 -25.13
N ARG H 265 23.87 -17.07 -25.25
CA ARG H 265 23.07 -17.39 -26.42
C ARG H 265 21.61 -16.97 -26.20
N ASP H 266 21.02 -17.46 -25.11
CA ASP H 266 19.63 -17.19 -24.79
C ASP H 266 19.45 -16.06 -23.79
N TRP H 267 20.55 -15.51 -23.27
CA TRP H 267 20.53 -14.41 -22.31
C TRP H 267 19.61 -14.72 -21.15
N LYS H 268 19.99 -15.78 -20.43
CA LYS H 268 19.36 -16.19 -19.19
C LYS H 268 20.44 -16.47 -18.17
N GLN H 269 20.18 -16.12 -16.91
CA GLN H 269 21.13 -16.42 -15.85
C GLN H 269 21.18 -17.92 -15.64
N THR H 270 22.41 -18.45 -15.51
CA THR H 270 22.60 -19.86 -15.23
C THR H 270 23.30 -20.15 -13.91
N ASP H 271 23.93 -19.14 -13.29
CA ASP H 271 24.59 -19.32 -12.01
C ASP H 271 24.81 -17.95 -11.40
N ALA H 272 25.12 -17.93 -10.11
CA ALA H 272 25.41 -16.68 -9.42
C ALA H 272 26.54 -16.95 -8.44
N ILE H 273 27.49 -16.03 -8.37
CA ILE H 273 28.70 -16.19 -7.57
C ILE H 273 28.72 -15.12 -6.49
N ASP H 274 28.70 -15.55 -5.23
CA ASP H 274 28.85 -14.61 -4.12
C ASP H 274 30.28 -14.07 -4.10
N VAL H 275 30.42 -12.74 -4.07
CA VAL H 275 31.72 -12.09 -4.11
C VAL H 275 31.81 -11.12 -2.94
N ALA H 276 33.02 -10.60 -2.73
CA ALA H 276 33.34 -9.88 -1.49
C ALA H 276 32.90 -8.43 -1.50
N GLY H 277 31.98 -8.06 -2.37
CA GLY H 277 31.52 -6.68 -2.46
C GLY H 277 30.62 -6.50 -3.66
N GLN H 278 30.22 -5.24 -3.88
CA GLN H 278 29.45 -4.91 -5.08
C GLN H 278 30.41 -4.89 -6.26
N PRO H 279 30.33 -5.87 -7.17
CA PRO H 279 31.24 -5.85 -8.32
C PRO H 279 31.03 -4.59 -9.15
N VAL H 280 32.15 -4.00 -9.57
CA VAL H 280 32.15 -2.84 -10.45
C VAL H 280 32.57 -3.23 -11.87
N PHE H 281 33.69 -3.93 -12.00
CA PHE H 281 34.17 -4.44 -13.28
CA PHE H 281 34.17 -4.45 -13.27
C PHE H 281 34.35 -5.95 -13.20
N VAL H 282 33.92 -6.67 -14.22
CA VAL H 282 34.17 -8.09 -14.36
C VAL H 282 35.01 -8.25 -15.62
N MET H 283 36.21 -8.81 -15.48
CA MET H 283 37.15 -8.95 -16.58
CA MET H 283 37.13 -8.95 -16.58
C MET H 283 37.58 -10.41 -16.71
N THR H 284 38.09 -10.75 -17.89
CA THR H 284 38.61 -12.08 -18.14
C THR H 284 40.10 -12.01 -18.44
N ARG H 285 40.88 -12.90 -17.84
CA ARG H 285 42.23 -13.13 -18.31
C ARG H 285 42.15 -13.50 -19.80
N PRO H 286 43.12 -13.09 -20.62
CA PRO H 286 42.92 -13.30 -22.07
C PRO H 286 42.74 -14.75 -22.47
N ASP H 287 43.20 -15.72 -21.66
CA ASP H 287 42.97 -17.12 -22.00
C ASP H 287 41.63 -17.66 -21.52
N ASP H 288 40.77 -16.81 -20.93
CA ASP H 288 39.40 -17.11 -20.54
C ASP H 288 39.30 -18.04 -19.34
N ARG H 289 40.40 -18.35 -18.68
CA ARG H 289 40.35 -19.31 -17.59
C ARG H 289 40.04 -18.68 -16.24
N GLN H 290 40.31 -17.38 -16.07
CA GLN H 290 40.04 -16.68 -14.82
C GLN H 290 39.21 -15.44 -15.07
N ILE H 291 38.31 -15.16 -14.14
CA ILE H 291 37.50 -13.94 -14.11
C ILE H 291 38.00 -13.08 -12.97
N TRP H 292 38.31 -11.82 -13.26
CA TRP H 292 38.86 -10.87 -12.31
C TRP H 292 37.83 -9.80 -12.04
N VAL H 293 37.64 -9.47 -10.76
CA VAL H 293 36.51 -8.66 -10.31
C VAL H 293 37.01 -7.58 -9.35
N ASN H 294 36.64 -6.32 -9.59
CA ASN H 294 36.85 -5.33 -8.55
CA ASN H 294 36.83 -5.19 -8.70
C ASN H 294 35.51 -4.81 -8.05
N PHE H 295 35.58 -4.03 -6.97
CA PHE H 295 34.40 -3.73 -6.17
C PHE H 295 34.27 -2.24 -5.84
N ALA H 296 33.04 -1.87 -5.51
CA ALA H 296 32.74 -0.53 -5.02
C ALA H 296 33.17 -0.37 -3.56
N TYR H 297 33.50 0.86 -3.20
CA TYR H 297 33.70 1.21 -1.80
C TYR H 297 32.54 0.65 -0.97
N PRO H 298 32.80 0.13 0.25
CA PRO H 298 34.05 0.10 1.02
C PRO H 298 34.91 -1.11 0.73
N ASP H 299 34.56 -1.89 -0.30
CA ASP H 299 35.24 -3.14 -0.59
C ASP H 299 36.26 -2.99 -1.73
N ASN H 300 36.63 -1.76 -2.07
CA ASN H 300 37.52 -1.49 -3.18
C ASN H 300 39.01 -1.57 -2.79
N ASP H 301 39.33 -2.28 -1.72
CA ASP H 301 40.70 -2.68 -1.45
C ASP H 301 40.99 -4.12 -1.87
N LYS H 302 40.06 -4.75 -2.57
CA LYS H 302 40.17 -6.17 -2.91
C LYS H 302 39.91 -6.39 -4.40
N VAL H 303 40.58 -7.42 -4.92
CA VAL H 303 40.34 -7.96 -6.25
C VAL H 303 40.16 -9.46 -6.07
N GLN H 304 39.06 -10.01 -6.59
CA GLN H 304 38.82 -11.45 -6.51
C GLN H 304 39.03 -12.10 -7.86
N VAL H 305 39.62 -13.29 -7.83
CA VAL H 305 39.92 -14.09 -9.01
C VAL H 305 39.05 -15.33 -8.97
N ILE H 306 38.30 -15.58 -10.03
CA ILE H 306 37.31 -16.66 -10.07
C ILE H 306 37.64 -17.62 -11.19
N ASP H 307 37.51 -18.93 -10.91
CA ASP H 307 37.72 -19.96 -11.93
C ASP H 307 36.55 -19.96 -12.90
N SER H 308 36.82 -19.74 -14.19
CA SER H 308 35.75 -19.57 -15.16
C SER H 308 34.93 -20.85 -15.33
N GLU H 309 35.48 -22.01 -14.98
CA GLU H 309 34.78 -23.29 -15.12
C GLU H 309 34.00 -23.68 -13.87
N THR H 310 34.64 -23.62 -12.71
CA THR H 310 33.97 -24.03 -11.48
C THR H 310 33.14 -22.91 -10.88
N HIS H 311 33.36 -21.67 -11.29
CA HIS H 311 32.67 -20.49 -10.76
C HIS H 311 32.98 -20.27 -9.29
N GLU H 312 34.11 -20.79 -8.80
CA GLU H 312 34.53 -20.62 -7.42
C GLU H 312 35.60 -19.54 -7.34
N VAL H 313 35.61 -18.81 -6.23
CA VAL H 313 36.65 -17.81 -6.00
C VAL H 313 37.95 -18.53 -5.72
N ILE H 314 38.98 -18.23 -6.52
CA ILE H 314 40.28 -18.87 -6.34
C ILE H 314 41.10 -18.15 -5.28
N GLU H 315 41.06 -16.82 -5.31
CA GLU H 315 41.95 -16.01 -4.50
C GLU H 315 41.32 -14.63 -4.34
N THR H 316 41.53 -14.03 -3.18
CA THR H 316 41.18 -12.64 -2.93
C THR H 316 42.48 -11.86 -2.76
N LEU H 317 42.79 -11.01 -3.73
CA LEU H 317 43.97 -10.16 -3.64
C LEU H 317 43.60 -8.89 -2.88
N ARG H 318 44.61 -8.32 -2.22
CA ARG H 318 44.48 -7.06 -1.47
C ARG H 318 45.62 -6.13 -1.89
N PRO H 319 45.50 -5.49 -3.07
CA PRO H 319 46.61 -4.66 -3.55
C PRO H 319 46.78 -3.38 -2.78
N GLY H 320 45.74 -2.91 -2.09
CA GLY H 320 45.77 -1.65 -1.42
C GLY H 320 44.48 -0.88 -1.65
N PRO H 321 44.36 0.30 -1.05
CA PRO H 321 43.10 1.04 -1.08
C PRO H 321 42.83 1.71 -2.43
N GLY H 322 41.58 1.58 -2.88
CA GLY H 322 41.10 2.32 -4.03
C GLY H 322 41.38 1.73 -5.40
N VAL H 323 41.15 0.42 -5.57
CA VAL H 323 41.46 -0.25 -6.83
C VAL H 323 40.39 0.13 -7.85
N LEU H 324 40.74 1.04 -8.79
CA LEU H 324 39.79 1.57 -9.75
C LEU H 324 39.72 0.77 -11.05
N HIS H 325 40.87 0.36 -11.59
CA HIS H 325 40.90 -0.22 -12.93
CA HIS H 325 40.89 -0.22 -12.92
C HIS H 325 41.98 -1.29 -13.02
N MET H 326 41.83 -2.17 -14.01
CA MET H 326 42.78 -3.23 -14.31
C MET H 326 42.84 -3.41 -15.82
N GLU H 327 43.98 -3.93 -16.29
CA GLU H 327 44.22 -4.06 -17.72
C GLU H 327 45.23 -5.19 -17.91
N PHE H 328 44.87 -6.18 -18.73
CA PHE H 328 45.79 -7.24 -19.08
C PHE H 328 46.65 -6.85 -20.28
N SER H 329 47.85 -7.44 -20.33
CA SER H 329 48.66 -7.38 -21.53
CA SER H 329 48.65 -7.36 -21.53
C SER H 329 47.98 -8.15 -22.65
N GLY H 330 48.46 -7.93 -23.87
CA GLY H 330 47.83 -8.52 -25.03
C GLY H 330 47.73 -10.04 -24.97
N ARG H 331 48.83 -10.72 -24.63
CA ARG H 331 48.83 -12.18 -24.57
C ARG H 331 48.54 -12.71 -23.18
N GLY H 332 48.42 -11.83 -22.18
CA GLY H 332 47.99 -12.19 -20.85
C GLY H 332 49.09 -12.51 -19.86
N ASP H 333 50.35 -12.21 -20.17
CA ASP H 333 51.42 -12.49 -19.22
C ASP H 333 51.41 -11.52 -18.05
N GLN H 334 50.70 -10.39 -18.17
CA GLN H 334 50.63 -9.38 -17.13
C GLN H 334 49.19 -8.93 -16.91
N VAL H 335 48.91 -8.48 -15.69
CA VAL H 335 47.75 -7.65 -15.40
C VAL H 335 48.20 -6.44 -14.63
N TRP H 336 47.70 -5.28 -15.02
CA TRP H 336 48.07 -3.99 -14.42
C TRP H 336 46.89 -3.48 -13.62
N ILE H 337 47.17 -2.96 -12.42
CA ILE H 337 46.14 -2.65 -11.43
C ILE H 337 46.43 -1.28 -10.83
N SER H 338 45.50 -0.35 -11.00
CA SER H 338 45.63 0.98 -10.40
CA SER H 338 45.65 0.98 -10.41
C SER H 338 45.14 0.96 -8.97
N VAL H 339 45.96 1.44 -8.06
CA VAL H 339 45.60 1.53 -6.64
C VAL H 339 45.60 3.01 -6.29
N ARG H 340 44.43 3.66 -6.47
CA ARG H 340 44.36 5.12 -6.42
C ARG H 340 44.89 5.67 -5.10
N ASP H 341 44.42 5.13 -3.98
CA ASP H 341 44.71 5.74 -2.70
C ASP H 341 46.05 5.29 -2.13
N ALA H 342 46.78 4.43 -2.83
CA ALA H 342 48.16 4.15 -2.51
C ALA H 342 49.13 4.81 -3.49
N ASP H 343 48.61 5.58 -4.44
CA ASP H 343 49.43 6.23 -5.47
C ASP H 343 50.39 5.25 -6.13
N GLN H 344 49.85 4.10 -6.52
CA GLN H 344 50.61 3.07 -7.18
C GLN H 344 49.88 2.50 -8.39
N LEU H 345 50.62 2.24 -9.46
CA LEU H 345 50.20 1.37 -10.55
C LEU H 345 50.98 0.08 -10.40
N GLN H 346 50.30 -1.00 -10.03
CA GLN H 346 50.94 -2.29 -9.80
C GLN H 346 50.90 -3.15 -11.05
N VAL H 347 51.89 -4.02 -11.17
CA VAL H 347 51.94 -5.03 -12.22
C VAL H 347 51.98 -6.39 -11.52
N TRP H 348 51.11 -7.29 -11.92
CA TRP H 348 51.03 -8.62 -11.35
C TRP H 348 51.19 -9.69 -12.42
N ASP H 349 51.75 -10.83 -12.01
CA ASP H 349 51.70 -12.05 -12.81
C ASP H 349 50.37 -12.74 -12.53
N PRO H 350 49.45 -12.82 -13.50
CA PRO H 350 48.14 -13.41 -13.21
C PRO H 350 48.11 -14.93 -13.21
N TYR H 351 49.25 -15.58 -13.43
CA TYR H 351 49.32 -17.03 -13.29
C TYR H 351 49.78 -17.41 -11.88
N ARG H 352 50.85 -16.79 -11.39
CA ARG H 352 51.30 -16.98 -10.02
C ARG H 352 50.48 -16.19 -9.00
N LEU H 353 49.75 -15.17 -9.44
CA LEU H 353 49.03 -14.25 -8.55
C LEU H 353 50.00 -13.58 -7.58
N LYS H 354 51.08 -13.04 -8.14
CA LYS H 354 52.12 -12.34 -7.38
C LYS H 354 52.42 -11.00 -8.04
N ARG H 355 52.72 -10.01 -7.21
CA ARG H 355 53.03 -8.67 -7.68
CA ARG H 355 53.03 -8.67 -7.68
C ARG H 355 54.48 -8.62 -8.15
N ILE H 356 54.69 -8.15 -9.38
CA ILE H 356 56.02 -8.11 -9.99
C ILE H 356 56.50 -6.68 -10.23
N GLY H 357 55.71 -5.68 -9.88
CA GLY H 357 56.14 -4.31 -9.99
C GLY H 357 55.10 -3.41 -9.36
N SER H 358 55.53 -2.18 -9.07
CA SER H 358 54.66 -1.18 -8.46
C SER H 358 55.32 0.18 -8.73
N LEU H 359 54.71 0.96 -9.61
CA LEU H 359 55.17 2.25 -10.09
C LEU H 359 54.43 3.38 -9.38
N PRO H 360 55.10 4.44 -8.98
CA PRO H 360 54.40 5.54 -8.32
C PRO H 360 53.55 6.34 -9.30
N ALA H 361 52.39 6.80 -8.83
CA ALA H 361 51.52 7.60 -9.68
C ALA H 361 50.64 8.49 -8.81
N ARG H 362 50.16 9.58 -9.40
CA ARG H 362 49.30 10.54 -8.70
C ARG H 362 47.85 10.12 -8.90
N SER H 363 47.22 9.58 -7.85
CA SER H 363 45.82 9.15 -7.86
C SER H 363 45.51 8.41 -9.17
N PRO H 364 46.14 7.26 -9.40
CA PRO H 364 45.98 6.57 -10.69
C PRO H 364 44.56 6.04 -10.84
N SER H 365 44.05 6.10 -12.07
CA SER H 365 42.73 5.53 -12.39
C SER H 365 42.84 4.66 -13.65
N GLY H 366 42.35 5.11 -14.79
CA GLY H 366 42.28 4.24 -15.96
C GLY H 366 43.67 3.85 -16.46
N ILE H 367 43.82 2.57 -16.83
CA ILE H 367 45.05 2.06 -17.43
C ILE H 367 44.70 1.34 -18.74
N PHE H 368 45.36 1.77 -19.83
CA PHE H 368 45.05 1.30 -21.17
C PHE H 368 46.32 0.96 -21.93
N PHE H 369 46.40 -0.25 -22.49
CA PHE H 369 47.53 -0.63 -23.32
C PHE H 369 47.17 -0.66 -24.79
N SER H 370 48.20 -0.41 -25.62
CA SER H 370 48.03 -0.08 -27.03
C SER H 370 47.56 -1.25 -27.88
N HIS H 371 47.56 -2.47 -27.35
CA HIS H 371 46.96 -3.56 -28.12
C HIS H 371 45.49 -3.31 -28.40
N ARG H 372 44.83 -2.41 -27.65
CA ARG H 372 43.45 -2.04 -27.95
C ARG H 372 43.32 -1.51 -29.38
N ALA H 373 44.40 -0.97 -29.94
CA ALA H 373 44.34 -0.37 -31.26
C ALA H 373 43.80 -1.32 -32.32
N GLN H 374 43.99 -2.62 -32.14
CA GLN H 374 43.65 -3.59 -33.17
CA GLN H 374 43.67 -3.61 -33.16
C GLN H 374 42.30 -4.26 -32.97
N HIS H 375 41.51 -3.83 -32.00
CA HIS H 375 40.28 -4.55 -31.67
C HIS H 375 39.06 -3.65 -31.78
N ILE H 376 38.07 -4.13 -32.55
CA ILE H 376 36.79 -3.44 -32.65
C ILE H 376 36.24 -3.26 -31.26
N GLY H 377 35.72 -2.07 -30.99
CA GLY H 377 35.10 -1.76 -29.73
C GLY H 377 36.03 -1.20 -28.68
N LEU H 378 37.33 -1.16 -28.95
CA LEU H 378 38.32 -0.67 -28.02
C LEU H 378 39.15 0.46 -28.64
#